data_9NB8
#
_entry.id   9NB8
#
_cell.length_a   1.00
_cell.length_b   1.00
_cell.length_c   1.00
_cell.angle_alpha   90.00
_cell.angle_beta   90.00
_cell.angle_gamma   90.00
#
_symmetry.space_group_name_H-M   'P 1'
#
loop_
_entity.id
_entity.type
_entity.pdbx_description
1 polymer 'Scavenger receptor cysteine-rich type 1 protein M130'
2 polymer 'Hemoglobin subunit alpha'
3 polymer 'Hemoglobin subunit beta'
4 polymer Haptoglobin
5 non-polymer 'CALCIUM ION'
6 non-polymer 'PROTOPORPHYRIN IX CONTAINING FE'
7 non-polymer 'OXYGEN MOLECULE'
#
loop_
_entity_poly.entity_id
_entity_poly.type
_entity_poly.pdbx_seq_one_letter_code
_entity_poly.pdbx_strand_id
1 'polypeptide(L)'
;SSLGGTDKELRLVDGENKCSGRVEVKVQEEWGTVCNNGWSMEAVSVICNQLGCPTAIKAPGWANSSAGSGRIWMDHVSCR
GNESALWDCKHDGWGKHSNCTHQQDAGVTCSDGSNLEMRLTRGGNMCSGRIEIKFQGRWGTVCDDNFNIDHASVICRQLE
CGSAVSFSGSSNFGEGSGPIWFDDLICNGNESALWNCKHQGWGKHNCDHAEDAGVICSKGADLSLRLVDGVTECSGRLEV
RFQGEWGTICDDGWDSYDAAVACKQLGCPTAVTAIGRVNASKGFGHIWLDSVSCQGHEPAIWQCKHHEWGKHYCNHNEDA
GVTCSDGSDLELRLRGGGSRCAGTVEVEIQRLLGKVCDRGWGLKEADVVCRQLGCGSALKTSYQVYSKIQATNTWLFLSS
CNGNETSLWDCKNWQWGGLTCDHYEEAKITCSAHREPRLVGGDIPCSGRVEVKHGDTWGSICDSDFSLEAASVLCRELQC
GTVVSILGGAHFGEGNGQIWAEEFQCEGHESHLSLCPVAPRPEGTCSHSRDVGVVCSRYTEIRLVNGKTPCEGRVELKTL
GAWGSLCNSHWDIEDAHVLCQQLKCGVALSTPGGARFGKGNGQIWRHMFHCTGTEQHMGDCPVTALGASLCPSEQVASVI
CSGNQSQTLSSCNSSSLGPTRPTIPEESAVACIESGQLRLVNGGGRCAGRVEIYHEGSWGTICDDSWDLSDAHVVCRQLG
CGEAINATGSAHFGEGTGPIWLDEMKCNGKESRIWQCHSHGWGQQNCRHKEDAGVICSEFMSLRLTSEASREACAGRLEV
FYNGAWGTVGKSSMSETTVGVVCRQLGCADKGKINPASLDKAMSIPMWVDNVQCPKGPDTLWQCPSSPWEKRLASPSEET
WITCDNKIRLQEGPTSCSGRVEIWHGGSWGTVCDDSWDLDDAQVVCQQLGCGPALKAFKEAEFGQGTGPIWLNEVKCKGN
ESSLWDCPARRWGHSECGHKEDAAVNCTDISVQKTPQKATTGRS
;
A,B,C
2 'polypeptide(L)'
;MVLSPADKTNVKAAWGKVGAHAGEYGAEALERMFLSFPTTKTYFPHFDLSHGSAQVKGHGKKVADALTNAVAHVDDMPNA
LSALSDLHAHKLRVDPVNFKLLSHCLLVTLAAHLPAEFTPAVHASLDKFLASVSTVLTSKYR
;
D
3 'polypeptide(L)'
;MVHLTPEEKSAVTALWGKVNVDEVGGEALGRLLVVYPWTQRFFESFGDLSTPDAVMGNPKVKAHGKKVLGAFSDGLAHLD
NLKGTFATLSELHCDKLHVDPENFRLLGNVLVCVLAHHFGKEFTPPVQAAYQKVVAGVANALAHKYH
;
E
4 'polypeptide(L)'
;HHHHHHAVCGKPKNPANPVQRILGGHLDAKGSFPWQAKMVSHHNLTTGATLINEQWLLTTAKNLFLNHSENATAKDIAPT
LTLYVGKKQLVEIEKVVLHPNYSQVDIGLIKLKQKVSVNERVMPICLPSKDYAEVGRVGYVSGWGRNANFKFTDHLKYVM
LPVADQDQCIRHYEGSTVPEKKTPKSPVGVQPILNEHTFCAGMSKYQEDTCYGDAGSAFAVHDLEEDTWYATGILSFDKS
CAVAEYGVYVKVTSIQDWVQKTIAEN
;
F
#
loop_
_chem_comp.id
_chem_comp.type
_chem_comp.name
_chem_comp.formula
CA non-polymer 'CALCIUM ION' 'Ca 2'
HEM non-polymer 'PROTOPORPHYRIN IX CONTAINING FE' 'C34 H32 Fe N4 O4'
OXY non-polymer 'OXYGEN MOLECULE' O2
#
# COMPACT_ATOMS: atom_id res chain seq x y z
N ASN A 115 79.79 19.94 -36.36
CA ASN A 115 79.97 19.34 -37.68
C ASN A 115 78.63 19.06 -38.35
N LEU A 116 77.78 18.27 -37.69
CA LEU A 116 76.45 18.00 -38.21
C LEU A 116 75.43 18.97 -37.59
N GLU A 117 74.23 18.96 -38.16
CA GLU A 117 73.20 19.93 -37.81
C GLU A 117 72.05 19.26 -37.07
N MET A 118 71.38 20.04 -36.23
CA MET A 118 70.24 19.57 -35.46
C MET A 118 69.16 20.65 -35.50
N ARG A 119 67.90 20.20 -35.48
CA ARG A 119 66.76 21.12 -35.52
C ARG A 119 65.65 20.54 -34.65
N LEU A 120 64.50 21.21 -34.67
CA LEU A 120 63.33 20.77 -33.93
C LEU A 120 62.14 20.70 -34.87
N THR A 121 61.24 19.75 -34.63
CA THR A 121 60.12 19.49 -35.52
C THR A 121 58.83 19.38 -34.74
N ARG A 122 57.77 20.01 -35.27
CA ARG A 122 56.41 19.88 -34.76
C ARG A 122 56.30 20.26 -33.28
N GLY A 123 57.13 21.19 -32.82
CA GLY A 123 57.01 21.65 -31.45
C GLY A 123 56.05 22.81 -31.25
N GLY A 124 55.68 23.49 -32.33
CA GLY A 124 54.81 24.63 -32.24
C GLY A 124 55.44 25.89 -31.70
N ASN A 125 56.76 25.87 -31.47
CA ASN A 125 57.45 27.01 -30.88
C ASN A 125 58.91 26.93 -31.28
N MET A 126 59.59 28.07 -31.26
CA MET A 126 60.99 28.10 -31.67
C MET A 126 61.88 27.32 -30.71
N CYS A 127 61.74 27.58 -29.40
CA CYS A 127 62.63 26.93 -28.42
C CYS A 127 62.27 25.46 -28.24
N SER A 128 60.99 25.14 -28.18
CA SER A 128 60.56 23.77 -27.96
C SER A 128 60.47 23.02 -29.29
N GLY A 129 60.36 21.69 -29.18
CA GLY A 129 60.23 20.87 -30.36
C GLY A 129 60.63 19.44 -30.09
N ARG A 130 60.60 18.65 -31.16
CA ARG A 130 61.06 17.27 -31.14
C ARG A 130 62.47 17.23 -31.70
N ILE A 131 63.37 16.54 -30.99
CA ILE A 131 64.78 16.54 -31.36
C ILE A 131 64.95 15.87 -32.72
N GLU A 132 65.39 16.65 -33.69
CA GLU A 132 65.66 16.16 -35.04
C GLU A 132 67.12 16.37 -35.37
N ILE A 133 67.81 15.31 -35.77
CA ILE A 133 69.26 15.32 -35.92
C ILE A 133 69.62 14.74 -37.28
N LYS A 134 70.66 15.31 -37.90
CA LYS A 134 71.13 14.92 -39.22
C LYS A 134 72.38 14.07 -39.07
N PHE A 135 72.37 12.87 -39.65
CA PHE A 135 73.55 12.03 -39.72
C PHE A 135 73.65 11.39 -41.09
N GLN A 136 74.85 11.42 -41.67
CA GLN A 136 75.11 10.90 -43.01
C GLN A 136 74.21 11.52 -44.07
N GLY A 137 73.69 12.72 -43.82
CA GLY A 137 72.76 13.35 -44.72
C GLY A 137 71.33 12.89 -44.59
N ARG A 138 71.00 12.10 -43.57
CA ARG A 138 69.64 11.63 -43.33
C ARG A 138 69.16 12.17 -42.00
N TRP A 139 67.96 12.77 -41.99
CA TRP A 139 67.35 13.23 -40.75
C TRP A 139 66.86 12.05 -39.92
N GLY A 140 66.74 12.28 -38.61
CA GLY A 140 66.26 11.26 -37.73
C GLY A 140 65.81 11.86 -36.41
N THR A 141 65.22 11.00 -35.58
CA THR A 141 64.75 11.39 -34.26
C THR A 141 65.47 10.55 -33.21
N VAL A 142 65.74 11.15 -32.07
CA VAL A 142 66.44 10.49 -30.98
C VAL A 142 65.45 9.65 -30.19
N CYS A 143 65.96 8.61 -29.54
CA CYS A 143 65.13 7.72 -28.74
C CYS A 143 65.23 8.10 -27.27
N ASP A 144 64.13 7.91 -26.55
CA ASP A 144 64.01 8.39 -25.18
C ASP A 144 64.73 7.50 -24.17
N ASP A 145 65.28 6.38 -24.60
CA ASP A 145 65.93 5.47 -23.65
C ASP A 145 67.13 6.15 -23.00
N ASN A 146 67.20 6.07 -21.68
CA ASN A 146 68.29 6.65 -20.89
C ASN A 146 68.44 8.14 -21.17
N PHE A 147 67.32 8.84 -21.18
CA PHE A 147 67.29 10.28 -21.48
C PHE A 147 66.87 11.02 -20.21
N ASN A 148 67.67 12.00 -19.81
CA ASN A 148 67.43 12.72 -18.56
C ASN A 148 67.33 14.22 -18.82
N ILE A 149 67.13 14.97 -17.73
CA ILE A 149 66.97 16.42 -17.82
C ILE A 149 68.26 17.07 -18.28
N ASP A 150 69.41 16.57 -17.79
CA ASP A 150 70.69 17.14 -18.19
C ASP A 150 70.89 17.05 -19.70
N HIS A 151 70.53 15.91 -20.29
CA HIS A 151 70.63 15.78 -21.74
C HIS A 151 69.71 16.76 -22.44
N ALA A 152 68.52 16.98 -21.90
CA ALA A 152 67.60 17.95 -22.50
C ALA A 152 68.18 19.35 -22.46
N SER A 153 68.89 19.70 -21.38
CA SER A 153 69.43 21.04 -21.25
C SER A 153 70.51 21.32 -22.28
N VAL A 154 71.36 20.33 -22.56
CA VAL A 154 72.46 20.56 -23.50
C VAL A 154 71.93 20.77 -24.92
N ILE A 155 70.76 20.21 -25.24
CA ILE A 155 70.24 20.35 -26.60
C ILE A 155 69.90 21.81 -26.88
N CYS A 156 69.13 22.44 -25.97
CA CYS A 156 68.75 23.83 -26.15
C CYS A 156 69.94 24.78 -26.02
N ARG A 157 70.92 24.44 -25.18
CA ARG A 157 72.12 25.26 -25.16
C ARG A 157 72.83 25.22 -26.51
N GLN A 158 72.77 24.09 -27.21
CA GLN A 158 73.32 24.01 -28.55
C GLN A 158 72.49 24.81 -29.56
N LEU A 159 71.17 24.64 -29.54
CA LEU A 159 70.35 25.46 -30.43
C LEU A 159 70.17 26.87 -29.90
N GLU A 160 70.60 27.13 -28.66
CA GLU A 160 70.82 28.48 -28.14
C GLU A 160 69.52 29.23 -27.88
N CYS A 161 68.38 28.61 -28.19
CA CYS A 161 67.10 29.26 -27.92
C CYS A 161 66.88 29.43 -26.42
N GLY A 162 67.46 28.55 -25.61
CA GLY A 162 67.32 28.68 -24.17
C GLY A 162 67.80 27.46 -23.45
N SER A 163 67.27 27.27 -22.25
CA SER A 163 67.53 26.08 -21.43
C SER A 163 66.26 25.22 -21.39
N ALA A 164 66.43 23.97 -20.98
CA ALA A 164 65.34 23.00 -20.98
C ALA A 164 64.79 22.85 -19.57
N VAL A 165 63.54 23.26 -19.37
CA VAL A 165 62.88 23.03 -18.09
C VAL A 165 62.56 21.55 -17.90
N SER A 166 62.01 20.91 -18.93
CA SER A 166 61.60 19.51 -18.83
C SER A 166 61.45 18.95 -20.24
N PHE A 167 61.60 17.64 -20.35
CA PHE A 167 61.52 16.97 -21.65
C PHE A 167 60.36 15.98 -21.60
N SER A 168 59.49 16.05 -22.62
CA SER A 168 58.37 15.13 -22.70
C SER A 168 58.86 13.69 -22.85
N GLY A 169 59.73 13.45 -23.83
CA GLY A 169 60.35 12.16 -23.99
C GLY A 169 59.43 11.02 -24.33
N SER A 170 58.19 11.30 -24.71
CA SER A 170 57.21 10.26 -25.04
C SER A 170 56.72 10.39 -26.48
N SER A 171 57.41 11.18 -27.31
CA SER A 171 56.95 11.50 -28.65
C SER A 171 55.55 12.09 -28.62
N ASN A 172 55.27 12.88 -27.57
CA ASN A 172 53.94 13.43 -27.37
C ASN A 172 53.60 14.46 -28.44
N PHE A 173 54.60 15.17 -28.96
CA PHE A 173 54.37 16.06 -30.08
C PHE A 173 53.90 15.28 -31.30
N GLY A 174 54.49 14.12 -31.53
CA GLY A 174 54.12 13.27 -32.64
C GLY A 174 55.17 12.22 -32.85
N GLU A 175 54.93 11.39 -33.86
CA GLU A 175 55.85 10.33 -34.25
C GLU A 175 56.29 10.53 -35.69
N GLY A 176 57.61 10.54 -35.90
CA GLY A 176 58.15 10.68 -37.23
C GLY A 176 58.96 9.47 -37.67
N SER A 177 58.44 8.74 -38.65
CA SER A 177 59.10 7.54 -39.12
C SER A 177 60.46 7.86 -39.73
N GLY A 178 61.41 6.95 -39.52
CA GLY A 178 62.74 7.11 -40.06
C GLY A 178 63.79 6.53 -39.13
N PRO A 179 65.06 6.77 -39.46
CA PRO A 179 66.14 6.24 -38.61
C PRO A 179 66.15 6.89 -37.24
N ILE A 180 66.59 6.12 -36.26
CA ILE A 180 66.71 6.58 -34.88
C ILE A 180 68.19 6.57 -34.54
N TRP A 181 68.82 7.74 -34.58
CA TRP A 181 70.28 7.80 -34.46
C TRP A 181 70.75 7.54 -33.03
N PHE A 182 70.07 8.12 -32.04
CA PHE A 182 70.55 8.13 -30.67
C PHE A 182 69.76 7.15 -29.82
N ASP A 183 70.48 6.32 -29.06
CA ASP A 183 69.89 5.38 -28.14
C ASP A 183 70.81 5.22 -26.94
N ASP A 184 70.23 5.23 -25.73
CA ASP A 184 70.99 5.11 -24.48
C ASP A 184 72.09 6.16 -24.39
N LEU A 185 71.74 7.39 -24.76
CA LEU A 185 72.71 8.49 -24.74
C LEU A 185 73.05 8.89 -23.31
N ILE A 186 74.32 9.20 -23.08
CA ILE A 186 74.80 9.69 -21.78
C ILE A 186 75.67 10.90 -22.03
N CYS A 187 75.29 12.04 -21.45
CA CYS A 187 76.05 13.28 -21.54
C CYS A 187 76.50 13.68 -20.14
N ASN A 188 77.80 13.92 -19.99
CA ASN A 188 78.38 14.33 -18.73
C ASN A 188 79.19 15.61 -18.92
N GLY A 189 79.04 16.55 -18.01
CA GLY A 189 79.72 17.83 -18.12
C GLY A 189 79.02 18.82 -19.02
N ASN A 190 77.71 18.67 -19.20
CA ASN A 190 76.83 19.59 -19.93
C ASN A 190 77.50 20.20 -21.17
N GLU A 191 78.10 19.32 -21.99
CA GLU A 191 78.73 19.76 -23.22
C GLU A 191 77.66 20.21 -24.23
N SER A 192 78.00 21.25 -25.00
CA SER A 192 77.02 21.85 -25.91
C SER A 192 76.64 20.90 -27.04
N ALA A 193 77.63 20.33 -27.72
CA ALA A 193 77.37 19.52 -28.90
C ALA A 193 77.04 18.08 -28.51
N LEU A 194 75.92 17.58 -29.04
CA LEU A 194 75.52 16.20 -28.75
C LEU A 194 76.44 15.20 -29.45
N TRP A 195 76.98 15.55 -30.61
CA TRP A 195 77.98 14.69 -31.25
C TRP A 195 79.22 14.58 -30.39
N ASN A 196 79.64 15.70 -29.79
CA ASN A 196 80.74 15.64 -28.83
C ASN A 196 80.36 14.84 -27.59
N CYS A 197 79.08 14.82 -27.25
CA CYS A 197 78.62 14.04 -26.10
C CYS A 197 78.83 12.55 -26.35
N LYS A 198 79.21 11.85 -25.29
CA LYS A 198 79.49 10.42 -25.41
C LYS A 198 78.22 9.66 -25.79
N HIS A 199 78.39 8.64 -26.62
CA HIS A 199 77.30 7.78 -27.05
C HIS A 199 77.69 6.32 -26.88
N GLN A 200 76.78 5.52 -26.34
CA GLN A 200 77.06 4.11 -26.12
C GLN A 200 77.26 3.38 -27.46
N GLY A 201 76.34 3.59 -28.40
CA GLY A 201 76.46 3.00 -29.72
C GLY A 201 75.88 3.88 -30.79
N TRP A 202 76.68 4.21 -31.81
CA TRP A 202 76.26 5.12 -32.86
C TRP A 202 75.58 4.35 -33.97
N GLY A 203 74.43 4.86 -34.42
CA GLY A 203 73.71 4.26 -35.52
C GLY A 203 72.89 3.04 -35.17
N LYS A 204 72.85 2.65 -33.91
CA LYS A 204 72.07 1.50 -33.48
C LYS A 204 71.00 1.95 -32.50
N HIS A 205 69.89 1.22 -32.48
CA HIS A 205 68.80 1.51 -31.56
C HIS A 205 68.15 0.21 -31.13
N ASN A 206 67.69 0.16 -29.88
CA ASN A 206 66.93 -1.01 -29.42
C ASN A 206 65.45 -0.69 -29.32
N CYS A 207 65.10 0.55 -29.03
CA CYS A 207 63.70 0.94 -28.96
C CYS A 207 63.12 1.07 -30.36
N ASP A 208 61.84 0.74 -30.48
CA ASP A 208 61.11 0.94 -31.72
C ASP A 208 60.55 2.36 -31.75
N HIS A 209 59.66 2.63 -32.70
CA HIS A 209 59.02 3.94 -32.75
C HIS A 209 58.02 4.07 -31.60
N ALA A 210 57.37 5.22 -31.55
CA ALA A 210 56.50 5.65 -30.45
C ALA A 210 57.24 5.73 -29.12
N GLU A 211 58.58 5.63 -29.15
CA GLU A 211 59.41 5.71 -27.95
C GLU A 211 60.50 6.76 -28.13
N ASP A 212 60.23 7.78 -28.94
CA ASP A 212 61.20 8.84 -29.18
C ASP A 212 61.22 9.84 -28.03
N ALA A 213 62.03 10.88 -28.19
CA ALA A 213 62.19 11.91 -27.17
C ALA A 213 61.74 13.26 -27.68
N GLY A 214 61.04 14.00 -26.83
CA GLY A 214 60.69 15.38 -27.12
C GLY A 214 61.05 16.29 -25.95
N VAL A 215 61.37 17.54 -26.28
CA VAL A 215 61.95 18.48 -25.32
C VAL A 215 61.08 19.73 -25.24
N ILE A 216 60.89 20.24 -24.02
CA ILE A 216 60.15 21.48 -23.78
C ILE A 216 61.06 22.44 -23.02
N CYS A 217 61.36 23.56 -23.64
CA CYS A 217 62.52 24.35 -23.28
C CYS A 217 62.08 25.78 -22.97
N SER A 218 62.93 26.53 -22.24
CA SER A 218 62.40 27.51 -21.29
C SER A 218 61.95 28.80 -21.95
N LYS A 219 62.89 29.56 -22.54
CA LYS A 219 62.58 30.93 -22.94
C LYS A 219 61.48 31.00 -23.99
N GLY A 220 61.39 29.99 -24.85
CA GLY A 220 60.27 29.94 -25.78
C GLY A 220 58.95 29.77 -25.09
N ALA A 221 58.91 28.96 -24.03
CA ALA A 221 57.68 28.77 -23.29
C ALA A 221 57.26 30.06 -22.60
N ASP A 222 58.22 30.88 -22.22
CA ASP A 222 57.98 32.12 -21.49
C ASP A 222 57.15 31.85 -20.24
N LEU A 223 57.72 30.99 -19.39
CA LEU A 223 57.05 30.57 -18.17
C LEU A 223 56.66 31.75 -17.31
N SER A 224 55.39 31.81 -16.92
CA SER A 224 54.87 32.93 -16.13
C SER A 224 53.50 32.55 -15.61
N LEU A 225 53.27 32.73 -14.31
CA LEU A 225 51.96 32.48 -13.71
C LEU A 225 51.41 33.78 -13.17
N ARG A 226 50.10 33.98 -13.32
CA ARG A 226 49.43 35.18 -12.87
C ARG A 226 48.07 34.81 -12.31
N LEU A 227 47.48 35.74 -11.57
CA LEU A 227 46.14 35.57 -11.02
C LEU A 227 45.24 36.64 -11.62
N VAL A 228 44.10 36.22 -12.15
CA VAL A 228 43.16 37.13 -12.79
C VAL A 228 41.79 36.92 -12.17
N ASP A 229 40.96 37.95 -12.30
CA ASP A 229 39.59 37.94 -11.79
C ASP A 229 39.55 37.75 -10.28
N GLY A 230 38.36 37.68 -9.71
CA GLY A 230 38.19 37.56 -8.28
C GLY A 230 37.79 38.87 -7.63
N VAL A 231 37.85 38.86 -6.30
CA VAL A 231 37.54 40.07 -5.54
C VAL A 231 38.79 40.75 -5.00
N THR A 232 39.95 40.09 -5.07
CA THR A 232 41.18 40.63 -4.52
C THR A 232 42.34 40.21 -5.42
N GLU A 233 43.39 41.03 -5.42
CA GLU A 233 44.55 40.76 -6.27
C GLU A 233 45.08 39.34 -6.05
N CYS A 234 45.08 38.87 -4.81
CA CYS A 234 45.58 37.53 -4.51
C CYS A 234 44.42 36.53 -4.53
N SER A 235 43.88 36.32 -5.73
CA SER A 235 42.79 35.38 -5.93
C SER A 235 42.62 35.12 -7.42
N GLY A 236 41.85 34.09 -7.74
CA GLY A 236 41.43 33.82 -9.10
C GLY A 236 42.10 32.60 -9.70
N ARG A 237 41.77 32.37 -10.98
CA ARG A 237 42.38 31.27 -11.72
C ARG A 237 43.87 31.48 -11.84
N LEU A 238 44.63 30.43 -11.59
CA LEU A 238 46.05 30.47 -11.93
C LEU A 238 46.20 30.25 -13.42
N GLU A 239 46.48 31.32 -14.15
CA GLU A 239 46.68 31.25 -15.58
C GLU A 239 48.17 31.16 -15.88
N VAL A 240 48.55 30.22 -16.72
CA VAL A 240 49.94 30.01 -17.10
C VAL A 240 50.07 30.26 -18.59
N ARG A 241 50.95 31.18 -18.96
CA ARG A 241 51.19 31.54 -20.35
C ARG A 241 52.23 30.58 -20.90
N PHE A 242 51.82 29.74 -21.85
CA PHE A 242 52.69 28.74 -22.43
C PHE A 242 52.80 28.98 -23.93
N GLN A 243 54.03 28.88 -24.44
CA GLN A 243 54.39 29.14 -25.83
C GLN A 243 53.70 30.39 -26.39
N GLY A 244 53.46 31.37 -25.54
CA GLY A 244 52.82 32.60 -25.96
C GLY A 244 51.32 32.60 -25.89
N GLU A 245 50.70 31.66 -25.17
CA GLU A 245 49.25 31.58 -25.04
C GLU A 245 48.87 31.43 -23.59
N TRP A 246 47.77 32.07 -23.19
CA TRP A 246 47.32 32.11 -21.81
C TRP A 246 46.23 31.07 -21.58
N GLY A 247 46.43 30.21 -20.57
CA GLY A 247 45.50 29.16 -20.22
C GLY A 247 45.56 28.85 -18.74
N THR A 248 44.70 27.94 -18.31
CA THR A 248 44.49 27.67 -16.90
C THR A 248 45.13 26.34 -16.49
N ILE A 249 44.88 25.95 -15.24
CA ILE A 249 45.41 24.72 -14.66
C ILE A 249 44.26 23.89 -14.12
N CYS A 250 44.27 22.60 -14.41
CA CYS A 250 43.19 21.71 -14.05
C CYS A 250 43.07 21.52 -12.54
N ASP A 251 41.83 21.34 -12.08
CA ASP A 251 41.57 21.13 -10.66
C ASP A 251 42.18 19.83 -10.16
N ASP A 252 42.07 18.76 -10.92
CA ASP A 252 42.51 17.46 -10.44
C ASP A 252 44.00 17.47 -10.12
N GLY A 253 44.36 16.83 -9.02
CA GLY A 253 45.73 16.85 -8.55
C GLY A 253 46.17 18.23 -8.09
N TRP A 254 45.34 18.92 -7.33
CA TRP A 254 45.66 20.24 -6.81
C TRP A 254 45.37 20.25 -5.31
N ASP A 255 46.42 20.36 -4.51
CA ASP A 255 46.33 20.27 -3.06
C ASP A 255 46.98 21.50 -2.43
N SER A 256 46.99 21.53 -1.09
CA SER A 256 47.47 22.72 -0.39
C SER A 256 48.94 22.98 -0.68
N TYR A 257 49.73 21.91 -0.86
CA TYR A 257 51.15 22.09 -1.14
C TYR A 257 51.38 22.88 -2.42
N ASP A 258 50.59 22.61 -3.45
CA ASP A 258 50.70 23.40 -4.67
C ASP A 258 50.32 24.85 -4.40
N ALA A 259 49.29 25.07 -3.59
CA ALA A 259 48.89 26.43 -3.25
C ALA A 259 49.99 27.16 -2.50
N ALA A 260 50.66 26.48 -1.58
CA ALA A 260 51.74 27.12 -0.84
C ALA A 260 52.86 27.56 -1.77
N VAL A 261 53.21 26.72 -2.73
CA VAL A 261 54.23 27.10 -3.71
C VAL A 261 53.72 28.26 -4.56
N ALA A 262 52.47 28.18 -4.99
CA ALA A 262 51.94 29.22 -5.87
C ALA A 262 51.91 30.58 -5.19
N CYS A 263 51.49 30.62 -3.93
CA CYS A 263 51.38 31.89 -3.23
C CYS A 263 52.75 32.55 -3.07
N LYS A 264 53.77 31.77 -2.76
CA LYS A 264 55.09 32.35 -2.52
C LYS A 264 55.74 32.86 -3.80
N GLN A 265 55.38 32.29 -4.96
CA GLN A 265 56.02 32.71 -6.19
C GLN A 265 55.47 34.05 -6.69
N LEU A 266 54.18 34.31 -6.46
CA LEU A 266 53.63 35.61 -6.82
C LEU A 266 54.13 36.71 -5.89
N GLY A 267 54.38 36.37 -4.63
CA GLY A 267 54.68 37.36 -3.61
C GLY A 267 53.51 37.69 -2.72
N CYS A 268 52.35 37.07 -2.93
CA CYS A 268 51.22 37.26 -2.05
C CYS A 268 51.52 36.66 -0.69
N PRO A 269 50.85 37.14 0.38
CA PRO A 269 51.14 36.63 1.71
C PRO A 269 50.94 35.13 1.80
N THR A 270 51.86 34.46 2.49
CA THR A 270 51.87 33.01 2.59
C THR A 270 51.46 32.51 3.97
N ALA A 271 50.71 33.33 4.72
CA ALA A 271 50.29 32.90 6.05
C ALA A 271 49.35 31.71 5.96
N VAL A 272 48.30 31.81 5.15
CA VAL A 272 47.33 30.75 4.95
C VAL A 272 47.16 30.53 3.45
N THR A 273 47.39 29.31 3.00
CA THR A 273 47.28 28.95 1.59
C THR A 273 46.20 27.89 1.41
N ALA A 274 45.32 28.12 0.44
CA ALA A 274 44.23 27.19 0.15
C ALA A 274 44.08 27.09 -1.36
N ILE A 275 43.21 26.18 -1.79
CA ILE A 275 43.01 25.90 -3.20
C ILE A 275 41.66 26.43 -3.62
N GLY A 276 41.52 26.66 -4.93
CA GLY A 276 40.28 27.11 -5.52
C GLY A 276 40.29 28.59 -5.84
N ARG A 277 39.51 28.97 -6.84
CA ARG A 277 39.30 30.36 -7.20
C ARG A 277 38.08 30.89 -6.45
N VAL A 278 38.09 32.20 -6.15
CA VAL A 278 37.05 32.77 -5.32
C VAL A 278 35.72 32.80 -6.04
N ASN A 279 35.64 33.48 -7.18
CA ASN A 279 34.42 33.50 -7.97
C ASN A 279 34.69 33.50 -9.47
N ALA A 280 35.95 33.28 -9.90
CA ALA A 280 36.28 33.34 -11.31
C ALA A 280 35.54 32.25 -12.07
N SER A 281 34.95 32.64 -13.21
CA SER A 281 34.21 31.70 -14.02
C SER A 281 35.19 30.85 -14.84
N LYS A 282 34.62 29.94 -15.63
CA LYS A 282 35.44 29.08 -16.49
C LYS A 282 36.22 29.92 -17.49
N GLY A 283 37.54 29.88 -17.39
CA GLY A 283 38.38 30.71 -18.25
C GLY A 283 38.65 30.09 -19.59
N PHE A 284 38.25 30.78 -20.66
CA PHE A 284 38.47 30.26 -22.00
C PHE A 284 39.95 30.22 -22.33
N GLY A 285 40.38 29.15 -22.99
CA GLY A 285 41.76 28.98 -23.35
C GLY A 285 42.08 27.50 -23.49
N HIS A 286 43.37 27.20 -23.37
CA HIS A 286 43.86 25.84 -23.44
C HIS A 286 44.43 25.46 -22.08
N ILE A 287 43.87 24.43 -21.47
CA ILE A 287 44.26 24.06 -20.12
C ILE A 287 45.64 23.41 -20.17
N TRP A 288 46.68 24.20 -19.87
CA TRP A 288 48.04 23.76 -20.09
C TRP A 288 48.51 22.78 -19.02
N LEU A 289 48.11 22.97 -17.77
CA LEU A 289 48.68 22.22 -16.66
C LEU A 289 47.61 21.39 -15.95
N ASP A 290 47.99 20.17 -15.61
CA ASP A 290 47.15 19.25 -14.86
C ASP A 290 48.03 18.33 -14.04
N SER A 291 47.50 17.83 -12.92
CA SER A 291 48.20 16.88 -12.08
C SER A 291 49.52 17.46 -11.57
N VAL A 292 49.41 18.51 -10.77
CA VAL A 292 50.58 19.16 -10.18
C VAL A 292 50.85 18.55 -8.81
N SER A 293 52.10 18.20 -8.55
CA SER A 293 52.48 17.45 -7.36
C SER A 293 53.61 18.15 -6.61
N CYS A 294 53.46 19.45 -6.36
CA CYS A 294 54.46 20.19 -5.61
C CYS A 294 54.54 19.68 -4.17
N GLN A 295 55.77 19.62 -3.65
CA GLN A 295 55.97 19.18 -2.26
C GLN A 295 55.91 20.34 -1.28
N GLY A 296 56.04 21.57 -1.75
CA GLY A 296 56.02 22.74 -0.89
C GLY A 296 57.38 23.38 -0.66
N HIS A 297 58.47 22.74 -1.09
CA HIS A 297 59.81 23.28 -0.91
C HIS A 297 60.41 23.82 -2.18
N GLU A 298 59.99 23.31 -3.34
CA GLU A 298 60.54 23.77 -4.60
C GLU A 298 60.09 25.20 -4.89
N PRO A 299 60.92 25.99 -5.56
CA PRO A 299 60.58 27.41 -5.76
C PRO A 299 59.53 27.64 -6.82
N ALA A 300 59.48 26.79 -7.84
CA ALA A 300 58.67 27.05 -9.02
C ALA A 300 57.70 25.91 -9.27
N ILE A 301 56.53 26.25 -9.81
CA ILE A 301 55.48 25.26 -10.06
C ILE A 301 55.95 24.24 -11.10
N TRP A 302 56.58 24.70 -12.17
CA TRP A 302 57.00 23.78 -13.22
C TRP A 302 58.05 22.80 -12.74
N GLN A 303 58.67 23.06 -11.60
CA GLN A 303 59.65 22.14 -11.02
C GLN A 303 59.01 20.98 -10.29
N CYS A 304 57.67 20.84 -10.35
CA CYS A 304 56.94 19.86 -9.57
C CYS A 304 56.51 18.64 -10.39
N LYS A 305 57.21 18.36 -11.50
CA LYS A 305 56.92 17.21 -12.35
C LYS A 305 55.51 17.28 -12.91
N HIS A 306 55.18 18.40 -13.54
CA HIS A 306 53.87 18.57 -14.14
C HIS A 306 53.70 17.62 -15.32
N HIS A 307 52.51 17.04 -15.43
CA HIS A 307 52.21 16.09 -16.49
C HIS A 307 52.01 16.80 -17.82
N GLU A 308 51.68 16.02 -18.84
CA GLU A 308 51.65 16.51 -20.20
C GLU A 308 50.60 17.60 -20.37
N TRP A 309 50.84 18.50 -21.32
CA TRP A 309 49.96 19.63 -21.52
C TRP A 309 48.57 19.20 -21.96
N GLY A 310 48.49 18.35 -22.99
CA GLY A 310 47.21 17.82 -23.38
C GLY A 310 47.00 16.43 -22.81
N LYS A 311 46.28 16.34 -21.70
CA LYS A 311 46.14 15.08 -20.99
C LYS A 311 45.06 15.25 -19.92
N HIS A 312 44.67 14.14 -19.32
CA HIS A 312 43.72 14.03 -18.21
C HIS A 312 42.30 14.41 -18.61
N TYR A 313 42.08 14.87 -19.85
CA TYR A 313 40.74 15.14 -20.36
C TYR A 313 39.96 16.05 -19.42
N CYS A 314 40.65 17.06 -18.88
CA CYS A 314 40.03 17.91 -17.86
C CYS A 314 38.93 18.77 -18.47
N ASN A 315 37.80 18.84 -17.79
CA ASN A 315 36.75 19.75 -18.19
C ASN A 315 37.21 21.18 -17.99
N HIS A 316 36.65 22.09 -18.80
CA HIS A 316 37.18 23.45 -18.83
C HIS A 316 36.66 24.31 -17.68
N ASN A 317 35.63 23.85 -16.98
CA ASN A 317 35.10 24.66 -15.88
C ASN A 317 35.73 24.34 -14.54
N GLU A 318 36.80 23.53 -14.50
CA GLU A 318 37.49 23.31 -13.25
C GLU A 318 38.44 24.47 -12.94
N ASP A 319 39.46 24.67 -13.77
CA ASP A 319 40.32 25.85 -13.70
C ASP A 319 40.82 26.10 -12.28
N ALA A 320 41.67 25.17 -11.82
CA ALA A 320 42.17 25.19 -10.45
C ALA A 320 42.64 26.57 -10.03
N GLY A 321 42.18 27.02 -8.85
CA GLY A 321 42.55 28.31 -8.33
C GLY A 321 43.21 28.18 -6.97
N VAL A 322 43.64 29.33 -6.45
CA VAL A 322 44.22 29.42 -5.11
C VAL A 322 43.70 30.68 -4.45
N THR A 323 43.88 30.73 -3.13
CA THR A 323 43.66 31.96 -2.37
C THR A 323 44.84 32.13 -1.41
N CYS A 324 45.38 33.34 -1.36
CA CYS A 324 46.46 33.64 -0.44
C CYS A 324 46.04 34.77 0.49
N SER A 325 46.34 34.62 1.78
CA SER A 325 45.94 35.61 2.75
C SER A 325 46.98 35.70 3.85
N ASP A 326 46.91 36.79 4.61
CA ASP A 326 47.83 37.07 5.70
C ASP A 326 47.31 36.61 7.05
N GLY A 327 46.12 36.04 7.12
CA GLY A 327 45.60 35.47 8.36
C GLY A 327 44.73 36.40 9.17
N SER A 328 44.40 37.58 8.67
CA SER A 328 43.61 38.52 9.45
C SER A 328 42.16 38.58 9.02
N ASP A 329 41.90 38.74 7.72
CA ASP A 329 40.54 38.98 7.26
C ASP A 329 39.67 37.75 7.39
N LEU A 330 40.25 36.56 7.22
CA LEU A 330 39.47 35.34 7.26
C LEU A 330 38.88 35.12 8.65
N GLU A 331 37.61 34.70 8.68
CA GLU A 331 36.90 34.54 9.95
C GLU A 331 35.64 33.75 9.71
N LEU A 332 35.05 33.24 10.79
CA LEU A 332 33.80 32.52 10.76
C LEU A 332 32.76 33.24 11.61
N ARG A 333 31.51 33.16 11.15
CA ARG A 333 30.38 33.69 11.90
C ARG A 333 29.20 32.74 11.75
N LEU A 334 28.26 32.86 12.68
CA LEU A 334 27.01 32.12 12.60
C LEU A 334 25.87 33.13 12.51
N ARG A 335 25.03 32.98 11.49
CA ARG A 335 23.92 33.89 11.28
C ARG A 335 22.64 33.09 11.10
N GLY A 336 21.52 33.79 11.14
CA GLY A 336 20.23 33.14 11.13
C GLY A 336 19.76 32.65 12.47
N GLY A 337 20.54 32.88 13.53
CA GLY A 337 20.15 32.52 14.88
C GLY A 337 20.32 33.69 15.83
N GLY A 338 19.64 33.59 16.97
CA GLY A 338 19.65 34.67 17.95
C GLY A 338 20.93 34.74 18.75
N SER A 339 21.83 33.80 18.57
CA SER A 339 23.09 33.76 19.32
C SER A 339 24.24 33.49 18.36
N ARG A 340 25.42 33.96 18.75
CA ARG A 340 26.62 33.70 17.95
C ARG A 340 27.04 32.24 17.99
N CYS A 341 26.48 31.45 18.91
CA CYS A 341 26.89 30.07 19.05
C CYS A 341 26.07 29.10 18.21
N ALA A 342 25.10 29.58 17.43
CA ALA A 342 24.33 28.72 16.56
C ALA A 342 23.94 29.46 15.30
N GLY A 343 23.70 28.70 14.24
CA GLY A 343 23.22 29.27 13.00
C GLY A 343 23.90 28.64 11.81
N THR A 344 23.63 29.24 10.64
CA THR A 344 24.29 28.83 9.41
C THR A 344 25.71 29.37 9.39
N VAL A 345 26.68 28.52 9.07
CA VAL A 345 28.05 28.98 8.93
C VAL A 345 28.10 30.00 7.80
N GLU A 346 28.77 31.11 8.06
CA GLU A 346 28.97 32.16 7.05
C GLU A 346 30.43 32.57 7.11
N VAL A 347 31.19 32.21 6.09
CA VAL A 347 32.62 32.43 6.06
C VAL A 347 32.88 33.77 5.40
N GLU A 348 33.79 34.56 5.98
CA GLU A 348 34.21 35.83 5.42
C GLU A 348 35.66 35.72 4.97
N ILE A 349 35.87 35.75 3.66
CA ILE A 349 37.21 35.68 3.08
C ILE A 349 37.38 36.88 2.17
N GLN A 350 38.42 37.67 2.40
CA GLN A 350 38.77 38.79 1.54
C GLN A 350 37.58 39.70 1.31
N ARG A 351 36.90 40.07 2.40
CA ARG A 351 35.71 40.92 2.35
C ARG A 351 34.65 40.34 1.42
N LEU A 352 34.37 39.04 1.58
CA LEU A 352 33.34 38.36 0.80
C LEU A 352 32.55 37.44 1.72
N LEU A 353 31.35 37.07 1.28
CA LEU A 353 30.43 36.28 2.08
C LEU A 353 30.04 35.00 1.35
N GLY A 354 29.96 33.90 2.09
CA GLY A 354 29.59 32.62 1.52
C GLY A 354 29.32 31.59 2.61
N LYS A 355 28.86 30.42 2.18
CA LYS A 355 28.46 29.34 3.06
C LYS A 355 29.16 28.06 2.66
N VAL A 356 29.25 27.11 3.59
CA VAL A 356 29.98 25.86 3.39
C VAL A 356 29.00 24.76 3.01
N CYS A 357 29.31 24.02 1.95
CA CYS A 357 28.43 22.96 1.49
C CYS A 357 28.44 21.79 2.47
N ASP A 358 27.31 21.08 2.50
CA ASP A 358 26.99 20.11 3.55
C ASP A 358 27.57 18.72 3.31
N ARG A 359 28.11 18.44 2.13
CA ARG A 359 28.42 17.06 1.79
C ARG A 359 29.50 16.48 2.69
N GLY A 360 30.55 17.24 2.97
CA GLY A 360 31.59 16.75 3.84
C GLY A 360 31.33 16.95 5.30
N TRP A 361 30.16 17.50 5.66
CA TRP A 361 29.91 17.92 7.02
C TRP A 361 29.65 16.70 7.91
N GLY A 362 30.37 16.66 9.03
CA GLY A 362 30.18 15.60 10.00
C GLY A 362 30.37 16.16 11.40
N LEU A 363 29.82 15.43 12.37
CA LEU A 363 29.85 15.89 13.75
C LEU A 363 31.28 16.13 14.21
N LYS A 364 32.23 15.31 13.74
CA LYS A 364 33.62 15.54 14.08
C LYS A 364 34.12 16.87 13.55
N GLU A 365 33.81 17.18 12.30
CA GLU A 365 34.16 18.49 11.76
C GLU A 365 33.33 19.59 12.42
N ALA A 366 32.11 19.26 12.84
CA ALA A 366 31.26 20.25 13.50
C ALA A 366 31.89 20.74 14.79
N ASP A 367 32.55 19.85 15.53
CA ASP A 367 33.18 20.26 16.78
C ASP A 367 34.28 21.27 16.57
N VAL A 368 34.90 21.26 15.38
CA VAL A 368 36.01 22.17 15.12
C VAL A 368 35.54 23.61 15.14
N VAL A 369 34.45 23.90 14.42
CA VAL A 369 34.01 25.28 14.29
C VAL A 369 33.52 25.82 15.64
N CYS A 370 32.88 24.97 16.45
CA CYS A 370 32.43 25.41 17.77
C CYS A 370 33.62 25.74 18.66
N ARG A 371 34.70 24.96 18.54
CA ARG A 371 35.91 25.27 19.28
C ARG A 371 36.51 26.60 18.84
N GLN A 372 36.54 26.85 17.53
CA GLN A 372 37.17 28.07 17.04
C GLN A 372 36.39 29.30 17.50
N LEU A 373 35.06 29.24 17.44
CA LEU A 373 34.26 30.34 17.96
C LEU A 373 34.24 30.38 19.48
N GLY A 374 34.77 29.37 20.15
CA GLY A 374 34.87 29.37 21.59
C GLY A 374 33.64 28.90 22.33
N CYS A 375 32.59 28.52 21.62
CA CYS A 375 31.39 28.02 22.29
C CYS A 375 31.66 26.72 23.02
N GLY A 376 32.42 25.81 22.41
CA GLY A 376 32.97 24.68 23.13
C GLY A 376 32.80 23.30 22.51
N SER A 377 31.65 23.02 21.91
CA SER A 377 31.42 21.71 21.32
C SER A 377 30.19 21.78 20.42
N ALA A 378 30.00 20.73 19.63
CA ALA A 378 28.91 20.65 18.68
C ALA A 378 27.98 19.50 19.06
N LEU A 379 26.69 19.67 18.77
CA LEU A 379 25.69 18.66 19.09
C LEU A 379 25.05 18.05 17.85
N LYS A 380 24.46 18.87 16.98
CA LYS A 380 23.77 18.36 15.81
C LYS A 380 24.09 19.23 14.61
N THR A 381 23.92 18.65 13.43
CA THR A 381 24.29 19.31 12.18
C THR A 381 23.15 20.08 11.54
N SER A 382 22.03 20.24 12.24
CA SER A 382 20.92 21.05 11.77
C SER A 382 20.43 21.93 12.91
N TYR A 383 20.19 23.21 12.60
CA TYR A 383 19.76 24.17 13.60
C TYR A 383 18.42 24.78 13.21
N GLN A 384 17.71 25.28 14.22
CA GLN A 384 16.43 25.94 14.00
C GLN A 384 16.64 27.38 13.66
N VAL A 385 15.82 27.94 12.79
CA VAL A 385 16.05 29.30 12.35
C VAL A 385 14.98 30.26 12.76
N TYR A 386 15.36 31.38 13.35
CA TYR A 386 14.40 32.38 13.77
C TYR A 386 14.24 33.37 12.66
N SER A 387 15.35 33.77 12.07
CA SER A 387 15.34 34.72 10.98
C SER A 387 16.03 34.10 9.76
N LYS A 388 15.53 34.45 8.58
CA LYS A 388 16.12 33.94 7.35
C LYS A 388 17.50 34.53 7.13
N ILE A 389 18.37 33.74 6.53
CA ILE A 389 19.76 34.12 6.33
C ILE A 389 19.90 34.80 4.98
N GLN A 390 20.92 35.64 4.86
CA GLN A 390 21.20 36.30 3.60
C GLN A 390 21.75 35.30 2.59
N ALA A 391 21.33 35.42 1.34
CA ALA A 391 21.72 34.49 0.29
C ALA A 391 23.02 34.92 -0.36
N THR A 392 23.97 34.00 -0.46
CA THR A 392 25.25 34.25 -1.08
C THR A 392 25.52 33.16 -2.11
N ASN A 393 26.40 33.47 -3.07
CA ASN A 393 26.64 32.57 -4.19
C ASN A 393 27.86 31.68 -4.01
N THR A 394 28.95 32.24 -3.51
CA THR A 394 30.19 31.48 -3.37
C THR A 394 30.08 30.49 -2.21
N TRP A 395 30.78 29.36 -2.35
CA TRP A 395 30.77 28.31 -1.34
C TRP A 395 32.19 27.90 -0.98
N LEU A 396 32.33 27.38 0.23
CA LEU A 396 33.59 26.86 0.75
C LEU A 396 33.50 25.35 0.91
N PHE A 397 34.54 24.65 0.49
CA PHE A 397 34.59 23.20 0.54
C PHE A 397 35.66 22.75 1.52
N LEU A 398 35.39 21.67 2.23
CA LEU A 398 36.34 21.07 3.15
C LEU A 398 36.44 19.57 2.88
N SER A 399 37.66 19.04 3.02
CA SER A 399 37.88 17.62 2.75
C SER A 399 37.65 16.77 3.99
N SER A 400 38.41 17.03 5.06
CA SER A 400 38.30 16.24 6.28
C SER A 400 39.00 16.98 7.40
N CYS A 401 38.53 16.74 8.63
CA CYS A 401 39.11 17.37 9.80
C CYS A 401 39.23 16.33 10.91
N ASN A 402 40.40 16.25 11.53
CA ASN A 402 40.61 15.27 12.59
C ASN A 402 39.86 15.65 13.86
N GLY A 403 39.74 16.94 14.14
CA GLY A 403 39.02 17.42 15.30
C GLY A 403 39.91 17.87 16.45
N ASN A 404 41.19 17.49 16.45
CA ASN A 404 42.09 17.97 17.50
C ASN A 404 42.62 19.36 17.22
N GLU A 405 42.39 19.89 16.02
CA GLU A 405 42.87 21.22 15.68
C GLU A 405 42.02 22.29 16.36
N THR A 406 42.57 23.50 16.43
CA THR A 406 41.93 24.59 17.15
C THR A 406 41.07 25.47 16.27
N SER A 407 41.31 25.49 14.95
CA SER A 407 40.58 26.36 14.05
C SER A 407 40.25 25.60 12.77
N LEU A 408 39.30 26.16 12.01
CA LEU A 408 38.86 25.51 10.78
C LEU A 408 39.99 25.42 9.77
N TRP A 409 40.77 26.50 9.63
CA TRP A 409 41.80 26.56 8.60
C TRP A 409 42.93 25.58 8.80
N ASP A 410 43.07 25.01 10.00
CA ASP A 410 44.11 24.01 10.21
C ASP A 410 43.81 22.70 9.50
N CYS A 411 42.56 22.51 9.06
CA CYS A 411 42.23 21.31 8.32
C CYS A 411 42.96 21.29 6.99
N LYS A 412 43.24 20.09 6.49
CA LYS A 412 44.05 19.94 5.29
C LYS A 412 43.18 20.05 4.04
N ASN A 413 43.64 20.86 3.08
CA ASN A 413 43.07 20.91 1.73
C ASN A 413 41.60 21.33 1.75
N TRP A 414 41.35 22.54 2.22
CA TRP A 414 40.02 23.12 2.11
C TRP A 414 39.96 24.02 0.88
N GLN A 415 39.00 23.78 0.00
CA GLN A 415 38.86 24.50 -1.25
C GLN A 415 37.87 25.64 -1.08
N TRP A 416 38.25 26.83 -1.52
CA TRP A 416 37.44 28.04 -1.35
C TRP A 416 36.92 28.47 -2.71
N GLY A 417 35.66 28.16 -2.97
CA GLY A 417 35.01 28.58 -4.19
C GLY A 417 35.46 27.77 -5.40
N GLY A 418 34.84 28.07 -6.52
CA GLY A 418 35.20 27.47 -7.79
C GLY A 418 34.35 26.32 -8.24
N LEU A 419 33.51 25.76 -7.38
CA LEU A 419 32.65 24.65 -7.77
C LEU A 419 31.36 24.73 -6.98
N THR A 420 30.28 24.23 -7.58
CA THR A 420 28.95 24.28 -6.98
C THR A 420 28.57 22.89 -6.53
N CYS A 421 28.11 22.77 -5.28
CA CYS A 421 27.72 21.47 -4.76
C CYS A 421 26.29 21.08 -5.13
N ASP A 422 25.54 21.97 -5.80
CA ASP A 422 24.25 21.62 -6.38
C ASP A 422 23.24 21.13 -5.35
N HIS A 423 23.05 19.80 -5.30
CA HIS A 423 22.01 19.24 -4.45
C HIS A 423 22.24 19.55 -2.98
N TYR A 424 23.48 19.47 -2.52
CA TYR A 424 23.76 19.69 -1.10
C TYR A 424 23.54 21.15 -0.73
N GLU A 425 23.37 21.38 0.56
CA GLU A 425 23.00 22.68 1.11
C GLU A 425 24.11 23.22 2.01
N GLU A 426 23.84 24.36 2.62
CA GLU A 426 24.79 24.97 3.54
C GLU A 426 24.81 24.24 4.87
N ALA A 427 25.99 24.16 5.48
CA ALA A 427 26.13 23.46 6.75
C ALA A 427 25.40 24.22 7.85
N LYS A 428 24.84 23.45 8.78
CA LYS A 428 24.14 24.00 9.94
C LYS A 428 24.82 23.50 11.21
N ILE A 429 24.94 24.39 12.20
CA ILE A 429 25.66 24.10 13.43
C ILE A 429 24.82 24.57 14.61
N THR A 430 24.78 23.76 15.67
CA THR A 430 24.22 24.15 16.95
C THR A 430 25.26 23.81 18.01
N CYS A 431 26.06 24.79 18.41
CA CYS A 431 27.05 24.53 19.43
C CYS A 431 26.38 24.31 20.79
N SER A 432 27.15 23.74 21.71
CA SER A 432 26.62 23.49 23.05
C SER A 432 26.29 24.81 23.75
N ALA A 433 27.14 25.82 23.60
CA ALA A 433 27.00 27.07 24.33
C ALA A 433 25.87 27.94 23.82
N HIS A 434 25.05 27.47 22.89
CA HIS A 434 23.90 28.27 22.46
C HIS A 434 22.92 28.45 23.59
N ARG A 435 22.67 27.40 24.38
CA ARG A 435 21.80 27.47 25.56
C ARG A 435 22.48 26.65 26.66
N GLU A 436 23.30 27.31 27.46
CA GLU A 436 24.07 26.64 28.49
C GLU A 436 23.45 26.97 29.85
N PRO A 437 22.95 25.99 30.59
CA PRO A 437 22.36 26.27 31.89
C PRO A 437 23.34 26.14 33.05
N ARG A 438 23.00 26.81 34.15
CA ARG A 438 23.76 26.70 35.38
C ARG A 438 22.83 26.96 36.55
N LEU A 439 23.31 26.64 37.74
CA LEU A 439 22.58 26.90 38.98
C LEU A 439 23.38 27.84 39.85
N VAL A 440 22.67 28.70 40.59
CA VAL A 440 23.31 29.67 41.46
C VAL A 440 22.46 29.88 42.71
N GLY A 441 23.11 30.35 43.77
CA GLY A 441 22.42 30.78 44.97
C GLY A 441 21.63 29.72 45.70
N GLY A 442 22.22 28.57 45.91
CA GLY A 442 21.57 27.50 46.65
C GLY A 442 22.51 26.89 47.67
N ASP A 443 21.97 26.63 48.86
CA ASP A 443 22.74 25.94 49.89
C ASP A 443 23.08 24.53 49.47
N ILE A 444 22.14 23.86 48.82
CA ILE A 444 22.34 22.48 48.35
C ILE A 444 23.38 22.48 47.24
N PRO A 445 24.28 21.49 47.20
CA PRO A 445 25.31 21.48 46.14
C PRO A 445 24.76 21.46 44.73
N CYS A 446 23.64 20.77 44.48
CA CYS A 446 23.11 20.66 43.12
C CYS A 446 21.74 21.31 42.96
N SER A 447 21.46 22.36 43.72
CA SER A 447 20.21 23.10 43.58
C SER A 447 20.51 24.59 43.53
N GLY A 448 19.73 25.32 42.75
CA GLY A 448 19.92 26.76 42.65
C GLY A 448 18.95 27.34 41.64
N ARG A 449 18.96 28.68 41.58
CA ARG A 449 18.17 29.38 40.57
C ARG A 449 18.85 29.28 39.22
N VAL A 450 18.07 28.96 38.19
CA VAL A 450 18.61 28.67 36.88
C VAL A 450 19.02 29.95 36.18
N GLU A 451 20.23 29.97 35.64
CA GLU A 451 20.71 31.03 34.76
C GLU A 451 21.13 30.40 33.45
N VAL A 452 20.41 30.72 32.37
CA VAL A 452 20.68 30.17 31.05
C VAL A 452 21.11 31.29 30.13
N LYS A 453 22.24 31.11 29.46
CA LYS A 453 22.74 32.12 28.55
C LYS A 453 22.02 32.01 27.21
N HIS A 454 21.28 33.06 26.85
CA HIS A 454 20.74 33.16 25.50
C HIS A 454 21.85 33.19 24.45
N GLY A 455 22.91 33.93 24.74
CA GLY A 455 24.08 33.97 23.90
C GLY A 455 25.34 33.97 24.73
N ASP A 456 26.21 34.95 24.53
CA ASP A 456 27.34 35.19 25.41
C ASP A 456 26.95 36.04 26.61
N THR A 457 25.66 36.22 26.87
CA THR A 457 25.18 37.02 27.99
C THR A 457 24.37 36.15 28.93
N TRP A 458 24.32 36.57 30.19
CA TRP A 458 23.67 35.81 31.26
C TRP A 458 22.28 36.34 31.54
N GLY A 459 21.37 35.42 31.87
CA GLY A 459 20.01 35.83 32.18
C GLY A 459 19.29 34.73 32.92
N SER A 460 18.14 35.10 33.49
CA SER A 460 17.36 34.22 34.35
C SER A 460 16.05 33.86 33.66
N ILE A 461 15.88 32.56 33.38
CA ILE A 461 14.69 32.11 32.67
C ILE A 461 13.46 32.30 33.53
N CYS A 462 12.35 32.66 32.89
CA CYS A 462 11.09 32.86 33.60
C CYS A 462 10.52 31.53 34.08
N ASP A 463 9.93 31.54 35.27
CA ASP A 463 9.40 30.32 35.86
C ASP A 463 8.24 29.77 35.05
N SER A 464 7.41 30.64 34.48
CA SER A 464 6.29 30.19 33.68
C SER A 464 6.77 29.43 32.45
N ASP A 465 7.86 29.89 31.84
CA ASP A 465 8.34 29.29 30.60
C ASP A 465 8.84 27.86 30.82
N PHE A 466 9.22 27.53 32.05
CA PHE A 466 9.88 26.25 32.30
C PHE A 466 8.86 25.12 32.36
N SER A 467 9.38 23.90 32.30
CA SER A 467 8.57 22.69 32.36
C SER A 467 9.38 21.58 33.00
N LEU A 468 8.68 20.54 33.46
CA LEU A 468 9.34 19.44 34.15
C LEU A 468 10.30 18.70 33.22
N GLU A 469 9.90 18.47 31.97
CA GLU A 469 10.80 17.85 31.02
C GLU A 469 12.02 18.73 30.78
N ALA A 470 11.83 20.04 30.75
CA ALA A 470 12.96 20.96 30.66
C ALA A 470 13.87 20.80 31.86
N ALA A 471 13.30 20.57 33.04
CA ALA A 471 14.12 20.34 34.22
C ALA A 471 14.94 19.07 34.09
N SER A 472 14.33 18.00 33.60
CA SER A 472 15.04 16.72 33.51
C SER A 472 16.23 16.83 32.56
N VAL A 473 16.05 17.49 31.42
CA VAL A 473 17.17 17.70 30.52
C VAL A 473 18.12 18.72 31.09
N LEU A 474 17.62 19.64 31.92
CA LEU A 474 18.51 20.58 32.61
C LEU A 474 19.39 19.85 33.60
N CYS A 475 18.79 19.01 34.44
CA CYS A 475 19.56 18.34 35.48
C CYS A 475 20.59 17.39 34.89
N ARG A 476 20.38 16.94 33.66
CA ARG A 476 21.38 16.08 33.01
C ARG A 476 22.56 16.89 32.49
N GLU A 477 22.36 18.18 32.20
CA GLU A 477 23.48 19.02 31.84
C GLU A 477 24.47 19.17 32.98
N LEU A 478 23.97 19.54 34.17
CA LEU A 478 24.85 19.79 35.30
C LEU A 478 25.38 18.50 35.92
N GLN A 479 25.06 17.35 35.34
CA GLN A 479 25.50 16.05 35.85
C GLN A 479 25.10 15.85 37.30
N CYS A 480 23.94 16.36 37.69
CA CYS A 480 23.45 16.25 39.05
C CYS A 480 22.32 15.24 39.19
N GLY A 481 22.19 14.32 38.23
CA GLY A 481 21.15 13.31 38.31
C GLY A 481 19.88 13.71 37.60
N THR A 482 18.74 13.45 38.21
CA THR A 482 17.44 13.84 37.66
C THR A 482 16.74 14.80 38.61
N VAL A 483 15.66 15.39 38.10
CA VAL A 483 14.90 16.37 38.88
C VAL A 483 14.19 15.65 40.01
N VAL A 484 14.31 16.19 41.23
CA VAL A 484 13.67 15.59 42.39
C VAL A 484 12.50 16.46 42.81
N SER A 485 12.55 17.74 42.45
CA SER A 485 11.45 18.66 42.75
C SER A 485 11.57 19.88 41.87
N ILE A 486 10.47 20.61 41.76
CA ILE A 486 10.40 21.84 40.99
C ILE A 486 9.87 22.95 41.90
N LEU A 487 10.56 24.09 41.91
CA LEU A 487 10.17 25.21 42.75
C LEU A 487 10.02 26.46 41.90
N GLY A 488 8.98 27.25 42.19
CA GLY A 488 8.80 28.54 41.58
C GLY A 488 8.69 29.65 42.62
N GLY A 489 8.29 30.82 42.15
CA GLY A 489 8.05 31.94 43.04
C GLY A 489 9.27 32.48 43.75
N ALA A 490 10.42 32.52 43.06
CA ALA A 490 11.65 33.10 43.60
C ALA A 490 12.04 32.46 44.92
N HIS A 491 11.89 31.14 45.00
CA HIS A 491 12.23 30.44 46.24
C HIS A 491 13.71 30.56 46.56
N PHE A 492 14.57 30.41 45.56
CA PHE A 492 16.01 30.58 45.79
C PHE A 492 16.36 32.02 46.11
N GLY A 493 15.67 32.96 45.48
CA GLY A 493 15.95 34.37 45.73
C GLY A 493 15.35 35.22 44.64
N GLU A 494 15.65 36.52 44.72
CA GLU A 494 15.22 37.49 43.73
C GLU A 494 16.38 37.73 42.77
N GLY A 495 16.26 37.18 41.55
CA GLY A 495 17.33 37.26 40.57
C GLY A 495 17.21 38.53 39.76
N ASN A 496 18.29 39.32 39.78
CA ASN A 496 18.33 40.61 39.11
C ASN A 496 19.14 40.51 37.83
N GLY A 497 18.60 41.05 36.75
CA GLY A 497 19.27 41.02 35.47
C GLY A 497 18.25 41.01 34.36
N GLN A 498 18.74 41.25 33.14
CA GLN A 498 17.86 41.21 31.99
C GLN A 498 17.27 39.82 31.82
N ILE A 499 16.01 39.77 31.40
CA ILE A 499 15.26 38.52 31.35
C ILE A 499 14.77 38.28 29.94
N TRP A 500 14.84 37.03 29.50
CA TRP A 500 14.33 36.60 28.21
C TRP A 500 12.99 35.89 28.39
N ALA A 501 12.14 36.00 27.38
CA ALA A 501 10.78 35.50 27.48
C ALA A 501 10.53 34.20 26.74
N GLU A 502 11.41 33.81 25.82
CA GLU A 502 11.17 32.60 25.04
C GLU A 502 11.10 31.38 25.93
N GLU A 503 10.22 30.46 25.60
CA GLU A 503 10.00 29.25 26.39
C GLU A 503 10.75 28.08 25.78
N PHE A 504 11.06 27.10 26.63
CA PHE A 504 11.73 25.88 26.19
C PHE A 504 10.74 24.74 26.16
N GLN A 505 10.59 24.12 24.99
CA GLN A 505 9.75 22.94 24.83
C GLN A 505 10.65 21.78 24.43
N CYS A 506 10.58 20.68 25.18
CA CYS A 506 11.44 19.53 24.96
C CYS A 506 10.60 18.26 25.00
N GLU A 507 11.10 17.23 24.32
CA GLU A 507 10.49 15.92 24.44
C GLU A 507 10.84 15.25 25.77
N GLY A 508 11.87 15.74 26.45
CA GLY A 508 12.31 15.19 27.70
C GLY A 508 13.52 14.29 27.63
N HIS A 509 13.90 13.84 26.43
CA HIS A 509 15.02 12.93 26.28
C HIS A 509 16.26 13.61 25.71
N GLU A 510 16.21 14.92 25.49
CA GLU A 510 17.37 15.62 24.95
C GLU A 510 18.51 15.63 25.96
N SER A 511 19.72 15.41 25.48
CA SER A 511 20.88 15.44 26.37
C SER A 511 21.17 16.86 26.85
N HIS A 512 21.00 17.86 25.98
CA HIS A 512 21.34 19.22 26.32
C HIS A 512 20.22 20.16 25.93
N LEU A 513 20.24 21.35 26.54
CA LEU A 513 19.18 22.33 26.31
C LEU A 513 19.19 22.85 24.88
N SER A 514 20.38 23.11 24.34
CA SER A 514 20.46 23.75 23.03
C SER A 514 19.80 22.90 21.95
N LEU A 515 19.80 21.58 22.12
CA LEU A 515 19.15 20.71 21.15
C LEU A 515 17.64 20.86 21.15
N CYS A 516 17.06 21.31 22.26
CA CYS A 516 15.62 21.44 22.35
C CYS A 516 15.11 22.52 21.38
N PRO A 517 14.01 22.27 20.69
CA PRO A 517 13.36 23.35 19.94
C PRO A 517 12.82 24.42 20.87
N VAL A 518 12.79 25.66 20.38
CA VAL A 518 12.40 26.81 21.18
C VAL A 518 11.28 27.54 20.46
N ALA A 519 10.23 27.88 21.20
CA ALA A 519 9.14 28.70 20.69
C ALA A 519 9.27 30.11 21.23
N PRO A 520 9.51 31.10 20.38
CA PRO A 520 9.67 32.48 20.87
C PRO A 520 8.39 33.03 21.46
N ARG A 521 8.55 33.97 22.39
CA ARG A 521 7.45 34.55 23.13
C ARG A 521 7.54 36.06 23.10
N PRO A 522 6.40 36.76 23.04
CA PRO A 522 6.42 38.23 23.14
C PRO A 522 6.99 38.68 24.48
N GLU A 523 7.69 39.81 24.44
CA GLU A 523 8.32 40.35 25.63
C GLU A 523 7.29 41.00 26.54
N GLY A 524 7.72 41.25 27.79
CA GLY A 524 6.88 41.93 28.76
C GLY A 524 5.93 41.04 29.54
N THR A 525 5.86 39.74 29.23
CA THR A 525 4.99 38.83 29.94
C THR A 525 5.63 38.20 31.17
N CYS A 526 6.87 38.59 31.49
CA CYS A 526 7.62 38.01 32.58
C CYS A 526 7.71 39.00 33.73
N SER A 527 7.35 38.55 34.92
CA SER A 527 7.48 39.38 36.11
C SER A 527 8.83 39.13 36.78
N HIS A 528 9.57 40.22 37.01
CA HIS A 528 10.91 40.09 37.57
C HIS A 528 10.87 39.48 38.97
N SER A 529 9.78 39.67 39.70
CA SER A 529 9.68 39.12 41.04
C SER A 529 9.62 37.60 41.04
N ARG A 530 9.09 37.01 39.98
CA ARG A 530 8.96 35.56 39.88
C ARG A 530 10.01 35.01 38.93
N ASP A 531 10.82 34.08 39.42
CA ASP A 531 11.87 33.44 38.62
C ASP A 531 11.78 31.94 38.84
N VAL A 532 12.59 31.21 38.08
CA VAL A 532 12.54 29.76 38.08
C VAL A 532 13.50 29.21 39.13
N GLY A 533 13.17 28.03 39.65
CA GLY A 533 14.06 27.34 40.56
C GLY A 533 13.95 25.84 40.37
N VAL A 534 15.03 25.14 40.70
CA VAL A 534 15.09 23.69 40.52
C VAL A 534 16.00 23.09 41.57
N VAL A 535 15.65 21.90 42.03
CA VAL A 535 16.48 21.12 42.93
C VAL A 535 16.71 19.75 42.30
N CYS A 536 17.98 19.38 42.14
CA CYS A 536 18.33 18.12 41.51
C CYS A 536 18.41 16.99 42.53
N SER A 537 18.72 15.78 42.05
CA SER A 537 18.76 14.61 42.91
C SER A 537 19.99 14.59 43.81
N ARG A 538 21.15 14.98 43.30
CA ARG A 538 22.41 14.83 44.03
C ARG A 538 22.54 15.90 45.13
N TYR A 539 21.62 15.84 46.10
CA TYR A 539 21.68 16.77 47.21
C TYR A 539 22.57 16.29 48.34
N THR A 540 23.11 15.08 48.25
CA THR A 540 23.98 14.57 49.30
C THR A 540 25.42 15.04 49.10
N GLU A 541 26.20 14.97 50.17
CA GLU A 541 27.61 15.31 50.11
C GLU A 541 28.38 14.44 51.10
N ILE A 542 29.13 13.47 50.56
CA ILE A 542 29.88 12.53 51.37
C ILE A 542 31.31 13.03 51.51
N ARG A 543 32.01 12.50 52.52
CA ARG A 543 33.40 12.84 52.74
C ARG A 543 34.11 11.66 53.41
N LEU A 544 35.40 11.55 53.14
CA LEU A 544 36.25 10.51 53.73
C LEU A 544 37.21 11.17 54.71
N VAL A 545 37.27 10.64 55.93
CA VAL A 545 37.99 11.27 57.02
C VAL A 545 38.97 10.27 57.62
N ASN A 546 40.08 10.80 58.13
CA ASN A 546 41.15 10.01 58.74
C ASN A 546 41.65 8.92 57.80
N GLY A 547 41.79 9.26 56.52
CA GLY A 547 42.34 8.34 55.56
C GLY A 547 43.66 8.82 55.00
N LYS A 548 44.65 7.92 54.94
CA LYS A 548 45.95 8.30 54.39
C LYS A 548 45.83 8.68 52.92
N THR A 549 44.89 8.09 52.20
CA THR A 549 44.54 8.44 50.84
C THR A 549 43.03 8.53 50.72
N PRO A 550 42.51 9.38 49.83
CA PRO A 550 41.06 9.45 49.67
C PRO A 550 40.43 8.12 49.28
N CYS A 551 41.15 7.29 48.52
CA CYS A 551 40.66 5.97 48.15
C CYS A 551 40.89 5.03 49.33
N GLU A 552 39.93 5.05 50.27
CA GLU A 552 39.90 4.42 51.60
C GLU A 552 39.70 5.48 52.66
N GLY A 553 39.35 5.07 53.87
CA GLY A 553 39.11 5.98 54.98
C GLY A 553 37.76 5.74 55.63
N ARG A 554 37.45 6.58 56.61
CA ARG A 554 36.19 6.50 57.31
C ARG A 554 35.11 7.27 56.56
N VAL A 555 33.89 6.72 56.56
CA VAL A 555 32.78 7.27 55.81
C VAL A 555 31.92 8.12 56.74
N GLU A 556 31.67 9.37 56.35
CA GLU A 556 30.82 10.26 57.12
C GLU A 556 30.11 11.21 56.17
N LEU A 557 28.98 11.75 56.63
CA LEU A 557 28.03 12.44 55.77
C LEU A 557 27.74 13.84 56.32
N LYS A 558 27.36 14.75 55.42
CA LYS A 558 26.99 16.10 55.78
C LYS A 558 25.49 16.30 55.58
N THR A 559 24.83 16.84 56.61
CA THR A 559 23.42 17.18 56.53
C THR A 559 23.13 18.23 57.58
N LEU A 560 22.24 19.17 57.23
CA LEU A 560 21.90 20.29 58.11
C LEU A 560 23.12 21.15 58.41
N GLY A 561 24.07 21.21 57.48
CA GLY A 561 25.25 22.02 57.66
C GLY A 561 26.27 21.46 58.63
N ALA A 562 26.12 20.22 59.06
CA ALA A 562 27.04 19.60 60.01
C ALA A 562 27.53 18.28 59.45
N TRP A 563 28.77 17.93 59.79
CA TRP A 563 29.37 16.67 59.36
C TRP A 563 29.21 15.63 60.46
N GLY A 564 28.73 14.45 60.08
CA GLY A 564 28.53 13.38 61.04
C GLY A 564 28.85 12.04 60.42
N SER A 565 29.22 11.09 61.26
CA SER A 565 29.59 9.77 60.79
C SER A 565 28.36 8.94 60.41
N LEU A 566 28.57 7.95 59.56
CA LEU A 566 27.52 7.05 59.10
C LEU A 566 27.61 5.73 59.84
N CYS A 567 26.46 5.12 60.10
CA CYS A 567 26.39 3.90 60.89
C CYS A 567 26.63 2.68 60.04
N ASN A 568 27.42 1.73 60.56
CA ASN A 568 27.59 0.45 59.91
C ASN A 568 26.35 -0.43 60.02
N SER A 569 25.40 -0.07 60.88
CA SER A 569 24.15 -0.81 60.95
C SER A 569 23.43 -0.72 59.62
N HIS A 570 23.14 -1.89 59.04
CA HIS A 570 22.49 -1.99 57.74
C HIS A 570 23.26 -1.22 56.67
N TRP A 571 24.58 -1.24 56.78
CA TRP A 571 25.47 -0.60 55.80
C TRP A 571 25.84 -1.67 54.78
N ASP A 572 25.09 -1.72 53.68
CA ASP A 572 25.26 -2.78 52.71
C ASP A 572 26.58 -2.64 51.97
N ILE A 573 27.10 -3.78 51.51
CA ILE A 573 28.35 -3.78 50.74
C ILE A 573 28.15 -3.07 49.41
N GLU A 574 26.97 -3.21 48.81
CA GLU A 574 26.69 -2.52 47.55
C GLU A 574 26.74 -1.02 47.72
N ASP A 575 26.31 -0.52 48.88
CA ASP A 575 26.37 0.92 49.14
C ASP A 575 27.82 1.40 49.15
N ALA A 576 28.72 0.60 49.73
CA ALA A 576 30.14 0.96 49.70
C ALA A 576 30.67 0.99 48.27
N HIS A 577 30.30 0.01 47.45
CA HIS A 577 30.77 -0.03 46.08
C HIS A 577 30.32 1.20 45.31
N VAL A 578 29.07 1.60 45.49
CA VAL A 578 28.60 2.83 44.87
C VAL A 578 29.36 4.03 45.40
N LEU A 579 29.57 4.08 46.72
CA LEU A 579 30.23 5.24 47.32
C LEU A 579 31.64 5.41 46.78
N CYS A 580 32.41 4.32 46.71
CA CYS A 580 33.73 4.41 46.10
C CYS A 580 33.63 4.81 44.65
N GLN A 581 32.60 4.33 43.95
CA GLN A 581 32.35 4.77 42.58
C GLN A 581 32.06 6.26 42.52
N GLN A 582 31.24 6.76 43.47
CA GLN A 582 30.95 8.19 43.49
C GLN A 582 32.18 9.00 43.81
N LEU A 583 33.11 8.44 44.59
CA LEU A 583 34.39 9.09 44.83
C LEU A 583 35.32 9.03 43.62
N LYS A 584 34.95 8.28 42.59
CA LYS A 584 35.71 8.08 41.36
C LYS A 584 37.00 7.31 41.58
N CYS A 585 37.19 6.73 42.78
CA CYS A 585 38.35 5.87 43.00
C CYS A 585 38.17 4.51 42.33
N GLY A 586 36.93 4.09 42.09
CA GLY A 586 36.64 2.77 41.61
C GLY A 586 36.14 1.87 42.74
N VAL A 587 35.57 0.73 42.33
CA VAL A 587 34.90 -0.14 43.29
C VAL A 587 35.87 -0.62 44.36
N ALA A 588 35.35 -0.79 45.57
CA ALA A 588 36.17 -1.17 46.72
C ALA A 588 36.33 -2.68 46.75
N LEU A 589 37.58 -3.14 46.70
CA LEU A 589 37.85 -4.57 46.78
C LEU A 589 37.43 -5.13 48.14
N SER A 590 37.67 -4.37 49.21
CA SER A 590 37.34 -4.83 50.55
C SER A 590 36.84 -3.65 51.38
N THR A 591 36.06 -3.97 52.40
CA THR A 591 35.61 -3.02 53.41
C THR A 591 36.01 -3.53 54.77
N PRO A 592 36.55 -2.67 55.64
CA PRO A 592 37.03 -3.15 56.94
C PRO A 592 35.91 -3.73 57.78
N GLY A 593 36.16 -4.90 58.36
CA GLY A 593 35.22 -5.52 59.26
C GLY A 593 35.01 -4.67 60.49
N GLY A 594 33.75 -4.37 60.82
CA GLY A 594 33.46 -3.44 61.90
C GLY A 594 33.99 -2.06 61.58
N ALA A 595 35.02 -1.63 62.28
CA ALA A 595 35.64 -0.33 62.06
C ALA A 595 37.13 -0.53 61.83
N ARG A 596 37.67 0.09 60.77
CA ARG A 596 39.11 0.07 60.58
C ARG A 596 39.80 0.80 61.72
N PHE A 597 39.29 1.97 62.10
CA PHE A 597 39.75 2.71 63.26
C PHE A 597 38.51 3.09 64.06
N GLY A 598 38.37 2.52 65.26
CA GLY A 598 37.19 2.77 66.04
C GLY A 598 37.14 4.19 66.60
N LYS A 599 35.93 4.63 66.93
CA LYS A 599 35.68 5.95 67.51
C LYS A 599 36.20 7.04 66.57
N GLY A 600 35.55 7.12 65.41
CA GLY A 600 35.84 8.18 64.46
C GLY A 600 34.75 9.23 64.43
N ASN A 601 35.12 10.47 64.79
CA ASN A 601 34.20 11.61 64.81
C ASN A 601 33.15 11.49 65.91
N GLY A 602 32.70 12.62 66.44
CA GLY A 602 31.76 12.63 67.55
C GLY A 602 30.30 12.51 67.14
N GLN A 603 29.98 12.86 65.90
CA GLN A 603 28.60 12.87 65.43
C GLN A 603 28.34 11.68 64.52
N ILE A 604 27.25 10.97 64.77
CA ILE A 604 26.86 9.79 64.01
C ILE A 604 25.49 10.04 63.38
N TRP A 605 25.37 9.78 62.09
CA TRP A 605 24.11 9.95 61.39
C TRP A 605 23.37 8.63 61.30
N ARG A 606 22.05 8.70 61.35
CA ARG A 606 21.19 7.53 61.41
C ARG A 606 20.78 7.03 60.04
N HIS A 607 21.39 7.53 58.98
CA HIS A 607 20.93 7.23 57.63
C HIS A 607 20.99 5.74 57.33
N MET A 608 19.89 5.23 56.77
CA MET A 608 19.75 3.83 56.40
C MET A 608 19.65 3.77 54.88
N PHE A 609 20.59 3.07 54.26
CA PHE A 609 20.75 3.10 52.81
C PHE A 609 20.39 1.75 52.21
N HIS A 610 19.75 1.79 51.04
CA HIS A 610 19.35 0.58 50.32
C HIS A 610 19.63 0.85 48.84
N CYS A 611 20.83 0.51 48.40
CA CYS A 611 21.35 1.00 47.13
C CYS A 611 21.81 -0.19 46.31
N THR A 612 21.27 -0.31 45.08
CA THR A 612 21.41 -1.54 44.32
C THR A 612 22.86 -1.84 43.91
N GLY A 613 23.63 -0.84 43.55
CA GLY A 613 24.99 -1.06 43.11
C GLY A 613 25.22 -0.99 41.61
N THR A 614 24.17 -0.75 40.82
CA THR A 614 24.31 -0.58 39.38
C THR A 614 24.38 0.88 38.98
N GLU A 615 24.52 1.78 39.95
CA GLU A 615 24.46 3.22 39.72
C GLU A 615 25.69 3.88 40.32
N GLN A 616 26.08 5.01 39.74
CA GLN A 616 27.36 5.64 40.09
C GLN A 616 27.27 6.43 41.39
N HIS A 617 26.43 7.46 41.42
CA HIS A 617 26.40 8.39 42.55
C HIS A 617 25.53 7.84 43.68
N MET A 618 26.00 8.05 44.91
CA MET A 618 25.29 7.53 46.08
C MET A 618 23.91 8.14 46.21
N GLY A 619 23.80 9.46 45.99
CA GLY A 619 22.53 10.12 46.20
C GLY A 619 21.44 9.67 45.25
N ASP A 620 21.82 9.06 44.13
CA ASP A 620 20.83 8.67 43.14
C ASP A 620 19.96 7.52 43.65
N CYS A 621 20.58 6.51 44.26
CA CYS A 621 19.84 5.35 44.72
C CYS A 621 19.06 5.68 46.00
N PRO A 622 17.92 5.03 46.20
CA PRO A 622 17.01 5.47 47.27
C PRO A 622 17.60 5.33 48.66
N VAL A 623 17.17 6.22 49.54
CA VAL A 623 17.61 6.24 50.93
C VAL A 623 16.38 6.35 51.83
N THR A 624 16.54 5.95 53.08
CA THR A 624 15.50 6.09 54.09
C THR A 624 16.14 6.60 55.37
N ALA A 625 15.48 7.55 56.04
CA ALA A 625 16.00 8.09 57.28
C ALA A 625 14.97 8.22 58.38
N LEU A 626 13.68 8.28 58.06
CA LEU A 626 12.67 8.51 59.08
C LEU A 626 12.61 7.33 60.04
N GLY A 627 12.63 7.63 61.33
CA GLY A 627 12.49 6.60 62.34
C GLY A 627 13.58 5.56 62.34
N ALA A 628 14.72 5.85 61.70
CA ALA A 628 15.77 4.85 61.56
C ALA A 628 16.28 4.40 62.92
N SER A 629 16.61 3.12 63.02
CA SER A 629 17.04 2.54 64.28
C SER A 629 18.26 3.28 64.83
N LEU A 630 18.24 3.52 66.14
CA LEU A 630 19.33 4.24 66.78
C LEU A 630 20.66 3.51 66.57
N CYS A 631 21.66 4.24 66.13
CA CYS A 631 22.93 3.63 65.80
C CYS A 631 23.68 3.22 67.07
N PRO A 632 24.21 2.00 67.13
CA PRO A 632 25.11 1.65 68.24
C PRO A 632 26.33 2.54 68.25
N SER A 633 26.80 2.86 69.45
CA SER A 633 27.92 3.78 69.61
C SER A 633 29.22 3.12 69.14
N GLU A 634 30.20 3.99 68.87
CA GLU A 634 31.61 3.64 68.63
C GLU A 634 31.83 2.87 67.33
N GLN A 635 30.74 2.48 66.66
CA GLN A 635 30.85 1.77 65.39
C GLN A 635 30.37 2.68 64.28
N VAL A 636 31.23 2.87 63.26
CA VAL A 636 30.95 3.79 62.18
C VAL A 636 31.30 3.12 60.85
N ALA A 637 30.69 3.61 59.78
CA ALA A 637 30.93 3.06 58.46
C ALA A 637 32.26 3.54 57.91
N SER A 638 32.97 2.64 57.23
CA SER A 638 34.24 2.96 56.60
C SER A 638 34.44 2.05 55.41
N VAL A 639 35.26 2.49 54.46
CA VAL A 639 35.49 1.76 53.23
C VAL A 639 36.96 1.82 52.86
N ILE A 640 37.40 0.86 52.07
CA ILE A 640 38.75 0.84 51.50
C ILE A 640 38.58 0.80 49.99
N CYS A 641 38.55 1.98 49.36
CA CYS A 641 38.48 2.04 47.91
C CYS A 641 39.78 1.53 47.31
N SER A 642 39.67 0.70 46.27
CA SER A 642 40.86 0.14 45.63
C SER A 642 41.70 1.22 44.98
N GLY A 643 41.05 2.23 44.39
CA GLY A 643 41.76 3.31 43.74
C GLY A 643 42.17 3.04 42.31
N ASN A 644 41.49 2.12 41.62
CA ASN A 644 41.83 1.85 40.22
C ASN A 644 41.34 2.95 39.30
N GLN A 645 40.24 3.61 39.66
CA GLN A 645 39.60 4.70 38.90
C GLN A 645 39.02 4.25 37.58
N SER A 646 39.13 2.98 37.22
CA SER A 646 38.54 2.46 35.99
C SER A 646 37.84 1.12 36.16
N GLN A 647 37.84 0.57 37.38
CA GLN A 647 37.18 -0.70 37.63
C GLN A 647 35.66 -0.54 37.56
N THR A 648 34.99 -1.62 37.18
CA THR A 648 33.54 -1.62 37.07
C THR A 648 33.02 -3.03 37.34
N LEU A 649 31.71 -3.11 37.60
CA LEU A 649 31.04 -4.38 37.88
C LEU A 649 30.22 -4.80 36.66
N SER A 650 30.41 -6.04 36.23
CA SER A 650 29.68 -6.60 35.11
C SER A 650 29.01 -7.90 35.53
N SER A 651 27.81 -8.14 35.02
CA SER A 651 27.05 -9.33 35.40
C SER A 651 27.78 -10.60 35.00
N CYS A 652 27.71 -11.60 35.86
CA CYS A 652 28.35 -12.89 35.59
C CYS A 652 27.36 -14.03 35.76
N VAL A 670 33.22 -12.61 41.90
CA VAL A 670 33.55 -11.31 42.46
C VAL A 670 33.37 -10.22 41.41
N ALA A 671 33.05 -9.01 41.88
CA ALA A 671 32.82 -7.86 41.00
C ALA A 671 31.77 -8.15 39.94
N CYS A 672 30.66 -8.78 40.36
CA CYS A 672 29.57 -9.15 39.48
C CYS A 672 28.27 -8.51 39.96
N ILE A 673 27.46 -8.06 39.01
CA ILE A 673 26.14 -7.51 39.32
C ILE A 673 25.15 -8.61 39.74
N GLU A 674 25.59 -9.87 39.73
CA GLU A 674 24.79 -11.01 40.14
C GLU A 674 23.64 -11.26 39.18
N SER A 675 22.95 -12.38 39.37
CA SER A 675 21.90 -12.82 38.46
C SER A 675 20.53 -12.63 39.11
N GLY A 676 19.59 -12.08 38.34
CA GLY A 676 18.24 -11.92 38.82
C GLY A 676 18.05 -10.76 39.77
N GLN A 677 16.93 -10.05 39.65
CA GLN A 677 16.60 -8.95 40.55
C GLN A 677 15.12 -9.03 40.88
N LEU A 678 14.78 -8.50 42.05
CA LEU A 678 13.42 -8.56 42.58
C LEU A 678 12.92 -7.14 42.80
N ARG A 679 11.84 -6.78 42.11
CA ARG A 679 11.30 -5.43 42.14
C ARG A 679 9.85 -5.46 42.60
N LEU A 680 9.46 -4.40 43.32
CA LEU A 680 8.08 -4.21 43.77
C LEU A 680 7.53 -2.98 43.08
N VAL A 681 6.54 -3.18 42.22
CA VAL A 681 6.05 -2.13 41.35
C VAL A 681 4.62 -1.78 41.75
N ASN A 682 4.19 -0.57 41.35
CA ASN A 682 2.80 -0.13 41.45
C ASN A 682 2.32 -0.06 42.89
N GLY A 683 3.22 0.17 43.84
CA GLY A 683 2.84 0.18 45.24
C GLY A 683 2.94 1.53 45.92
N GLY A 684 3.71 2.44 45.36
CA GLY A 684 3.96 3.72 45.98
C GLY A 684 5.21 3.77 46.85
N GLY A 685 5.89 2.64 47.04
CA GLY A 685 7.12 2.63 47.80
C GLY A 685 7.98 1.46 47.38
N ARG A 686 9.22 1.47 47.86
CA ARG A 686 10.12 0.37 47.53
C ARG A 686 9.78 -0.89 48.31
N CYS A 687 9.16 -0.76 49.48
CA CYS A 687 8.91 -1.90 50.35
C CYS A 687 7.59 -2.60 50.05
N ALA A 688 6.70 -1.98 49.29
CA ALA A 688 5.40 -2.58 48.97
C ALA A 688 5.17 -2.47 47.47
N GLY A 689 4.79 -3.58 46.85
CA GLY A 689 4.53 -3.56 45.43
C GLY A 689 4.26 -4.93 44.85
N ARG A 690 3.67 -4.96 43.64
CA ARG A 690 3.46 -6.22 42.95
C ARG A 690 4.81 -6.86 42.65
N VAL A 691 4.91 -8.16 42.89
CA VAL A 691 6.19 -8.85 42.83
C VAL A 691 6.55 -9.09 41.36
N GLU A 692 7.76 -8.66 40.98
CA GLU A 692 8.28 -8.90 39.65
C GLU A 692 9.70 -9.43 39.76
N ILE A 693 9.99 -10.51 39.03
CA ILE A 693 11.28 -11.17 39.10
C ILE A 693 11.97 -11.05 37.75
N TYR A 694 13.27 -10.75 37.78
CA TYR A 694 14.07 -10.58 36.57
C TYR A 694 14.75 -11.91 36.23
N HIS A 695 14.45 -12.43 35.05
CA HIS A 695 15.18 -13.58 34.51
C HIS A 695 15.45 -13.32 33.03
N GLU A 696 16.66 -13.69 32.60
CA GLU A 696 17.13 -13.40 31.24
C GLU A 696 17.01 -11.90 31.03
N GLY A 697 16.34 -11.43 29.98
CA GLY A 697 16.17 -10.02 29.75
C GLY A 697 14.74 -9.55 29.93
N SER A 698 13.94 -10.36 30.61
CA SER A 698 12.52 -10.09 30.78
C SER A 698 12.15 -10.13 32.25
N TRP A 699 11.15 -9.35 32.62
CA TRP A 699 10.63 -9.29 33.98
C TRP A 699 9.28 -9.99 34.03
N GLY A 700 9.11 -10.87 35.02
CA GLY A 700 7.91 -11.68 35.10
C GLY A 700 7.32 -11.67 36.50
N THR A 701 6.06 -12.08 36.57
CA THR A 701 5.30 -12.04 37.81
C THR A 701 5.15 -13.45 38.37
N ILE A 702 4.67 -13.52 39.60
CA ILE A 702 4.53 -14.77 40.33
C ILE A 702 3.04 -15.10 40.46
N CYS A 703 2.69 -16.37 40.21
CA CYS A 703 1.31 -16.80 40.39
C CYS A 703 0.91 -16.73 41.86
N ASP A 704 -0.36 -16.38 42.09
CA ASP A 704 -0.87 -16.18 43.44
C ASP A 704 -1.23 -17.49 44.14
N ASP A 705 -1.25 -18.61 43.43
CA ASP A 705 -1.65 -19.88 44.03
C ASP A 705 -0.53 -20.45 44.89
N SER A 706 -0.94 -21.10 45.98
CA SER A 706 0.01 -21.63 46.98
C SER A 706 0.90 -20.54 47.55
N TRP A 707 0.35 -19.33 47.71
CA TRP A 707 1.10 -18.18 48.19
C TRP A 707 0.51 -17.71 49.51
N ASP A 708 1.37 -17.51 50.52
CA ASP A 708 0.93 -17.06 51.83
C ASP A 708 2.04 -16.19 52.43
N LEU A 709 1.77 -15.64 53.62
CA LEU A 709 2.74 -14.75 54.25
C LEU A 709 4.04 -15.47 54.56
N SER A 710 3.97 -16.78 54.84
CA SER A 710 5.20 -17.54 55.00
C SER A 710 6.02 -17.53 53.72
N ASP A 711 5.34 -17.66 52.57
CA ASP A 711 6.02 -17.51 51.29
C ASP A 711 6.48 -16.08 51.03
N ALA A 712 5.95 -15.11 51.77
CA ALA A 712 6.33 -13.71 51.58
C ALA A 712 7.42 -13.25 52.53
N HIS A 713 7.79 -14.05 53.52
CA HIS A 713 8.87 -13.65 54.42
C HIS A 713 10.20 -13.54 53.67
N VAL A 714 10.44 -14.47 52.74
CA VAL A 714 11.71 -14.48 52.02
C VAL A 714 11.84 -13.25 51.14
N VAL A 715 10.77 -12.88 50.41
CA VAL A 715 10.87 -11.75 49.49
C VAL A 715 11.04 -10.45 50.25
N CYS A 716 10.35 -10.31 51.39
CA CYS A 716 10.50 -9.10 52.19
C CYS A 716 11.89 -9.02 52.80
N ARG A 717 12.50 -10.16 53.11
CA ARG A 717 13.85 -10.14 53.68
C ARG A 717 14.90 -9.77 52.64
N GLN A 718 14.78 -10.32 51.43
CA GLN A 718 15.80 -10.08 50.41
C GLN A 718 15.83 -8.60 50.00
N LEU A 719 14.70 -7.91 50.10
CA LEU A 719 14.70 -6.47 49.85
C LEU A 719 15.24 -5.68 51.04
N GLY A 720 15.39 -6.32 52.19
CA GLY A 720 15.85 -5.66 53.38
C GLY A 720 14.79 -4.93 54.17
N CYS A 721 13.56 -4.89 53.67
CA CYS A 721 12.49 -4.20 54.38
C CYS A 721 12.19 -4.86 55.71
N GLY A 722 12.22 -6.19 55.77
CA GLY A 722 11.94 -6.90 57.00
C GLY A 722 10.93 -8.01 56.85
N GLU A 723 9.92 -8.03 57.74
CA GLU A 723 8.90 -9.05 57.73
C GLU A 723 7.66 -8.59 56.99
N ALA A 724 6.84 -9.55 56.59
CA ALA A 724 5.64 -9.28 55.79
C ALA A 724 4.43 -9.24 56.71
N ILE A 725 3.51 -8.30 56.44
CA ILE A 725 2.32 -8.18 57.27
C ILE A 725 1.06 -8.68 56.54
N ASN A 726 1.09 -8.74 55.22
CA ASN A 726 -0.03 -9.25 54.44
C ASN A 726 0.50 -9.88 53.17
N ALA A 727 -0.32 -10.74 52.58
CA ALA A 727 -0.06 -11.30 51.27
C ALA A 727 -1.32 -11.17 50.43
N THR A 728 -1.18 -10.61 49.23
CA THR A 728 -2.33 -10.33 48.38
C THR A 728 -2.32 -11.25 47.17
N GLY A 729 -3.50 -11.69 46.78
CA GLY A 729 -3.66 -12.54 45.61
C GLY A 729 -4.77 -12.06 44.69
N SER A 730 -5.08 -12.85 43.67
CA SER A 730 -6.14 -12.53 42.72
C SER A 730 -5.91 -11.19 42.01
N ALA A 731 -4.64 -10.82 41.86
CA ALA A 731 -4.25 -9.61 41.14
C ALA A 731 -4.91 -8.36 41.72
N HIS A 732 -5.18 -8.36 43.03
CA HIS A 732 -5.71 -7.17 43.67
C HIS A 732 -4.73 -6.00 43.58
N PHE A 733 -3.45 -6.28 43.80
CA PHE A 733 -2.46 -5.21 43.78
C PHE A 733 -2.33 -4.61 42.38
N GLY A 734 -2.40 -5.43 41.35
CA GLY A 734 -2.33 -4.95 39.99
C GLY A 734 -2.29 -6.10 39.02
N GLU A 735 -2.19 -5.77 37.74
CA GLU A 735 -2.11 -6.75 36.67
C GLU A 735 -0.74 -6.69 36.03
N GLY A 736 -0.10 -7.85 35.88
CA GLY A 736 1.22 -7.95 35.31
C GLY A 736 1.17 -8.44 33.87
N THR A 737 1.88 -7.71 32.99
CA THR A 737 1.90 -8.08 31.58
C THR A 737 3.00 -9.08 31.26
N GLY A 738 4.07 -9.10 32.05
CA GLY A 738 5.19 -9.98 31.82
C GLY A 738 4.84 -11.44 31.97
N PRO A 739 5.51 -12.30 31.21
CA PRO A 739 5.24 -13.74 31.32
C PRO A 739 5.60 -14.27 32.70
N ILE A 740 4.80 -15.22 33.18
CA ILE A 740 5.02 -15.80 34.49
C ILE A 740 6.27 -16.67 34.45
N TRP A 741 7.18 -16.45 35.40
CA TRP A 741 8.40 -17.23 35.48
C TRP A 741 8.23 -18.47 36.36
N LEU A 742 7.66 -18.30 37.55
CA LEU A 742 7.53 -19.40 38.50
C LEU A 742 6.06 -19.61 38.83
N ASP A 743 5.70 -20.88 39.05
CA ASP A 743 4.35 -21.25 39.43
C ASP A 743 4.36 -22.25 40.57
N GLU A 744 3.37 -22.16 41.45
CA GLU A 744 3.16 -23.12 42.54
C GLU A 744 4.39 -23.21 43.44
N MET A 745 4.67 -22.09 44.12
CA MET A 745 5.81 -22.01 45.03
C MET A 745 5.40 -22.42 46.44
N LYS A 746 6.18 -23.32 47.03
CA LYS A 746 6.06 -23.68 48.44
C LYS A 746 7.40 -23.40 49.09
N CYS A 747 7.42 -22.53 50.09
CA CYS A 747 8.67 -22.09 50.68
C CYS A 747 8.59 -22.18 52.19
N ASN A 748 9.73 -22.52 52.81
CA ASN A 748 9.79 -22.65 54.26
C ASN A 748 9.56 -21.31 54.95
N GLY A 749 10.10 -20.23 54.40
CA GLY A 749 10.06 -18.94 55.02
C GLY A 749 11.36 -18.51 55.68
N LYS A 750 12.36 -19.39 55.70
CA LYS A 750 13.69 -19.04 56.21
C LYS A 750 14.75 -18.99 55.12
N GLU A 751 14.36 -19.15 53.86
CA GLU A 751 15.32 -19.14 52.77
C GLU A 751 15.90 -17.75 52.56
N SER A 752 17.18 -17.71 52.18
CA SER A 752 17.83 -16.43 51.93
C SER A 752 17.22 -15.72 50.73
N ARG A 753 16.96 -16.46 49.66
CA ARG A 753 16.39 -15.90 48.44
C ARG A 753 15.29 -16.81 47.92
N ILE A 754 14.40 -16.24 47.10
CA ILE A 754 13.26 -16.98 46.60
C ILE A 754 13.68 -18.19 45.76
N TRP A 755 14.92 -18.20 45.27
CA TRP A 755 15.37 -19.30 44.42
C TRP A 755 15.52 -20.60 45.21
N GLN A 756 15.80 -20.51 46.51
CA GLN A 756 15.88 -21.71 47.33
C GLN A 756 14.52 -22.27 47.69
N CYS A 757 13.45 -21.49 47.53
CA CYS A 757 12.12 -22.01 47.79
C CYS A 757 11.70 -22.97 46.68
N HIS A 758 10.90 -23.97 47.05
CA HIS A 758 10.48 -24.99 46.10
C HIS A 758 9.62 -24.41 44.99
N SER A 759 9.87 -24.85 43.76
CA SER A 759 9.12 -24.40 42.61
C SER A 759 8.88 -25.58 41.68
N HIS A 760 7.80 -25.49 40.90
CA HIS A 760 7.49 -26.54 39.93
C HIS A 760 8.54 -26.59 38.83
N GLY A 761 8.96 -25.43 38.33
CA GLY A 761 9.97 -25.38 37.30
C GLY A 761 9.91 -24.09 36.52
N TRP A 762 11.03 -23.76 35.89
CA TRP A 762 11.13 -22.54 35.10
C TRP A 762 10.20 -22.62 33.89
N GLY A 763 9.49 -21.52 33.64
CA GLY A 763 8.59 -21.48 32.49
C GLY A 763 7.39 -22.40 32.59
N GLN A 764 7.06 -22.86 33.79
CA GLN A 764 5.89 -23.74 33.98
C GLN A 764 4.65 -22.91 34.28
N GLN A 765 4.30 -22.07 33.31
CA GLN A 765 3.20 -21.11 33.44
C GLN A 765 1.87 -21.84 33.31
N ASN A 766 1.25 -22.15 34.45
CA ASN A 766 -0.10 -22.69 34.48
C ASN A 766 -1.12 -21.69 34.99
N CYS A 767 -0.67 -20.57 35.56
CA CYS A 767 -1.54 -19.52 36.05
C CYS A 767 -1.75 -18.50 34.92
N ARG A 768 -2.29 -17.33 35.26
CA ARG A 768 -2.57 -16.32 34.24
C ARG A 768 -2.49 -14.93 34.86
N HIS A 769 -2.44 -13.92 33.99
CA HIS A 769 -2.42 -12.53 34.44
C HIS A 769 -3.69 -12.14 35.18
N LYS A 770 -4.74 -12.95 35.07
CA LYS A 770 -5.95 -12.67 35.85
C LYS A 770 -5.70 -12.82 37.34
N GLU A 771 -4.80 -13.72 37.75
CA GLU A 771 -4.50 -13.95 39.16
C GLU A 771 -3.03 -13.64 39.38
N ASP A 772 -2.75 -12.63 40.19
CA ASP A 772 -1.38 -12.20 40.41
C ASP A 772 -1.09 -12.06 41.90
N ALA A 773 0.19 -12.16 42.24
CA ALA A 773 0.65 -12.22 43.62
C ALA A 773 1.44 -10.98 43.99
N GLY A 774 1.15 -10.45 45.18
CA GLY A 774 1.90 -9.32 45.71
C GLY A 774 2.07 -9.45 47.20
N VAL A 775 3.00 -8.68 47.74
CA VAL A 775 3.33 -8.71 49.17
C VAL A 775 3.29 -7.31 49.74
N ILE A 776 3.08 -7.21 51.04
CA ILE A 776 3.20 -5.96 51.79
C ILE A 776 4.19 -6.22 52.91
N CYS A 777 5.35 -5.58 52.85
CA CYS A 777 6.37 -5.74 53.88
C CYS A 777 6.00 -4.89 55.09
N SER A 778 6.93 -4.73 56.02
CA SER A 778 6.67 -3.95 57.23
C SER A 778 7.20 -2.53 57.16
N GLU A 779 8.24 -2.28 56.36
CA GLU A 779 8.85 -0.97 56.34
C GLU A 779 8.12 0.02 55.45
N PHE A 780 7.15 -0.43 54.65
CA PHE A 780 6.39 0.48 53.80
C PHE A 780 5.59 1.45 54.65
N MET A 781 5.65 2.73 54.29
CA MET A 781 4.98 3.79 55.03
C MET A 781 4.12 4.64 54.10
N SER A 782 3.12 5.29 54.69
CA SER A 782 2.26 6.20 53.95
C SER A 782 1.87 7.35 54.86
N LEU A 783 1.37 8.42 54.26
CA LEU A 783 1.03 9.62 55.00
C LEU A 783 -0.28 10.21 54.48
N ARG A 784 -1.05 10.80 55.37
CA ARG A 784 -2.30 11.46 55.02
C ARG A 784 -2.66 12.44 56.13
N LEU A 785 -3.54 13.38 55.80
CA LEU A 785 -4.07 14.34 56.77
C LEU A 785 -5.57 14.15 56.87
N THR A 786 -6.08 14.07 58.09
CA THR A 786 -7.49 13.86 58.37
C THR A 786 -7.92 14.77 59.50
N SER A 787 -8.88 15.66 59.23
CA SER A 787 -9.39 16.57 60.24
C SER A 787 -10.70 16.10 60.85
N GLU A 788 -11.75 15.97 60.02
CA GLU A 788 -13.03 15.47 60.49
C GLU A 788 -13.95 15.16 59.31
N ALA A 789 -14.74 14.08 59.42
CA ALA A 789 -15.77 13.73 58.44
C ALA A 789 -15.20 13.53 57.05
N SER A 790 -13.86 13.50 56.94
CA SER A 790 -13.19 13.35 55.65
C SER A 790 -11.82 12.76 55.89
N ARG A 791 -11.61 11.52 55.45
CA ARG A 791 -10.34 10.86 55.68
C ARG A 791 -9.20 11.56 54.95
N GLU A 792 -9.44 11.97 53.70
CA GLU A 792 -8.48 12.79 52.95
C GLU A 792 -8.97 14.24 53.00
N ALA A 793 -8.23 15.08 53.73
CA ALA A 793 -8.46 16.51 53.76
C ALA A 793 -7.13 17.19 54.04
N CYS A 794 -6.70 18.07 53.15
CA CYS A 794 -5.35 18.62 53.24
C CYS A 794 -5.23 19.73 54.27
N ALA A 795 -6.19 19.87 55.18
CA ALA A 795 -6.09 20.76 56.33
C ALA A 795 -6.52 19.97 57.56
N GLY A 796 -5.57 19.27 58.18
CA GLY A 796 -5.89 18.47 59.35
C GLY A 796 -4.64 17.82 59.89
N ARG A 797 -4.83 17.05 60.97
CA ARG A 797 -3.70 16.42 61.62
C ARG A 797 -3.05 15.40 60.69
N LEU A 798 -1.74 15.25 60.86
CA LEU A 798 -0.94 14.37 60.02
C LEU A 798 -0.92 12.97 60.60
N GLU A 799 -0.96 11.97 59.71
CA GLU A 799 -0.90 10.57 60.12
C GLU A 799 0.20 9.85 59.36
N VAL A 800 0.81 8.87 60.03
CA VAL A 800 1.85 8.05 59.43
C VAL A 800 1.43 6.60 59.56
N PHE A 801 1.89 5.77 58.63
CA PHE A 801 1.46 4.38 58.52
C PHE A 801 2.68 3.48 58.61
N TYR A 802 2.85 2.81 59.75
CA TYR A 802 3.97 1.90 59.97
C TYR A 802 3.46 0.59 60.52
N ASN A 803 3.88 -0.52 59.87
CA ASN A 803 3.45 -1.86 60.24
C ASN A 803 1.92 -1.95 60.35
N GLY A 804 1.24 -1.33 59.39
CA GLY A 804 -0.21 -1.35 59.40
C GLY A 804 -0.84 -0.64 60.57
N ALA A 805 -0.25 0.46 61.02
CA ALA A 805 -0.78 1.21 62.15
C ALA A 805 -0.76 2.70 61.82
N TRP A 806 -1.68 3.44 62.44
CA TRP A 806 -1.82 4.86 62.19
C TRP A 806 -1.37 5.66 63.40
N GLY A 807 -0.48 6.61 63.17
CA GLY A 807 0.04 7.47 64.23
C GLY A 807 0.39 8.84 63.70
N THR A 808 0.57 9.77 64.64
CA THR A 808 0.92 11.13 64.30
C THR A 808 2.36 11.40 64.72
N VAL A 809 2.89 12.53 64.29
CA VAL A 809 4.24 12.93 64.67
C VAL A 809 4.16 14.04 65.72
N GLY A 810 5.21 14.16 66.52
CA GLY A 810 5.24 15.18 67.54
C GLY A 810 5.31 16.57 66.96
N LYS A 811 4.67 17.52 67.64
CA LYS A 811 4.70 18.90 67.18
C LYS A 811 6.05 19.56 67.47
N SER A 812 6.76 19.09 68.49
CA SER A 812 7.97 19.75 68.93
C SER A 812 9.06 19.69 67.87
N SER A 813 9.75 20.82 67.68
CA SER A 813 10.94 20.89 66.85
C SER A 813 10.66 20.50 65.40
N MET A 814 9.77 21.26 64.76
CA MET A 814 9.43 21.06 63.36
C MET A 814 9.69 22.36 62.61
N SER A 815 10.63 22.31 61.67
CA SER A 815 10.92 23.48 60.87
C SER A 815 9.76 23.81 59.93
N GLU A 816 9.65 25.08 59.58
CA GLU A 816 8.66 25.49 58.59
C GLU A 816 8.93 24.83 57.25
N THR A 817 10.19 24.52 56.96
CA THR A 817 10.52 23.80 55.73
C THR A 817 9.93 22.40 55.77
N THR A 818 9.97 21.74 56.93
CA THR A 818 9.35 20.43 57.06
C THR A 818 7.86 20.50 56.74
N VAL A 819 7.21 21.59 57.13
CA VAL A 819 5.82 21.80 56.74
C VAL A 819 5.69 21.80 55.23
N GLY A 820 6.59 22.49 54.54
CA GLY A 820 6.49 22.59 53.10
C GLY A 820 6.55 21.24 52.41
N VAL A 821 7.45 20.37 52.87
CA VAL A 821 7.57 19.06 52.25
C VAL A 821 6.30 18.24 52.47
N VAL A 822 5.67 18.41 53.63
CA VAL A 822 4.43 17.68 53.91
C VAL A 822 3.38 18.03 52.88
N CYS A 823 3.21 19.34 52.61
CA CYS A 823 2.21 19.75 51.62
C CYS A 823 2.59 19.26 50.23
N ARG A 824 3.87 19.33 49.87
CA ARG A 824 4.29 18.88 48.56
C ARG A 824 4.05 17.39 48.37
N GLN A 825 4.27 16.60 49.43
CA GLN A 825 4.10 15.16 49.31
C GLN A 825 2.66 14.80 48.99
N LEU A 826 1.72 15.31 49.79
CA LEU A 826 0.32 14.98 49.56
C LEU A 826 -0.24 15.73 48.36
N GLY A 827 0.12 17.00 48.20
CA GLY A 827 -0.34 17.77 47.06
C GLY A 827 -1.47 18.73 47.35
N CYS A 828 -1.47 19.38 48.52
CA CYS A 828 -2.47 20.41 48.76
C CYS A 828 -2.01 21.77 48.22
N ALA A 829 -0.73 22.09 48.39
CA ALA A 829 -0.19 23.34 47.87
C ALA A 829 1.34 23.28 47.89
N ASP A 830 1.96 24.19 47.14
CA ASP A 830 3.41 24.29 47.16
C ASP A 830 3.93 24.74 48.51
N LYS A 831 3.11 25.42 49.30
CA LYS A 831 3.52 25.96 50.58
C LYS A 831 2.45 25.68 51.62
N GLY A 832 2.89 25.44 52.86
CA GLY A 832 1.97 25.26 53.96
C GLY A 832 2.52 25.89 55.22
N LYS A 833 1.61 26.28 56.11
CA LYS A 833 1.98 26.95 57.34
C LYS A 833 1.46 26.17 58.53
N ILE A 834 2.29 26.06 59.57
CA ILE A 834 1.96 25.25 60.73
C ILE A 834 0.76 25.83 61.44
N ASN A 835 -0.19 24.96 61.79
CA ASN A 835 -1.38 25.37 62.54
C ASN A 835 -1.25 24.88 63.97
N PRO A 836 -0.97 25.75 64.93
CA PRO A 836 -0.93 25.30 66.34
C PRO A 836 -2.26 24.75 66.84
N ALA A 837 -3.37 25.26 66.33
CA ALA A 837 -4.68 24.83 66.82
C ALA A 837 -4.98 23.39 66.41
N SER A 838 -5.79 22.73 67.24
CA SER A 838 -6.18 21.35 67.02
C SER A 838 -7.70 21.25 66.99
N LEU A 839 -8.23 20.42 66.11
CA LEU A 839 -9.66 20.24 65.99
C LEU A 839 -10.20 19.46 67.19
N ASP A 840 -11.51 19.63 67.44
CA ASP A 840 -12.13 18.99 68.59
C ASP A 840 -12.19 17.47 68.42
N LYS A 841 -12.43 17.00 67.19
CA LYS A 841 -12.56 15.57 66.94
C LYS A 841 -11.20 14.94 66.68
N ALA A 842 -10.89 13.88 67.42
CA ALA A 842 -9.60 13.21 67.28
C ALA A 842 -9.72 11.77 67.77
N MET A 843 -9.28 10.83 66.95
CA MET A 843 -9.25 9.42 67.31
C MET A 843 -8.00 9.12 68.14
N SER A 844 -8.16 8.26 69.14
CA SER A 844 -7.05 7.91 70.01
C SER A 844 -6.06 7.01 69.27
N ILE A 845 -5.02 7.62 68.69
CA ILE A 845 -4.03 6.87 67.93
C ILE A 845 -2.64 7.25 68.48
N PRO A 846 -1.68 6.33 68.49
CA PRO A 846 -0.46 6.56 69.26
C PRO A 846 0.63 7.28 68.47
N MET A 847 1.57 7.85 69.24
CA MET A 847 2.79 8.43 68.67
C MET A 847 3.62 7.36 67.97
N TRP A 848 4.08 7.66 66.77
CA TRP A 848 5.00 6.78 66.07
C TRP A 848 6.41 7.35 65.97
N VAL A 849 6.56 8.66 65.81
CA VAL A 849 7.87 9.28 65.68
C VAL A 849 7.75 10.75 66.06
N ASP A 850 8.76 11.26 66.75
CA ASP A 850 8.78 12.64 67.20
C ASP A 850 10.14 13.25 66.87
N ASN A 851 10.23 14.56 67.09
CA ASN A 851 11.45 15.31 66.81
C ASN A 851 11.89 15.15 65.36
N VAL A 852 10.92 15.18 64.44
CA VAL A 852 11.19 15.08 63.02
C VAL A 852 11.59 16.45 62.51
N GLN A 853 12.75 16.52 61.86
CA GLN A 853 13.23 17.72 61.21
C GLN A 853 13.80 17.35 59.85
N CYS A 854 13.74 18.28 58.92
CA CYS A 854 14.12 17.94 57.56
C CYS A 854 15.18 18.89 57.04
N PRO A 855 16.02 18.44 56.12
CA PRO A 855 16.86 19.37 55.35
C PRO A 855 16.12 19.84 54.11
N LYS A 856 16.57 20.97 53.58
CA LYS A 856 15.99 21.48 52.35
C LYS A 856 16.35 20.57 51.19
N GLY A 857 15.37 20.28 50.35
CA GLY A 857 15.62 19.53 49.14
C GLY A 857 14.91 18.19 49.01
N PRO A 858 14.90 17.39 50.06
CA PRO A 858 14.14 16.13 49.99
C PRO A 858 12.67 16.38 49.70
N ASP A 859 12.08 15.45 48.94
CA ASP A 859 10.70 15.61 48.52
C ASP A 859 9.72 14.81 49.37
N THR A 860 10.22 13.89 50.20
CA THR A 860 9.38 13.14 51.13
C THR A 860 10.00 13.12 52.51
N LEU A 861 9.15 12.99 53.53
CA LEU A 861 9.63 13.01 54.91
C LEU A 861 10.56 11.86 55.23
N TRP A 862 10.46 10.75 54.49
CA TRP A 862 11.27 9.58 54.82
C TRP A 862 12.75 9.90 54.77
N GLN A 863 13.16 10.82 53.89
CA GLN A 863 14.55 11.19 53.75
C GLN A 863 15.04 12.10 54.87
N CYS A 864 14.16 12.55 55.75
CA CYS A 864 14.57 13.42 56.85
C CYS A 864 15.07 12.59 58.02
N PRO A 865 16.28 12.83 58.50
CA PRO A 865 16.73 12.16 59.72
C PRO A 865 15.98 12.68 60.93
N SER A 866 15.77 11.80 61.90
CA SER A 866 15.07 12.14 63.13
C SER A 866 15.30 11.01 64.13
N SER A 867 14.56 11.05 65.23
CA SER A 867 14.67 10.03 66.27
C SER A 867 14.15 8.70 65.74
N PRO A 868 14.59 7.59 66.34
CA PRO A 868 14.16 6.27 65.85
C PRO A 868 12.68 6.02 66.09
N TRP A 869 12.19 4.99 65.40
CA TRP A 869 10.80 4.56 65.56
C TRP A 869 10.51 4.24 67.02
N GLU A 870 9.34 4.66 67.49
CA GLU A 870 8.96 4.42 68.88
C GLU A 870 7.46 4.62 69.02
N LYS A 871 6.78 3.64 69.58
CA LYS A 871 5.34 3.70 69.81
C LYS A 871 5.11 4.35 71.18
N ARG A 872 4.28 5.39 71.20
CA ARG A 872 4.06 6.16 72.42
C ARG A 872 2.64 6.71 72.42
N LEU A 873 2.14 7.00 73.61
CA LEU A 873 0.89 7.73 73.77
C LEU A 873 1.20 9.16 74.17
N ALA A 874 0.63 10.12 73.46
CA ALA A 874 0.97 11.52 73.64
C ALA A 874 -0.27 12.37 73.83
N SER A 875 -0.07 13.52 74.47
CA SER A 875 -1.13 14.48 74.69
C SER A 875 -1.53 15.14 73.36
N PRO A 876 -2.77 15.62 73.27
CA PRO A 876 -3.16 16.35 72.05
C PRO A 876 -2.31 17.57 71.77
N SER A 877 -1.73 18.19 72.80
CA SER A 877 -0.87 19.35 72.57
C SER A 877 0.35 18.96 71.76
N GLU A 878 0.96 17.82 72.07
CA GLU A 878 2.12 17.35 71.31
C GLU A 878 1.74 16.90 69.90
N GLU A 879 0.46 16.65 69.65
CA GLU A 879 0.02 16.22 68.34
C GLU A 879 0.19 17.34 67.32
N THR A 880 0.37 16.96 66.06
CA THR A 880 0.57 17.90 64.97
C THR A 880 -0.69 17.96 64.12
N TRP A 881 -1.25 19.16 63.99
CA TRP A 881 -2.45 19.40 63.17
C TRP A 881 -2.10 20.49 62.15
N ILE A 882 -1.94 20.09 60.90
CA ILE A 882 -1.42 20.96 59.85
C ILE A 882 -2.55 21.38 58.92
N THR A 883 -2.61 22.66 58.61
CA THR A 883 -3.51 23.20 57.59
C THR A 883 -2.65 23.85 56.51
N CYS A 884 -2.79 23.37 55.28
CA CYS A 884 -1.98 23.88 54.20
C CYS A 884 -2.60 25.15 53.62
N ASP A 885 -1.83 25.81 52.74
CA ASP A 885 -2.31 27.04 52.13
C ASP A 885 -3.45 26.75 51.15
N ASN A 886 -4.25 27.79 50.89
CA ASN A 886 -5.41 27.64 50.04
C ASN A 886 -4.99 27.37 48.61
N LYS A 887 -5.86 26.64 47.89
CA LYS A 887 -5.59 26.32 46.49
C LYS A 887 -5.86 27.51 45.58
N ILE A 888 -6.84 28.34 45.91
CA ILE A 888 -7.33 29.40 45.04
C ILE A 888 -6.84 30.73 45.59
N ARG A 889 -6.21 31.54 44.73
CA ARG A 889 -5.71 32.85 45.11
C ARG A 889 -6.06 33.86 44.04
N LEU A 890 -6.12 35.12 44.45
CA LEU A 890 -6.41 36.24 43.55
C LEU A 890 -5.17 37.07 43.35
N GLN A 891 -4.86 37.39 42.10
CA GLN A 891 -3.61 38.05 41.75
C GLN A 891 -3.89 39.21 40.80
N GLU A 892 -3.05 40.25 40.90
CA GLU A 892 -3.25 41.51 40.18
C GLU A 892 -4.58 42.15 40.53
N GLY A 893 -4.94 42.12 41.81
CA GLY A 893 -6.15 42.75 42.28
C GLY A 893 -5.86 43.83 43.30
N PRO A 894 -6.29 45.06 43.01
CA PRO A 894 -6.00 46.17 43.92
C PRO A 894 -6.57 45.98 45.31
N THR A 895 -7.75 45.37 45.41
CA THR A 895 -8.38 45.17 46.71
C THR A 895 -7.91 43.85 47.32
N SER A 896 -8.48 43.51 48.47
CA SER A 896 -8.14 42.24 49.11
C SER A 896 -8.61 41.06 48.27
N CYS A 897 -9.77 41.16 47.64
CA CYS A 897 -10.34 40.09 46.83
C CYS A 897 -10.66 40.65 45.45
N SER A 898 -9.67 40.62 44.56
CA SER A 898 -9.87 41.05 43.17
C SER A 898 -8.71 40.53 42.34
N GLY A 899 -8.87 40.61 41.02
CA GLY A 899 -7.82 40.23 40.10
C GLY A 899 -8.23 39.04 39.25
N ARG A 900 -7.22 38.28 38.81
CA ARG A 900 -7.45 37.09 38.02
C ARG A 900 -7.57 35.89 38.93
N VAL A 901 -8.50 34.99 38.59
CA VAL A 901 -8.68 33.78 39.37
C VAL A 901 -7.52 32.83 39.08
N GLU A 902 -6.89 32.34 40.14
CA GLU A 902 -5.76 31.43 40.02
C GLU A 902 -6.02 30.19 40.87
N ILE A 903 -5.83 29.03 40.26
CA ILE A 903 -6.03 27.75 40.92
C ILE A 903 -4.74 26.94 40.83
N TRP A 904 -4.36 26.31 41.94
CA TRP A 904 -3.14 25.54 42.03
C TRP A 904 -3.43 24.06 41.86
N HIS A 905 -2.65 23.38 41.03
CA HIS A 905 -2.82 21.96 40.80
C HIS A 905 -1.53 21.39 40.23
N GLY A 906 -1.11 20.25 40.77
CA GLY A 906 0.11 19.62 40.29
C GLY A 906 1.34 20.48 40.40
N GLY A 907 1.49 21.20 41.50
CA GLY A 907 2.66 22.04 41.70
C GLY A 907 2.75 23.18 40.72
N SER A 908 1.64 23.82 40.37
CA SER A 908 1.63 24.91 39.42
C SER A 908 0.39 25.76 39.63
N TRP A 909 0.43 26.98 39.11
CA TRP A 909 -0.70 27.89 39.17
C TRP A 909 -1.29 28.05 37.77
N GLY A 910 -2.61 28.03 37.68
CA GLY A 910 -3.28 28.12 36.41
C GLY A 910 -4.49 29.03 36.46
N THR A 911 -4.89 29.50 35.29
CA THR A 911 -6.02 30.39 35.13
C THR A 911 -7.24 29.61 34.64
N VAL A 912 -8.38 30.29 34.56
CA VAL A 912 -9.65 29.70 34.18
C VAL A 912 -10.18 30.42 32.95
N CYS A 913 -10.59 29.66 31.94
CA CYS A 913 -11.13 30.23 30.72
C CYS A 913 -12.49 30.87 30.99
N ASP A 914 -12.91 31.74 30.06
CA ASP A 914 -14.10 32.54 30.24
C ASP A 914 -15.36 31.91 29.63
N ASP A 915 -15.22 30.83 28.88
CA ASP A 915 -16.38 30.24 28.22
C ASP A 915 -17.37 29.72 29.26
N SER A 916 -18.65 30.05 29.06
CA SER A 916 -19.73 29.69 29.96
C SER A 916 -19.54 30.26 31.36
N TRP A 917 -18.70 31.28 31.50
CA TRP A 917 -18.51 31.92 32.80
C TRP A 917 -19.74 32.71 33.19
N ASP A 918 -20.17 32.55 34.43
CA ASP A 918 -21.37 33.19 34.94
C ASP A 918 -21.02 34.00 36.18
N LEU A 919 -21.86 35.00 36.47
CA LEU A 919 -21.74 35.68 37.75
C LEU A 919 -21.99 34.73 38.90
N ASP A 920 -22.86 33.74 38.71
CA ASP A 920 -23.01 32.68 39.69
C ASP A 920 -21.72 31.88 39.85
N ASP A 921 -21.01 31.62 38.73
CA ASP A 921 -19.72 30.97 38.81
C ASP A 921 -18.76 31.80 39.67
N ALA A 922 -18.89 33.12 39.62
CA ALA A 922 -18.05 33.97 40.45
C ALA A 922 -18.43 33.87 41.93
N GLN A 923 -19.74 33.85 42.23
CA GLN A 923 -20.18 33.86 43.62
C GLN A 923 -19.71 32.61 44.36
N VAL A 924 -19.80 31.44 43.72
CA VAL A 924 -19.31 30.22 44.35
C VAL A 924 -17.80 30.29 44.54
N VAL A 925 -17.08 30.91 43.61
CA VAL A 925 -15.64 31.09 43.76
C VAL A 925 -15.34 31.97 44.97
N CYS A 926 -16.02 33.12 45.06
CA CYS A 926 -15.78 34.03 46.17
C CYS A 926 -16.18 33.39 47.50
N GLN A 927 -17.26 32.60 47.50
CA GLN A 927 -17.65 31.88 48.70
C GLN A 927 -16.58 30.90 49.13
N GLN A 928 -16.00 30.17 48.17
CA GLN A 928 -14.92 29.25 48.48
C GLN A 928 -13.70 30.00 49.02
N LEU A 929 -13.39 31.15 48.41
CA LEU A 929 -12.33 32.00 48.93
C LEU A 929 -12.66 32.55 50.32
N GLY A 930 -13.95 32.62 50.65
CA GLY A 930 -14.37 33.24 51.88
C GLY A 930 -14.61 34.73 51.79
N CYS A 931 -14.29 35.33 50.65
CA CYS A 931 -14.57 36.75 50.46
C CYS A 931 -16.07 36.97 50.33
N GLY A 932 -16.47 38.24 50.37
CA GLY A 932 -17.86 38.59 50.23
C GLY A 932 -18.37 38.28 48.84
N PRO A 933 -19.69 38.39 48.65
CA PRO A 933 -20.27 38.05 47.34
C PRO A 933 -19.69 38.91 46.23
N ALA A 934 -19.53 38.30 45.06
CA ALA A 934 -18.92 38.98 43.93
C ALA A 934 -19.77 40.16 43.47
N LEU A 935 -19.12 41.28 43.16
CA LEU A 935 -19.84 42.41 42.61
C LEU A 935 -20.21 42.18 41.15
N LYS A 936 -19.32 41.57 40.38
CA LYS A 936 -19.56 41.32 38.97
C LYS A 936 -18.52 40.34 38.46
N ALA A 937 -18.88 39.60 37.42
CA ALA A 937 -17.98 38.66 36.76
C ALA A 937 -17.43 39.28 35.49
N PHE A 938 -16.12 39.20 35.30
CA PHE A 938 -15.47 39.85 34.18
C PHE A 938 -15.09 38.82 33.12
N LYS A 939 -14.40 39.29 32.08
CA LYS A 939 -14.17 38.49 30.89
C LYS A 939 -13.01 39.07 30.10
N GLU A 940 -12.41 38.22 29.25
CA GLU A 940 -11.44 38.63 28.24
C GLU A 940 -10.18 39.24 28.83
N ALA A 941 -9.77 38.78 30.02
CA ALA A 941 -8.48 39.15 30.61
C ALA A 941 -8.32 40.66 30.74
N GLU A 942 -9.40 41.32 31.14
CA GLU A 942 -9.42 42.78 31.19
C GLU A 942 -8.45 43.31 32.25
N PHE A 943 -8.33 42.63 33.40
CA PHE A 943 -7.29 42.97 34.35
C PHE A 943 -5.90 42.81 33.75
N GLY A 944 -5.68 41.72 33.03
CA GLY A 944 -4.38 41.50 32.44
C GLY A 944 -4.28 40.09 31.87
N GLN A 945 -3.16 39.84 31.20
CA GLN A 945 -2.91 38.58 30.53
C GLN A 945 -2.04 37.70 31.41
N GLY A 946 -2.48 36.46 31.64
CA GLY A 946 -1.79 35.53 32.51
C GLY A 946 -1.19 34.37 31.72
N THR A 947 -0.02 33.91 32.17
CA THR A 947 0.68 32.80 31.53
C THR A 947 0.70 31.60 32.47
N GLY A 948 0.44 30.43 31.92
CA GLY A 948 0.41 29.21 32.70
C GLY A 948 -0.56 28.20 32.13
N PRO A 949 -0.59 27.01 32.72
CA PRO A 949 -1.52 25.97 32.23
C PRO A 949 -2.94 26.31 32.62
N ILE A 950 -3.79 26.50 31.61
CA ILE A 950 -5.19 26.85 31.86
C ILE A 950 -5.92 25.60 32.31
N TRP A 951 -6.08 25.44 33.63
CA TRP A 951 -6.58 24.19 34.18
C TRP A 951 -8.08 24.02 33.98
N LEU A 952 -8.85 25.06 34.22
CA LEU A 952 -10.31 24.97 34.20
C LEU A 952 -10.87 25.72 33.01
N ASN A 953 -11.73 25.05 32.24
CA ASN A 953 -12.30 25.59 31.02
C ASN A 953 -13.77 25.22 30.95
N GLU A 954 -14.57 26.15 30.44
CA GLU A 954 -16.00 25.94 30.24
C GLU A 954 -16.67 25.43 31.51
N VAL A 955 -16.37 26.09 32.62
CA VAL A 955 -16.94 25.68 33.89
C VAL A 955 -18.37 26.18 34.00
N LYS A 956 -19.29 25.26 34.27
CA LYS A 956 -20.69 25.58 34.53
C LYS A 956 -21.01 25.11 35.94
N CYS A 957 -21.16 26.06 36.86
CA CYS A 957 -21.36 25.76 38.27
C CYS A 957 -22.73 26.24 38.68
N LYS A 958 -23.50 25.35 39.33
CA LYS A 958 -24.83 25.72 39.79
C LYS A 958 -24.79 26.75 40.91
N GLY A 959 -23.67 26.85 41.62
CA GLY A 959 -23.52 27.83 42.68
C GLY A 959 -23.92 27.36 44.05
N ASN A 960 -24.63 26.23 44.16
CA ASN A 960 -25.01 25.73 45.48
C ASN A 960 -23.83 25.11 46.20
N GLU A 961 -22.86 24.58 45.47
CA GLU A 961 -21.68 23.98 46.08
C GLU A 961 -20.82 25.05 46.75
N SER A 962 -20.08 24.63 47.78
CA SER A 962 -19.23 25.57 48.50
C SER A 962 -17.99 25.93 47.71
N SER A 963 -17.41 24.97 47.00
CA SER A 963 -16.15 25.16 46.30
C SER A 963 -16.32 24.90 44.81
N LEU A 964 -15.48 25.55 44.01
CA LEU A 964 -15.44 25.25 42.58
C LEU A 964 -14.84 23.87 42.32
N TRP A 965 -13.98 23.42 43.22
CA TRP A 965 -13.21 22.21 42.98
C TRP A 965 -14.12 21.00 42.81
N ASP A 966 -15.12 20.87 43.68
CA ASP A 966 -16.06 19.76 43.55
C ASP A 966 -17.12 20.07 42.49
N CYS A 967 -17.24 21.33 42.09
CA CYS A 967 -18.22 21.69 41.07
C CYS A 967 -17.78 21.15 39.72
N PRO A 968 -18.68 20.49 38.99
CA PRO A 968 -18.28 19.86 37.72
C PRO A 968 -17.93 20.89 36.65
N ALA A 969 -17.00 20.49 35.79
CA ALA A 969 -16.54 21.32 34.68
C ALA A 969 -15.75 20.42 33.73
N ARG A 970 -15.20 21.02 32.68
CA ARG A 970 -14.32 20.29 31.79
C ARG A 970 -13.05 19.90 32.54
N ARG A 971 -12.56 18.69 32.25
CA ARG A 971 -11.45 18.13 33.00
C ARG A 971 -10.17 18.91 32.77
N TRP A 972 -9.21 18.69 33.68
CA TRP A 972 -7.93 19.38 33.61
C TRP A 972 -7.24 19.12 32.29
N GLY A 973 -6.64 20.16 31.73
CA GLY A 973 -6.00 20.06 30.44
C GLY A 973 -6.99 20.19 29.31
N HIS A 974 -6.44 20.23 28.09
CA HIS A 974 -7.24 20.36 26.86
C HIS A 974 -8.20 21.54 26.94
N SER A 975 -7.73 22.64 27.52
CA SER A 975 -8.59 23.81 27.68
C SER A 975 -8.86 24.50 26.36
N GLU A 976 -7.85 24.56 25.49
CA GLU A 976 -7.98 25.17 24.16
C GLU A 976 -8.46 26.62 24.25
N CYS A 977 -7.92 27.36 25.20
CA CYS A 977 -8.22 28.77 25.37
C CYS A 977 -6.93 29.55 25.33
N GLY A 978 -6.91 30.63 24.54
CA GLY A 978 -5.74 31.48 24.50
C GLY A 978 -5.59 32.31 25.76
N HIS A 979 -4.38 32.82 25.97
CA HIS A 979 -4.10 33.61 27.17
C HIS A 979 -4.84 34.93 27.19
N LYS A 980 -5.45 35.34 26.06
CA LYS A 980 -6.30 36.52 26.06
C LYS A 980 -7.67 36.24 26.64
N GLU A 981 -7.98 34.99 26.98
CA GLU A 981 -9.32 34.56 27.28
C GLU A 981 -9.54 34.18 28.74
N ASP A 982 -8.48 34.13 29.54
CA ASP A 982 -8.60 33.67 30.92
C ASP A 982 -9.48 34.62 31.75
N ALA A 983 -10.36 34.04 32.55
CA ALA A 983 -11.36 34.78 33.30
C ALA A 983 -10.72 35.54 34.45
N ALA A 984 -11.42 36.59 34.89
CA ALA A 984 -11.01 37.40 36.02
C ALA A 984 -12.21 37.71 36.89
N VAL A 985 -12.03 37.70 38.21
CA VAL A 985 -13.12 37.86 39.16
C VAL A 985 -12.73 38.90 40.21
N ASN A 986 -13.68 39.77 40.53
CA ASN A 986 -13.56 40.71 41.63
C ASN A 986 -14.63 40.40 42.66
N CYS A 987 -14.22 40.11 43.89
CA CYS A 987 -15.14 39.79 44.97
C CYS A 987 -15.14 40.93 45.97
N THR A 988 -16.31 41.49 46.25
CA THR A 988 -16.44 42.56 47.23
C THR A 988 -16.99 42.00 48.54
N ASP A 989 -16.35 42.37 49.64
CA ASP A 989 -16.77 41.91 50.96
C ASP A 989 -18.13 42.49 51.33
N ASP B 222 -6.49 -12.95 -70.03
CA ASP B 222 -6.46 -14.06 -69.10
C ASP B 222 -7.08 -13.68 -67.77
N LEU B 223 -6.98 -12.41 -67.40
CA LEU B 223 -7.44 -11.91 -66.13
C LEU B 223 -8.81 -11.27 -66.28
N SER B 224 -9.73 -11.61 -65.37
CA SER B 224 -11.07 -11.08 -65.38
C SER B 224 -11.59 -11.06 -63.95
N LEU B 225 -11.69 -9.86 -63.37
CA LEU B 225 -12.18 -9.72 -62.01
C LEU B 225 -13.63 -10.14 -61.92
N ARG B 226 -13.96 -10.91 -60.89
CA ARG B 226 -15.31 -11.43 -60.71
C ARG B 226 -15.63 -11.52 -59.23
N LEU B 227 -16.92 -11.69 -58.94
CA LEU B 227 -17.41 -11.76 -57.56
C LEU B 227 -18.10 -13.10 -57.35
N VAL B 228 -17.82 -13.73 -56.21
CA VAL B 228 -18.32 -15.06 -55.90
C VAL B 228 -18.95 -15.05 -54.52
N ASP B 229 -20.04 -15.79 -54.37
CA ASP B 229 -20.78 -15.98 -53.12
C ASP B 229 -21.48 -14.72 -52.64
N GLY B 230 -21.55 -13.69 -53.47
CA GLY B 230 -22.28 -12.51 -53.08
C GLY B 230 -23.78 -12.69 -53.13
N VAL B 231 -24.48 -11.86 -52.35
CA VAL B 231 -25.94 -11.89 -52.39
C VAL B 231 -26.45 -11.41 -53.74
N THR B 232 -25.75 -10.46 -54.35
CA THR B 232 -26.10 -9.95 -55.67
C THR B 232 -24.87 -10.02 -56.56
N GLU B 233 -25.07 -9.70 -57.84
CA GLU B 233 -23.95 -9.73 -58.79
C GLU B 233 -22.95 -8.61 -58.51
N CYS B 234 -23.39 -7.53 -57.86
CA CYS B 234 -22.49 -6.43 -57.53
C CYS B 234 -21.73 -6.66 -56.24
N SER B 235 -21.97 -7.77 -55.55
CA SER B 235 -21.31 -8.08 -54.30
C SER B 235 -20.70 -9.48 -54.36
N GLY B 236 -19.65 -9.68 -53.56
CA GLY B 236 -19.04 -10.98 -53.47
C GLY B 236 -17.56 -10.88 -53.14
N ARG B 237 -16.93 -12.05 -53.13
CA ARG B 237 -15.49 -12.15 -52.92
C ARG B 237 -14.76 -12.07 -54.25
N LEU B 238 -13.70 -11.27 -54.28
CA LEU B 238 -12.96 -11.06 -55.51
C LEU B 238 -12.23 -12.33 -55.94
N GLU B 239 -12.33 -12.63 -57.24
CA GLU B 239 -11.58 -13.72 -57.84
C GLU B 239 -10.96 -13.25 -59.13
N VAL B 240 -9.66 -13.49 -59.30
CA VAL B 240 -8.94 -13.13 -60.50
C VAL B 240 -8.28 -14.39 -61.06
N ARG B 241 -8.31 -14.52 -62.39
CA ARG B 241 -7.79 -15.69 -63.07
C ARG B 241 -6.45 -15.33 -63.70
N PHE B 242 -5.42 -16.08 -63.35
CA PHE B 242 -4.09 -15.88 -63.91
C PHE B 242 -3.58 -17.20 -64.46
N GLN B 243 -3.16 -17.20 -65.73
CA GLN B 243 -2.73 -18.41 -66.43
C GLN B 243 -3.83 -19.47 -66.44
N GLY B 244 -5.09 -19.02 -66.43
CA GLY B 244 -6.22 -19.92 -66.40
C GLY B 244 -6.60 -20.45 -65.03
N GLU B 245 -5.90 -20.05 -63.98
CA GLU B 245 -6.17 -20.50 -62.62
C GLU B 245 -6.82 -19.38 -61.82
N TRP B 246 -7.91 -19.71 -61.12
CA TRP B 246 -8.65 -18.73 -60.35
C TRP B 246 -8.08 -18.64 -58.93
N GLY B 247 -7.92 -17.41 -58.46
CA GLY B 247 -7.40 -17.18 -57.12
C GLY B 247 -8.02 -15.94 -56.52
N THR B 248 -7.95 -15.86 -55.19
CA THR B 248 -8.50 -14.73 -54.46
C THR B 248 -7.46 -13.62 -54.36
N ILE B 249 -7.83 -12.53 -53.68
CA ILE B 249 -6.97 -11.37 -53.48
C ILE B 249 -6.84 -11.14 -51.99
N CYS B 250 -5.60 -10.94 -51.53
CA CYS B 250 -5.34 -10.76 -50.11
C CYS B 250 -6.04 -9.51 -49.58
N ASP B 251 -6.52 -9.60 -48.34
CA ASP B 251 -7.19 -8.47 -47.70
C ASP B 251 -6.24 -7.30 -47.49
N ASP B 252 -5.01 -7.58 -47.06
CA ASP B 252 -4.08 -6.51 -46.73
C ASP B 252 -3.73 -5.69 -47.96
N GLY B 253 -3.59 -4.38 -47.77
CA GLY B 253 -3.28 -3.47 -48.85
C GLY B 253 -4.47 -2.98 -49.63
N TRP B 254 -5.67 -3.49 -49.35
CA TRP B 254 -6.86 -3.05 -50.06
C TRP B 254 -7.32 -1.69 -49.53
N ASP B 255 -7.79 -0.85 -50.43
CA ASP B 255 -8.22 0.50 -50.10
C ASP B 255 -9.57 0.78 -50.77
N SER B 256 -10.23 1.83 -50.29
CA SER B 256 -11.49 2.24 -50.90
C SER B 256 -11.29 2.63 -52.36
N TYR B 257 -10.14 3.19 -52.69
CA TYR B 257 -9.82 3.45 -54.09
C TYR B 257 -9.74 2.15 -54.88
N ASP B 258 -9.16 1.10 -54.28
CA ASP B 258 -9.10 -0.19 -54.95
C ASP B 258 -10.49 -0.74 -55.23
N ALA B 259 -11.42 -0.55 -54.28
CA ALA B 259 -12.80 -0.97 -54.50
C ALA B 259 -13.44 -0.20 -55.64
N ALA B 260 -13.15 1.11 -55.72
CA ALA B 260 -13.71 1.93 -56.80
C ALA B 260 -13.22 1.44 -58.16
N VAL B 261 -11.94 1.09 -58.25
CA VAL B 261 -11.40 0.54 -59.50
C VAL B 261 -12.09 -0.78 -59.83
N ALA B 262 -12.31 -1.61 -58.83
CA ALA B 262 -13.03 -2.87 -59.05
C ALA B 262 -14.46 -2.62 -59.50
N CYS B 263 -15.13 -1.63 -58.91
CA CYS B 263 -16.50 -1.34 -59.27
C CYS B 263 -16.62 -0.90 -60.72
N LYS B 264 -15.73 0.00 -61.17
CA LYS B 264 -15.79 0.47 -62.55
C LYS B 264 -15.36 -0.61 -63.53
N GLN B 265 -14.43 -1.48 -63.13
CA GLN B 265 -14.05 -2.59 -64.00
C GLN B 265 -15.19 -3.58 -64.19
N LEU B 266 -15.89 -3.91 -63.10
CA LEU B 266 -17.01 -4.84 -63.19
C LEU B 266 -18.23 -4.22 -63.86
N GLY B 267 -18.32 -2.89 -63.92
CA GLY B 267 -19.47 -2.22 -64.49
C GLY B 267 -20.57 -1.91 -63.50
N CYS B 268 -20.47 -2.38 -62.27
CA CYS B 268 -21.48 -2.09 -61.26
C CYS B 268 -21.40 -0.63 -60.86
N PRO B 269 -22.47 -0.08 -60.28
CA PRO B 269 -22.46 1.33 -59.88
C PRO B 269 -21.30 1.64 -58.95
N THR B 270 -20.64 2.77 -59.21
CA THR B 270 -19.45 3.17 -58.47
C THR B 270 -19.76 4.23 -57.41
N ALA B 271 -21.04 4.55 -57.20
CA ALA B 271 -21.39 5.53 -56.18
C ALA B 271 -20.97 5.08 -54.79
N VAL B 272 -21.18 3.81 -54.48
CA VAL B 272 -20.87 3.25 -53.18
C VAL B 272 -19.93 2.06 -53.38
N THR B 273 -18.79 2.09 -52.70
CA THR B 273 -17.80 1.02 -52.76
C THR B 273 -17.47 0.55 -51.34
N ALA B 274 -17.24 -0.75 -51.18
CA ALA B 274 -16.91 -1.33 -49.90
C ALA B 274 -15.70 -2.26 -50.03
N ILE B 275 -14.95 -2.40 -48.94
CA ILE B 275 -13.74 -3.20 -48.97
C ILE B 275 -14.02 -4.63 -48.50
N GLY B 276 -14.94 -4.82 -47.57
CA GLY B 276 -15.18 -6.13 -46.99
C GLY B 276 -16.02 -7.02 -47.89
N ARG B 277 -15.67 -8.30 -47.94
CA ARG B 277 -16.42 -9.27 -48.72
C ARG B 277 -17.71 -9.63 -48.00
N VAL B 278 -18.76 -9.87 -48.79
CA VAL B 278 -20.09 -10.15 -48.25
C VAL B 278 -20.25 -11.65 -48.09
N ASN B 279 -20.59 -12.07 -46.85
CA ASN B 279 -21.00 -13.42 -46.48
C ASN B 279 -20.27 -14.51 -47.26
N ALA B 280 -18.97 -14.33 -47.46
CA ALA B 280 -18.20 -15.17 -48.36
C ALA B 280 -17.29 -16.09 -47.54
N SER B 281 -17.42 -17.39 -47.78
CA SER B 281 -16.47 -18.34 -47.23
C SER B 281 -15.14 -18.22 -47.98
N LYS B 282 -14.05 -18.53 -47.27
CA LYS B 282 -12.75 -18.52 -47.91
C LYS B 282 -12.70 -19.55 -49.03
N GLY B 283 -12.05 -19.18 -50.13
CA GLY B 283 -11.94 -20.07 -51.26
C GLY B 283 -10.91 -21.16 -51.01
N PHE B 284 -10.62 -21.90 -52.09
CA PHE B 284 -9.67 -22.99 -52.04
C PHE B 284 -8.69 -22.84 -53.20
N GLY B 285 -7.41 -22.70 -52.88
CA GLY B 285 -6.38 -22.53 -53.88
C GLY B 285 -5.40 -21.46 -53.45
N HIS B 286 -4.82 -20.79 -54.44
CA HIS B 286 -3.81 -19.79 -54.20
C HIS B 286 -4.46 -18.40 -54.09
N ILE B 287 -3.62 -17.41 -53.78
CA ILE B 287 -4.00 -16.00 -53.78
C ILE B 287 -3.11 -15.31 -54.80
N TRP B 288 -3.72 -14.80 -55.88
CA TRP B 288 -2.92 -14.26 -56.97
C TRP B 288 -2.32 -12.90 -56.64
N LEU B 289 -3.08 -12.04 -55.97
CA LEU B 289 -2.65 -10.67 -55.71
C LEU B 289 -2.65 -10.37 -54.22
N ASP B 290 -1.66 -9.60 -53.78
CA ASP B 290 -1.54 -9.20 -52.38
C ASP B 290 -0.97 -7.79 -52.31
N SER B 291 -1.45 -7.04 -51.32
CA SER B 291 -0.92 -5.69 -51.01
C SER B 291 -0.95 -4.79 -52.24
N VAL B 292 -2.02 -4.89 -53.02
CA VAL B 292 -2.15 -4.12 -54.25
C VAL B 292 -2.47 -2.67 -53.89
N SER B 293 -1.72 -1.74 -54.47
CA SER B 293 -1.89 -0.32 -54.21
C SER B 293 -2.38 0.36 -55.48
N CYS B 294 -3.55 1.00 -55.41
CA CYS B 294 -4.13 1.71 -56.54
C CYS B 294 -4.66 3.05 -56.06
N GLN B 295 -4.38 4.11 -56.82
CA GLN B 295 -4.82 5.44 -56.45
C GLN B 295 -6.26 5.74 -56.85
N GLY B 296 -6.88 4.88 -57.66
CA GLY B 296 -8.30 5.00 -57.95
C GLY B 296 -8.63 5.43 -59.37
N HIS B 297 -7.88 6.39 -59.91
CA HIS B 297 -8.14 6.89 -61.26
C HIS B 297 -7.39 6.03 -62.28
N GLU B 298 -7.79 4.77 -62.34
CA GLU B 298 -7.18 3.80 -63.23
C GLU B 298 -8.26 2.98 -63.91
N PRO B 299 -8.01 2.53 -65.15
CA PRO B 299 -9.06 1.78 -65.86
C PRO B 299 -9.25 0.36 -65.33
N ALA B 300 -8.16 -0.35 -65.04
CA ALA B 300 -8.24 -1.75 -64.66
C ALA B 300 -7.40 -2.01 -63.43
N ILE B 301 -7.69 -3.12 -62.76
CA ILE B 301 -6.98 -3.48 -61.54
C ILE B 301 -5.53 -3.82 -61.83
N TRP B 302 -5.24 -4.29 -63.04
CA TRP B 302 -3.86 -4.67 -63.37
C TRP B 302 -2.99 -3.44 -63.60
N GLN B 303 -3.59 -2.32 -63.98
CA GLN B 303 -2.79 -1.12 -64.28
C GLN B 303 -2.07 -0.61 -63.05
N CYS B 304 -2.74 -0.59 -61.90
CA CYS B 304 -2.12 -0.08 -60.69
C CYS B 304 -1.07 -1.05 -60.15
N LYS B 305 -0.17 -0.50 -59.34
CA LYS B 305 0.94 -1.28 -58.78
C LYS B 305 0.42 -2.41 -57.89
N HIS B 306 1.00 -3.59 -58.07
CA HIS B 306 0.70 -4.74 -57.23
C HIS B 306 1.99 -5.44 -56.85
N HIS B 307 1.95 -6.16 -55.73
CA HIS B 307 3.14 -6.82 -55.19
C HIS B 307 3.29 -8.19 -55.87
N GLU B 308 3.72 -8.15 -57.13
CA GLU B 308 4.17 -9.33 -57.86
C GLU B 308 3.04 -10.32 -58.13
N TRP B 309 3.23 -11.20 -59.10
CA TRP B 309 2.21 -12.13 -59.57
C TRP B 309 2.55 -13.54 -59.11
N GLY B 310 1.72 -14.12 -58.24
CA GLY B 310 1.81 -15.52 -57.91
C GLY B 310 2.23 -15.87 -56.50
N LYS B 311 2.68 -14.92 -55.70
CA LYS B 311 3.10 -15.18 -54.33
C LYS B 311 2.31 -14.29 -53.38
N HIS B 312 1.87 -14.86 -52.26
CA HIS B 312 1.06 -14.16 -51.28
C HIS B 312 1.57 -14.46 -49.89
N TYR B 313 1.77 -13.41 -49.09
CA TYR B 313 2.13 -13.58 -47.68
C TYR B 313 0.91 -13.71 -46.78
N CYS B 314 -0.29 -13.53 -47.31
CA CYS B 314 -1.50 -13.52 -46.50
C CYS B 314 -2.12 -14.90 -46.40
N ASN B 315 -2.76 -15.17 -45.28
CA ASN B 315 -3.56 -16.37 -45.13
C ASN B 315 -4.76 -16.33 -46.07
N HIS B 316 -5.19 -17.51 -46.51
CA HIS B 316 -6.33 -17.57 -47.42
C HIS B 316 -7.64 -17.21 -46.73
N ASN B 317 -7.67 -17.14 -45.40
CA ASN B 317 -8.86 -16.70 -44.69
C ASN B 317 -9.15 -15.23 -44.96
N GLU B 318 -8.12 -14.46 -45.32
CA GLU B 318 -8.25 -13.03 -45.60
C GLU B 318 -8.36 -12.83 -47.10
N ASP B 319 -9.58 -12.64 -47.59
CA ASP B 319 -9.81 -12.43 -49.02
C ASP B 319 -10.62 -11.14 -49.20
N ALA B 320 -10.14 -10.27 -50.06
CA ALA B 320 -10.82 -9.00 -50.32
C ALA B 320 -12.08 -9.23 -51.14
N GLY B 321 -13.11 -8.45 -50.86
CA GLY B 321 -14.34 -8.49 -51.64
C GLY B 321 -14.99 -7.12 -51.75
N VAL B 322 -15.21 -6.67 -52.98
CA VAL B 322 -15.69 -5.31 -53.23
C VAL B 322 -17.20 -5.34 -53.39
N THR B 323 -17.88 -4.46 -52.67
CA THR B 323 -19.33 -4.31 -52.75
C THR B 323 -19.64 -2.97 -53.42
N CYS B 324 -20.38 -3.03 -54.53
CA CYS B 324 -20.75 -1.85 -55.29
C CYS B 324 -22.25 -1.65 -55.22
N SER B 325 -22.68 -0.40 -55.05
CA SER B 325 -24.10 -0.10 -54.93
C SER B 325 -24.36 1.35 -55.33
N ASP B 326 -25.64 1.64 -55.56
CA ASP B 326 -26.05 3.01 -55.87
C ASP B 326 -26.19 3.86 -54.61
N GLY B 327 -26.55 3.26 -53.49
CA GLY B 327 -26.77 3.98 -52.25
C GLY B 327 -28.19 3.99 -51.74
N SER B 328 -29.13 3.33 -52.42
CA SER B 328 -30.52 3.34 -52.00
C SER B 328 -30.92 2.09 -51.23
N ASP B 329 -30.34 0.93 -51.56
CA ASP B 329 -30.66 -0.30 -50.85
C ASP B 329 -30.23 -0.23 -49.39
N LEU B 330 -29.11 0.43 -49.15
CA LEU B 330 -28.61 0.60 -47.80
C LEU B 330 -29.56 1.41 -46.92
N GLU B 331 -29.77 0.92 -45.69
CA GLU B 331 -30.53 1.61 -44.65
C GLU B 331 -29.92 1.30 -43.30
N LEU B 332 -30.18 2.18 -42.33
CA LEU B 332 -29.81 1.99 -40.95
C LEU B 332 -31.06 1.94 -40.07
N ARG B 333 -31.05 1.04 -39.10
CA ARG B 333 -32.16 0.89 -38.17
C ARG B 333 -31.64 0.66 -36.77
N LEU B 334 -32.45 1.05 -35.78
CA LEU B 334 -32.12 0.85 -34.38
C LEU B 334 -33.19 -0.01 -33.75
N ARG B 335 -32.79 -0.92 -32.85
CA ARG B 335 -33.71 -1.89 -32.29
C ARG B 335 -33.36 -2.16 -30.83
N GLY B 336 -34.32 -2.75 -30.12
CA GLY B 336 -34.13 -3.16 -28.75
C GLY B 336 -34.55 -2.16 -27.71
N GLY B 337 -34.68 -0.88 -28.07
CA GLY B 337 -35.09 0.14 -27.13
C GLY B 337 -36.46 0.69 -27.44
N GLY B 338 -37.06 1.41 -26.50
CA GLY B 338 -38.41 1.91 -26.69
C GLY B 338 -38.50 2.86 -27.86
N SER B 339 -37.61 3.83 -27.92
CA SER B 339 -37.67 4.81 -28.99
C SER B 339 -37.13 4.22 -30.29
N ARG B 340 -37.42 4.92 -31.39
CA ARG B 340 -36.87 4.54 -32.67
C ARG B 340 -35.37 4.76 -32.73
N CYS B 341 -34.82 5.64 -31.90
CA CYS B 341 -33.43 6.06 -32.04
C CYS B 341 -32.49 5.35 -31.07
N ALA B 342 -32.98 4.88 -29.94
CA ALA B 342 -32.13 4.32 -28.89
C ALA B 342 -32.21 2.80 -28.91
N GLY B 343 -31.05 2.15 -28.88
CA GLY B 343 -30.98 0.71 -28.88
C GLY B 343 -29.72 0.24 -29.55
N THR B 344 -29.65 -1.06 -29.77
CA THR B 344 -28.52 -1.63 -30.51
C THR B 344 -28.60 -1.23 -31.98
N VAL B 345 -27.44 -1.15 -32.60
CA VAL B 345 -27.34 -0.69 -33.98
C VAL B 345 -27.51 -1.89 -34.91
N GLU B 346 -28.41 -1.75 -35.87
CA GLU B 346 -28.60 -2.75 -36.92
C GLU B 346 -28.36 -2.09 -38.27
N VAL B 347 -27.55 -2.73 -39.10
CA VAL B 347 -27.17 -2.20 -40.41
C VAL B 347 -27.68 -3.16 -41.47
N GLU B 348 -28.39 -2.62 -42.46
CA GLU B 348 -28.91 -3.41 -43.57
C GLU B 348 -28.35 -2.86 -44.87
N ILE B 349 -27.70 -3.72 -45.64
CA ILE B 349 -27.25 -3.40 -46.99
C ILE B 349 -27.57 -4.59 -47.88
N GLN B 350 -28.12 -4.33 -49.07
CA GLN B 350 -28.41 -5.34 -50.07
C GLN B 350 -29.18 -6.52 -49.45
N ARG B 351 -30.25 -6.20 -48.74
CA ARG B 351 -31.16 -7.16 -48.12
C ARG B 351 -30.52 -7.88 -46.93
N LEU B 352 -29.23 -7.70 -46.69
CA LEU B 352 -28.52 -8.44 -45.67
C LEU B 352 -28.49 -7.65 -44.36
N LEU B 353 -28.81 -8.31 -43.25
CA LEU B 353 -28.73 -7.71 -41.95
C LEU B 353 -27.32 -7.83 -41.38
N GLY B 354 -27.06 -7.08 -40.32
CA GLY B 354 -25.75 -7.13 -39.69
C GLY B 354 -25.67 -6.21 -38.49
N LYS B 355 -24.52 -6.27 -37.82
CA LYS B 355 -24.24 -5.46 -36.65
C LYS B 355 -22.85 -4.86 -36.78
N VAL B 356 -22.68 -3.67 -36.21
CA VAL B 356 -21.42 -2.93 -36.31
C VAL B 356 -20.60 -3.20 -35.05
N CYS B 357 -19.32 -3.48 -35.25
CA CYS B 357 -18.44 -3.88 -34.15
C CYS B 357 -18.19 -2.71 -33.20
N ASP B 358 -17.53 -3.01 -32.09
CA ASP B 358 -17.42 -2.10 -30.96
C ASP B 358 -16.10 -1.36 -30.92
N ARG B 359 -14.99 -2.02 -31.28
CA ARG B 359 -13.66 -1.50 -30.98
C ARG B 359 -13.44 -0.11 -31.55
N GLY B 360 -13.84 0.13 -32.80
CA GLY B 360 -13.66 1.44 -33.36
C GLY B 360 -14.70 2.45 -32.96
N TRP B 361 -15.78 2.00 -32.34
CA TRP B 361 -16.92 2.88 -32.05
C TRP B 361 -16.53 3.95 -31.04
N GLY B 362 -16.88 5.20 -31.36
CA GLY B 362 -16.58 6.32 -30.49
C GLY B 362 -17.72 7.32 -30.50
N LEU B 363 -17.67 8.24 -29.53
CA LEU B 363 -18.74 9.21 -29.39
C LEU B 363 -18.81 10.15 -30.58
N LYS B 364 -17.65 10.55 -31.13
CA LYS B 364 -17.67 11.41 -32.31
C LYS B 364 -18.29 10.69 -33.50
N GLU B 365 -17.99 9.40 -33.65
CA GLU B 365 -18.58 8.63 -34.75
C GLU B 365 -20.06 8.38 -34.50
N ALA B 366 -20.43 8.13 -33.24
CA ALA B 366 -21.82 7.81 -32.93
C ALA B 366 -22.75 8.97 -33.28
N ASP B 367 -22.32 10.21 -33.00
CA ASP B 367 -23.20 11.35 -33.24
C ASP B 367 -23.49 11.53 -34.72
N VAL B 368 -22.58 11.12 -35.59
CA VAL B 368 -22.84 11.14 -37.03
C VAL B 368 -24.01 10.23 -37.34
N VAL B 369 -24.05 9.05 -36.71
CA VAL B 369 -25.15 8.11 -36.94
C VAL B 369 -26.46 8.66 -36.40
N CYS B 370 -26.42 9.27 -35.20
CA CYS B 370 -27.66 9.73 -34.57
C CYS B 370 -28.33 10.82 -35.39
N ARG B 371 -27.57 11.81 -35.86
CA ARG B 371 -28.14 12.82 -36.73
C ARG B 371 -28.47 12.26 -38.10
N GLN B 372 -27.77 11.20 -38.53
CA GLN B 372 -28.19 10.50 -39.74
C GLN B 372 -29.58 9.92 -39.58
N LEU B 373 -29.85 9.31 -38.43
CA LEU B 373 -31.18 8.77 -38.16
C LEU B 373 -32.22 9.88 -38.03
N GLY B 374 -31.80 11.13 -37.89
CA GLY B 374 -32.72 12.24 -37.84
C GLY B 374 -33.15 12.70 -36.47
N CYS B 375 -32.47 12.25 -35.42
CA CYS B 375 -32.85 12.59 -34.05
C CYS B 375 -31.61 12.93 -33.23
N GLY B 376 -31.21 14.21 -33.28
CA GLY B 376 -30.18 14.74 -32.40
C GLY B 376 -28.82 14.06 -32.52
N SER B 377 -27.99 14.32 -31.50
CA SER B 377 -26.65 13.78 -31.40
C SER B 377 -26.64 12.52 -30.54
N ALA B 378 -25.44 12.05 -30.20
CA ALA B 378 -25.26 10.87 -29.37
C ALA B 378 -24.85 11.29 -27.96
N LEU B 379 -25.51 10.72 -26.96
CA LEU B 379 -25.25 11.05 -25.56
C LEU B 379 -24.43 9.98 -24.84
N LYS B 380 -24.90 8.74 -24.84
CA LYS B 380 -24.20 7.65 -24.18
C LYS B 380 -24.03 6.50 -25.16
N THR B 381 -22.84 5.90 -25.17
CA THR B 381 -22.54 4.77 -26.05
C THR B 381 -23.03 3.46 -25.44
N SER B 382 -24.29 3.42 -25.05
CA SER B 382 -24.94 2.23 -24.54
C SER B 382 -26.44 2.40 -24.73
N TYR B 383 -27.20 1.40 -24.29
CA TYR B 383 -28.64 1.49 -24.36
C TYR B 383 -29.26 0.55 -23.33
N GLN B 384 -30.57 0.65 -23.20
CA GLN B 384 -31.28 -0.27 -22.32
C GLN B 384 -32.21 -1.06 -23.23
N VAL B 385 -32.54 -2.29 -22.87
CA VAL B 385 -33.34 -3.13 -23.76
C VAL B 385 -34.70 -3.56 -23.25
N TYR B 386 -35.73 -3.41 -24.08
CA TYR B 386 -37.06 -3.83 -23.69
C TYR B 386 -37.47 -5.13 -24.37
N SER B 387 -36.68 -5.61 -25.32
CA SER B 387 -36.96 -6.85 -26.01
C SER B 387 -35.69 -7.39 -26.65
N LYS B 388 -35.63 -8.72 -26.78
CA LYS B 388 -34.53 -9.37 -27.50
C LYS B 388 -34.55 -8.93 -28.95
N ILE B 389 -33.38 -8.66 -29.52
CA ILE B 389 -33.33 -7.97 -30.80
C ILE B 389 -33.34 -8.95 -31.96
N GLN B 390 -32.25 -9.70 -32.13
CA GLN B 390 -32.08 -10.60 -33.25
C GLN B 390 -30.71 -11.28 -33.18
N ALA B 391 -30.44 -12.21 -34.11
CA ALA B 391 -29.12 -12.79 -34.27
C ALA B 391 -28.68 -12.61 -35.71
N THR B 392 -27.41 -12.28 -35.91
CA THR B 392 -26.87 -12.08 -37.25
C THR B 392 -25.39 -12.42 -37.26
N ASN B 393 -24.92 -12.95 -38.39
CA ASN B 393 -23.53 -13.40 -38.50
C ASN B 393 -22.61 -12.38 -39.17
N THR B 394 -23.09 -11.67 -40.18
CA THR B 394 -22.24 -10.71 -40.86
C THR B 394 -22.03 -9.48 -39.98
N TRP B 395 -20.80 -8.94 -39.99
CA TRP B 395 -20.42 -7.85 -39.11
C TRP B 395 -19.70 -6.77 -39.90
N LEU B 396 -19.76 -5.55 -39.39
CA LEU B 396 -19.13 -4.38 -39.98
C LEU B 396 -18.43 -3.59 -38.87
N PHE B 397 -17.42 -2.80 -39.26
CA PHE B 397 -16.74 -1.97 -38.27
C PHE B 397 -16.11 -0.77 -38.95
N LEU B 398 -16.03 0.34 -38.22
CA LEU B 398 -15.40 1.57 -38.68
C LEU B 398 -14.17 1.85 -37.84
N SER B 399 -13.06 2.15 -38.52
CA SER B 399 -11.83 2.49 -37.79
C SER B 399 -12.00 3.78 -36.99
N SER B 400 -12.46 4.85 -37.63
CA SER B 400 -12.72 6.11 -36.98
C SER B 400 -13.44 7.03 -37.97
N CYS B 401 -14.02 8.09 -37.44
CA CYS B 401 -14.69 9.08 -38.27
C CYS B 401 -14.39 10.47 -37.71
N ASN B 402 -14.28 11.45 -38.62
CA ASN B 402 -13.84 12.78 -38.21
C ASN B 402 -14.91 13.46 -37.36
N GLY B 403 -16.18 13.38 -37.78
CA GLY B 403 -17.29 13.84 -36.96
C GLY B 403 -18.19 14.88 -37.61
N ASN B 404 -17.76 15.57 -38.66
CA ASN B 404 -18.58 16.60 -39.27
C ASN B 404 -19.51 16.06 -40.36
N GLU B 405 -19.38 14.79 -40.71
CA GLU B 405 -20.18 14.23 -41.79
C GLU B 405 -21.60 13.93 -41.31
N THR B 406 -22.57 14.12 -42.21
CA THR B 406 -23.97 13.93 -41.84
C THR B 406 -24.28 12.46 -41.57
N SER B 407 -23.89 11.58 -42.49
CA SER B 407 -24.22 10.16 -42.40
C SER B 407 -22.96 9.31 -42.43
N LEU B 408 -23.07 8.12 -41.85
CA LEU B 408 -21.93 7.21 -41.79
C LEU B 408 -21.47 6.80 -43.18
N TRP B 409 -22.37 6.89 -44.17
CA TRP B 409 -22.03 6.51 -45.53
C TRP B 409 -21.20 7.57 -46.22
N ASP B 410 -21.28 8.83 -45.78
CA ASP B 410 -20.30 9.82 -46.22
C ASP B 410 -18.95 9.57 -45.57
N CYS B 411 -18.94 8.96 -44.40
CA CYS B 411 -17.69 8.63 -43.73
C CYS B 411 -16.92 7.59 -44.54
N LYS B 412 -15.60 7.62 -44.41
CA LYS B 412 -14.73 6.92 -45.36
C LYS B 412 -14.34 5.54 -44.85
N ASN B 413 -14.09 4.63 -45.80
CA ASN B 413 -13.46 3.34 -45.56
C ASN B 413 -14.26 2.48 -44.57
N TRP B 414 -15.45 2.08 -45.01
CA TRP B 414 -16.26 1.12 -44.29
C TRP B 414 -16.27 -0.19 -45.07
N GLN B 415 -16.11 -1.30 -44.35
CA GLN B 415 -16.03 -2.62 -44.95
C GLN B 415 -17.16 -3.49 -44.42
N TRP B 416 -17.79 -4.25 -45.33
CA TRP B 416 -18.96 -5.04 -45.01
C TRP B 416 -18.59 -6.52 -44.98
N GLY B 417 -18.48 -7.08 -43.78
CA GLY B 417 -18.26 -8.51 -43.62
C GLY B 417 -16.90 -9.02 -44.04
N GLY B 418 -15.90 -8.15 -44.19
CA GLY B 418 -14.59 -8.61 -44.58
C GLY B 418 -13.94 -9.48 -43.52
N LEU B 419 -14.07 -9.10 -42.25
CA LEU B 419 -13.45 -9.82 -41.16
C LEU B 419 -14.46 -9.96 -40.03
N THR B 420 -14.28 -10.99 -39.20
CA THR B 420 -15.16 -11.23 -38.07
C THR B 420 -14.43 -10.87 -36.78
N CYS B 421 -15.03 -9.98 -35.99
CA CYS B 421 -14.46 -9.53 -34.72
C CYS B 421 -15.23 -10.22 -33.59
N ASP B 422 -14.54 -11.10 -32.86
CA ASP B 422 -15.16 -11.78 -31.73
C ASP B 422 -14.92 -11.06 -30.42
N HIS B 423 -13.80 -10.34 -30.30
CA HIS B 423 -13.47 -9.67 -29.06
C HIS B 423 -14.49 -8.58 -28.71
N TYR B 424 -14.98 -7.87 -29.72
CA TYR B 424 -15.83 -6.71 -29.54
C TYR B 424 -17.24 -7.01 -29.98
N GLU B 425 -18.21 -6.56 -29.19
CA GLU B 425 -19.62 -6.82 -29.45
C GLU B 425 -20.17 -5.79 -30.44
N GLU B 426 -21.49 -5.75 -30.59
CA GLU B 426 -22.12 -4.84 -31.52
C GLU B 426 -22.13 -3.41 -30.94
N ALA B 427 -22.44 -2.45 -31.81
CA ALA B 427 -22.45 -1.06 -31.41
C ALA B 427 -23.64 -0.76 -30.50
N LYS B 428 -23.46 0.24 -29.64
CA LYS B 428 -24.50 0.64 -28.69
C LYS B 428 -24.59 2.15 -28.66
N ILE B 429 -25.80 2.69 -28.77
CA ILE B 429 -26.03 4.12 -28.67
C ILE B 429 -27.36 4.39 -27.99
N THR B 430 -27.48 5.55 -27.36
CA THR B 430 -28.74 6.10 -26.89
C THR B 430 -28.76 7.57 -27.29
N CYS B 431 -29.21 7.85 -28.50
CA CYS B 431 -29.19 9.23 -28.98
C CYS B 431 -30.23 10.07 -28.25
N SER B 432 -30.08 11.38 -28.37
CA SER B 432 -31.13 12.26 -27.90
C SER B 432 -32.39 12.03 -28.72
N ALA B 433 -33.50 12.61 -28.25
CA ALA B 433 -34.85 12.41 -28.75
C ALA B 433 -35.36 11.01 -28.42
N HIS B 434 -34.56 10.17 -27.77
CA HIS B 434 -35.10 8.94 -27.19
C HIS B 434 -36.11 9.27 -26.11
N ARG B 435 -35.79 10.24 -25.25
CA ARG B 435 -36.76 10.87 -24.36
C ARG B 435 -36.44 12.36 -24.36
N GLU B 436 -37.05 13.10 -25.29
CA GLU B 436 -36.78 14.53 -25.39
C GLU B 436 -37.91 15.31 -24.75
N PRO B 437 -37.68 15.97 -23.64
CA PRO B 437 -38.76 16.70 -22.95
C PRO B 437 -38.98 18.08 -23.51
N ARG B 438 -40.24 18.51 -23.41
CA ARG B 438 -40.63 19.88 -23.75
C ARG B 438 -41.62 20.37 -22.72
N LEU B 439 -41.79 21.68 -22.67
CA LEU B 439 -42.68 22.32 -21.71
C LEU B 439 -43.60 23.27 -22.45
N VAL B 440 -44.91 23.13 -22.22
CA VAL B 440 -45.90 23.99 -22.85
C VAL B 440 -47.06 24.17 -21.90
N GLY B 441 -47.83 25.24 -22.11
CA GLY B 441 -48.98 25.53 -21.29
C GLY B 441 -48.77 26.59 -20.23
N GLY B 442 -47.61 27.24 -20.21
CA GLY B 442 -47.35 28.27 -19.24
C GLY B 442 -47.02 29.61 -19.86
N ASP B 443 -47.64 30.68 -19.36
CA ASP B 443 -47.36 32.01 -19.88
C ASP B 443 -45.91 32.40 -19.61
N ILE B 444 -45.42 32.14 -18.41
CA ILE B 444 -44.05 32.45 -18.04
C ILE B 444 -43.12 31.43 -18.67
N PRO B 445 -41.94 31.83 -19.15
CA PRO B 445 -41.02 30.86 -19.72
C PRO B 445 -40.45 29.94 -18.65
N CYS B 446 -40.00 28.77 -19.11
CA CYS B 446 -39.36 27.78 -18.24
C CYS B 446 -40.27 27.37 -17.09
N SER B 447 -41.56 27.22 -17.38
CA SER B 447 -42.52 26.72 -16.41
C SER B 447 -43.80 26.33 -17.14
N GLY B 448 -44.33 25.18 -16.81
CA GLY B 448 -45.57 24.73 -17.41
C GLY B 448 -45.71 23.22 -17.36
N ARG B 449 -46.63 22.72 -18.18
CA ARG B 449 -46.89 21.30 -18.26
C ARG B 449 -45.79 20.59 -19.05
N VAL B 450 -45.57 19.31 -18.72
CA VAL B 450 -44.51 18.50 -19.31
C VAL B 450 -45.11 17.51 -20.28
N GLU B 451 -44.50 17.40 -21.47
CA GLU B 451 -44.89 16.42 -22.47
C GLU B 451 -43.62 15.70 -22.94
N VAL B 452 -43.29 14.61 -22.26
CA VAL B 452 -42.14 13.82 -22.66
C VAL B 452 -42.45 13.09 -23.96
N LYS B 453 -41.49 13.04 -24.87
CA LYS B 453 -41.69 12.37 -26.14
C LYS B 453 -40.82 11.13 -26.23
N HIS B 454 -41.34 10.11 -26.91
CA HIS B 454 -40.58 8.93 -27.31
C HIS B 454 -40.45 8.98 -28.82
N GLY B 455 -39.20 9.02 -29.31
CA GLY B 455 -39.00 9.06 -30.73
C GLY B 455 -39.60 10.30 -31.36
N ASP B 456 -40.72 10.14 -32.08
CA ASP B 456 -41.34 11.22 -32.80
C ASP B 456 -42.80 11.44 -32.44
N THR B 457 -43.29 10.81 -31.37
CA THR B 457 -44.68 10.96 -30.95
C THR B 457 -44.72 11.62 -29.58
N TRP B 458 -45.46 12.73 -29.50
CA TRP B 458 -45.56 13.50 -28.26
C TRP B 458 -46.65 12.91 -27.38
N GLY B 459 -46.44 12.96 -26.06
CA GLY B 459 -47.44 12.48 -25.13
C GLY B 459 -47.23 13.10 -23.76
N SER B 460 -48.14 12.77 -22.85
CA SER B 460 -48.07 13.29 -21.49
C SER B 460 -47.39 12.28 -20.57
N ILE B 461 -47.37 12.60 -19.28
CA ILE B 461 -46.85 11.72 -18.24
C ILE B 461 -47.86 11.64 -17.12
N CYS B 462 -48.19 10.43 -16.68
CA CYS B 462 -49.12 10.26 -15.57
C CYS B 462 -48.48 10.76 -14.27
N ASP B 463 -49.35 11.11 -13.31
CA ASP B 463 -48.88 11.72 -12.08
C ASP B 463 -48.02 10.76 -11.27
N SER B 464 -48.44 9.50 -11.15
CA SER B 464 -47.68 8.55 -10.34
C SER B 464 -46.33 8.25 -11.00
N ASP B 465 -46.25 8.42 -12.31
CA ASP B 465 -45.04 8.03 -13.04
C ASP B 465 -43.87 8.93 -12.70
N PHE B 466 -44.12 10.23 -12.55
CA PHE B 466 -43.04 11.19 -12.41
C PHE B 466 -42.44 11.15 -11.00
N SER B 467 -41.19 11.61 -10.90
CA SER B 467 -40.48 11.66 -9.63
C SER B 467 -39.78 13.00 -9.50
N LEU B 468 -39.47 13.36 -8.25
CA LEU B 468 -38.80 14.62 -8.00
C LEU B 468 -37.42 14.65 -8.64
N GLU B 469 -36.69 13.53 -8.58
CA GLU B 469 -35.42 13.45 -9.28
C GLU B 469 -35.62 13.60 -10.78
N ALA B 470 -36.71 13.04 -11.31
CA ALA B 470 -37.04 13.24 -12.71
C ALA B 470 -37.36 14.70 -13.00
N ALA B 471 -37.97 15.39 -12.04
CA ALA B 471 -38.22 16.81 -12.23
C ALA B 471 -36.93 17.61 -12.31
N SER B 472 -35.97 17.30 -11.43
CA SER B 472 -34.72 18.06 -11.41
C SER B 472 -33.96 17.88 -12.72
N VAL B 473 -33.86 16.65 -13.21
CA VAL B 473 -33.13 16.42 -14.45
C VAL B 473 -33.86 17.06 -15.63
N LEU B 474 -35.18 17.10 -15.60
CA LEU B 474 -35.93 17.74 -16.66
C LEU B 474 -35.59 19.22 -16.75
N CYS B 475 -35.50 19.90 -15.60
CA CYS B 475 -35.11 21.30 -15.60
C CYS B 475 -33.70 21.47 -16.13
N ARG B 476 -32.80 20.54 -15.79
CA ARG B 476 -31.43 20.64 -16.26
C ARG B 476 -31.36 20.57 -17.78
N GLU B 477 -32.13 19.65 -18.39
CA GLU B 477 -32.06 19.51 -19.84
C GLU B 477 -32.69 20.72 -20.54
N LEU B 478 -33.68 21.35 -19.91
CA LEU B 478 -34.23 22.58 -20.45
C LEU B 478 -33.44 23.82 -20.02
N GLN B 479 -32.39 23.66 -19.21
CA GLN B 479 -31.55 24.77 -18.77
C GLN B 479 -32.37 25.84 -18.07
N CYS B 480 -33.33 25.44 -17.24
CA CYS B 480 -34.23 26.38 -16.59
C CYS B 480 -33.97 26.55 -15.09
N GLY B 481 -33.00 25.85 -14.53
CA GLY B 481 -32.67 26.05 -13.13
C GLY B 481 -32.89 24.84 -12.26
N THR B 482 -33.75 24.97 -11.25
CA THR B 482 -34.06 23.88 -10.35
C THR B 482 -35.57 23.80 -10.14
N VAL B 483 -36.03 22.62 -9.79
CA VAL B 483 -37.46 22.37 -9.62
C VAL B 483 -37.95 23.07 -8.36
N VAL B 484 -39.02 23.83 -8.49
CA VAL B 484 -39.62 24.53 -7.37
C VAL B 484 -40.87 23.80 -6.88
N SER B 485 -41.69 23.29 -7.79
CA SER B 485 -42.90 22.59 -7.42
C SER B 485 -43.30 21.62 -8.52
N ILE B 486 -43.81 20.47 -8.12
CA ILE B 486 -44.34 19.47 -9.03
C ILE B 486 -45.86 19.57 -8.95
N LEU B 487 -46.48 20.01 -10.03
CA LEU B 487 -47.91 20.30 -10.05
C LEU B 487 -48.65 19.20 -10.79
N GLY B 488 -49.58 18.55 -10.10
CA GLY B 488 -50.45 17.57 -10.69
C GLY B 488 -51.86 18.08 -10.86
N GLY B 489 -52.79 17.15 -11.08
CA GLY B 489 -54.18 17.53 -11.19
C GLY B 489 -54.52 18.33 -12.43
N ALA B 490 -53.67 18.30 -13.45
CA ALA B 490 -53.92 19.00 -14.71
C ALA B 490 -54.12 20.49 -14.49
N HIS B 491 -53.36 21.07 -13.56
CA HIS B 491 -53.51 22.49 -13.26
C HIS B 491 -53.19 23.36 -14.46
N PHE B 492 -52.15 23.01 -15.22
CA PHE B 492 -51.77 23.83 -16.35
C PHE B 492 -52.60 23.56 -17.59
N GLY B 493 -53.42 22.53 -17.59
CA GLY B 493 -54.28 22.26 -18.71
C GLY B 493 -54.53 20.77 -18.87
N GLU B 494 -55.23 20.45 -19.96
CA GLU B 494 -55.57 19.07 -20.28
C GLU B 494 -54.72 18.58 -21.46
N GLY B 495 -54.50 17.28 -21.51
CA GLY B 495 -53.70 16.67 -22.56
C GLY B 495 -54.58 15.96 -23.57
N ASN B 496 -54.19 16.04 -24.84
CA ASN B 496 -54.94 15.42 -25.92
C ASN B 496 -54.29 14.18 -26.48
N GLY B 497 -52.96 14.16 -26.57
CA GLY B 497 -52.28 12.98 -27.05
C GLY B 497 -52.31 11.85 -26.04
N GLN B 498 -51.90 10.67 -26.49
CA GLN B 498 -51.95 9.50 -25.62
C GLN B 498 -50.96 9.64 -24.47
N ILE B 499 -51.15 8.79 -23.46
CA ILE B 499 -50.37 8.86 -22.22
C ILE B 499 -49.47 7.64 -22.14
N TRP B 500 -48.18 7.87 -21.94
CA TRP B 500 -47.25 6.78 -21.68
C TRP B 500 -47.40 6.31 -20.23
N ALA B 501 -46.88 5.11 -19.97
CA ALA B 501 -47.00 4.51 -18.65
C ALA B 501 -45.66 4.13 -18.03
N GLU B 502 -44.54 4.44 -18.69
CA GLU B 502 -43.25 4.07 -18.13
C GLU B 502 -42.89 4.97 -16.96
N GLU B 503 -42.33 4.37 -15.91
CA GLU B 503 -41.98 5.08 -14.70
C GLU B 503 -40.49 5.36 -14.68
N PHE B 504 -40.14 6.63 -14.51
CA PHE B 504 -38.74 7.03 -14.45
C PHE B 504 -38.15 6.70 -13.08
N GLN B 505 -36.85 6.43 -13.08
CA GLN B 505 -36.11 6.10 -11.87
C GLN B 505 -34.78 6.85 -11.85
N CYS B 506 -34.80 8.12 -12.27
CA CYS B 506 -33.57 8.89 -12.38
C CYS B 506 -32.91 9.05 -11.01
N GLU B 507 -31.58 8.97 -11.00
CA GLU B 507 -30.84 9.10 -9.75
C GLU B 507 -30.65 10.54 -9.31
N GLY B 508 -30.80 11.51 -10.21
CA GLY B 508 -30.79 12.92 -9.86
C GLY B 508 -29.70 13.74 -10.52
N HIS B 509 -28.56 13.14 -10.86
CA HIS B 509 -27.45 13.89 -11.44
C HIS B 509 -27.34 13.71 -12.95
N GLU B 510 -28.39 13.22 -13.60
CA GLU B 510 -28.34 12.99 -15.04
C GLU B 510 -28.23 14.29 -15.80
N SER B 511 -27.37 14.30 -16.82
CA SER B 511 -27.25 15.47 -17.69
C SER B 511 -28.47 15.61 -18.58
N HIS B 512 -29.12 14.51 -18.91
CA HIS B 512 -30.33 14.52 -19.73
C HIS B 512 -31.29 13.48 -19.19
N LEU B 513 -32.56 13.62 -19.56
CA LEU B 513 -33.56 12.64 -19.14
C LEU B 513 -33.39 11.32 -19.88
N SER B 514 -32.79 11.32 -21.06
CA SER B 514 -32.62 10.09 -21.82
C SER B 514 -31.67 9.12 -21.14
N LEU B 515 -30.81 9.61 -20.26
CA LEU B 515 -29.87 8.77 -19.53
C LEU B 515 -30.46 8.32 -18.19
N CYS B 516 -31.67 7.77 -18.21
CA CYS B 516 -32.35 7.44 -16.97
C CYS B 516 -32.86 6.01 -17.01
N PRO B 517 -32.69 5.27 -15.91
CA PRO B 517 -33.24 3.91 -15.86
C PRO B 517 -34.77 3.97 -15.82
N VAL B 518 -35.39 3.32 -16.80
CA VAL B 518 -36.84 3.35 -16.97
C VAL B 518 -37.38 1.98 -16.60
N ALA B 519 -38.38 1.97 -15.73
CA ALA B 519 -39.03 0.72 -15.32
C ALA B 519 -40.43 0.69 -15.92
N PRO B 520 -40.64 0.02 -17.06
CA PRO B 520 -41.93 0.09 -17.74
C PRO B 520 -42.93 -0.88 -17.13
N ARG B 521 -43.99 -0.34 -16.56
CA ARG B 521 -45.10 -1.16 -16.10
C ARG B 521 -45.82 -1.74 -17.31
N PRO B 522 -46.58 -2.81 -17.12
CA PRO B 522 -47.41 -3.33 -18.22
C PRO B 522 -48.40 -2.28 -18.71
N GLU B 523 -48.97 -2.55 -19.88
CA GLU B 523 -49.86 -1.59 -20.52
C GLU B 523 -51.03 -1.24 -19.61
N GLY B 524 -51.36 0.05 -19.57
CA GLY B 524 -52.37 0.57 -18.68
C GLY B 524 -52.01 1.96 -18.20
N THR B 525 -52.96 2.89 -18.25
CA THR B 525 -52.66 4.30 -17.98
C THR B 525 -53.77 4.92 -17.15
N CYS B 526 -53.43 6.04 -16.52
CA CYS B 526 -54.41 6.86 -15.84
C CYS B 526 -55.11 7.77 -16.84
N SER B 527 -56.17 8.43 -16.38
CA SER B 527 -56.91 9.34 -17.23
C SER B 527 -56.10 10.61 -17.50
N HIS B 528 -56.51 11.34 -18.54
CA HIS B 528 -55.81 12.56 -18.91
C HIS B 528 -55.88 13.63 -17.85
N SER B 529 -56.84 13.54 -16.93
CA SER B 529 -57.00 14.55 -15.90
C SER B 529 -55.88 14.53 -14.86
N ARG B 530 -55.02 13.52 -14.89
CA ARG B 530 -53.99 13.35 -13.87
C ARG B 530 -52.59 13.62 -14.39
N ASP B 531 -52.45 14.33 -15.50
CA ASP B 531 -51.11 14.64 -15.99
C ASP B 531 -50.43 15.67 -15.10
N VAL B 532 -49.11 15.70 -15.16
CA VAL B 532 -48.30 16.45 -14.20
C VAL B 532 -47.66 17.65 -14.89
N GLY B 533 -47.29 18.63 -14.09
CA GLY B 533 -46.56 19.79 -14.58
C GLY B 533 -45.51 20.22 -13.58
N VAL B 534 -44.36 20.65 -14.09
CA VAL B 534 -43.22 21.01 -13.27
C VAL B 534 -43.00 22.51 -13.38
N VAL B 535 -42.36 23.10 -12.36
CA VAL B 535 -42.10 24.53 -12.30
C VAL B 535 -40.61 24.71 -11.97
N CYS B 536 -39.80 24.93 -13.01
CA CYS B 536 -38.41 25.28 -12.78
C CYS B 536 -38.29 26.76 -12.39
N SER B 537 -37.12 27.12 -11.87
CA SER B 537 -36.85 28.47 -11.38
C SER B 537 -35.98 29.22 -12.37
N ARG B 538 -36.59 29.73 -13.44
CA ARG B 538 -35.98 30.77 -14.25
C ARG B 538 -36.85 32.01 -14.33
N TYR B 539 -38.14 31.83 -14.64
CA TYR B 539 -39.23 32.74 -14.23
C TYR B 539 -38.99 34.20 -14.59
N THR B 540 -38.01 34.52 -15.42
CA THR B 540 -37.74 35.91 -15.73
C THR B 540 -37.28 36.05 -17.17
N GLU B 541 -37.87 37.00 -17.89
CA GLU B 541 -37.58 37.24 -19.29
C GLU B 541 -37.02 38.64 -19.44
N ILE B 542 -35.84 38.75 -20.05
CA ILE B 542 -35.15 40.02 -20.24
C ILE B 542 -34.86 40.18 -21.72
N ARG B 543 -35.24 41.33 -22.28
CA ARG B 543 -35.02 41.60 -23.69
C ARG B 543 -34.45 43.00 -23.86
N LEU B 544 -33.62 43.16 -24.90
CA LEU B 544 -33.03 44.44 -25.23
C LEU B 544 -33.89 45.12 -26.28
N VAL B 545 -34.33 46.35 -25.99
CA VAL B 545 -35.24 47.08 -26.85
C VAL B 545 -34.61 48.42 -27.20
N ASN B 546 -34.97 48.96 -28.36
CA ASN B 546 -34.52 50.29 -28.81
C ASN B 546 -32.99 50.34 -28.94
N GLY B 547 -32.41 49.28 -29.45
CA GLY B 547 -30.97 49.19 -29.65
C GLY B 547 -30.64 49.13 -31.13
N LYS B 548 -29.58 49.84 -31.51
CA LYS B 548 -29.20 49.87 -32.92
C LYS B 548 -28.61 48.56 -33.40
N THR B 549 -27.92 47.84 -32.53
CA THR B 549 -27.34 46.55 -32.88
C THR B 549 -27.80 45.51 -31.87
N PRO B 550 -27.86 44.24 -32.25
CA PRO B 550 -28.41 43.22 -31.34
C PRO B 550 -27.68 43.12 -30.01
N CYS B 551 -26.39 43.44 -29.96
CA CYS B 551 -25.64 43.24 -28.72
C CYS B 551 -25.84 44.35 -27.70
N GLU B 552 -26.53 45.42 -28.07
CA GLU B 552 -26.85 46.49 -27.11
C GLU B 552 -28.32 46.87 -27.23
N GLY B 553 -28.90 47.33 -26.12
CA GLY B 553 -30.28 47.76 -26.14
C GLY B 553 -30.73 48.16 -24.76
N ARG B 554 -31.86 48.85 -24.71
CA ARG B 554 -32.47 49.21 -23.44
C ARG B 554 -33.01 47.95 -22.76
N VAL B 555 -32.67 47.78 -21.49
CA VAL B 555 -33.01 46.55 -20.77
C VAL B 555 -34.43 46.67 -20.22
N GLU B 556 -35.26 45.68 -20.55
CA GLU B 556 -36.61 45.61 -20.02
C GLU B 556 -36.90 44.20 -19.50
N LEU B 557 -37.74 44.14 -18.48
CA LEU B 557 -38.22 42.87 -17.95
C LEU B 557 -39.74 42.92 -17.88
N LYS B 558 -40.38 41.78 -18.17
CA LYS B 558 -41.83 41.70 -18.23
C LYS B 558 -42.35 40.95 -17.02
N THR B 559 -43.27 41.56 -16.30
CA THR B 559 -43.94 40.94 -15.18
C THR B 559 -45.35 41.49 -15.06
N LEU B 560 -46.25 40.65 -14.54
CA LEU B 560 -47.66 41.01 -14.44
C LEU B 560 -48.24 41.41 -15.79
N GLY B 561 -47.77 40.77 -16.85
CA GLY B 561 -48.29 41.03 -18.18
C GLY B 561 -48.07 42.45 -18.67
N ALA B 562 -46.88 43.00 -18.43
CA ALA B 562 -46.57 44.35 -18.88
C ALA B 562 -45.06 44.49 -19.06
N TRP B 563 -44.66 45.37 -19.97
CA TRP B 563 -43.26 45.63 -20.24
C TRP B 563 -42.83 46.94 -19.58
N GLY B 564 -41.67 46.91 -18.96
CA GLY B 564 -41.13 48.09 -18.29
C GLY B 564 -39.62 48.05 -18.27
N SER B 565 -39.01 49.22 -18.13
CA SER B 565 -37.57 49.34 -18.20
C SER B 565 -36.95 49.32 -16.81
N LEU B 566 -35.75 48.75 -16.73
CA LEU B 566 -35.00 48.69 -15.48
C LEU B 566 -34.41 50.06 -15.16
N CYS B 567 -33.92 50.20 -13.93
CA CYS B 567 -33.38 51.45 -13.43
C CYS B 567 -31.87 51.37 -13.27
N ASN B 568 -31.18 52.45 -13.64
CA ASN B 568 -29.73 52.52 -13.42
C ASN B 568 -29.38 52.65 -11.95
N SER B 569 -30.33 53.04 -11.11
CA SER B 569 -30.07 53.10 -9.68
C SER B 569 -29.74 51.71 -9.16
N HIS B 570 -28.63 51.62 -8.44
CA HIS B 570 -28.15 50.34 -7.89
C HIS B 570 -27.90 49.33 -9.00
N TRP B 571 -27.48 49.83 -10.16
CA TRP B 571 -27.08 49.01 -11.30
C TRP B 571 -25.57 49.12 -11.47
N ASP B 572 -24.90 47.97 -11.52
CA ASP B 572 -23.44 47.92 -11.59
C ASP B 572 -23.02 47.23 -12.87
N ILE B 573 -21.72 46.94 -12.97
CA ILE B 573 -21.17 46.44 -14.21
C ILE B 573 -21.40 44.94 -14.38
N GLU B 574 -21.42 44.16 -13.30
CA GLU B 574 -21.51 42.72 -13.45
C GLU B 574 -22.89 42.27 -13.88
N ASP B 575 -23.93 43.02 -13.52
CA ASP B 575 -25.27 42.70 -14.01
C ASP B 575 -25.34 42.82 -15.52
N ALA B 576 -24.70 43.84 -16.08
CA ALA B 576 -24.57 43.92 -17.53
C ALA B 576 -23.77 42.74 -18.07
N HIS B 577 -22.76 42.29 -17.32
CA HIS B 577 -21.92 41.19 -17.79
C HIS B 577 -22.71 39.90 -17.90
N VAL B 578 -23.48 39.56 -16.86
CA VAL B 578 -24.25 38.32 -16.89
C VAL B 578 -25.40 38.43 -17.88
N LEU B 579 -25.96 39.63 -18.06
CA LEU B 579 -26.96 39.82 -19.12
C LEU B 579 -26.36 39.54 -20.48
N CYS B 580 -25.12 39.98 -20.71
CA CYS B 580 -24.46 39.70 -21.98
C CYS B 580 -24.26 38.19 -22.17
N GLN B 581 -23.89 37.48 -21.10
CA GLN B 581 -23.65 36.05 -21.22
C GLN B 581 -24.91 35.32 -21.63
N GLN B 582 -26.06 35.71 -21.08
CA GLN B 582 -27.33 35.15 -21.54
C GLN B 582 -27.59 35.52 -23.00
N LEU B 583 -27.27 36.76 -23.38
CA LEU B 583 -27.45 37.18 -24.76
C LEU B 583 -26.45 36.52 -25.70
N LYS B 584 -25.32 36.03 -25.17
CA LYS B 584 -24.27 35.29 -25.88
C LYS B 584 -23.51 36.28 -26.76
N CYS B 585 -23.59 37.59 -26.45
CA CYS B 585 -22.80 38.55 -27.18
C CYS B 585 -21.39 38.73 -26.62
N GLY B 586 -21.11 38.13 -25.47
CA GLY B 586 -19.85 38.40 -24.81
C GLY B 586 -19.98 39.55 -23.84
N VAL B 587 -19.18 39.51 -22.77
CA VAL B 587 -19.39 40.41 -21.63
C VAL B 587 -19.32 41.87 -22.07
N ALA B 588 -19.99 42.72 -21.32
CA ALA B 588 -20.10 44.13 -21.67
C ALA B 588 -18.73 44.80 -21.55
N LEU B 589 -18.23 45.32 -22.67
CA LEU B 589 -16.95 46.02 -22.65
C LEU B 589 -17.03 47.27 -21.80
N SER B 590 -18.13 48.02 -21.93
CA SER B 590 -18.35 49.20 -21.10
C SER B 590 -19.84 49.36 -20.88
N THR B 591 -20.19 49.95 -19.74
CA THR B 591 -21.58 50.18 -19.39
C THR B 591 -21.98 51.57 -19.84
N PRO B 592 -23.00 51.71 -20.69
CA PRO B 592 -23.46 53.05 -21.07
C PRO B 592 -24.10 53.77 -19.89
N GLY B 593 -23.97 55.08 -19.91
CA GLY B 593 -24.53 55.93 -18.87
C GLY B 593 -25.67 56.77 -19.43
N GLY B 594 -26.61 57.14 -18.55
CA GLY B 594 -27.71 57.95 -18.99
C GLY B 594 -28.67 57.18 -19.88
N ALA B 595 -29.37 57.93 -20.73
CA ALA B 595 -30.38 57.36 -21.61
C ALA B 595 -30.04 57.60 -23.08
N ARG B 596 -28.79 57.31 -23.45
CA ARG B 596 -28.34 57.64 -24.81
C ARG B 596 -29.14 56.92 -25.89
N PHE B 597 -29.77 55.79 -25.57
CA PHE B 597 -30.65 55.16 -26.56
C PHE B 597 -31.93 54.60 -25.95
N GLY B 598 -32.20 54.84 -24.68
CA GLY B 598 -33.42 54.32 -24.09
C GLY B 598 -34.39 55.39 -23.64
N LYS B 599 -35.51 55.52 -24.38
CA LYS B 599 -36.54 56.53 -24.09
C LYS B 599 -37.90 55.91 -24.39
N GLY B 600 -38.67 55.64 -23.35
CA GLY B 600 -40.00 55.11 -23.54
C GLY B 600 -40.43 54.29 -22.34
N ASN B 601 -41.68 53.81 -22.42
CA ASN B 601 -42.26 52.93 -21.40
C ASN B 601 -42.23 53.59 -20.02
N GLY B 602 -43.05 54.65 -19.91
CA GLY B 602 -43.05 55.47 -18.71
C GLY B 602 -43.16 54.69 -17.41
N GLN B 603 -43.90 53.58 -17.41
CA GLN B 603 -43.96 52.73 -16.23
C GLN B 603 -42.61 52.02 -16.05
N ILE B 604 -41.97 52.28 -14.92
CA ILE B 604 -40.62 51.78 -14.67
C ILE B 604 -40.68 50.81 -13.50
N TRP B 605 -40.21 49.58 -13.73
CA TRP B 605 -40.05 48.63 -12.65
C TRP B 605 -38.85 48.99 -11.81
N ARG B 606 -39.00 48.92 -10.49
CA ARG B 606 -37.96 49.35 -9.57
C ARG B 606 -36.99 48.24 -9.21
N HIS B 607 -37.08 47.09 -9.88
CA HIS B 607 -36.24 45.94 -9.55
C HIS B 607 -34.76 46.31 -9.63
N MET B 608 -34.00 45.91 -8.61
CA MET B 608 -32.56 46.03 -8.60
C MET B 608 -31.95 44.65 -8.37
N PHE B 609 -30.93 44.32 -9.15
CA PHE B 609 -30.41 42.95 -9.22
C PHE B 609 -29.05 42.91 -8.56
N HIS B 610 -28.90 42.02 -7.58
CA HIS B 610 -27.64 41.82 -6.88
C HIS B 610 -27.02 40.54 -7.42
N CYS B 611 -26.05 40.67 -8.31
CA CYS B 611 -25.47 39.51 -8.98
C CYS B 611 -23.96 39.57 -8.88
N THR B 612 -23.34 38.44 -8.54
CA THR B 612 -21.88 38.41 -8.46
C THR B 612 -21.24 38.38 -9.84
N GLY B 613 -21.92 37.79 -10.83
CA GLY B 613 -21.40 37.67 -12.16
C GLY B 613 -20.87 36.29 -12.51
N THR B 614 -20.67 35.42 -11.53
CA THR B 614 -20.22 34.07 -11.82
C THR B 614 -21.28 33.28 -12.56
N GLU B 615 -22.56 33.54 -12.27
CA GLU B 615 -23.65 32.80 -12.89
C GLU B 615 -23.72 33.10 -14.39
N GLN B 616 -24.23 32.14 -15.15
CA GLN B 616 -24.28 32.25 -16.60
C GLN B 616 -25.56 32.90 -17.11
N HIS B 617 -26.66 32.78 -16.37
CA HIS B 617 -27.94 33.35 -16.77
C HIS B 617 -28.42 34.33 -15.70
N MET B 618 -28.90 35.49 -16.14
CA MET B 618 -29.19 36.57 -15.20
C MET B 618 -30.35 36.24 -14.29
N GLY B 619 -31.22 35.31 -14.69
CA GLY B 619 -32.29 34.91 -13.80
C GLY B 619 -31.79 34.17 -12.57
N ASP B 620 -30.58 33.63 -12.62
CA ASP B 620 -30.10 32.80 -11.52
C ASP B 620 -29.70 33.64 -10.31
N CYS B 621 -29.04 34.76 -10.53
CA CYS B 621 -28.55 35.56 -9.42
C CYS B 621 -29.73 36.15 -8.64
N PRO B 622 -29.62 36.27 -7.32
CA PRO B 622 -30.77 36.65 -6.51
C PRO B 622 -31.27 38.04 -6.84
N VAL B 623 -32.58 38.23 -6.69
CA VAL B 623 -33.25 39.47 -7.04
C VAL B 623 -34.08 39.90 -5.84
N THR B 624 -33.92 41.15 -5.42
CA THR B 624 -34.75 41.73 -4.36
C THR B 624 -35.36 43.01 -4.90
N ALA B 625 -36.69 43.10 -4.84
CA ALA B 625 -37.38 44.27 -5.37
C ALA B 625 -38.48 44.79 -4.48
N LEU B 626 -38.89 44.06 -3.45
CA LEU B 626 -39.98 44.52 -2.60
C LEU B 626 -39.57 45.79 -1.87
N GLY B 627 -40.41 46.81 -1.95
CA GLY B 627 -40.20 48.02 -1.19
C GLY B 627 -39.16 48.97 -1.74
N ALA B 628 -38.63 48.70 -2.92
CA ALA B 628 -37.57 49.54 -3.46
C ALA B 628 -38.08 50.96 -3.70
N SER B 629 -37.19 51.93 -3.52
CA SER B 629 -37.54 53.34 -3.69
C SER B 629 -37.80 53.65 -5.17
N LEU B 630 -38.51 54.76 -5.38
CA LEU B 630 -38.90 55.14 -6.74
C LEU B 630 -37.68 55.45 -7.58
N CYS B 631 -37.73 55.05 -8.84
CA CYS B 631 -36.63 55.29 -9.77
C CYS B 631 -36.75 56.68 -10.39
N PRO B 632 -35.70 57.51 -10.32
CA PRO B 632 -35.73 58.79 -11.03
C PRO B 632 -35.81 58.58 -12.53
N SER B 633 -36.46 59.53 -13.20
CA SER B 633 -36.60 59.45 -14.64
C SER B 633 -35.25 59.60 -15.33
N GLU B 634 -35.18 59.10 -16.56
CA GLU B 634 -34.01 59.10 -17.43
C GLU B 634 -32.90 58.19 -16.92
N GLN B 635 -33.08 57.56 -15.76
CA GLN B 635 -32.09 56.66 -15.18
C GLN B 635 -32.33 55.21 -15.59
N VAL B 636 -32.84 54.98 -16.79
CA VAL B 636 -33.11 53.61 -17.23
C VAL B 636 -31.81 52.91 -17.59
N ALA B 637 -31.65 51.68 -17.12
CA ALA B 637 -30.43 50.93 -17.33
C ALA B 637 -30.32 50.44 -18.76
N SER B 638 -29.11 50.02 -19.13
CA SER B 638 -28.84 49.55 -20.49
C SER B 638 -27.59 48.67 -20.44
N VAL B 639 -27.06 48.37 -21.63
CA VAL B 639 -25.89 47.51 -21.75
C VAL B 639 -25.22 47.77 -23.09
N ILE B 640 -23.89 47.58 -23.13
CA ILE B 640 -23.13 47.57 -24.37
C ILE B 640 -22.24 46.33 -24.31
N CYS B 641 -22.72 45.23 -24.90
CA CYS B 641 -21.96 44.00 -24.90
C CYS B 641 -20.80 44.09 -25.88
N SER B 642 -19.86 43.15 -25.76
CA SER B 642 -18.69 43.15 -26.61
C SER B 642 -19.06 42.86 -28.07
N GLY B 643 -19.88 41.83 -28.29
CA GLY B 643 -20.13 41.35 -29.63
C GLY B 643 -19.04 40.43 -30.16
N ASN B 644 -18.00 40.17 -29.36
CA ASN B 644 -16.92 39.29 -29.81
C ASN B 644 -17.31 37.83 -29.73
N GLN B 645 -18.08 37.45 -28.71
CA GLN B 645 -18.50 36.08 -28.44
C GLN B 645 -17.31 35.19 -28.09
N SER B 646 -16.11 35.76 -28.09
CA SER B 646 -14.90 35.03 -27.79
C SER B 646 -14.29 35.42 -26.45
N GLN B 647 -14.98 36.23 -25.65
CA GLN B 647 -14.48 36.69 -24.37
C GLN B 647 -15.26 36.02 -23.24
N THR B 648 -14.52 35.52 -22.25
CA THR B 648 -15.10 34.86 -21.10
C THR B 648 -14.70 35.58 -19.83
N LEU B 649 -15.53 35.48 -18.80
CA LEU B 649 -15.22 36.10 -17.53
C LEU B 649 -14.05 35.40 -16.86
N SER B 650 -13.27 36.16 -16.10
CA SER B 650 -12.13 35.63 -15.37
C SER B 650 -12.00 36.36 -14.05
N SER B 651 -11.55 35.65 -13.03
CA SER B 651 -11.38 36.24 -11.71
C SER B 651 -10.23 37.26 -11.73
N CYS B 652 -10.28 38.17 -10.78
CA CYS B 652 -9.28 39.23 -10.71
C CYS B 652 -8.41 39.07 -9.47
N VAL B 670 -8.62 45.10 -16.93
CA VAL B 670 -9.84 44.77 -17.65
C VAL B 670 -10.17 43.28 -17.50
N ALA B 671 -11.39 42.91 -17.88
CA ALA B 671 -11.86 41.53 -17.77
C ALA B 671 -11.73 41.03 -16.33
N CYS B 672 -12.04 41.91 -15.39
CA CYS B 672 -11.89 41.63 -13.97
C CYS B 672 -13.24 41.69 -13.28
N ILE B 673 -13.48 40.74 -12.38
CA ILE B 673 -14.66 40.74 -11.54
C ILE B 673 -14.31 41.04 -10.08
N GLU B 674 -13.22 41.78 -9.85
CA GLU B 674 -12.71 42.12 -8.53
C GLU B 674 -12.18 40.87 -7.82
N SER B 675 -11.31 41.08 -6.84
CA SER B 675 -10.76 39.98 -6.04
C SER B 675 -11.18 40.14 -4.59
N GLY B 676 -11.17 39.03 -3.86
CA GLY B 676 -11.56 39.04 -2.47
C GLY B 676 -13.05 39.25 -2.27
N GLN B 677 -13.84 38.28 -2.69
CA GLN B 677 -15.29 38.38 -2.56
C GLN B 677 -15.72 38.17 -1.11
N LEU B 678 -16.95 38.57 -0.82
CA LEU B 678 -17.52 38.46 0.52
C LEU B 678 -18.79 37.64 0.46
N ARG B 679 -18.96 36.77 1.46
CA ARG B 679 -20.14 35.93 1.58
C ARG B 679 -20.67 35.99 3.00
N LEU B 680 -21.99 36.00 3.13
CA LEU B 680 -22.66 35.92 4.42
C LEU B 680 -23.43 34.61 4.44
N VAL B 681 -22.98 33.67 5.26
CA VAL B 681 -23.46 32.30 5.20
C VAL B 681 -24.17 31.93 6.50
N ASN B 682 -24.99 30.89 6.42
CA ASN B 682 -25.77 30.38 7.55
C ASN B 682 -26.63 31.48 8.18
N GLY B 683 -27.13 32.38 7.35
CA GLY B 683 -27.87 33.51 7.88
C GLY B 683 -29.33 33.54 7.50
N GLY B 684 -29.72 32.68 6.57
CA GLY B 684 -31.08 32.72 6.06
C GLY B 684 -31.36 33.83 5.08
N GLY B 685 -30.33 34.52 4.60
CA GLY B 685 -30.50 35.58 3.63
C GLY B 685 -29.17 35.90 3.01
N ARG B 686 -29.16 36.94 2.19
CA ARG B 686 -27.91 37.37 1.57
C ARG B 686 -27.24 38.45 2.40
N CYS B 687 -28.00 39.21 3.18
CA CYS B 687 -27.48 40.37 3.90
C CYS B 687 -27.26 40.09 5.38
N ALA B 688 -26.93 38.85 5.74
CA ALA B 688 -26.64 38.51 7.13
C ALA B 688 -25.93 37.17 7.18
N GLY B 689 -25.17 36.98 8.27
CA GLY B 689 -24.56 35.69 8.54
C GLY B 689 -23.11 35.83 8.92
N ARG B 690 -22.46 34.69 9.11
CA ARG B 690 -21.04 34.66 9.39
C ARG B 690 -20.26 35.23 8.21
N VAL B 691 -19.25 36.03 8.50
CA VAL B 691 -18.50 36.72 7.45
C VAL B 691 -17.39 35.83 6.97
N GLU B 692 -17.28 35.65 5.65
CA GLU B 692 -16.22 34.88 5.03
C GLU B 692 -15.63 35.67 3.89
N ILE B 693 -14.30 35.63 3.76
CA ILE B 693 -13.57 36.39 2.75
C ILE B 693 -12.71 35.44 1.94
N TYR B 694 -12.72 35.64 0.63
CA TYR B 694 -11.88 34.87 -0.28
C TYR B 694 -10.50 35.50 -0.40
N HIS B 695 -9.47 34.72 -0.11
CA HIS B 695 -8.09 35.13 -0.36
C HIS B 695 -7.31 33.92 -0.83
N GLU B 696 -6.24 34.18 -1.59
CA GLU B 696 -5.48 33.13 -2.24
C GLU B 696 -6.42 32.24 -3.05
N GLY B 697 -6.66 31.02 -2.57
CA GLY B 697 -7.56 30.12 -3.26
C GLY B 697 -8.56 29.43 -2.35
N SER B 698 -8.70 29.92 -1.13
CA SER B 698 -9.61 29.34 -0.16
C SER B 698 -10.38 30.44 0.55
N TRP B 699 -11.33 30.03 1.38
CA TRP B 699 -12.16 30.95 2.15
C TRP B 699 -11.69 30.98 3.60
N GLY B 700 -11.99 32.08 4.28
CA GLY B 700 -11.58 32.26 5.66
C GLY B 700 -12.64 33.02 6.44
N THR B 701 -12.26 33.45 7.63
CA THR B 701 -13.15 34.14 8.54
C THR B 701 -12.35 35.21 9.29
N ILE B 702 -13.05 36.13 9.94
CA ILE B 702 -12.41 37.18 10.73
C ILE B 702 -12.69 36.94 12.20
N CYS B 703 -11.69 37.22 13.03
CA CYS B 703 -11.85 37.11 14.47
C CYS B 703 -12.80 38.19 14.98
N ASP B 704 -13.34 37.96 16.18
CA ASP B 704 -14.26 38.89 16.79
C ASP B 704 -13.57 39.97 17.61
N ASP B 705 -12.24 39.95 17.70
CA ASP B 705 -11.54 40.95 18.48
C ASP B 705 -11.65 42.31 17.83
N SER B 706 -12.02 43.32 18.63
CA SER B 706 -12.16 44.70 18.17
C SER B 706 -13.17 44.83 17.04
N TRP B 707 -14.19 43.97 17.04
CA TRP B 707 -15.22 44.01 16.01
C TRP B 707 -16.28 45.03 16.44
N ASP B 708 -16.16 46.25 15.92
CA ASP B 708 -17.08 47.32 16.24
C ASP B 708 -18.02 47.58 15.07
N LEU B 709 -19.08 48.33 15.36
CA LEU B 709 -20.06 48.64 14.33
C LEU B 709 -19.44 49.37 13.15
N SER B 710 -18.39 50.15 13.38
CA SER B 710 -17.74 50.84 12.28
C SER B 710 -17.16 49.84 11.28
N ASP B 711 -16.58 48.75 11.78
CA ASP B 711 -16.11 47.70 10.88
C ASP B 711 -17.28 47.08 10.12
N ALA B 712 -18.43 46.93 10.77
CA ALA B 712 -19.59 46.35 10.11
C ALA B 712 -20.08 47.24 8.98
N HIS B 713 -20.05 48.56 9.16
CA HIS B 713 -20.52 49.46 8.13
C HIS B 713 -19.73 49.31 6.84
N VAL B 714 -18.48 48.87 6.95
CA VAL B 714 -17.66 48.65 5.76
C VAL B 714 -18.19 47.44 4.99
N VAL B 715 -18.45 46.34 5.69
CA VAL B 715 -18.87 45.12 5.03
C VAL B 715 -20.26 45.29 4.42
N CYS B 716 -21.20 45.81 5.20
CA CYS B 716 -22.57 45.94 4.72
C CYS B 716 -22.67 46.91 3.55
N ARG B 717 -21.80 47.93 3.51
CA ARG B 717 -21.78 48.82 2.35
C ARG B 717 -21.25 48.11 1.12
N GLN B 718 -20.21 47.28 1.28
CA GLN B 718 -19.65 46.57 0.14
C GLN B 718 -20.65 45.58 -0.44
N LEU B 719 -21.39 44.88 0.42
CA LEU B 719 -22.38 43.93 -0.08
C LEU B 719 -23.56 44.64 -0.73
N GLY B 720 -23.68 45.95 -0.51
CA GLY B 720 -24.78 46.71 -1.07
C GLY B 720 -26.07 46.50 -0.31
N CYS B 721 -25.98 46.16 0.97
CA CYS B 721 -27.14 45.95 1.81
C CYS B 721 -27.47 47.17 2.66
N GLY B 722 -26.65 48.22 2.61
CA GLY B 722 -26.91 49.41 3.39
C GLY B 722 -26.11 49.50 4.67
N GLU B 723 -26.66 50.18 5.67
CA GLU B 723 -25.98 50.34 6.96
C GLU B 723 -26.19 49.11 7.83
N ALA B 724 -25.44 49.04 8.91
CA ALA B 724 -25.49 47.90 9.81
C ALA B 724 -26.47 48.15 10.95
N ILE B 725 -26.97 47.06 11.53
CA ILE B 725 -27.84 47.12 12.69
C ILE B 725 -27.22 46.45 13.91
N ASN B 726 -26.52 45.33 13.70
CA ASN B 726 -25.84 44.64 14.78
C ASN B 726 -24.47 44.17 14.29
N ALA B 727 -23.57 43.92 15.23
CA ALA B 727 -22.28 43.33 14.94
C ALA B 727 -22.00 42.30 16.04
N THR B 728 -22.40 41.06 15.81
CA THR B 728 -22.29 40.04 16.83
C THR B 728 -20.93 39.35 16.76
N GLY B 729 -20.60 38.66 17.86
CA GLY B 729 -19.33 37.96 17.97
C GLY B 729 -19.52 36.58 18.58
N SER B 730 -18.40 35.88 18.72
CA SER B 730 -18.37 34.51 19.25
C SER B 730 -19.06 33.53 18.31
N ALA B 731 -18.86 33.70 17.00
CA ALA B 731 -19.36 32.78 15.98
C ALA B 731 -20.86 32.55 16.12
N HIS B 732 -21.59 33.64 16.39
CA HIS B 732 -23.01 33.55 16.67
C HIS B 732 -23.78 32.97 15.48
N PHE B 733 -23.26 33.12 14.27
CA PHE B 733 -23.85 32.49 13.09
C PHE B 733 -23.27 31.12 12.82
N GLY B 734 -22.41 30.61 13.70
CA GLY B 734 -21.83 29.30 13.54
C GLY B 734 -20.32 29.37 13.36
N GLU B 735 -19.70 28.20 13.47
CA GLU B 735 -18.25 28.07 13.41
C GLU B 735 -17.80 27.99 11.96
N GLY B 736 -16.69 28.65 11.66
CA GLY B 736 -16.07 28.52 10.35
C GLY B 736 -15.04 27.40 10.32
N THR B 737 -14.69 26.98 9.12
CA THR B 737 -13.74 25.90 8.92
C THR B 737 -12.47 26.31 8.20
N GLY B 738 -12.50 27.42 7.46
CA GLY B 738 -11.34 27.84 6.69
C GLY B 738 -10.30 28.53 7.54
N PRO B 739 -9.15 28.81 6.95
CA PRO B 739 -8.11 29.53 7.69
C PRO B 739 -8.49 30.99 7.90
N ILE B 740 -8.41 31.41 9.16
CA ILE B 740 -8.74 32.79 9.52
C ILE B 740 -7.72 33.72 8.90
N TRP B 741 -8.20 34.76 8.22
CA TRP B 741 -7.30 35.65 7.48
C TRP B 741 -6.88 36.87 8.29
N LEU B 742 -7.85 37.69 8.71
CA LEU B 742 -7.56 38.96 9.36
C LEU B 742 -7.92 38.89 10.83
N ASP B 743 -7.43 39.88 11.59
CA ASP B 743 -7.66 39.92 13.02
C ASP B 743 -7.49 41.33 13.55
N GLU B 744 -8.27 41.65 14.58
CA GLU B 744 -8.17 42.91 15.32
C GLU B 744 -8.19 44.12 14.39
N MET B 745 -9.15 44.12 13.48
CA MET B 745 -9.26 45.22 12.53
C MET B 745 -10.03 46.39 13.13
N LYS B 746 -9.49 47.59 12.94
CA LYS B 746 -10.16 48.84 13.30
C LYS B 746 -10.23 49.70 12.05
N CYS B 747 -11.40 50.25 11.77
CA CYS B 747 -11.64 50.96 10.52
C CYS B 747 -12.47 52.21 10.78
N ASN B 748 -12.14 53.28 10.05
CA ASN B 748 -12.95 54.48 10.10
C ASN B 748 -14.31 54.26 9.48
N GLY B 749 -14.37 53.52 8.38
CA GLY B 749 -15.60 53.24 7.69
C GLY B 749 -15.71 53.86 6.31
N LYS B 750 -14.80 54.77 5.95
CA LYS B 750 -14.88 55.40 4.64
C LYS B 750 -14.49 54.43 3.53
N GLU B 751 -13.51 53.57 3.80
CA GLU B 751 -12.99 52.68 2.77
C GLU B 751 -14.09 51.74 2.26
N SER B 752 -14.14 51.58 0.94
CA SER B 752 -15.21 50.79 0.33
C SER B 752 -15.06 49.31 0.64
N ARG B 753 -13.86 48.78 0.48
CA ARG B 753 -13.61 47.36 0.69
C ARG B 753 -13.02 47.12 2.07
N ILE B 754 -13.23 45.90 2.57
CA ILE B 754 -12.77 45.52 3.90
C ILE B 754 -11.24 45.52 3.97
N TRP B 755 -10.57 45.31 2.83
CA TRP B 755 -9.12 45.17 2.86
C TRP B 755 -8.42 46.45 3.31
N GLN B 756 -8.89 47.60 2.84
CA GLN B 756 -8.18 48.84 3.12
C GLN B 756 -8.24 49.23 4.59
N CYS B 757 -9.13 48.62 5.38
CA CYS B 757 -9.18 48.91 6.80
C CYS B 757 -7.92 48.40 7.49
N HIS B 758 -7.53 49.07 8.57
CA HIS B 758 -6.30 48.72 9.27
C HIS B 758 -6.38 47.30 9.81
N SER B 759 -5.29 46.55 9.63
CA SER B 759 -5.26 45.14 10.01
C SER B 759 -3.83 44.73 10.34
N HIS B 760 -3.73 43.61 11.06
CA HIS B 760 -2.42 43.03 11.35
C HIS B 760 -1.81 42.35 10.14
N GLY B 761 -2.59 42.11 9.09
CA GLY B 761 -2.08 41.49 7.89
C GLY B 761 -2.71 40.14 7.61
N TRP B 762 -2.66 39.70 6.36
CA TRP B 762 -3.26 38.42 5.99
C TRP B 762 -2.61 37.29 6.78
N GLY B 763 -3.44 36.45 7.39
CA GLY B 763 -2.94 35.31 8.13
C GLY B 763 -2.44 35.62 9.52
N GLN B 764 -2.50 36.88 9.96
CA GLN B 764 -2.07 37.27 11.30
C GLN B 764 -3.24 37.09 12.25
N GLN B 765 -3.29 35.94 12.90
CA GLN B 765 -4.39 35.60 13.80
C GLN B 765 -3.87 34.85 15.01
N ASN B 766 -4.59 34.96 16.11
CA ASN B 766 -4.32 34.22 17.34
C ASN B 766 -5.62 33.72 17.95
N CYS B 767 -6.57 33.33 17.11
CA CYS B 767 -7.91 32.99 17.56
C CYS B 767 -8.20 31.52 17.27
N ARG B 768 -9.45 31.13 17.52
CA ARG B 768 -9.95 29.82 17.18
C ARG B 768 -11.29 29.99 16.50
N HIS B 769 -11.78 28.90 15.91
CA HIS B 769 -13.04 28.97 15.17
C HIS B 769 -14.23 29.30 16.05
N LYS B 770 -14.10 29.15 17.37
CA LYS B 770 -15.23 29.44 18.24
C LYS B 770 -15.57 30.91 18.29
N GLU B 771 -14.67 31.78 17.85
CA GLU B 771 -14.94 33.22 17.76
C GLU B 771 -14.86 33.60 16.28
N ASP B 772 -16.02 33.74 15.64
CA ASP B 772 -16.08 34.11 14.23
C ASP B 772 -17.01 35.31 14.08
N ALA B 773 -16.58 36.29 13.28
CA ALA B 773 -17.29 37.56 13.22
C ALA B 773 -18.66 37.39 12.58
N GLY B 774 -19.66 38.02 13.19
CA GLY B 774 -21.00 37.98 12.66
C GLY B 774 -21.58 39.39 12.55
N VAL B 775 -22.44 39.56 11.55
CA VAL B 775 -23.00 40.87 11.25
C VAL B 775 -24.38 40.69 10.63
N ILE B 776 -25.26 41.65 10.91
CA ILE B 776 -26.57 41.72 10.27
C ILE B 776 -26.66 43.08 9.61
N CYS B 777 -26.95 43.08 8.31
CA CYS B 777 -27.04 44.34 7.58
C CYS B 777 -28.49 44.81 7.54
N SER B 778 -28.68 46.02 7.00
CA SER B 778 -30.01 46.63 7.01
C SER B 778 -30.97 45.88 6.10
N GLU B 779 -30.54 45.52 4.90
CA GLU B 779 -31.45 44.97 3.90
C GLU B 779 -31.90 43.56 4.23
N PHE B 780 -31.35 42.94 5.27
CA PHE B 780 -31.81 41.64 5.71
C PHE B 780 -33.29 41.71 6.10
N MET B 781 -34.08 40.75 5.63
CA MET B 781 -35.50 40.74 5.91
C MET B 781 -35.98 39.30 6.07
N SER B 782 -37.13 39.14 6.72
CA SER B 782 -37.70 37.83 6.95
C SER B 782 -39.18 37.97 7.25
N LEU B 783 -39.90 36.84 7.18
CA LEU B 783 -41.33 36.79 7.44
C LEU B 783 -41.65 35.78 8.54
N ARG B 784 -42.81 35.99 9.17
CA ARG B 784 -43.30 35.08 10.19
C ARG B 784 -44.79 35.32 10.37
N LEU B 785 -45.47 34.37 11.00
CA LEU B 785 -46.87 34.49 11.34
C LEU B 785 -47.00 34.54 12.85
N THR B 786 -47.49 35.66 13.37
CA THR B 786 -47.59 35.87 14.81
C THR B 786 -49.02 35.60 15.26
N SER B 787 -49.17 34.73 16.24
CA SER B 787 -50.45 34.42 16.86
C SER B 787 -50.40 34.80 18.34
N GLU B 788 -51.54 34.65 19.01
CA GLU B 788 -51.61 34.98 20.42
C GLU B 788 -50.79 34.02 21.27
N ALA B 789 -50.70 32.75 20.85
CA ALA B 789 -50.01 31.74 21.63
C ALA B 789 -48.56 31.55 21.16
N SER B 790 -48.39 31.16 19.89
CA SER B 790 -47.08 30.86 19.35
C SER B 790 -46.59 32.00 18.47
N ARG B 791 -45.30 32.31 18.56
CA ARG B 791 -44.73 33.36 17.73
C ARG B 791 -44.67 32.96 16.27
N GLU B 792 -44.61 31.67 15.98
CA GLU B 792 -44.61 31.17 14.61
C GLU B 792 -45.62 30.04 14.50
N ALA B 793 -46.34 30.02 13.37
CA ALA B 793 -47.32 28.97 13.11
C ALA B 793 -47.63 28.96 11.62
N CYS B 794 -48.57 28.08 11.24
CA CYS B 794 -49.04 28.08 9.86
C CYS B 794 -50.13 29.11 9.62
N ALA B 795 -50.65 29.73 10.68
CA ALA B 795 -51.67 30.76 10.57
C ALA B 795 -51.32 31.91 11.53
N GLY B 796 -51.72 33.11 11.17
CA GLY B 796 -51.43 34.27 11.99
C GLY B 796 -51.45 35.53 11.17
N ARG B 797 -50.81 36.57 11.73
CA ARG B 797 -50.67 37.82 11.01
C ARG B 797 -49.30 37.89 10.33
N LEU B 798 -49.30 38.36 9.08
CA LEU B 798 -48.05 38.48 8.33
C LEU B 798 -47.24 39.64 8.89
N GLU B 799 -45.97 39.41 9.17
CA GLU B 799 -45.07 40.40 9.72
C GLU B 799 -43.82 40.48 8.87
N VAL B 800 -43.27 41.68 8.72
CA VAL B 800 -42.09 41.91 7.91
C VAL B 800 -41.01 42.49 8.81
N PHE B 801 -39.81 41.91 8.75
CA PHE B 801 -38.66 42.40 9.49
C PHE B 801 -37.77 43.15 8.52
N TYR B 802 -37.51 44.44 8.81
CA TYR B 802 -36.71 45.25 7.91
C TYR B 802 -35.87 46.22 8.72
N ASN B 803 -34.61 46.41 8.29
CA ASN B 803 -33.72 47.42 8.85
C ASN B 803 -33.61 47.29 10.38
N GLY B 804 -33.62 46.04 10.85
CA GLY B 804 -33.56 45.77 12.27
C GLY B 804 -34.85 45.95 13.03
N ALA B 805 -35.95 46.27 12.34
CA ALA B 805 -37.22 46.51 13.00
C ALA B 805 -38.29 45.61 12.41
N TRP B 806 -39.40 45.46 13.13
CA TRP B 806 -40.51 44.62 12.71
C TRP B 806 -41.74 45.47 12.43
N GLY B 807 -42.50 45.08 11.42
CA GLY B 807 -43.71 45.79 11.06
C GLY B 807 -44.69 44.94 10.29
N THR B 808 -45.77 45.54 9.80
CA THR B 808 -46.84 44.82 9.14
C THR B 808 -46.97 45.29 7.69
N VAL B 809 -47.27 44.35 6.81
CA VAL B 809 -47.46 44.63 5.39
C VAL B 809 -48.94 44.83 5.12
N GLY B 810 -49.26 45.69 4.15
CA GLY B 810 -50.63 46.13 3.96
C GLY B 810 -51.53 45.04 3.41
N LYS B 811 -52.83 45.34 3.44
CA LYS B 811 -53.86 44.41 2.97
C LYS B 811 -54.37 44.75 1.58
N SER B 812 -54.32 46.01 1.18
CA SER B 812 -54.97 46.43 -0.07
C SER B 812 -54.30 45.79 -1.27
N SER B 813 -55.13 45.40 -2.25
CA SER B 813 -54.68 44.90 -3.54
C SER B 813 -53.74 43.70 -3.40
N MET B 814 -54.22 42.68 -2.70
CA MET B 814 -53.46 41.45 -2.50
C MET B 814 -54.04 40.37 -3.41
N SER B 815 -53.39 40.13 -4.54
CA SER B 815 -53.85 39.09 -5.45
C SER B 815 -53.66 37.72 -4.83
N GLU B 816 -54.43 36.75 -5.33
CA GLU B 816 -54.37 35.40 -4.78
C GLU B 816 -53.01 34.76 -4.99
N THR B 817 -52.34 35.09 -6.09
CA THR B 817 -50.99 34.56 -6.30
C THR B 817 -50.05 35.03 -5.21
N THR B 818 -50.14 36.30 -4.82
CA THR B 818 -49.34 36.80 -3.71
C THR B 818 -49.68 36.05 -2.43
N VAL B 819 -50.96 35.80 -2.19
CA VAL B 819 -51.37 35.01 -1.04
C VAL B 819 -50.71 33.65 -1.06
N GLY B 820 -50.69 33.01 -2.23
CA GLY B 820 -50.11 31.68 -2.32
C GLY B 820 -48.62 31.66 -2.03
N VAL B 821 -47.90 32.64 -2.54
CA VAL B 821 -46.45 32.65 -2.37
C VAL B 821 -46.07 32.85 -0.92
N VAL B 822 -46.86 33.63 -0.18
CA VAL B 822 -46.57 33.84 1.23
C VAL B 822 -46.60 32.52 1.99
N CYS B 823 -47.63 31.71 1.75
CA CYS B 823 -47.74 30.43 2.45
C CYS B 823 -46.62 29.49 2.03
N ARG B 824 -46.28 29.48 0.74
CA ARG B 824 -45.23 28.57 0.25
C ARG B 824 -43.88 28.92 0.84
N GLN B 825 -43.57 30.21 0.94
CA GLN B 825 -42.24 30.60 1.41
C GLN B 825 -41.97 30.10 2.82
N LEU B 826 -42.88 30.36 3.75
CA LEU B 826 -42.62 30.06 5.14
C LEU B 826 -42.93 28.62 5.50
N GLY B 827 -43.44 27.83 4.56
CA GLY B 827 -43.48 26.39 4.71
C GLY B 827 -44.78 25.81 5.21
N CYS B 828 -45.90 26.47 4.98
CA CYS B 828 -47.20 25.94 5.37
C CYS B 828 -48.12 25.92 4.15
N ALA B 829 -48.34 24.73 3.60
CA ALA B 829 -49.35 24.50 2.57
C ALA B 829 -49.07 25.22 1.27
N ASP B 830 -49.94 25.00 0.28
CA ASP B 830 -49.81 25.60 -1.04
C ASP B 830 -50.78 26.76 -1.24
N LYS B 831 -51.91 26.78 -0.57
CA LYS B 831 -52.95 27.75 -0.82
C LYS B 831 -53.24 28.52 0.46
N GLY B 832 -53.73 29.75 0.31
CA GLY B 832 -54.09 30.56 1.45
C GLY B 832 -55.29 31.42 1.14
N LYS B 833 -55.94 31.89 2.19
CA LYS B 833 -57.09 32.75 2.07
C LYS B 833 -56.95 33.92 3.03
N ILE B 834 -57.30 35.12 2.56
CA ILE B 834 -57.25 36.31 3.40
C ILE B 834 -58.52 36.34 4.25
N ASN B 835 -58.36 36.38 5.56
CA ASN B 835 -59.50 36.55 6.44
C ASN B 835 -59.55 38.00 6.89
N PRO B 836 -60.57 38.77 6.50
CA PRO B 836 -60.64 40.17 6.94
C PRO B 836 -60.68 40.33 8.45
N ALA B 837 -61.29 39.36 9.15
CA ALA B 837 -61.26 39.39 10.60
C ALA B 837 -59.83 39.24 11.11
N SER B 838 -59.52 39.91 12.20
CA SER B 838 -58.19 39.93 12.77
C SER B 838 -58.25 39.51 14.24
N LEU B 839 -57.09 39.11 14.77
CA LEU B 839 -57.02 38.77 16.18
C LEU B 839 -57.27 40.00 17.04
N ASP B 840 -58.04 39.83 18.11
CA ASP B 840 -58.41 40.97 18.95
C ASP B 840 -57.20 41.62 19.60
N LYS B 841 -56.24 40.80 20.05
CA LYS B 841 -55.07 41.30 20.76
C LYS B 841 -53.86 41.29 19.82
N ALA B 842 -53.21 42.44 19.69
CA ALA B 842 -52.03 42.58 18.86
C ALA B 842 -51.30 43.85 19.28
N MET B 843 -49.97 43.75 19.36
CA MET B 843 -49.17 44.88 19.81
C MET B 843 -49.18 45.99 18.76
N SER B 844 -48.85 47.20 19.20
CA SER B 844 -48.83 48.35 18.30
C SER B 844 -47.64 48.23 17.36
N ILE B 845 -47.90 47.74 16.15
CA ILE B 845 -46.84 47.51 15.16
C ILE B 845 -47.02 48.50 14.01
N PRO B 846 -45.98 49.25 13.64
CA PRO B 846 -46.10 50.18 12.51
C PRO B 846 -46.05 49.46 11.17
N MET B 847 -46.92 49.90 10.27
CA MET B 847 -46.98 49.33 8.93
C MET B 847 -45.72 49.67 8.14
N TRP B 848 -45.25 48.71 7.34
CA TRP B 848 -44.13 48.95 6.44
C TRP B 848 -44.56 49.27 5.01
N VAL B 849 -45.24 48.34 4.34
CA VAL B 849 -45.45 48.44 2.91
C VAL B 849 -46.79 47.85 2.51
N ASP B 850 -47.25 48.23 1.31
CA ASP B 850 -48.43 47.66 0.69
C ASP B 850 -48.22 47.69 -0.82
N ASN B 851 -49.32 47.48 -1.56
CA ASN B 851 -49.31 47.42 -3.03
C ASN B 851 -48.46 46.27 -3.55
N VAL B 852 -48.49 45.11 -2.88
CA VAL B 852 -47.78 43.94 -3.36
C VAL B 852 -48.59 43.26 -4.44
N GLN B 853 -47.96 42.96 -5.57
CA GLN B 853 -48.59 42.24 -6.68
C GLN B 853 -47.57 41.23 -7.19
N CYS B 854 -47.61 40.03 -6.62
CA CYS B 854 -46.61 39.02 -6.97
C CYS B 854 -46.82 38.54 -8.41
N PRO B 855 -45.73 38.24 -9.10
CA PRO B 855 -45.86 37.65 -10.43
C PRO B 855 -46.15 36.17 -10.35
N LYS B 856 -46.16 35.49 -11.48
CA LYS B 856 -46.19 34.03 -11.52
C LYS B 856 -44.77 33.57 -11.80
N GLY B 857 -44.21 32.79 -10.86
CA GLY B 857 -42.85 32.32 -11.01
C GLY B 857 -41.94 32.52 -9.81
N PRO B 858 -42.04 33.67 -9.13
CA PRO B 858 -41.24 33.85 -7.91
C PRO B 858 -41.73 32.92 -6.81
N ASP B 859 -40.78 32.25 -6.16
CA ASP B 859 -41.09 31.37 -5.05
C ASP B 859 -40.94 32.04 -3.69
N THR B 860 -40.51 33.29 -3.66
CA THR B 860 -40.27 34.00 -2.42
C THR B 860 -40.86 35.39 -2.54
N LEU B 861 -41.28 35.94 -1.39
CA LEU B 861 -41.98 37.22 -1.42
C LEU B 861 -41.07 38.38 -1.80
N TRP B 862 -39.76 38.26 -1.60
CA TRP B 862 -38.89 39.39 -1.83
C TRP B 862 -38.91 39.85 -3.29
N GLN B 863 -39.24 38.95 -4.21
CA GLN B 863 -39.14 39.29 -5.62
C GLN B 863 -40.36 40.04 -6.14
N CYS B 864 -41.43 40.10 -5.38
CA CYS B 864 -42.65 40.77 -5.85
C CYS B 864 -42.50 42.27 -5.75
N PRO B 865 -42.64 43.03 -6.84
CA PRO B 865 -42.55 44.48 -6.75
C PRO B 865 -43.73 45.07 -6.00
N SER B 866 -43.53 46.24 -5.43
CA SER B 866 -44.55 46.92 -4.63
C SER B 866 -44.13 48.37 -4.41
N SER B 867 -44.86 49.06 -3.53
CA SER B 867 -44.60 50.45 -3.23
C SER B 867 -43.27 50.61 -2.50
N PRO B 868 -42.68 51.81 -2.52
CA PRO B 868 -41.39 52.01 -1.86
C PRO B 868 -41.49 51.78 -0.35
N TRP B 869 -40.36 51.40 0.24
CA TRP B 869 -40.33 51.19 1.68
C TRP B 869 -40.79 52.43 2.43
N GLU B 870 -41.61 52.21 3.45
CA GLU B 870 -42.16 53.31 4.22
C GLU B 870 -42.43 52.83 5.63
N LYS B 871 -42.54 53.79 6.55
CA LYS B 871 -42.93 53.51 7.92
C LYS B 871 -44.06 54.45 8.31
N ARG B 872 -45.16 53.89 8.82
CA ARG B 872 -46.31 54.69 9.19
C ARG B 872 -47.10 53.98 10.26
N LEU B 873 -47.84 54.76 11.05
CA LEU B 873 -48.77 54.19 12.01
C LEU B 873 -49.97 53.62 11.26
N ALA B 874 -50.39 52.43 11.64
CA ALA B 874 -51.43 51.70 10.92
C ALA B 874 -52.64 51.52 11.81
N SER B 875 -53.82 51.88 11.30
CA SER B 875 -55.05 51.53 11.96
C SER B 875 -55.30 50.02 11.83
N PRO B 876 -56.03 49.42 12.76
CA PRO B 876 -56.12 47.96 12.78
C PRO B 876 -56.73 47.35 11.52
N SER B 877 -57.48 48.13 10.73
CA SER B 877 -58.13 47.55 9.56
C SER B 877 -57.13 47.28 8.43
N GLU B 878 -56.17 48.19 8.23
CA GLU B 878 -55.35 48.14 7.02
C GLU B 878 -54.37 46.98 6.98
N GLU B 879 -53.97 46.45 8.14
CA GLU B 879 -53.01 45.35 8.13
C GLU B 879 -53.61 44.09 7.54
N THR B 880 -52.78 43.30 6.87
CA THR B 880 -53.22 42.05 6.30
C THR B 880 -53.40 40.99 7.39
N TRP B 881 -54.10 39.92 7.02
CA TRP B 881 -54.26 38.75 7.88
C TRP B 881 -54.47 37.54 6.99
N ILE B 882 -53.59 36.56 7.11
CA ILE B 882 -53.53 35.44 6.18
C ILE B 882 -53.66 34.14 6.95
N THR B 883 -54.37 33.19 6.37
CA THR B 883 -54.61 31.88 6.98
C THR B 883 -54.31 30.80 5.95
N CYS B 884 -53.19 30.12 6.11
CA CYS B 884 -52.78 29.11 5.14
C CYS B 884 -53.76 27.93 5.15
N ASP B 885 -53.90 27.29 3.99
CA ASP B 885 -54.73 26.11 3.85
C ASP B 885 -54.10 24.99 4.70
N ASN B 886 -54.90 23.96 5.00
CA ASN B 886 -54.40 22.85 5.78
C ASN B 886 -53.28 22.13 5.04
N LYS B 887 -52.28 21.69 5.79
CA LYS B 887 -51.10 21.06 5.24
C LYS B 887 -51.33 19.60 4.86
N ILE B 888 -52.43 19.00 5.29
CA ILE B 888 -52.75 17.61 5.01
C ILE B 888 -54.16 17.52 4.45
N ARG B 889 -54.40 16.49 3.64
CA ARG B 889 -55.71 16.30 3.03
C ARG B 889 -55.87 14.85 2.61
N LEU B 890 -57.13 14.47 2.41
CA LEU B 890 -57.46 13.15 1.89
C LEU B 890 -58.06 13.30 0.50
N GLN B 891 -57.63 12.44 -0.42
CA GLN B 891 -57.99 12.58 -1.82
C GLN B 891 -58.50 11.24 -2.34
N GLU B 892 -59.32 11.31 -3.40
CA GLU B 892 -59.86 10.13 -4.08
C GLU B 892 -60.72 9.30 -3.13
N GLY B 893 -61.37 9.96 -2.17
CA GLY B 893 -62.15 9.28 -1.18
C GLY B 893 -63.64 9.53 -1.35
N PRO B 894 -64.44 8.48 -1.24
CA PRO B 894 -65.90 8.64 -1.34
C PRO B 894 -66.46 9.55 -0.27
N THR B 895 -65.87 9.56 0.92
CA THR B 895 -66.27 10.42 2.01
C THR B 895 -65.17 11.41 2.31
N SER B 896 -65.54 12.57 2.86
CA SER B 896 -64.57 13.60 3.16
C SER B 896 -63.53 13.16 4.18
N CYS B 897 -63.88 12.22 5.06
CA CYS B 897 -62.97 11.72 6.06
C CYS B 897 -62.26 10.44 5.64
N SER B 898 -62.43 10.00 4.41
CA SER B 898 -61.82 8.78 3.90
C SER B 898 -61.07 9.07 2.61
N GLY B 899 -60.01 8.32 2.37
CA GLY B 899 -59.24 8.48 1.15
C GLY B 899 -57.78 8.17 1.39
N ARG B 900 -57.00 8.43 0.35
CA ARG B 900 -55.54 8.38 0.49
C ARG B 900 -55.04 9.64 1.17
N VAL B 901 -54.17 9.48 2.14
CA VAL B 901 -53.65 10.59 2.92
C VAL B 901 -52.47 11.21 2.19
N GLU B 902 -52.51 12.54 2.04
CA GLU B 902 -51.44 13.28 1.37
C GLU B 902 -51.03 14.48 2.22
N ILE B 903 -49.73 14.77 2.22
CA ILE B 903 -49.18 15.92 2.92
C ILE B 903 -48.35 16.73 1.93
N TRP B 904 -48.28 18.04 2.17
CA TRP B 904 -47.56 18.97 1.32
C TRP B 904 -46.36 19.53 2.08
N HIS B 905 -45.20 19.52 1.43
CA HIS B 905 -44.00 20.04 2.06
C HIS B 905 -42.92 20.15 1.01
N GLY B 906 -42.02 21.12 1.20
CA GLY B 906 -40.93 21.30 0.26
C GLY B 906 -41.35 21.74 -1.11
N GLY B 907 -42.56 22.29 -1.25
CA GLY B 907 -43.02 22.82 -2.51
C GLY B 907 -44.02 21.97 -3.27
N SER B 908 -44.22 20.70 -2.90
CA SER B 908 -45.11 19.84 -3.65
C SER B 908 -45.85 18.91 -2.69
N TRP B 909 -47.00 18.43 -3.15
CA TRP B 909 -47.80 17.49 -2.38
C TRP B 909 -47.15 16.12 -2.39
N GLY B 910 -47.38 15.35 -1.33
CA GLY B 910 -46.75 14.05 -1.25
C GLY B 910 -47.61 13.05 -0.51
N THR B 911 -47.22 11.78 -0.62
CA THR B 911 -47.91 10.65 -0.03
C THR B 911 -47.02 9.99 1.02
N VAL B 912 -47.56 9.00 1.71
CA VAL B 912 -46.84 8.29 2.76
C VAL B 912 -46.89 6.80 2.49
N CYS B 913 -45.80 6.12 2.85
CA CYS B 913 -45.70 4.69 2.61
C CYS B 913 -46.49 3.90 3.65
N ASP B 914 -46.94 2.71 3.23
CA ASP B 914 -47.74 1.86 4.11
C ASP B 914 -46.90 1.03 5.07
N ASP B 915 -45.58 1.06 4.94
CA ASP B 915 -44.73 0.30 5.85
C ASP B 915 -44.92 0.79 7.28
N SER B 916 -45.03 -0.16 8.20
CA SER B 916 -45.22 0.10 9.63
C SER B 916 -46.51 0.85 9.93
N TRP B 917 -47.38 1.03 8.94
CA TRP B 917 -48.66 1.67 9.16
C TRP B 917 -49.55 0.79 10.02
N ASP B 918 -50.24 1.39 10.98
CA ASP B 918 -51.16 0.67 11.84
C ASP B 918 -52.27 1.63 12.27
N LEU B 919 -53.20 1.12 13.08
CA LEU B 919 -54.37 1.90 13.43
C LEU B 919 -54.01 3.15 14.23
N ASP B 920 -52.95 3.08 15.05
CA ASP B 920 -52.53 4.26 15.79
C ASP B 920 -52.11 5.38 14.83
N ASP B 921 -51.37 5.02 13.78
CA ASP B 921 -51.07 6.01 12.75
C ASP B 921 -52.35 6.56 12.13
N ALA B 922 -53.37 5.71 12.01
CA ALA B 922 -54.62 6.16 11.44
C ALA B 922 -55.33 7.14 12.36
N GLN B 923 -55.23 6.94 13.68
CA GLN B 923 -55.95 7.80 14.61
C GLN B 923 -55.43 9.23 14.56
N VAL B 924 -54.10 9.40 14.59
CA VAL B 924 -53.54 10.74 14.62
C VAL B 924 -53.88 11.49 13.33
N VAL B 925 -53.84 10.79 12.19
CA VAL B 925 -54.17 11.43 10.92
C VAL B 925 -55.59 11.95 10.95
N CYS B 926 -56.54 11.14 11.45
CA CYS B 926 -57.92 11.57 11.55
C CYS B 926 -58.05 12.76 12.50
N GLN B 927 -57.32 12.72 13.60
CA GLN B 927 -57.37 13.83 14.56
C GLN B 927 -56.89 15.13 13.94
N GLN B 928 -55.82 15.06 13.15
CA GLN B 928 -55.33 16.24 12.46
C GLN B 928 -56.38 16.79 11.50
N LEU B 929 -57.10 15.91 10.81
CA LEU B 929 -58.16 16.35 9.91
C LEU B 929 -59.33 16.97 10.63
N GLY B 930 -59.47 16.72 11.93
CA GLY B 930 -60.65 17.13 12.66
C GLY B 930 -61.82 16.18 12.55
N CYS B 931 -61.63 15.03 11.89
CA CYS B 931 -62.68 14.03 11.78
C CYS B 931 -62.81 13.25 13.08
N GLY B 932 -63.64 12.22 13.07
CA GLY B 932 -63.79 11.37 14.23
C GLY B 932 -62.66 10.36 14.32
N PRO B 933 -62.80 9.38 15.19
CA PRO B 933 -61.75 8.36 15.33
C PRO B 933 -61.63 7.49 14.08
N ALA B 934 -60.45 6.91 13.92
CA ALA B 934 -60.14 6.08 12.77
C ALA B 934 -60.64 4.66 12.98
N LEU B 935 -60.87 3.95 11.87
CA LEU B 935 -61.36 2.58 11.92
C LEU B 935 -60.46 1.58 11.21
N LYS B 936 -59.78 1.97 10.14
CA LYS B 936 -58.99 1.03 9.36
C LYS B 936 -57.73 1.72 8.85
N ALA B 937 -56.70 0.92 8.58
CA ALA B 937 -55.43 1.39 8.04
C ALA B 937 -55.14 0.59 6.78
N PHE B 938 -55.66 1.06 5.66
CA PHE B 938 -55.48 0.36 4.39
C PHE B 938 -54.03 0.47 3.94
N LYS B 939 -53.61 -0.49 3.11
CA LYS B 939 -52.25 -0.52 2.62
C LYS B 939 -52.23 -0.99 1.17
N GLU B 940 -51.08 -0.79 0.53
CA GLU B 940 -50.88 -1.11 -0.89
C GLU B 940 -51.86 -0.37 -1.78
N ALA B 941 -52.15 0.88 -1.41
CA ALA B 941 -52.95 1.80 -2.22
C ALA B 941 -54.31 1.18 -2.57
N GLU B 942 -55.09 0.90 -1.54
CA GLU B 942 -56.42 0.34 -1.76
C GLU B 942 -57.30 1.33 -2.52
N PHE B 943 -57.11 2.62 -2.28
CA PHE B 943 -57.92 3.64 -2.92
C PHE B 943 -57.29 4.21 -4.18
N GLY B 944 -56.11 3.74 -4.58
CA GLY B 944 -55.49 4.22 -5.79
C GLY B 944 -54.09 4.78 -5.56
N GLN B 945 -53.28 4.81 -6.60
CA GLN B 945 -51.92 5.32 -6.46
C GLN B 945 -51.94 6.83 -6.23
N GLY B 946 -50.84 7.34 -5.67
CA GLY B 946 -50.72 8.72 -5.30
C GLY B 946 -49.97 9.56 -6.33
N THR B 947 -49.65 10.78 -5.93
CA THR B 947 -48.97 11.74 -6.79
C THR B 947 -47.78 12.34 -6.05
N GLY B 948 -46.82 12.85 -6.82
CA GLY B 948 -45.69 13.55 -6.27
C GLY B 948 -44.70 12.63 -5.58
N PRO B 949 -43.72 13.22 -4.90
CA PRO B 949 -42.73 12.40 -4.18
C PRO B 949 -43.30 11.92 -2.85
N ILE B 950 -42.92 10.70 -2.47
CA ILE B 950 -43.37 10.13 -1.21
C ILE B 950 -42.50 10.65 -0.08
N TRP B 951 -43.12 11.22 0.95
CA TRP B 951 -42.38 11.94 1.98
C TRP B 951 -42.13 11.11 3.23
N LEU B 952 -43.19 10.65 3.89
CA LEU B 952 -43.05 9.98 5.17
C LEU B 952 -43.01 8.47 4.98
N ASN B 953 -42.01 7.84 5.58
CA ASN B 953 -41.80 6.41 5.48
C ASN B 953 -41.59 5.84 6.87
N GLU B 954 -42.20 4.68 7.15
CA GLU B 954 -42.08 4.00 8.43
C GLU B 954 -42.58 4.88 9.57
N VAL B 955 -43.83 5.33 9.45
CA VAL B 955 -44.43 6.17 10.47
C VAL B 955 -44.59 5.36 11.75
N LYS B 956 -44.18 5.95 12.87
CA LYS B 956 -44.16 5.28 14.16
C LYS B 956 -44.87 6.11 15.22
N CYS B 957 -46.07 6.59 14.90
CA CYS B 957 -46.85 7.35 15.86
C CYS B 957 -47.22 6.48 17.06
N LYS B 958 -47.27 7.12 18.22
CA LYS B 958 -47.69 6.45 19.45
C LYS B 958 -49.20 6.41 19.62
N GLY B 959 -49.95 7.07 18.75
CA GLY B 959 -51.39 7.09 18.82
C GLY B 959 -51.99 8.20 19.64
N ASN B 960 -51.16 8.96 20.37
CA ASN B 960 -51.64 10.08 21.16
C ASN B 960 -51.08 11.42 20.70
N GLU B 961 -50.25 11.43 19.67
CA GLU B 961 -49.67 12.68 19.19
C GLU B 961 -50.75 13.60 18.64
N SER B 962 -50.57 14.90 18.89
CA SER B 962 -51.53 15.88 18.38
C SER B 962 -51.49 15.97 16.87
N SER B 963 -50.33 15.77 16.26
CA SER B 963 -50.19 15.91 14.82
C SER B 963 -49.14 14.95 14.30
N LEU B 964 -49.03 14.87 12.98
CA LEU B 964 -48.18 13.86 12.36
C LEU B 964 -46.70 14.11 12.57
N TRP B 965 -46.23 15.33 12.28
CA TRP B 965 -44.79 15.57 12.33
C TRP B 965 -44.25 15.58 13.75
N ASP B 966 -45.08 15.35 14.75
CA ASP B 966 -44.54 15.03 16.07
C ASP B 966 -44.03 13.60 16.13
N CYS B 967 -44.55 12.72 15.28
CA CYS B 967 -44.13 11.33 15.29
C CYS B 967 -42.75 11.19 14.67
N PRO B 968 -41.94 10.24 15.14
CA PRO B 968 -40.64 10.00 14.51
C PRO B 968 -40.71 9.00 13.37
N ALA B 969 -40.14 9.34 12.23
CA ALA B 969 -40.13 8.49 11.05
C ALA B 969 -39.12 9.04 10.07
N ARG B 970 -38.95 8.33 8.95
CA ARG B 970 -38.08 8.80 7.87
C ARG B 970 -38.68 10.07 7.28
N ARG B 971 -38.07 11.21 7.56
CA ARG B 971 -38.67 12.51 7.28
C ARG B 971 -37.99 13.16 6.09
N TRP B 972 -38.77 13.48 5.07
CA TRP B 972 -38.33 14.29 3.94
C TRP B 972 -37.02 13.78 3.36
N GLY B 973 -36.93 12.46 3.24
CA GLY B 973 -35.75 11.81 2.71
C GLY B 973 -36.09 10.91 1.54
N HIS B 974 -35.05 10.37 0.94
CA HIS B 974 -35.19 9.45 -0.19
C HIS B 974 -35.76 8.15 0.34
N SER B 975 -37.07 7.98 0.23
CA SER B 975 -37.73 6.80 0.77
C SER B 975 -37.57 5.64 -0.20
N GLU B 976 -37.13 4.49 0.33
CA GLU B 976 -36.98 3.30 -0.48
C GLU B 976 -38.32 2.74 -0.94
N CYS B 977 -39.42 3.24 -0.38
CA CYS B 977 -40.76 2.82 -0.77
C CYS B 977 -41.09 3.32 -2.17
N GLY B 978 -42.22 2.84 -2.71
CA GLY B 978 -42.67 3.21 -4.03
C GLY B 978 -44.12 3.68 -4.03
N HIS B 979 -44.55 4.19 -5.18
CA HIS B 979 -45.90 4.71 -5.31
C HIS B 979 -46.96 3.64 -5.19
N LYS B 980 -46.60 2.36 -5.29
CA LYS B 980 -47.62 1.34 -5.17
C LYS B 980 -48.03 1.07 -3.73
N GLU B 981 -47.30 1.63 -2.76
CA GLU B 981 -47.54 1.37 -1.35
C GLU B 981 -48.09 2.59 -0.61
N ASP B 982 -48.77 3.49 -1.31
CA ASP B 982 -49.24 4.71 -0.68
C ASP B 982 -50.42 4.43 0.24
N ALA B 983 -50.23 4.72 1.52
CA ALA B 983 -51.20 4.34 2.53
C ALA B 983 -52.47 5.17 2.39
N ALA B 984 -53.53 4.68 3.04
CA ALA B 984 -54.82 5.36 3.07
C ALA B 984 -55.47 5.13 4.43
N VAL B 985 -56.36 6.04 4.81
CA VAL B 985 -57.04 5.99 6.09
C VAL B 985 -58.50 6.35 5.89
N ASN B 986 -59.39 5.64 6.59
CA ASN B 986 -60.82 5.90 6.57
C ASN B 986 -61.25 6.30 7.97
N CYS B 987 -61.73 7.53 8.13
CA CYS B 987 -62.20 8.04 9.41
C CYS B 987 -63.72 7.99 9.45
N THR B 988 -64.28 8.40 10.58
CA THR B 988 -65.73 8.56 10.70
C THR B 988 -66.12 9.99 10.39
N ASP B 989 -67.22 10.14 9.65
CA ASP B 989 -67.71 11.45 9.27
C ASP B 989 -68.38 12.16 10.45
N ASP C 222 52.32 -44.80 -14.22
CA ASP C 222 52.12 -45.01 -12.79
C ASP C 222 50.68 -44.68 -12.41
N LEU C 223 49.90 -44.25 -13.38
CA LEU C 223 48.54 -43.80 -13.12
C LEU C 223 47.68 -44.99 -12.69
N SER C 224 47.05 -44.87 -11.52
CA SER C 224 46.23 -45.93 -10.97
C SER C 224 45.17 -45.28 -10.07
N LEU C 225 44.30 -46.12 -9.51
CA LEU C 225 43.19 -45.65 -8.70
C LEU C 225 43.30 -46.21 -7.29
N ARG C 226 42.65 -45.52 -6.35
CA ARG C 226 42.52 -45.99 -4.98
C ARG C 226 41.37 -45.25 -4.33
N LEU C 227 41.21 -45.46 -3.03
CA LEU C 227 40.25 -44.73 -2.23
C LEU C 227 40.90 -44.34 -0.92
N VAL C 228 40.47 -43.21 -0.36
CA VAL C 228 41.02 -42.69 0.88
C VAL C 228 39.89 -42.18 1.76
N ASP C 229 40.07 -42.32 3.07
CA ASP C 229 39.20 -41.71 4.07
C ASP C 229 37.78 -42.26 4.02
N GLY C 230 36.86 -41.61 4.72
CA GLY C 230 35.51 -42.12 4.88
C GLY C 230 35.34 -42.89 6.18
N VAL C 231 34.08 -43.14 6.53
CA VAL C 231 33.78 -43.84 7.77
C VAL C 231 34.31 -45.26 7.74
N THR C 232 34.16 -45.93 6.62
CA THR C 232 34.66 -47.28 6.42
C THR C 232 35.65 -47.27 5.26
N GLU C 233 36.25 -48.44 5.01
CA GLU C 233 37.04 -48.59 3.81
C GLU C 233 36.16 -48.56 2.56
N CYS C 234 34.89 -48.90 2.69
CA CYS C 234 33.90 -48.69 1.63
C CYS C 234 33.15 -47.38 1.86
N SER C 235 33.92 -46.29 1.95
CA SER C 235 33.37 -44.98 2.28
C SER C 235 34.37 -43.91 1.88
N GLY C 236 33.89 -42.67 1.83
CA GLY C 236 34.73 -41.54 1.48
C GLY C 236 34.99 -41.47 -0.02
N ARG C 237 35.59 -40.35 -0.43
CA ARG C 237 35.86 -40.16 -1.85
C ARG C 237 36.91 -41.14 -2.34
N LEU C 238 36.75 -41.57 -3.58
CA LEU C 238 37.71 -42.42 -4.25
C LEU C 238 38.68 -41.52 -5.01
N GLU C 239 39.95 -41.90 -5.01
CA GLU C 239 40.99 -41.01 -5.54
C GLU C 239 41.87 -41.79 -6.52
N VAL C 240 42.00 -41.26 -7.73
CA VAL C 240 42.70 -41.93 -8.82
C VAL C 240 43.94 -41.11 -9.15
N ARG C 241 45.09 -41.78 -9.23
CA ARG C 241 46.35 -41.08 -9.40
C ARG C 241 46.44 -40.45 -10.78
N PHE C 242 46.77 -39.17 -10.81
CA PHE C 242 47.07 -38.44 -12.04
C PHE C 242 48.33 -37.62 -11.79
N GLN C 243 49.11 -37.43 -12.86
CA GLN C 243 50.38 -36.70 -12.84
C GLN C 243 51.26 -37.09 -11.66
N GLY C 244 51.20 -38.37 -11.26
CA GLY C 244 52.06 -38.87 -10.21
C GLY C 244 51.63 -38.55 -8.81
N GLU C 245 50.37 -38.19 -8.58
CA GLU C 245 49.88 -37.91 -7.23
C GLU C 245 48.39 -38.19 -7.18
N TRP C 246 47.86 -38.28 -5.96
CA TRP C 246 46.46 -38.61 -5.74
C TRP C 246 45.66 -37.34 -5.52
N GLY C 247 44.62 -37.15 -6.33
CA GLY C 247 43.76 -35.98 -6.21
C GLY C 247 42.30 -36.37 -6.14
N THR C 248 41.53 -35.54 -5.44
CA THR C 248 40.15 -35.88 -5.09
C THR C 248 39.18 -35.38 -6.16
N ILE C 249 38.15 -36.20 -6.42
CA ILE C 249 37.16 -35.89 -7.44
C ILE C 249 36.30 -34.71 -7.01
N CYS C 250 35.89 -33.89 -7.98
CA CYS C 250 35.00 -32.76 -7.77
C CYS C 250 33.55 -33.23 -7.75
N ASP C 251 32.73 -32.57 -6.93
CA ASP C 251 31.40 -33.07 -6.60
C ASP C 251 30.31 -32.63 -7.58
N ASP C 252 30.41 -31.41 -8.11
CA ASP C 252 29.33 -30.78 -8.86
C ASP C 252 28.69 -31.75 -9.85
N GLY C 253 27.41 -32.02 -9.67
CA GLY C 253 26.69 -32.90 -10.57
C GLY C 253 27.15 -34.35 -10.54
N TRP C 254 27.37 -34.91 -9.36
CA TRP C 254 27.81 -36.30 -9.26
C TRP C 254 26.63 -37.25 -9.43
N ASP C 255 26.83 -38.28 -10.25
CA ASP C 255 25.75 -39.12 -10.75
C ASP C 255 25.63 -40.42 -9.97
N SER C 256 24.39 -40.77 -9.60
CA SER C 256 24.16 -41.99 -8.83
C SER C 256 24.45 -43.25 -9.65
N TYR C 257 23.98 -43.29 -10.90
CA TYR C 257 24.23 -44.44 -11.75
C TYR C 257 25.73 -44.63 -12.00
N ASP C 258 26.44 -43.53 -12.25
CA ASP C 258 27.88 -43.61 -12.41
C ASP C 258 28.54 -44.15 -11.15
N ALA C 259 28.01 -43.80 -9.97
CA ALA C 259 28.52 -44.36 -8.72
C ALA C 259 28.24 -45.85 -8.64
N ALA C 260 27.07 -46.29 -9.13
CA ALA C 260 26.80 -47.72 -9.18
C ALA C 260 27.84 -48.43 -10.04
N VAL C 261 28.25 -47.80 -11.14
CA VAL C 261 29.33 -48.35 -11.95
C VAL C 261 30.66 -48.26 -11.20
N ALA C 262 30.89 -47.16 -10.49
CA ALA C 262 32.13 -47.00 -9.76
C ALA C 262 32.26 -48.03 -8.64
N CYS C 263 31.15 -48.36 -7.98
CA CYS C 263 31.20 -49.34 -6.89
C CYS C 263 31.67 -50.70 -7.40
N LYS C 264 31.16 -51.13 -8.56
CA LYS C 264 31.61 -52.41 -9.12
C LYS C 264 33.07 -52.35 -9.53
N GLN C 265 33.55 -51.18 -9.95
CA GLN C 265 34.98 -51.03 -10.22
C GLN C 265 35.80 -51.14 -8.94
N LEU C 266 35.32 -50.56 -7.85
CA LEU C 266 36.02 -50.65 -6.58
C LEU C 266 35.97 -52.06 -6.01
N GLY C 267 34.82 -52.72 -6.10
CA GLY C 267 34.65 -54.03 -5.51
C GLY C 267 33.90 -54.07 -4.20
N CYS C 268 33.58 -52.91 -3.63
CA CYS C 268 32.77 -52.86 -2.42
C CYS C 268 31.33 -53.28 -2.74
N PRO C 269 30.56 -53.68 -1.72
CA PRO C 269 29.17 -54.10 -1.97
C PRO C 269 28.39 -53.03 -2.74
N THR C 270 27.84 -53.44 -3.87
CA THR C 270 27.19 -52.55 -4.82
C THR C 270 25.68 -52.48 -4.64
N ALA C 271 25.14 -53.12 -3.60
CA ALA C 271 23.70 -53.11 -3.40
C ALA C 271 23.18 -51.69 -3.15
N VAL C 272 23.92 -50.89 -2.39
CA VAL C 272 23.58 -49.50 -2.15
C VAL C 272 24.80 -48.65 -2.51
N THR C 273 24.59 -47.68 -3.40
CA THR C 273 25.67 -46.81 -3.89
C THR C 273 25.32 -45.37 -3.54
N ALA C 274 25.82 -44.89 -2.41
CA ALA C 274 25.53 -43.55 -1.94
C ALA C 274 26.34 -42.53 -2.72
N ILE C 275 25.79 -41.33 -2.87
CA ILE C 275 26.47 -40.27 -3.60
C ILE C 275 27.06 -39.29 -2.60
N GLY C 276 28.37 -39.08 -2.67
CA GLY C 276 29.04 -38.20 -1.74
C GLY C 276 29.82 -38.95 -0.68
N ARG C 277 30.50 -38.16 0.16
CA ARG C 277 31.30 -38.67 1.26
C ARG C 277 30.93 -37.92 2.53
N VAL C 278 31.22 -38.53 3.68
CA VAL C 278 30.74 -37.95 4.93
C VAL C 278 31.88 -37.62 5.89
N ASN C 279 32.59 -38.64 6.38
CA ASN C 279 33.67 -38.41 7.32
C ASN C 279 34.97 -38.05 6.63
N ALA C 280 35.03 -38.23 5.32
CA ALA C 280 36.16 -37.78 4.52
C ALA C 280 36.00 -36.28 4.29
N SER C 281 37.08 -35.53 4.49
CA SER C 281 37.10 -34.14 4.08
C SER C 281 37.50 -34.04 2.61
N LYS C 282 37.63 -32.81 2.12
CA LYS C 282 38.15 -32.62 0.78
C LYS C 282 39.60 -33.09 0.73
N GLY C 283 39.96 -33.74 -0.38
CA GLY C 283 41.35 -34.10 -0.56
C GLY C 283 42.11 -32.89 -1.05
N PHE C 284 42.88 -32.27 -0.16
CA PHE C 284 43.53 -31.01 -0.51
C PHE C 284 44.57 -31.26 -1.61
N GLY C 285 44.40 -30.55 -2.71
CA GLY C 285 45.21 -30.76 -3.88
C GLY C 285 44.48 -30.29 -5.12
N HIS C 286 45.12 -30.48 -6.26
CA HIS C 286 44.55 -30.04 -7.52
C HIS C 286 43.41 -30.97 -7.92
N ILE C 287 42.20 -30.42 -7.95
CA ILE C 287 40.98 -31.20 -8.22
C ILE C 287 40.80 -31.33 -9.72
N TRP C 288 40.57 -32.54 -10.20
CA TRP C 288 40.46 -32.79 -11.64
C TRP C 288 39.03 -32.98 -12.13
N LEU C 289 38.35 -34.01 -11.63
CA LEU C 289 37.17 -34.57 -12.30
C LEU C 289 35.88 -34.04 -11.70
N ASP C 290 35.03 -33.45 -12.54
CA ASP C 290 33.76 -32.89 -12.13
C ASP C 290 32.66 -33.31 -13.10
N SER C 291 31.51 -33.69 -12.53
CA SER C 291 30.28 -33.92 -13.30
C SER C 291 30.51 -34.87 -14.48
N VAL C 292 31.25 -35.96 -14.25
CA VAL C 292 31.66 -36.82 -15.35
C VAL C 292 30.44 -37.54 -15.92
N SER C 293 30.30 -37.49 -17.24
CA SER C 293 29.21 -38.15 -17.94
C SER C 293 29.58 -39.54 -18.44
N CYS C 294 30.79 -40.00 -18.14
CA CYS C 294 31.21 -41.33 -18.56
C CYS C 294 30.32 -42.39 -17.92
N GLN C 295 29.84 -43.34 -18.74
CA GLN C 295 29.05 -44.44 -18.21
C GLN C 295 29.88 -45.35 -17.32
N GLY C 296 31.19 -45.40 -17.54
CA GLY C 296 32.06 -46.18 -16.70
C GLY C 296 32.15 -47.66 -17.05
N HIS C 297 31.43 -48.11 -18.07
CA HIS C 297 31.56 -49.51 -18.49
C HIS C 297 32.98 -49.81 -18.92
N GLU C 298 33.70 -48.82 -19.42
CA GLU C 298 35.13 -48.96 -19.66
C GLU C 298 35.87 -48.96 -18.32
N PRO C 299 36.85 -49.84 -18.13
CA PRO C 299 37.51 -49.93 -16.81
C PRO C 299 38.20 -48.64 -16.38
N ALA C 300 38.72 -47.86 -17.31
CA ALA C 300 39.51 -46.68 -16.97
C ALA C 300 38.74 -45.40 -17.30
N ILE C 301 39.00 -44.37 -16.50
CA ILE C 301 38.40 -43.07 -16.74
C ILE C 301 38.94 -42.44 -18.02
N TRP C 302 40.26 -42.53 -18.23
CA TRP C 302 40.87 -41.88 -19.39
C TRP C 302 40.43 -42.53 -20.70
N GLN C 303 40.05 -43.81 -20.67
CA GLN C 303 39.65 -44.50 -21.88
C GLN C 303 38.16 -44.34 -22.20
N CYS C 304 37.37 -43.75 -21.31
CA CYS C 304 35.93 -43.63 -21.51
C CYS C 304 35.49 -42.19 -21.78
N LYS C 305 36.29 -41.44 -22.53
CA LYS C 305 35.95 -40.07 -22.95
C LYS C 305 35.76 -39.16 -21.73
N HIS C 306 36.85 -38.95 -21.00
CA HIS C 306 36.85 -37.92 -19.98
C HIS C 306 37.19 -36.58 -20.62
N HIS C 307 36.53 -35.53 -20.14
CA HIS C 307 36.86 -34.19 -20.59
C HIS C 307 38.05 -33.66 -19.80
N GLU C 308 38.94 -32.95 -20.47
CA GLU C 308 40.13 -32.43 -19.81
C GLU C 308 39.74 -31.51 -18.67
N TRP C 309 40.51 -31.59 -17.59
CA TRP C 309 40.25 -30.83 -16.38
C TRP C 309 41.05 -29.54 -16.42
N GLY C 310 40.37 -28.42 -16.19
CA GLY C 310 41.04 -27.13 -16.13
C GLY C 310 40.45 -26.06 -17.03
N LYS C 311 39.22 -26.26 -17.49
CA LYS C 311 38.53 -25.22 -18.25
C LYS C 311 37.52 -24.48 -17.38
N HIS C 312 36.56 -25.21 -16.80
CA HIS C 312 35.63 -24.59 -15.87
C HIS C 312 36.10 -24.68 -14.44
N TYR C 313 37.17 -25.42 -14.17
CA TYR C 313 37.86 -25.43 -12.89
C TYR C 313 36.99 -26.02 -11.77
N CYS C 314 37.59 -26.29 -10.63
CA CYS C 314 36.86 -26.61 -9.40
C CYS C 314 37.57 -25.97 -8.22
N ASN C 315 36.77 -25.57 -7.24
CA ASN C 315 37.31 -25.07 -5.99
C ASN C 315 37.45 -26.22 -5.00
N HIS C 316 37.90 -25.90 -3.79
CA HIS C 316 38.23 -26.95 -2.82
C HIS C 316 36.98 -27.55 -2.19
N ASN C 317 35.94 -26.74 -1.99
CA ASN C 317 34.74 -27.22 -1.32
C ASN C 317 33.88 -28.09 -2.20
N GLU C 318 34.16 -28.17 -3.50
CA GLU C 318 33.33 -28.87 -4.45
C GLU C 318 33.78 -30.32 -4.69
N ASP C 319 34.40 -30.95 -3.69
CA ASP C 319 34.98 -32.27 -3.89
C ASP C 319 33.94 -33.38 -3.70
N ALA C 320 34.12 -34.46 -4.46
CA ALA C 320 33.12 -35.52 -4.57
C ALA C 320 33.33 -36.62 -3.52
N GLY C 321 32.56 -37.69 -3.65
CA GLY C 321 32.66 -38.84 -2.77
C GLY C 321 31.71 -39.93 -3.18
N VAL C 322 31.99 -41.14 -2.71
CA VAL C 322 31.19 -42.33 -2.99
C VAL C 322 31.17 -43.22 -1.76
N THR C 323 30.04 -43.87 -1.50
CA THR C 323 29.91 -44.85 -0.42
C THR C 323 29.12 -46.05 -0.92
N CYS C 324 29.76 -47.21 -0.95
CA CYS C 324 29.15 -48.45 -1.43
C CYS C 324 28.97 -49.42 -0.26
N SER C 325 27.80 -50.04 -0.19
CA SER C 325 27.49 -50.95 0.91
C SER C 325 26.35 -51.87 0.49
N ASP C 326 26.14 -52.91 1.31
CA ASP C 326 25.05 -53.84 1.04
C ASP C 326 23.69 -53.20 1.33
N GLY C 327 23.66 -52.17 2.17
CA GLY C 327 22.42 -51.53 2.52
C GLY C 327 21.60 -52.22 3.59
N SER C 328 22.13 -53.27 4.22
CA SER C 328 21.40 -53.91 5.30
C SER C 328 21.46 -53.09 6.58
N ASP C 329 22.64 -52.56 6.91
CA ASP C 329 22.83 -51.88 8.19
C ASP C 329 22.19 -50.50 8.20
N LEU C 330 22.34 -49.73 7.12
CA LEU C 330 21.85 -48.36 7.12
C LEU C 330 20.33 -48.35 7.19
N GLU C 331 19.76 -47.29 7.77
CA GLU C 331 18.32 -47.21 7.92
C GLU C 331 17.90 -45.74 7.95
N LEU C 332 16.59 -45.54 8.14
CA LEU C 332 16.00 -44.22 8.22
C LEU C 332 15.02 -44.21 9.37
N ARG C 333 15.06 -43.14 10.16
CA ARG C 333 14.21 -43.07 11.34
C ARG C 333 13.83 -41.62 11.58
N LEU C 334 12.67 -41.44 12.19
CA LEU C 334 12.20 -40.12 12.61
C LEU C 334 12.37 -40.01 14.11
N ARG C 335 13.00 -38.94 14.55
CA ARG C 335 13.24 -38.70 15.96
C ARG C 335 12.99 -37.23 16.26
N GLY C 336 12.74 -36.94 17.53
CA GLY C 336 12.56 -35.57 17.97
C GLY C 336 11.14 -35.09 18.09
N GLY C 337 10.20 -35.97 18.42
CA GLY C 337 8.83 -35.55 18.62
C GLY C 337 8.10 -36.57 19.46
N GLY C 338 6.94 -36.15 19.98
CA GLY C 338 6.13 -37.05 20.78
C GLY C 338 5.63 -38.25 20.03
N SER C 339 5.59 -38.17 18.70
CA SER C 339 5.21 -39.31 17.90
C SER C 339 6.36 -40.28 17.73
N ARG C 340 6.02 -41.48 17.29
CA ARG C 340 7.00 -42.47 16.88
C ARG C 340 7.12 -42.56 15.37
N CYS C 341 6.01 -42.35 14.65
CA CYS C 341 6.08 -42.22 13.20
C CYS C 341 6.52 -40.83 12.78
N ALA C 342 6.04 -39.80 13.47
CA ALA C 342 6.30 -38.42 13.08
C ALA C 342 7.45 -37.84 13.89
N GLY C 343 8.28 -37.06 13.23
CA GLY C 343 9.42 -36.45 13.90
C GLY C 343 10.33 -35.76 12.91
N THR C 344 11.50 -35.37 13.40
CA THR C 344 12.54 -34.85 12.53
C THR C 344 13.25 -35.99 11.83
N VAL C 345 13.49 -35.86 10.53
CA VAL C 345 14.10 -36.93 9.76
C VAL C 345 15.57 -37.06 10.11
N GLU C 346 15.91 -38.09 10.88
CA GLU C 346 17.30 -38.39 11.24
C GLU C 346 17.68 -39.72 10.62
N VAL C 347 18.40 -39.67 9.50
CA VAL C 347 18.75 -40.85 8.72
C VAL C 347 20.07 -41.39 9.26
N GLU C 348 20.13 -42.72 9.41
CA GLU C 348 21.30 -43.40 9.97
C GLU C 348 21.99 -44.20 8.89
N ILE C 349 23.26 -43.92 8.65
CA ILE C 349 24.05 -44.58 7.63
C ILE C 349 25.41 -44.90 8.23
N GLN C 350 25.94 -46.09 7.91
CA GLN C 350 27.32 -46.45 8.23
C GLN C 350 27.68 -46.10 9.66
N ARG C 351 26.71 -46.23 10.57
CA ARG C 351 26.88 -45.87 11.97
C ARG C 351 27.22 -44.38 12.12
N LEU C 352 26.31 -43.53 11.64
CA LEU C 352 26.29 -42.12 11.99
C LEU C 352 24.91 -41.57 11.64
N LEU C 353 24.64 -40.37 12.14
CA LEU C 353 23.33 -39.73 11.96
C LEU C 353 23.46 -38.48 11.11
N GLY C 354 22.35 -38.08 10.49
CA GLY C 354 22.32 -36.93 9.62
C GLY C 354 20.90 -36.42 9.45
N LYS C 355 20.76 -35.39 8.62
CA LYS C 355 19.47 -34.79 8.32
C LYS C 355 19.31 -34.61 6.82
N VAL C 356 18.10 -34.26 6.40
CA VAL C 356 17.73 -34.22 4.99
C VAL C 356 17.16 -32.85 4.66
N CYS C 357 17.71 -32.21 3.63
CA CYS C 357 17.27 -30.88 3.24
C CYS C 357 15.82 -30.90 2.73
N ASP C 358 15.12 -29.80 2.94
CA ASP C 358 13.73 -29.69 2.52
C ASP C 358 13.57 -29.06 1.13
N ARG C 359 14.66 -28.65 0.49
CA ARG C 359 14.54 -27.99 -0.81
C ARG C 359 14.04 -28.96 -1.87
N GLY C 360 14.52 -30.21 -1.85
CA GLY C 360 13.95 -31.23 -2.70
C GLY C 360 12.77 -31.94 -2.12
N TRP C 361 12.31 -31.50 -0.94
CA TRP C 361 11.28 -32.20 -0.20
C TRP C 361 9.89 -31.66 -0.51
N GLY C 362 8.91 -32.55 -0.43
CA GLY C 362 7.52 -32.19 -0.66
C GLY C 362 6.62 -33.28 -0.13
N LEU C 363 5.31 -33.04 -0.25
CA LEU C 363 4.35 -34.02 0.20
C LEU C 363 4.43 -35.31 -0.61
N LYS C 364 4.61 -35.19 -1.93
CA LYS C 364 4.77 -36.37 -2.77
C LYS C 364 6.05 -37.12 -2.42
N GLU C 365 7.09 -36.41 -1.98
CA GLU C 365 8.33 -37.07 -1.61
C GLU C 365 8.21 -37.70 -0.23
N ALA C 366 7.60 -36.99 0.72
CA ALA C 366 7.51 -37.48 2.09
C ALA C 366 6.68 -38.75 2.19
N ASP C 367 5.86 -39.05 1.17
CA ASP C 367 5.11 -40.30 1.17
C ASP C 367 6.05 -41.50 1.11
N VAL C 368 7.15 -41.37 0.36
CA VAL C 368 8.09 -42.48 0.21
C VAL C 368 8.73 -42.82 1.55
N VAL C 369 9.09 -41.79 2.33
CA VAL C 369 9.65 -42.04 3.66
C VAL C 369 8.59 -42.63 4.57
N CYS C 370 7.38 -42.08 4.53
CA CYS C 370 6.33 -42.53 5.43
C CYS C 370 5.94 -43.98 5.14
N ARG C 371 5.86 -44.35 3.86
CA ARG C 371 5.55 -45.74 3.53
C ARG C 371 6.69 -46.67 3.92
N GLN C 372 7.94 -46.20 3.85
CA GLN C 372 9.06 -47.00 4.34
C GLN C 372 8.91 -47.29 5.82
N LEU C 373 8.50 -46.29 6.60
CA LEU C 373 8.24 -46.48 8.02
C LEU C 373 7.00 -47.32 8.28
N GLY C 374 6.18 -47.56 7.25
CA GLY C 374 4.98 -48.35 7.42
C GLY C 374 3.80 -47.62 7.99
N CYS C 375 3.93 -46.31 8.25
CA CYS C 375 2.82 -45.57 8.84
C CYS C 375 1.66 -45.42 7.85
N GLY C 376 1.95 -45.02 6.61
CA GLY C 376 0.94 -45.10 5.57
C GLY C 376 0.81 -43.91 4.62
N SER C 377 0.98 -42.69 5.11
CA SER C 377 0.85 -41.52 4.25
C SER C 377 1.37 -40.28 4.96
N ALA C 378 1.77 -39.30 4.18
CA ALA C 378 2.31 -38.04 4.67
C ALA C 378 1.26 -36.95 4.58
N LEU C 379 1.20 -36.10 5.60
CA LEU C 379 0.19 -35.05 5.69
C LEU C 379 0.75 -33.67 5.39
N LYS C 380 1.77 -33.23 6.12
CA LYS C 380 2.31 -31.89 5.96
C LYS C 380 3.83 -31.93 6.07
N THR C 381 4.45 -30.84 5.62
CA THR C 381 5.90 -30.74 5.58
C THR C 381 6.48 -30.08 6.83
N SER C 382 5.65 -29.79 7.82
CA SER C 382 6.12 -29.27 9.11
C SER C 382 5.45 -30.06 10.22
N TYR C 383 6.21 -30.46 11.22
CA TYR C 383 5.70 -31.27 12.31
C TYR C 383 5.91 -30.57 13.65
N GLN C 384 4.99 -30.81 14.58
CA GLN C 384 5.11 -30.21 15.89
C GLN C 384 6.13 -30.95 16.70
N VAL C 385 6.81 -30.24 17.57
CA VAL C 385 7.90 -30.86 18.30
C VAL C 385 7.69 -30.98 19.78
N TYR C 386 7.90 -32.16 20.33
CA TYR C 386 7.79 -32.33 21.77
C TYR C 386 9.13 -32.03 22.41
N SER C 387 10.22 -32.25 21.67
CA SER C 387 11.54 -31.93 22.17
C SER C 387 12.50 -31.79 21.00
N LYS C 388 13.70 -31.29 21.30
CA LYS C 388 14.71 -31.03 20.29
C LYS C 388 15.89 -31.98 20.47
N ILE C 389 16.58 -32.26 19.38
CA ILE C 389 17.71 -33.17 19.38
C ILE C 389 18.96 -32.39 18.99
N GLN C 390 20.12 -32.91 19.40
CA GLN C 390 21.38 -32.30 19.04
C GLN C 390 21.59 -32.31 17.53
N ALA C 391 22.24 -31.26 17.03
CA ALA C 391 22.41 -31.08 15.60
C ALA C 391 23.43 -32.07 15.04
N THR C 392 23.51 -32.10 13.71
CA THR C 392 24.49 -32.92 13.01
C THR C 392 25.04 -32.14 11.82
N ASN C 393 26.21 -32.57 11.35
CA ASN C 393 26.92 -31.88 10.30
C ASN C 393 26.53 -32.37 8.90
N THR C 394 26.22 -33.64 8.76
CA THR C 394 25.92 -34.21 7.45
C THR C 394 24.48 -33.91 7.04
N TRP C 395 24.27 -33.71 5.74
CA TRP C 395 22.95 -33.44 5.22
C TRP C 395 22.67 -34.35 4.03
N LEU C 396 21.39 -34.68 3.85
CA LEU C 396 20.93 -35.62 2.85
C LEU C 396 20.15 -34.91 1.75
N PHE C 397 20.42 -35.30 0.50
CA PHE C 397 19.87 -34.63 -0.66
C PHE C 397 19.17 -35.64 -1.56
N LEU C 398 17.97 -35.28 -2.01
CA LEU C 398 17.23 -36.05 -3.01
C LEU C 398 16.74 -35.11 -4.10
N SER C 399 16.66 -35.62 -5.32
CA SER C 399 16.08 -34.84 -6.40
C SER C 399 14.56 -34.95 -6.40
N SER C 400 14.04 -36.16 -6.60
CA SER C 400 12.61 -36.41 -6.61
C SER C 400 12.37 -37.91 -6.50
N CYS C 401 11.17 -38.27 -6.04
CA CYS C 401 10.77 -39.66 -5.93
C CYS C 401 9.36 -39.81 -6.49
N ASN C 402 9.15 -40.86 -7.30
CA ASN C 402 7.83 -41.08 -7.89
C ASN C 402 6.79 -41.37 -6.82
N GLY C 403 7.16 -42.12 -5.79
CA GLY C 403 6.23 -42.59 -4.79
C GLY C 403 5.84 -44.04 -4.94
N ASN C 404 6.08 -44.65 -6.10
CA ASN C 404 5.85 -46.08 -6.27
C ASN C 404 6.92 -46.92 -5.61
N GLU C 405 8.08 -46.33 -5.31
CA GLU C 405 9.12 -47.06 -4.61
C GLU C 405 8.76 -47.23 -3.14
N THR C 406 8.97 -48.44 -2.63
CA THR C 406 8.65 -48.72 -1.23
C THR C 406 9.68 -48.12 -0.29
N SER C 407 10.92 -47.95 -0.73
CA SER C 407 12.00 -47.46 0.10
C SER C 407 12.69 -46.29 -0.56
N LEU C 408 13.18 -45.36 0.26
CA LEU C 408 13.96 -44.24 -0.27
C LEU C 408 15.24 -44.76 -0.93
N TRP C 409 15.85 -45.78 -0.33
CA TRP C 409 17.00 -46.40 -0.98
C TRP C 409 16.62 -47.01 -2.32
N ASP C 410 15.38 -47.47 -2.45
CA ASP C 410 14.91 -47.90 -3.77
C ASP C 410 14.77 -46.71 -4.71
N CYS C 411 14.49 -45.52 -4.18
CA CYS C 411 14.35 -44.33 -4.99
C CYS C 411 15.71 -43.91 -5.54
N LYS C 412 15.68 -42.99 -6.50
CA LYS C 412 16.86 -42.63 -7.27
C LYS C 412 17.47 -41.32 -6.81
N ASN C 413 18.78 -41.18 -7.07
CA ASN C 413 19.53 -39.94 -6.87
C ASN C 413 19.45 -39.44 -5.43
N TRP C 414 20.07 -40.23 -4.55
CA TRP C 414 20.23 -39.87 -3.16
C TRP C 414 21.67 -39.42 -2.92
N GLN C 415 21.83 -38.19 -2.43
CA GLN C 415 23.13 -37.63 -2.10
C GLN C 415 23.19 -37.41 -0.59
N TRP C 416 24.03 -38.20 0.08
CA TRP C 416 24.19 -38.16 1.52
C TRP C 416 25.64 -37.81 1.84
N GLY C 417 25.87 -36.57 2.28
CA GLY C 417 27.20 -36.09 2.54
C GLY C 417 27.90 -35.61 1.28
N GLY C 418 29.03 -34.94 1.49
CA GLY C 418 29.82 -34.39 0.40
C GLY C 418 29.47 -32.98 0.00
N LEU C 419 28.40 -32.40 0.55
CA LEU C 419 27.99 -31.05 0.21
C LEU C 419 27.19 -30.47 1.37
N THR C 420 27.18 -29.14 1.44
CA THR C 420 26.49 -28.43 2.52
C THR C 420 25.14 -27.93 2.04
N CYS C 421 24.12 -28.08 2.88
CA CYS C 421 22.78 -27.65 2.53
C CYS C 421 22.70 -26.15 2.27
N ASP C 422 23.62 -25.39 2.85
CA ASP C 422 23.77 -23.96 2.59
C ASP C 422 22.51 -23.26 3.10
N HIS C 423 21.66 -22.74 2.20
CA HIS C 423 20.52 -21.95 2.63
C HIS C 423 19.39 -22.85 3.16
N TYR C 424 19.18 -23.99 2.53
CA TYR C 424 17.99 -24.79 2.80
C TYR C 424 18.09 -25.46 4.16
N GLU C 425 16.95 -26.01 4.61
CA GLU C 425 16.81 -26.52 5.96
C GLU C 425 16.33 -27.97 5.91
N GLU C 426 16.44 -28.65 7.05
CA GLU C 426 16.06 -30.05 7.13
C GLU C 426 14.56 -30.25 6.99
N ALA C 427 14.17 -31.46 6.63
CA ALA C 427 12.77 -31.83 6.50
C ALA C 427 12.18 -32.25 7.84
N LYS C 428 10.89 -31.98 8.03
CA LYS C 428 10.23 -32.24 9.31
C LYS C 428 8.79 -32.62 8.99
N ILE C 429 8.49 -33.92 8.95
CA ILE C 429 7.22 -34.40 8.42
C ILE C 429 6.43 -35.11 9.51
N THR C 430 5.13 -35.27 9.23
CA THR C 430 4.22 -36.04 10.06
C THR C 430 3.56 -37.09 9.20
N CYS C 431 3.44 -38.30 9.74
CA CYS C 431 2.79 -39.40 9.04
C CYS C 431 1.30 -39.45 9.38
N SER C 432 0.56 -40.15 8.52
CA SER C 432 -0.88 -40.27 8.71
C SER C 432 -1.21 -41.17 9.90
N ALA C 433 -0.42 -42.22 10.12
CA ALA C 433 -0.74 -43.19 11.16
C ALA C 433 -0.67 -42.61 12.56
N HIS C 434 0.00 -41.48 12.73
CA HIS C 434 0.04 -40.85 14.04
C HIS C 434 -1.35 -40.39 14.46
N ARG C 435 -1.61 -40.52 15.76
CA ARG C 435 -2.84 -40.05 16.41
C ARG C 435 -4.09 -40.75 15.90
N GLU C 436 -3.94 -41.90 15.24
CA GLU C 436 -5.04 -42.49 14.49
C GLU C 436 -6.17 -42.93 15.42
N PRO C 437 -7.39 -42.45 15.21
CA PRO C 437 -8.53 -42.90 16.03
C PRO C 437 -9.30 -44.04 15.38
N ARG C 438 -9.86 -44.90 16.22
CA ARG C 438 -10.78 -45.93 15.77
C ARG C 438 -11.96 -45.98 16.71
N LEU C 439 -13.03 -46.63 16.25
CA LEU C 439 -14.26 -46.74 17.02
C LEU C 439 -14.52 -48.21 17.33
N VAL C 440 -14.72 -48.52 18.62
CA VAL C 440 -14.97 -49.87 19.06
C VAL C 440 -16.13 -49.89 20.03
N GLY C 441 -16.69 -51.07 20.24
CA GLY C 441 -17.75 -51.23 21.21
C GLY C 441 -19.08 -50.65 20.82
N GLY C 442 -19.31 -50.44 19.52
CA GLY C 442 -20.57 -49.87 19.08
C GLY C 442 -21.42 -50.82 18.29
N ASP C 443 -22.67 -51.01 18.72
CA ASP C 443 -23.59 -51.86 17.97
C ASP C 443 -23.88 -51.27 16.59
N ILE C 444 -24.12 -49.97 16.53
CA ILE C 444 -24.25 -49.30 15.22
C ILE C 444 -22.88 -49.25 14.57
N PRO C 445 -22.78 -49.28 13.23
CA PRO C 445 -21.45 -49.38 12.62
C PRO C 445 -20.50 -48.23 12.96
N CYS C 446 -20.98 -47.00 13.06
CA CYS C 446 -20.09 -45.86 13.33
C CYS C 446 -20.52 -45.20 14.63
N SER C 447 -20.05 -45.76 15.75
CA SER C 447 -20.18 -45.18 17.08
C SER C 447 -19.51 -46.11 18.07
N GLY C 448 -19.32 -45.63 19.28
CA GLY C 448 -18.78 -46.42 20.36
C GLY C 448 -17.71 -45.67 21.11
N ARG C 449 -16.89 -46.41 21.85
CA ARG C 449 -15.78 -45.83 22.59
C ARG C 449 -14.71 -45.37 21.62
N VAL C 450 -14.01 -44.29 21.98
CA VAL C 450 -12.95 -43.74 21.15
C VAL C 450 -11.62 -44.35 21.56
N GLU C 451 -10.89 -44.88 20.58
CA GLU C 451 -9.55 -45.41 20.76
C GLU C 451 -8.60 -44.66 19.84
N VAL C 452 -7.47 -44.22 20.39
CA VAL C 452 -6.46 -43.51 19.61
C VAL C 452 -5.21 -44.36 19.55
N LYS C 453 -4.47 -44.26 18.46
CA LYS C 453 -3.26 -45.03 18.25
C LYS C 453 -2.06 -44.09 18.28
N HIS C 454 -1.10 -44.38 19.15
CA HIS C 454 0.19 -43.69 19.17
C HIS C 454 1.22 -44.68 18.67
N GLY C 455 1.66 -44.51 17.42
CA GLY C 455 2.58 -45.47 16.84
C GLY C 455 1.94 -46.85 16.79
N ASP C 456 2.38 -47.74 17.68
CA ASP C 456 1.77 -49.05 17.80
C ASP C 456 0.84 -49.18 19.01
N THR C 457 0.93 -48.28 19.98
CA THR C 457 0.11 -48.39 21.17
C THR C 457 -1.33 -47.99 20.88
N TRP C 458 -2.26 -48.73 21.46
CA TRP C 458 -3.67 -48.38 21.43
C TRP C 458 -4.05 -47.94 22.84
N GLY C 459 -4.53 -46.72 22.98
CA GLY C 459 -4.85 -46.19 24.29
C GLY C 459 -6.18 -45.46 24.29
N SER C 460 -6.86 -45.55 25.42
CA SER C 460 -8.11 -44.84 25.58
C SER C 460 -7.85 -43.38 25.93
N ILE C 461 -8.87 -42.55 25.76
CA ILE C 461 -8.78 -41.12 25.97
C ILE C 461 -9.77 -40.73 27.06
N CYS C 462 -9.29 -40.00 28.07
CA CYS C 462 -10.19 -39.50 29.09
C CYS C 462 -11.15 -38.48 28.50
N ASP C 463 -12.41 -38.52 28.96
CA ASP C 463 -13.39 -37.56 28.48
C ASP C 463 -13.01 -36.14 28.86
N SER C 464 -12.31 -35.96 29.97
CA SER C 464 -11.86 -34.62 30.36
C SER C 464 -10.88 -34.05 29.33
N ASP C 465 -9.96 -34.87 28.84
CA ASP C 465 -9.07 -34.43 27.77
C ASP C 465 -9.86 -34.09 26.51
N PHE C 466 -10.86 -34.90 26.18
CA PHE C 466 -11.64 -34.67 25.00
C PHE C 466 -12.47 -33.40 25.13
N SER C 467 -12.91 -32.88 23.99
CA SER C 467 -13.71 -31.66 23.97
C SER C 467 -14.57 -31.66 22.72
N LEU C 468 -15.59 -30.80 22.73
CA LEU C 468 -16.54 -30.76 21.61
C LEU C 468 -15.83 -30.41 20.31
N GLU C 469 -14.80 -29.56 20.40
CA GLU C 469 -14.02 -29.25 19.21
C GLU C 469 -13.34 -30.50 18.68
N ALA C 470 -12.63 -31.22 19.55
CA ALA C 470 -12.05 -32.49 19.15
C ALA C 470 -13.11 -33.47 18.70
N ALA C 471 -14.29 -33.42 19.33
CA ALA C 471 -15.42 -34.24 18.88
C ALA C 471 -15.85 -33.85 17.48
N SER C 472 -15.91 -32.54 17.20
CA SER C 472 -16.31 -32.09 15.88
C SER C 472 -15.34 -32.60 14.82
N VAL C 473 -14.04 -32.53 15.10
CA VAL C 473 -13.06 -33.10 14.17
C VAL C 473 -13.21 -34.61 14.09
N LEU C 474 -13.34 -35.26 15.24
CA LEU C 474 -13.12 -36.71 15.31
C LEU C 474 -14.10 -37.47 14.43
N CYS C 475 -15.29 -36.93 14.22
CA CYS C 475 -16.25 -37.60 13.36
C CYS C 475 -15.90 -37.51 11.88
N ARG C 476 -14.97 -36.64 11.50
CA ARG C 476 -14.74 -36.41 10.08
C ARG C 476 -13.79 -37.45 9.49
N GLU C 477 -12.61 -37.65 10.09
CA GLU C 477 -11.64 -38.54 9.47
C GLU C 477 -12.18 -39.96 9.41
N LEU C 478 -13.09 -40.29 10.32
CA LEU C 478 -13.82 -41.55 10.27
C LEU C 478 -14.86 -41.57 9.18
N GLN C 479 -14.91 -40.50 8.37
CA GLN C 479 -15.86 -40.39 7.26
C GLN C 479 -17.29 -40.55 7.74
N CYS C 480 -17.62 -39.96 8.90
CA CYS C 480 -18.92 -40.11 9.51
C CYS C 480 -19.64 -38.77 9.71
N GLY C 481 -19.28 -37.73 8.96
CA GLY C 481 -20.03 -36.49 9.00
C GLY C 481 -19.94 -35.79 10.34
N THR C 482 -21.08 -35.26 10.78
CA THR C 482 -21.12 -34.52 12.03
C THR C 482 -21.31 -35.46 13.21
N VAL C 483 -20.99 -34.94 14.40
CA VAL C 483 -21.09 -35.70 15.63
C VAL C 483 -22.47 -35.48 16.24
N VAL C 484 -23.17 -36.58 16.55
CA VAL C 484 -24.45 -36.47 17.24
C VAL C 484 -24.26 -35.89 18.62
N SER C 485 -23.35 -36.47 19.40
CA SER C 485 -23.09 -36.02 20.76
C SER C 485 -21.90 -36.78 21.31
N ILE C 486 -21.49 -36.41 22.52
CA ILE C 486 -20.42 -37.07 23.26
C ILE C 486 -21.01 -37.60 24.56
N LEU C 487 -20.52 -38.75 24.99
CA LEU C 487 -20.97 -39.38 26.22
C LEU C 487 -19.77 -39.76 27.07
N GLY C 488 -19.78 -39.35 28.33
CA GLY C 488 -18.68 -39.60 29.24
C GLY C 488 -18.93 -40.78 30.16
N GLY C 489 -17.95 -41.02 31.03
CA GLY C 489 -18.05 -42.09 32.00
C GLY C 489 -18.10 -43.48 31.39
N ALA C 490 -17.40 -43.69 30.28
CA ALA C 490 -17.32 -44.99 29.61
C ALA C 490 -18.72 -45.56 29.32
N HIS C 491 -19.58 -44.69 28.78
CA HIS C 491 -20.96 -45.09 28.52
C HIS C 491 -21.02 -46.25 27.55
N PHE C 492 -20.31 -46.15 26.43
CA PHE C 492 -20.31 -47.25 25.45
C PHE C 492 -19.61 -48.47 26.01
N GLY C 493 -18.51 -48.27 26.73
CA GLY C 493 -17.77 -49.36 27.31
C GLY C 493 -16.62 -48.88 28.17
N GLU C 494 -16.27 -49.66 29.20
CA GLU C 494 -15.20 -49.30 30.12
C GLU C 494 -13.89 -49.83 29.58
N GLY C 495 -13.04 -48.93 29.10
CA GLY C 495 -11.76 -49.35 28.55
C GLY C 495 -10.84 -49.89 29.65
N ASN C 496 -10.07 -50.91 29.30
CA ASN C 496 -9.15 -51.56 30.23
C ASN C 496 -7.77 -51.62 29.56
N GLY C 497 -6.98 -50.58 29.76
CA GLY C 497 -5.66 -50.51 29.16
C GLY C 497 -5.00 -49.20 29.53
N GLN C 498 -3.81 -49.00 28.97
CA GLN C 498 -3.05 -47.79 29.26
C GLN C 498 -3.80 -46.58 28.71
N ILE C 499 -4.11 -45.63 29.60
CA ILE C 499 -4.85 -44.44 29.23
C ILE C 499 -3.86 -43.34 28.88
N TRP C 500 -3.90 -42.88 27.64
CA TRP C 500 -3.03 -41.79 27.22
C TRP C 500 -3.45 -40.50 27.92
N ALA C 501 -2.47 -39.77 28.42
CA ALA C 501 -2.68 -38.49 29.10
C ALA C 501 -2.20 -37.38 28.17
N GLU C 502 -3.08 -36.94 27.28
CA GLU C 502 -2.76 -35.88 26.32
C GLU C 502 -3.98 -34.99 26.16
N GLU C 503 -3.89 -33.77 26.67
CA GLU C 503 -4.94 -32.79 26.47
C GLU C 503 -4.93 -32.30 25.03
N PHE C 504 -6.11 -32.00 24.50
CA PHE C 504 -6.27 -31.57 23.12
C PHE C 504 -6.63 -30.09 23.07
N GLN C 505 -5.91 -29.34 22.24
CA GLN C 505 -6.22 -27.94 21.96
C GLN C 505 -6.51 -27.74 20.48
N CYS C 506 -7.21 -28.69 19.86
CA CYS C 506 -7.42 -28.68 18.43
C CYS C 506 -8.23 -27.45 18.01
N GLU C 507 -7.85 -26.85 16.89
CA GLU C 507 -8.51 -25.66 16.39
C GLU C 507 -9.77 -25.96 15.59
N GLY C 508 -9.96 -27.21 15.15
CA GLY C 508 -11.24 -27.67 14.67
C GLY C 508 -11.35 -27.91 13.18
N HIS C 509 -10.88 -26.99 12.33
CA HIS C 509 -11.15 -27.10 10.91
C HIS C 509 -10.35 -28.19 10.22
N GLU C 510 -9.16 -28.52 10.74
CA GLU C 510 -8.31 -29.49 10.06
C GLU C 510 -8.97 -30.86 10.00
N SER C 511 -8.75 -31.55 8.87
CA SER C 511 -9.43 -32.82 8.63
C SER C 511 -8.96 -33.90 9.59
N HIS C 512 -7.64 -34.08 9.70
CA HIS C 512 -7.07 -35.12 10.55
C HIS C 512 -6.62 -34.52 11.88
N LEU C 513 -6.97 -35.20 12.97
CA LEU C 513 -6.64 -34.72 14.30
C LEU C 513 -5.14 -34.68 14.56
N SER C 514 -4.32 -35.33 13.72
CA SER C 514 -2.88 -35.22 13.86
C SER C 514 -2.42 -33.77 13.72
N LEU C 515 -3.16 -32.95 12.98
CA LEU C 515 -2.85 -31.54 12.84
C LEU C 515 -3.24 -30.74 14.07
N CYS C 516 -4.00 -31.33 14.98
CA CYS C 516 -4.43 -30.62 16.17
C CYS C 516 -3.31 -30.55 17.19
N PRO C 517 -3.03 -29.38 17.77
CA PRO C 517 -1.96 -29.28 18.77
C PRO C 517 -2.30 -30.03 20.04
N VAL C 518 -1.25 -30.52 20.69
CA VAL C 518 -1.36 -31.30 21.92
C VAL C 518 -0.42 -30.72 22.96
N ALA C 519 -0.93 -30.50 24.17
CA ALA C 519 -0.11 -30.06 25.30
C ALA C 519 -0.41 -30.99 26.48
N PRO C 520 0.28 -32.12 26.55
CA PRO C 520 -0.03 -33.10 27.60
C PRO C 520 0.31 -32.59 28.99
N ARG C 521 -0.47 -33.03 29.96
CA ARG C 521 -0.22 -32.71 31.36
C ARG C 521 0.89 -33.61 31.90
N PRO C 522 1.60 -33.17 32.94
CA PRO C 522 2.76 -33.95 33.40
C PRO C 522 2.40 -35.30 34.01
N GLU C 523 1.43 -35.35 34.91
CA GLU C 523 1.14 -36.55 35.69
C GLU C 523 -0.21 -37.14 35.29
N GLY C 524 -0.29 -38.46 35.34
CA GLY C 524 -1.50 -39.17 34.99
C GLY C 524 -2.68 -38.80 35.87
N THR C 525 -3.83 -38.55 35.25
CA THR C 525 -5.02 -38.10 35.97
C THR C 525 -6.21 -38.89 35.45
N CYS C 526 -7.41 -38.39 35.79
CA CYS C 526 -8.70 -38.92 35.32
C CYS C 526 -9.02 -40.26 35.96
N SER C 527 -10.19 -40.80 35.63
CA SER C 527 -10.69 -42.06 36.19
C SER C 527 -10.71 -43.12 35.11
N HIS C 528 -10.21 -44.31 35.44
CA HIS C 528 -10.19 -45.39 34.45
C HIS C 528 -11.61 -45.76 34.03
N SER C 529 -12.54 -45.75 34.97
CA SER C 529 -13.94 -46.00 34.63
C SER C 529 -14.55 -44.84 33.85
N ARG C 530 -13.84 -43.72 33.73
CA ARG C 530 -14.32 -42.58 32.97
C ARG C 530 -13.66 -42.58 31.59
N ASP C 531 -14.47 -42.58 30.54
CA ASP C 531 -13.97 -42.65 29.18
C ASP C 531 -14.93 -41.90 28.26
N VAL C 532 -14.45 -41.61 27.05
CA VAL C 532 -15.18 -40.82 26.09
C VAL C 532 -16.00 -41.73 25.18
N GLY C 533 -17.26 -41.37 24.97
CA GLY C 533 -18.10 -42.05 24.01
C GLY C 533 -18.70 -41.06 23.03
N VAL C 534 -18.61 -41.40 21.75
CA VAL C 534 -18.99 -40.49 20.67
C VAL C 534 -20.07 -41.16 19.82
N VAL C 535 -20.97 -40.35 19.27
CA VAL C 535 -22.02 -40.82 18.36
C VAL C 535 -21.92 -40.01 17.08
N CYS C 536 -21.88 -40.70 15.95
CA CYS C 536 -21.80 -40.06 14.64
C CYS C 536 -23.05 -40.34 13.82
N SER C 537 -23.42 -39.36 12.99
CA SER C 537 -24.72 -39.35 12.32
C SER C 537 -24.69 -40.16 11.03
N ARG C 538 -24.23 -41.41 11.10
CA ARG C 538 -24.06 -42.23 9.92
C ARG C 538 -24.49 -43.67 10.16
N TYR C 539 -25.72 -43.88 10.63
CA TYR C 539 -26.16 -45.24 10.91
C TYR C 539 -25.98 -46.12 9.67
N THR C 540 -26.75 -45.88 8.62
CA THR C 540 -26.42 -46.29 7.25
C THR C 540 -26.03 -47.77 7.15
N GLU C 541 -26.99 -48.66 7.38
CA GLU C 541 -26.75 -50.09 7.20
C GLU C 541 -27.64 -50.63 6.08
N ILE C 542 -27.20 -50.47 4.84
CA ILE C 542 -27.93 -50.92 3.66
C ILE C 542 -27.07 -51.91 2.88
N ARG C 543 -27.67 -53.02 2.47
CA ARG C 543 -26.99 -54.00 1.64
C ARG C 543 -27.95 -54.57 0.61
N LEU C 544 -27.38 -55.15 -0.43
CA LEU C 544 -28.14 -55.65 -1.58
C LEU C 544 -28.43 -57.14 -1.39
N VAL C 545 -29.72 -57.48 -1.45
CA VAL C 545 -30.19 -58.84 -1.20
C VAL C 545 -30.94 -59.34 -2.42
N ASN C 546 -30.95 -60.66 -2.59
CA ASN C 546 -31.66 -61.31 -3.70
C ASN C 546 -31.20 -60.77 -5.05
N GLY C 547 -29.93 -60.39 -5.15
CA GLY C 547 -29.36 -59.92 -6.38
C GLY C 547 -28.65 -61.05 -7.10
N LYS C 548 -29.13 -61.36 -8.31
CA LYS C 548 -28.49 -62.39 -9.10
C LYS C 548 -27.07 -62.00 -9.45
N THR C 549 -26.86 -60.73 -9.79
CA THR C 549 -25.54 -60.16 -9.86
C THR C 549 -25.05 -59.81 -8.45
N PRO C 550 -23.73 -59.64 -8.27
CA PRO C 550 -23.26 -59.13 -6.98
C PRO C 550 -23.85 -57.79 -6.62
N CYS C 551 -24.14 -56.94 -7.60
CA CYS C 551 -24.88 -55.71 -7.38
C CYS C 551 -26.37 -55.99 -7.58
N GLU C 552 -27.18 -54.94 -7.62
CA GLU C 552 -28.63 -55.06 -7.83
C GLU C 552 -29.30 -55.83 -6.69
N GLY C 553 -30.58 -56.15 -6.85
CA GLY C 553 -31.33 -56.86 -5.83
C GLY C 553 -31.95 -55.92 -4.81
N ARG C 554 -32.81 -56.50 -3.97
CA ARG C 554 -33.48 -55.69 -2.96
C ARG C 554 -32.48 -55.16 -1.94
N VAL C 555 -32.87 -54.09 -1.27
CA VAL C 555 -32.04 -53.46 -0.26
C VAL C 555 -32.56 -53.83 1.12
N GLU C 556 -31.64 -54.10 2.04
CA GLU C 556 -31.97 -54.43 3.41
C GLU C 556 -31.43 -53.34 4.32
N LEU C 557 -32.29 -52.82 5.19
CA LEU C 557 -31.89 -51.84 6.19
C LEU C 557 -32.24 -52.39 7.56
N LYS C 558 -31.29 -52.27 8.50
CA LYS C 558 -31.45 -52.80 9.84
C LYS C 558 -31.79 -51.66 10.78
N THR C 559 -32.74 -51.90 11.68
CA THR C 559 -33.10 -50.93 12.71
C THR C 559 -33.79 -51.68 13.83
N LEU C 560 -33.51 -51.27 15.07
CA LEU C 560 -33.99 -51.97 16.26
C LEU C 560 -33.47 -53.40 16.31
N GLY C 561 -32.37 -53.66 15.61
CA GLY C 561 -31.68 -54.93 15.70
C GLY C 561 -32.05 -55.97 14.67
N ALA C 562 -32.82 -55.63 13.64
CA ALA C 562 -33.25 -56.61 12.65
C ALA C 562 -32.98 -56.08 11.24
N TRP C 563 -32.26 -56.86 10.44
CA TRP C 563 -32.14 -56.55 9.02
C TRP C 563 -33.51 -56.57 8.38
N GLY C 564 -33.79 -55.56 7.55
CA GLY C 564 -35.09 -55.48 6.95
C GLY C 564 -35.13 -55.16 5.47
N SER C 565 -35.75 -56.04 4.69
CA SER C 565 -36.19 -55.74 3.35
C SER C 565 -37.60 -55.16 3.35
N LEU C 566 -37.99 -54.52 4.45
CA LEU C 566 -39.30 -53.90 4.59
C LEU C 566 -39.62 -53.02 3.39
N CYS C 567 -40.91 -52.86 3.13
CA CYS C 567 -41.35 -52.09 1.97
C CYS C 567 -40.86 -50.66 2.03
N ASN C 568 -40.60 -50.10 0.86
CA ASN C 568 -40.29 -48.70 0.69
C ASN C 568 -41.14 -48.19 -0.47
N SER C 569 -42.19 -47.43 -0.16
CA SER C 569 -43.24 -47.16 -1.13
C SER C 569 -42.71 -46.41 -2.34
N HIS C 570 -42.26 -45.18 -2.14
CA HIS C 570 -41.88 -44.33 -3.25
C HIS C 570 -40.39 -44.07 -3.21
N TRP C 571 -39.72 -44.41 -4.30
CA TRP C 571 -38.32 -44.09 -4.51
C TRP C 571 -38.17 -43.15 -5.70
N ASP C 572 -36.97 -42.60 -5.80
CA ASP C 572 -36.58 -41.77 -6.92
C ASP C 572 -35.26 -42.29 -7.46
N ILE C 573 -35.03 -42.07 -8.77
CA ILE C 573 -33.75 -42.45 -9.37
C ILE C 573 -32.61 -41.76 -8.65
N GLU C 574 -32.83 -40.53 -8.18
CA GLU C 574 -31.80 -39.82 -7.41
C GLU C 574 -31.47 -40.54 -6.11
N ASP C 575 -32.43 -41.23 -5.50
CA ASP C 575 -32.11 -42.03 -4.34
C ASP C 575 -31.43 -43.33 -4.74
N ALA C 576 -31.56 -43.73 -6.00
CA ALA C 576 -31.02 -45.01 -6.43
C ALA C 576 -29.50 -44.99 -6.47
N HIS C 577 -28.91 -44.06 -7.22
CA HIS C 577 -27.47 -44.12 -7.42
C HIS C 577 -26.68 -43.71 -6.19
N VAL C 578 -27.21 -42.80 -5.36
CA VAL C 578 -26.51 -42.46 -4.12
C VAL C 578 -26.35 -43.70 -3.25
N LEU C 579 -27.35 -44.57 -3.25
CA LEU C 579 -27.19 -45.89 -2.66
C LEU C 579 -26.29 -46.76 -3.53
N CYS C 580 -26.47 -46.70 -4.85
CA CYS C 580 -25.65 -47.50 -5.75
C CYS C 580 -24.19 -47.11 -5.65
N GLN C 581 -23.90 -45.81 -5.57
CA GLN C 581 -22.52 -45.36 -5.43
C GLN C 581 -21.92 -45.77 -4.09
N GLN C 582 -22.75 -45.90 -3.06
CA GLN C 582 -22.26 -46.44 -1.79
C GLN C 582 -21.85 -47.89 -1.94
N LEU C 583 -22.59 -48.66 -2.75
CA LEU C 583 -22.18 -50.03 -3.06
C LEU C 583 -20.94 -50.07 -3.94
N LYS C 584 -20.52 -48.93 -4.50
CA LYS C 584 -19.30 -48.76 -5.29
C LYS C 584 -19.35 -49.49 -6.63
N CYS C 585 -20.48 -50.14 -6.95
CA CYS C 585 -20.60 -50.76 -8.27
C CYS C 585 -20.56 -49.72 -9.38
N GLY C 586 -21.05 -48.52 -9.12
CA GLY C 586 -21.08 -47.46 -10.12
C GLY C 586 -22.24 -46.51 -9.91
N VAL C 587 -22.92 -46.14 -10.99
CA VAL C 587 -24.10 -45.28 -10.93
C VAL C 587 -25.30 -46.12 -11.33
N ALA C 588 -26.41 -45.93 -10.60
CA ALA C 588 -27.60 -46.74 -10.83
C ALA C 588 -28.16 -46.50 -12.23
N LEU C 589 -28.19 -47.56 -13.03
CA LEU C 589 -28.71 -47.44 -14.39
C LEU C 589 -30.19 -47.09 -14.39
N SER C 590 -30.97 -47.69 -13.49
CA SER C 590 -32.39 -47.44 -13.44
C SER C 590 -32.94 -47.90 -12.10
N THR C 591 -34.21 -47.57 -11.86
CA THR C 591 -34.95 -48.04 -10.70
C THR C 591 -36.06 -48.97 -11.16
N PRO C 592 -35.88 -50.28 -11.11
CA PRO C 592 -36.95 -51.18 -11.51
C PRO C 592 -38.11 -51.12 -10.53
N GLY C 593 -39.30 -51.34 -11.04
CA GLY C 593 -40.50 -51.41 -10.21
C GLY C 593 -41.25 -52.70 -10.50
N GLY C 594 -41.84 -53.26 -9.45
CA GLY C 594 -42.44 -54.57 -9.58
C GLY C 594 -41.39 -55.58 -9.98
N ALA C 595 -40.28 -55.57 -9.25
CA ALA C 595 -39.09 -56.30 -9.64
C ALA C 595 -39.36 -57.81 -9.74
N ARG C 596 -38.37 -58.52 -10.28
CA ARG C 596 -38.52 -59.93 -10.56
C ARG C 596 -38.81 -60.74 -9.30
N PHE C 597 -38.17 -60.37 -8.18
CA PHE C 597 -38.38 -61.09 -6.95
C PHE C 597 -39.63 -60.59 -6.23
N GLY C 598 -40.18 -61.43 -5.37
CA GLY C 598 -41.33 -61.08 -4.58
C GLY C 598 -41.32 -61.75 -3.22
N LYS C 599 -41.99 -61.15 -2.24
CA LYS C 599 -42.04 -61.66 -0.86
C LYS C 599 -40.62 -61.78 -0.30
N GLY C 600 -40.01 -60.61 -0.13
CA GLY C 600 -38.71 -60.52 0.50
C GLY C 600 -38.80 -60.29 1.99
N ASN C 601 -38.68 -61.36 2.77
CA ASN C 601 -38.81 -61.34 4.23
C ASN C 601 -40.18 -60.76 4.57
N GLY C 602 -40.32 -59.92 5.59
CA GLY C 602 -41.61 -59.33 5.88
C GLY C 602 -41.73 -58.64 7.22
N GLN C 603 -41.04 -57.51 7.39
CA GLN C 603 -41.09 -56.74 8.62
C GLN C 603 -41.87 -55.45 8.39
N ILE C 604 -42.57 -55.00 9.43
CA ILE C 604 -43.54 -53.91 9.37
C ILE C 604 -42.83 -52.56 9.28
N TRP C 605 -43.62 -51.49 9.15
CA TRP C 605 -43.20 -50.08 9.10
C TRP C 605 -42.39 -49.79 7.84
N ARG C 606 -42.13 -48.51 7.57
CA ARG C 606 -41.51 -48.10 6.33
C ARG C 606 -40.52 -46.98 6.58
N HIS C 607 -39.54 -46.84 5.69
CA HIS C 607 -38.60 -45.72 5.71
C HIS C 607 -38.75 -44.95 4.41
N MET C 608 -39.42 -43.80 4.49
CA MET C 608 -39.59 -42.92 3.34
C MET C 608 -38.38 -42.00 3.25
N PHE C 609 -37.78 -41.92 2.07
CA PHE C 609 -36.52 -41.22 1.88
C PHE C 609 -36.75 -40.02 0.95
N HIS C 610 -36.77 -38.82 1.53
CA HIS C 610 -36.82 -37.59 0.75
C HIS C 610 -35.41 -37.07 0.53
N CYS C 611 -34.74 -37.67 -0.44
CA CYS C 611 -33.33 -37.41 -0.66
C CYS C 611 -33.11 -36.33 -1.71
N THR C 612 -31.91 -35.76 -1.68
CA THR C 612 -31.45 -34.88 -2.74
C THR C 612 -30.49 -35.66 -3.65
N GLY C 613 -30.06 -35.04 -4.73
CA GLY C 613 -29.12 -35.68 -5.63
C GLY C 613 -27.67 -35.45 -5.30
N THR C 614 -27.38 -34.81 -4.17
CA THR C 614 -26.02 -34.36 -3.85
C THR C 614 -25.28 -35.33 -2.93
N GLU C 615 -25.97 -35.85 -1.91
CA GLU C 615 -25.29 -36.61 -0.87
C GLU C 615 -24.72 -37.92 -1.42
N GLN C 616 -23.67 -38.40 -0.76
CA GLN C 616 -22.98 -39.62 -1.16
C GLN C 616 -23.21 -40.79 -0.21
N HIS C 617 -23.42 -40.52 1.08
CA HIS C 617 -23.70 -41.55 2.07
C HIS C 617 -25.19 -41.53 2.38
N MET C 618 -25.85 -42.70 2.32
CA MET C 618 -27.31 -42.69 2.26
C MET C 618 -27.90 -42.02 3.50
N GLY C 619 -27.32 -42.28 4.67
CA GLY C 619 -27.83 -41.64 5.87
C GLY C 619 -27.49 -40.18 5.96
N ASP C 620 -26.53 -39.69 5.17
CA ASP C 620 -26.30 -38.25 5.11
C ASP C 620 -27.51 -37.55 4.53
N CYS C 621 -28.24 -38.20 3.64
CA CYS C 621 -29.51 -37.67 3.18
C CYS C 621 -30.50 -37.59 4.34
N PRO C 622 -31.28 -36.51 4.45
CA PRO C 622 -32.28 -36.44 5.51
C PRO C 622 -33.44 -37.37 5.20
N VAL C 623 -33.73 -38.26 6.14
CA VAL C 623 -34.78 -39.26 5.98
C VAL C 623 -35.72 -39.19 7.17
N THR C 624 -37.02 -39.26 6.90
CA THR C 624 -38.03 -39.24 7.95
C THR C 624 -38.87 -40.49 7.85
N ALA C 625 -39.26 -41.03 8.99
CA ALA C 625 -40.08 -42.22 9.02
C ALA C 625 -41.23 -42.16 10.01
N LEU C 626 -41.25 -41.19 10.92
CA LEU C 626 -42.33 -41.11 11.89
C LEU C 626 -43.67 -40.97 11.18
N GLY C 627 -44.67 -41.70 11.66
CA GLY C 627 -46.00 -41.56 11.14
C GLY C 627 -46.19 -42.07 9.72
N ALA C 628 -45.15 -42.67 9.15
CA ALA C 628 -45.21 -43.09 7.75
C ALA C 628 -46.38 -44.03 7.51
N SER C 629 -47.05 -43.85 6.38
CA SER C 629 -48.25 -44.61 6.10
C SER C 629 -47.92 -46.09 5.94
N LEU C 630 -48.90 -46.94 6.23
CA LEU C 630 -48.70 -48.38 6.13
C LEU C 630 -48.56 -48.77 4.66
N CYS C 631 -47.52 -49.53 4.36
CA CYS C 631 -47.22 -49.82 2.97
C CYS C 631 -48.17 -50.87 2.41
N PRO C 632 -48.67 -50.68 1.19
CA PRO C 632 -49.40 -51.77 0.52
C PRO C 632 -48.52 -52.99 0.33
N SER C 633 -49.10 -54.16 0.49
CA SER C 633 -48.34 -55.40 0.48
C SER C 633 -47.75 -55.67 -0.90
N GLU C 634 -46.64 -56.41 -0.92
CA GLU C 634 -46.01 -56.93 -2.13
C GLU C 634 -45.33 -55.81 -2.93
N GLN C 635 -45.50 -54.57 -2.50
CA GLN C 635 -44.81 -53.45 -3.12
C GLN C 635 -43.46 -53.27 -2.43
N VAL C 636 -42.39 -53.71 -3.08
CA VAL C 636 -41.05 -53.61 -2.53
C VAL C 636 -40.16 -52.94 -3.57
N ALA C 637 -39.37 -51.96 -3.15
CA ALA C 637 -38.55 -51.20 -4.06
C ALA C 637 -37.18 -51.84 -4.21
N SER C 638 -36.67 -51.83 -5.44
CA SER C 638 -35.39 -52.43 -5.78
C SER C 638 -34.58 -51.45 -6.62
N VAL C 639 -33.28 -51.71 -6.72
CA VAL C 639 -32.36 -50.82 -7.41
C VAL C 639 -31.48 -51.64 -8.35
N ILE C 640 -31.31 -51.15 -9.57
CA ILE C 640 -30.32 -51.68 -10.51
C ILE C 640 -29.08 -50.81 -10.36
N CYS C 641 -28.02 -51.39 -9.80
CA CYS C 641 -26.82 -50.60 -9.53
C CYS C 641 -25.96 -50.46 -10.79
N SER C 642 -25.43 -51.58 -11.27
CA SER C 642 -24.62 -51.62 -12.50
C SER C 642 -23.45 -50.66 -12.33
N GLY C 643 -23.12 -49.85 -13.32
CA GLY C 643 -21.98 -48.95 -13.23
C GLY C 643 -20.67 -49.64 -13.54
N ASN C 644 -19.71 -48.85 -14.01
CA ASN C 644 -18.38 -49.34 -14.37
C ASN C 644 -17.35 -49.10 -13.27
N GLN C 645 -17.77 -49.12 -12.01
CA GLN C 645 -16.98 -48.86 -10.82
C GLN C 645 -16.47 -47.42 -10.74
N SER C 646 -16.73 -46.58 -11.74
CA SER C 646 -16.36 -45.17 -11.66
C SER C 646 -17.43 -44.22 -12.16
N GLN C 647 -18.55 -44.71 -12.68
CA GLN C 647 -19.63 -43.82 -13.09
C GLN C 647 -20.34 -43.26 -11.86
N THR C 648 -20.64 -41.98 -11.91
CA THR C 648 -21.26 -41.28 -10.79
C THR C 648 -22.46 -40.48 -11.29
N LEU C 649 -23.20 -39.91 -10.36
CA LEU C 649 -24.31 -39.04 -10.72
C LEU C 649 -23.79 -37.78 -11.40
N SER C 650 -24.47 -37.36 -12.46
CA SER C 650 -24.10 -36.17 -13.21
C SER C 650 -24.88 -34.98 -12.64
N SER C 651 -24.17 -34.07 -11.99
CA SER C 651 -24.81 -32.88 -11.45
C SER C 651 -25.33 -32.00 -12.57
N CYS C 652 -26.52 -31.43 -12.36
CA CYS C 652 -27.13 -30.56 -13.36
C CYS C 652 -27.78 -29.35 -12.70
N VAL C 670 -32.37 -35.81 -16.66
CA VAL C 670 -32.52 -37.06 -15.91
C VAL C 670 -31.24 -37.36 -15.14
N ALA C 671 -31.39 -38.01 -13.99
CA ALA C 671 -30.25 -38.41 -13.16
C ALA C 671 -29.35 -37.23 -12.85
N CYS C 672 -29.96 -36.08 -12.58
CA CYS C 672 -29.23 -34.84 -12.36
C CYS C 672 -29.77 -34.16 -11.11
N ILE C 673 -28.91 -33.34 -10.49
CA ILE C 673 -29.39 -32.41 -9.48
C ILE C 673 -30.35 -31.41 -10.12
N GLU C 674 -30.18 -31.15 -11.41
CA GLU C 674 -31.05 -30.29 -12.20
C GLU C 674 -30.97 -28.84 -11.72
N SER C 675 -31.70 -27.95 -12.38
CA SER C 675 -31.69 -26.53 -12.07
C SER C 675 -33.12 -26.04 -11.85
N GLY C 676 -33.26 -25.01 -11.03
CA GLY C 676 -34.57 -24.50 -10.71
C GLY C 676 -35.28 -25.23 -9.59
N GLN C 677 -34.57 -26.01 -8.81
CA GLN C 677 -35.19 -26.70 -7.68
C GLN C 677 -35.57 -25.69 -6.60
N LEU C 678 -36.81 -25.78 -6.15
CA LEU C 678 -37.32 -24.88 -5.13
C LEU C 678 -36.69 -25.26 -3.80
N ARG C 679 -35.57 -24.63 -3.48
CA ARG C 679 -34.86 -24.90 -2.24
C ARG C 679 -35.54 -24.10 -1.12
N LEU C 680 -36.05 -24.81 -0.12
CA LEU C 680 -36.71 -24.19 1.01
C LEU C 680 -35.72 -24.07 2.15
N VAL C 681 -35.58 -22.87 2.70
CA VAL C 681 -34.59 -22.61 3.74
C VAL C 681 -35.24 -21.79 4.84
N ASN C 682 -34.52 -21.66 5.96
CA ASN C 682 -34.87 -20.85 7.12
C ASN C 682 -36.12 -21.35 7.83
N GLY C 683 -36.72 -22.45 7.37
CA GLY C 683 -37.93 -22.94 8.02
C GLY C 683 -37.67 -23.83 9.21
N GLY C 684 -36.49 -24.44 9.28
CA GLY C 684 -36.21 -25.38 10.33
C GLY C 684 -36.67 -26.79 10.05
N GLY C 685 -37.27 -27.05 8.90
CA GLY C 685 -37.66 -28.39 8.51
C GLY C 685 -37.39 -28.65 7.05
N ARG C 686 -37.88 -29.77 6.53
CA ARG C 686 -37.71 -30.05 5.11
C ARG C 686 -38.70 -29.24 4.28
N CYS C 687 -39.87 -28.96 4.83
CA CYS C 687 -40.93 -28.25 4.10
C CYS C 687 -41.40 -27.05 4.93
N ALA C 688 -40.75 -25.90 4.72
CA ALA C 688 -41.12 -24.65 5.36
C ALA C 688 -40.27 -23.50 4.83
N GLY C 689 -40.53 -22.28 5.29
CA GLY C 689 -39.63 -21.17 5.00
C GLY C 689 -39.82 -20.55 3.64
N ARG C 690 -38.85 -19.71 3.29
CA ARG C 690 -38.84 -19.04 1.99
C ARG C 690 -38.47 -20.02 0.89
N VAL C 691 -38.75 -19.62 -0.35
CA VAL C 691 -38.49 -20.45 -1.52
C VAL C 691 -37.41 -19.79 -2.36
N GLU C 692 -36.48 -20.60 -2.86
CA GLU C 692 -35.39 -20.12 -3.68
C GLU C 692 -35.27 -20.98 -4.94
N ILE C 693 -34.98 -20.31 -6.06
CA ILE C 693 -34.93 -20.94 -7.38
C ILE C 693 -33.58 -20.64 -8.01
N TYR C 694 -32.94 -21.66 -8.57
CA TYR C 694 -31.64 -21.52 -9.21
C TYR C 694 -31.84 -21.57 -10.72
N HIS C 695 -32.03 -20.41 -11.32
CA HIS C 695 -32.31 -20.30 -12.74
C HIS C 695 -31.23 -19.44 -13.39
N GLU C 696 -30.88 -19.79 -14.64
CA GLU C 696 -29.74 -19.17 -15.35
C GLU C 696 -28.51 -19.09 -14.46
N GLY C 697 -28.29 -20.10 -13.64
CA GLY C 697 -27.15 -20.11 -12.75
C GLY C 697 -27.20 -19.05 -11.67
N SER C 698 -28.37 -18.82 -11.07
CA SER C 698 -28.50 -17.80 -10.05
C SER C 698 -29.61 -18.19 -9.08
N TRP C 699 -29.30 -18.10 -7.78
CA TRP C 699 -30.27 -18.37 -6.73
C TRP C 699 -31.07 -17.09 -6.47
N GLY C 700 -32.38 -17.22 -6.38
CA GLY C 700 -33.23 -16.07 -6.20
C GLY C 700 -34.51 -16.40 -5.45
N THR C 701 -35.12 -15.37 -4.88
CA THR C 701 -36.35 -15.51 -4.14
C THR C 701 -37.54 -15.26 -5.07
N ILE C 702 -38.74 -15.13 -4.50
CA ILE C 702 -39.96 -14.95 -5.26
C ILE C 702 -40.76 -13.82 -4.65
N CYS C 703 -41.21 -12.89 -5.49
CA CYS C 703 -42.00 -11.76 -5.02
C CYS C 703 -43.35 -12.23 -4.49
N ASP C 704 -43.86 -11.50 -3.51
CA ASP C 704 -45.14 -11.85 -2.89
C ASP C 704 -46.32 -11.18 -3.55
N ASP C 705 -46.12 -10.47 -4.66
CA ASP C 705 -47.22 -9.78 -5.31
C ASP C 705 -48.29 -10.77 -5.72
N SER C 706 -49.48 -10.61 -5.17
CA SER C 706 -50.63 -11.47 -5.47
C SER C 706 -50.33 -12.93 -5.21
N TRP C 707 -49.53 -13.22 -4.18
CA TRP C 707 -49.31 -14.60 -3.77
C TRP C 707 -50.63 -15.24 -3.38
N ASP C 708 -50.89 -16.43 -3.91
CA ASP C 708 -52.16 -17.09 -3.72
C ASP C 708 -51.95 -18.44 -3.05
N LEU C 709 -52.93 -18.84 -2.24
CA LEU C 709 -52.88 -20.18 -1.64
C LEU C 709 -52.85 -21.24 -2.74
N SER C 710 -53.66 -21.07 -3.78
CA SER C 710 -53.60 -21.98 -4.92
C SER C 710 -52.22 -21.96 -5.57
N ASP C 711 -51.53 -20.82 -5.49
CA ASP C 711 -50.15 -20.78 -5.95
C ASP C 711 -49.25 -21.58 -5.04
N ALA C 712 -49.58 -21.65 -3.75
CA ALA C 712 -48.73 -22.39 -2.82
C ALA C 712 -48.91 -23.89 -2.99
N HIS C 713 -49.96 -24.34 -3.68
CA HIS C 713 -50.18 -25.77 -3.84
C HIS C 713 -49.11 -26.41 -4.71
N VAL C 714 -48.71 -25.72 -5.78
CA VAL C 714 -47.77 -26.34 -6.71
C VAL C 714 -46.39 -26.44 -6.09
N VAL C 715 -45.95 -25.41 -5.37
CA VAL C 715 -44.60 -25.42 -4.82
C VAL C 715 -44.44 -26.55 -3.82
N CYS C 716 -45.47 -26.80 -3.03
CA CYS C 716 -45.43 -27.92 -2.10
C CYS C 716 -45.36 -29.25 -2.83
N ARG C 717 -46.10 -29.39 -3.93
CA ARG C 717 -46.14 -30.67 -4.63
C ARG C 717 -44.81 -30.98 -5.30
N GLN C 718 -44.11 -29.97 -5.81
CA GLN C 718 -42.85 -30.21 -6.50
C GLN C 718 -41.82 -30.81 -5.55
N LEU C 719 -41.80 -30.36 -4.31
CA LEU C 719 -40.87 -30.92 -3.33
C LEU C 719 -41.38 -32.22 -2.72
N GLY C 720 -42.54 -32.70 -3.14
CA GLY C 720 -43.06 -33.94 -2.61
C GLY C 720 -43.63 -33.85 -1.23
N CYS C 721 -43.75 -32.63 -0.68
CA CYS C 721 -44.27 -32.49 0.67
C CYS C 721 -45.77 -32.82 0.73
N GLY C 722 -46.55 -32.28 -0.18
CA GLY C 722 -47.97 -32.58 -0.19
C GLY C 722 -48.78 -31.34 -0.51
N GLU C 723 -49.92 -31.21 0.18
CA GLU C 723 -50.74 -30.02 0.01
C GLU C 723 -50.13 -28.85 0.79
N ALA C 724 -50.78 -27.70 0.69
CA ALA C 724 -50.30 -26.48 1.32
C ALA C 724 -51.26 -26.03 2.42
N ILE C 725 -50.70 -25.50 3.51
CA ILE C 725 -51.51 -25.04 4.62
C ILE C 725 -51.65 -23.53 4.59
N ASN C 726 -50.52 -22.82 4.70
CA ASN C 726 -50.52 -21.38 4.71
C ASN C 726 -49.54 -20.86 3.66
N ALA C 727 -49.83 -19.67 3.13
CA ALA C 727 -48.94 -18.97 2.23
C ALA C 727 -48.70 -17.58 2.81
N THR C 728 -47.44 -17.24 3.05
CA THR C 728 -47.10 -16.02 3.77
C THR C 728 -46.22 -15.13 2.91
N GLY C 729 -46.48 -13.82 3.00
CA GLY C 729 -45.73 -12.83 2.29
C GLY C 729 -44.85 -11.99 3.19
N SER C 730 -44.20 -11.01 2.59
CA SER C 730 -43.24 -10.11 3.23
C SER C 730 -42.00 -10.84 3.73
N ALA C 731 -41.87 -12.14 3.42
CA ALA C 731 -40.70 -12.92 3.79
C ALA C 731 -40.48 -12.93 5.30
N HIS C 732 -41.57 -13.10 6.06
CA HIS C 732 -41.45 -13.15 7.50
C HIS C 732 -40.56 -14.31 7.93
N PHE C 733 -40.48 -15.36 7.10
CA PHE C 733 -39.55 -16.43 7.40
C PHE C 733 -38.11 -15.95 7.32
N GLY C 734 -37.83 -15.02 6.41
CA GLY C 734 -36.52 -14.43 6.34
C GLY C 734 -36.28 -13.61 5.09
N GLU C 735 -35.52 -12.53 5.22
CA GLU C 735 -35.16 -11.74 4.06
C GLU C 735 -34.30 -12.55 3.10
N GLY C 736 -34.56 -12.40 1.81
CA GLY C 736 -33.76 -13.08 0.80
C GLY C 736 -32.74 -12.16 0.16
N THR C 737 -31.46 -12.49 0.31
CA THR C 737 -30.41 -11.61 -0.19
C THR C 737 -30.37 -11.59 -1.72
N GLY C 738 -30.73 -12.70 -2.35
CA GLY C 738 -30.57 -12.85 -3.78
C GLY C 738 -31.48 -11.95 -4.59
N PRO C 739 -31.22 -11.87 -5.90
CA PRO C 739 -32.07 -11.06 -6.78
C PRO C 739 -33.47 -11.63 -6.90
N ILE C 740 -34.43 -10.74 -7.06
CA ILE C 740 -35.83 -11.12 -7.25
C ILE C 740 -35.98 -11.69 -8.66
N TRP C 741 -36.59 -12.86 -8.76
CA TRP C 741 -36.63 -13.52 -10.06
C TRP C 741 -38.01 -13.44 -10.72
N LEU C 742 -39.06 -13.85 -10.03
CA LEU C 742 -40.39 -13.84 -10.59
C LEU C 742 -41.26 -12.81 -9.86
N ASP C 743 -42.27 -12.31 -10.57
CA ASP C 743 -43.14 -11.28 -10.02
C ASP C 743 -44.59 -11.59 -10.36
N GLU C 744 -45.47 -11.32 -9.40
CA GLU C 744 -46.93 -11.38 -9.59
C GLU C 744 -47.39 -12.75 -10.10
N MET C 745 -46.83 -13.81 -9.53
CA MET C 745 -47.16 -15.14 -10.01
C MET C 745 -48.55 -15.56 -9.57
N LYS C 746 -49.36 -15.98 -10.52
CA LYS C 746 -50.63 -16.66 -10.29
C LYS C 746 -50.62 -17.96 -11.09
N CYS C 747 -51.35 -18.96 -10.60
CA CYS C 747 -51.27 -20.27 -11.21
C CYS C 747 -52.58 -21.01 -11.04
N ASN C 748 -52.81 -21.98 -11.93
CA ASN C 748 -53.97 -22.85 -11.79
C ASN C 748 -53.88 -23.75 -10.57
N GLY C 749 -52.66 -23.96 -10.05
CA GLY C 749 -52.47 -24.77 -8.87
C GLY C 749 -52.32 -26.25 -9.13
N LYS C 750 -52.53 -26.69 -10.37
CA LYS C 750 -52.41 -28.10 -10.73
C LYS C 750 -51.33 -28.21 -11.80
N GLU C 751 -50.08 -28.27 -11.35
CA GLU C 751 -48.94 -28.36 -12.26
C GLU C 751 -47.80 -29.06 -11.55
N SER C 752 -46.85 -29.54 -12.34
CA SER C 752 -45.65 -30.17 -11.79
C SER C 752 -44.41 -29.31 -11.91
N ARG C 753 -44.35 -28.43 -12.91
CA ARG C 753 -43.22 -27.53 -13.12
C ARG C 753 -43.63 -26.15 -12.64
N ILE C 754 -42.82 -25.55 -11.77
CA ILE C 754 -43.17 -24.27 -11.18
C ILE C 754 -43.17 -23.17 -12.24
N TRP C 755 -42.24 -23.24 -13.19
CA TRP C 755 -42.12 -22.19 -14.19
C TRP C 755 -43.38 -22.08 -15.02
N GLN C 756 -44.09 -23.18 -15.22
CA GLN C 756 -45.35 -23.18 -15.96
C GLN C 756 -46.49 -22.70 -15.07
N CYS C 757 -46.37 -21.45 -14.63
CA CYS C 757 -47.42 -20.75 -13.91
C CYS C 757 -47.61 -19.39 -14.53
N HIS C 758 -48.84 -18.89 -14.50
CA HIS C 758 -49.16 -17.65 -15.18
C HIS C 758 -48.28 -16.54 -14.65
N SER C 759 -47.36 -16.06 -15.49
CA SER C 759 -46.32 -15.11 -15.07
C SER C 759 -46.46 -13.81 -15.84
N HIS C 760 -46.36 -12.70 -15.12
CA HIS C 760 -46.21 -11.40 -15.76
C HIS C 760 -44.74 -11.22 -16.12
N GLY C 761 -44.39 -11.77 -17.28
CA GLY C 761 -43.01 -11.65 -17.72
C GLY C 761 -42.06 -12.47 -16.87
N TRP C 762 -40.79 -12.09 -16.93
CA TRP C 762 -39.74 -12.79 -16.23
C TRP C 762 -38.66 -11.80 -15.82
N GLY C 763 -38.08 -12.03 -14.65
CA GLY C 763 -36.95 -11.27 -14.17
C GLY C 763 -37.24 -9.86 -13.72
N GLN C 764 -38.36 -9.27 -14.14
CA GLN C 764 -38.66 -7.87 -13.86
C GLN C 764 -39.72 -7.80 -12.77
N GLN C 765 -39.43 -7.06 -11.71
CA GLN C 765 -40.30 -6.99 -10.55
C GLN C 765 -40.60 -5.54 -10.19
N ASN C 766 -41.82 -5.30 -9.73
CA ASN C 766 -42.18 -4.03 -9.13
C ASN C 766 -42.04 -4.01 -7.61
N CYS C 767 -41.75 -5.17 -7.01
CA CYS C 767 -41.57 -5.27 -5.57
C CYS C 767 -40.10 -5.52 -5.27
N ARG C 768 -39.62 -4.95 -4.18
CA ARG C 768 -38.22 -5.05 -3.80
C ARG C 768 -38.08 -6.20 -2.80
N HIS C 769 -36.90 -6.32 -2.19
CA HIS C 769 -36.76 -7.23 -1.08
C HIS C 769 -37.61 -6.76 0.09
N LYS C 770 -37.76 -7.64 1.08
CA LYS C 770 -38.76 -7.60 2.15
C LYS C 770 -40.15 -7.93 1.62
N GLU C 771 -40.29 -8.15 0.32
CA GLU C 771 -41.52 -8.64 -0.29
C GLU C 771 -41.38 -10.08 -0.78
N ASP C 772 -40.37 -10.81 -0.29
CA ASP C 772 -40.17 -12.19 -0.72
C ASP C 772 -41.24 -13.10 -0.13
N ALA C 773 -41.43 -14.25 -0.77
CA ALA C 773 -42.55 -15.12 -0.43
C ALA C 773 -42.13 -16.24 0.50
N GLY C 774 -43.10 -16.69 1.31
CA GLY C 774 -42.88 -17.83 2.19
C GLY C 774 -44.05 -18.78 2.17
N VAL C 775 -43.80 -20.08 2.31
CA VAL C 775 -44.82 -21.10 2.18
C VAL C 775 -44.59 -22.19 3.22
N ILE C 776 -45.69 -22.67 3.81
CA ILE C 776 -45.67 -23.80 4.74
C ILE C 776 -46.38 -24.95 4.07
N CYS C 777 -45.72 -26.10 3.97
CA CYS C 777 -46.25 -27.22 3.23
C CYS C 777 -47.01 -28.16 4.16
N SER C 778 -47.37 -29.34 3.64
CA SER C 778 -48.29 -30.23 4.35
C SER C 778 -47.70 -30.70 5.67
N GLU C 779 -46.44 -31.13 5.65
CA GLU C 779 -45.80 -31.63 6.87
C GLU C 779 -44.58 -30.77 7.20
N PHE C 780 -44.70 -29.97 8.24
CA PHE C 780 -43.59 -29.28 8.88
C PHE C 780 -43.78 -29.55 10.37
N MET C 781 -43.24 -30.66 10.84
CA MET C 781 -43.57 -31.15 12.16
C MET C 781 -42.78 -30.40 13.22
N SER C 782 -43.47 -30.01 14.30
CA SER C 782 -42.86 -29.31 15.42
C SER C 782 -43.21 -30.01 16.71
N LEU C 783 -42.22 -30.10 17.61
CA LEU C 783 -42.34 -30.76 18.89
C LEU C 783 -42.29 -29.72 20.00
N ARG C 784 -43.21 -29.81 20.95
CA ARG C 784 -43.22 -28.86 22.05
C ARG C 784 -43.50 -29.61 23.35
N LEU C 785 -43.09 -28.99 24.46
CA LEU C 785 -43.30 -29.55 25.78
C LEU C 785 -44.14 -28.54 26.55
N THR C 786 -45.40 -28.89 26.82
CA THR C 786 -46.41 -27.94 27.25
C THR C 786 -46.94 -28.30 28.64
N SER C 787 -47.05 -27.29 29.50
CA SER C 787 -47.82 -27.37 30.72
C SER C 787 -48.94 -26.35 30.67
N GLU C 788 -49.82 -26.39 31.67
CA GLU C 788 -50.90 -25.42 31.72
C GLU C 788 -50.37 -24.00 31.91
N ALA C 789 -49.36 -23.83 32.77
CA ALA C 789 -48.85 -22.51 33.06
C ALA C 789 -47.99 -21.97 31.92
N SER C 790 -47.13 -22.80 31.35
CA SER C 790 -46.14 -22.36 30.39
C SER C 790 -46.42 -22.98 29.03
N ARG C 791 -46.40 -22.16 27.97
CA ARG C 791 -46.54 -22.69 26.63
C ARG C 791 -45.38 -23.61 26.28
N GLU C 792 -44.16 -23.22 26.65
CA GLU C 792 -42.99 -24.08 26.53
C GLU C 792 -42.36 -24.18 27.90
N ALA C 793 -42.34 -25.40 28.43
CA ALA C 793 -41.70 -25.69 29.70
C ALA C 793 -40.88 -26.95 29.53
N CYS C 794 -40.17 -27.33 30.58
CA CYS C 794 -39.31 -28.51 30.48
C CYS C 794 -39.96 -29.77 31.03
N ALA C 795 -41.19 -29.69 31.53
CA ALA C 795 -41.96 -30.85 31.95
C ALA C 795 -43.42 -30.63 31.56
N GLY C 796 -44.04 -31.65 30.99
CA GLY C 796 -45.42 -31.53 30.58
C GLY C 796 -45.79 -32.60 29.58
N ARG C 797 -46.75 -32.26 28.71
CA ARG C 797 -47.22 -33.18 27.68
C ARG C 797 -46.46 -32.98 26.38
N LEU C 798 -46.54 -33.98 25.51
CA LEU C 798 -45.81 -33.99 24.25
C LEU C 798 -46.78 -33.80 23.09
N GLU C 799 -46.60 -32.70 22.35
CA GLU C 799 -47.48 -32.35 21.23
C GLU C 799 -46.70 -32.34 19.92
N VAL C 800 -47.33 -32.84 18.86
CA VAL C 800 -46.71 -32.96 17.54
C VAL C 800 -47.52 -32.16 16.54
N PHE C 801 -46.82 -31.46 15.65
CA PHE C 801 -47.43 -30.62 14.63
C PHE C 801 -47.51 -31.38 13.31
N TYR C 802 -48.71 -31.54 12.78
CA TYR C 802 -48.91 -32.26 11.53
C TYR C 802 -50.15 -31.73 10.83
N ASN C 803 -50.01 -31.43 9.54
CA ASN C 803 -51.11 -30.89 8.74
C ASN C 803 -51.74 -29.68 9.41
N GLY C 804 -50.91 -28.80 9.95
CA GLY C 804 -51.41 -27.61 10.60
C GLY C 804 -52.26 -27.88 11.83
N ALA C 805 -51.87 -28.85 12.65
CA ALA C 805 -52.65 -29.22 13.81
C ALA C 805 -51.72 -29.76 14.89
N TRP C 806 -52.23 -29.77 16.11
CA TRP C 806 -51.50 -30.19 17.31
C TRP C 806 -52.16 -31.40 17.96
N GLY C 807 -51.36 -32.38 18.34
CA GLY C 807 -51.88 -33.62 18.85
C GLY C 807 -50.95 -34.24 19.88
N THR C 808 -51.54 -35.03 20.76
CA THR C 808 -50.80 -35.78 21.77
C THR C 808 -50.11 -36.98 21.14
N VAL C 809 -49.16 -37.54 21.87
CA VAL C 809 -48.36 -38.66 21.39
C VAL C 809 -48.72 -39.89 22.20
N GLY C 810 -48.43 -41.07 21.64
CA GLY C 810 -48.87 -42.31 22.24
C GLY C 810 -48.13 -42.63 23.53
N LYS C 811 -48.76 -43.49 24.33
CA LYS C 811 -48.18 -43.91 25.60
C LYS C 811 -47.44 -45.24 25.48
N SER C 812 -47.98 -46.17 24.71
CA SER C 812 -47.48 -47.54 24.71
C SER C 812 -46.08 -47.63 24.12
N SER C 813 -45.27 -48.52 24.69
CA SER C 813 -43.98 -48.94 24.13
C SER C 813 -43.02 -47.77 23.97
N MET C 814 -42.67 -47.15 25.09
CA MET C 814 -41.72 -46.05 25.12
C MET C 814 -40.45 -46.52 25.81
N SER C 815 -39.39 -46.71 25.03
CA SER C 815 -38.09 -47.07 25.59
C SER C 815 -37.46 -45.86 26.26
N GLU C 816 -36.44 -46.13 27.09
CA GLU C 816 -35.72 -45.03 27.71
C GLU C 816 -34.97 -44.21 26.66
N THR C 817 -34.55 -44.84 25.57
CA THR C 817 -33.91 -44.08 24.50
C THR C 817 -34.91 -43.17 23.81
N THR C 818 -36.15 -43.62 23.69
CA THR C 818 -37.18 -42.80 23.05
C THR C 818 -37.36 -41.48 23.80
N VAL C 819 -37.43 -41.55 25.13
CA VAL C 819 -37.53 -40.33 25.91
C VAL C 819 -36.23 -39.54 25.80
N GLY C 820 -35.10 -40.24 25.74
CA GLY C 820 -33.82 -39.56 25.67
C GLY C 820 -33.70 -38.65 24.47
N VAL C 821 -34.24 -39.08 23.33
CA VAL C 821 -34.18 -38.26 22.13
C VAL C 821 -35.08 -37.04 22.28
N VAL C 822 -36.27 -37.22 22.84
CA VAL C 822 -37.23 -36.12 22.92
C VAL C 822 -36.67 -34.99 23.77
N CYS C 823 -36.07 -35.32 24.90
CA CYS C 823 -35.48 -34.29 25.75
C CYS C 823 -34.35 -33.57 25.04
N ARG C 824 -33.51 -34.32 24.31
CA ARG C 824 -32.37 -33.70 23.63
C ARG C 824 -32.83 -32.75 22.53
N GLN C 825 -33.84 -33.13 21.76
CA GLN C 825 -34.36 -32.26 20.71
C GLN C 825 -34.96 -31.00 21.30
N LEU C 826 -35.75 -31.14 22.38
CA LEU C 826 -36.38 -29.97 22.98
C LEU C 826 -35.38 -29.09 23.71
N GLY C 827 -34.18 -29.59 23.97
CA GLY C 827 -33.16 -28.79 24.60
C GLY C 827 -33.36 -28.52 26.08
N CYS C 828 -33.99 -29.43 26.82
CA CYS C 828 -34.12 -29.29 28.25
C CYS C 828 -33.03 -30.01 29.03
N ALA C 829 -32.76 -31.28 28.73
CA ALA C 829 -31.77 -32.02 29.50
C ALA C 829 -31.20 -33.13 28.65
N ASP C 830 -30.07 -33.68 29.11
CA ASP C 830 -29.47 -34.80 28.40
C ASP C 830 -30.31 -36.05 28.54
N LYS C 831 -30.80 -36.31 29.76
CA LYS C 831 -31.62 -37.48 30.03
C LYS C 831 -33.01 -37.04 30.53
N GLY C 832 -33.95 -37.97 30.46
CA GLY C 832 -35.31 -37.71 30.90
C GLY C 832 -35.97 -38.97 31.40
N LYS C 833 -37.10 -38.78 32.07
CA LYS C 833 -37.87 -39.89 32.61
C LYS C 833 -39.35 -39.64 32.40
N ILE C 834 -40.12 -40.73 32.32
CA ILE C 834 -41.55 -40.66 32.11
C ILE C 834 -42.24 -40.51 33.45
N ASN C 835 -43.02 -39.45 33.60
CA ASN C 835 -43.76 -39.50 34.84
C ASN C 835 -45.12 -40.18 34.63
N PRO C 836 -45.47 -41.15 35.47
CA PRO C 836 -46.80 -41.77 35.34
C PRO C 836 -47.94 -40.77 35.56
N ALA C 837 -47.75 -39.81 36.45
CA ALA C 837 -48.81 -38.85 36.75
C ALA C 837 -49.04 -37.93 35.56
N SER C 838 -50.31 -37.62 35.31
CA SER C 838 -50.71 -36.71 34.25
C SER C 838 -51.51 -35.57 34.85
N LEU C 839 -51.24 -34.36 34.39
CA LEU C 839 -51.99 -33.20 34.87
C LEU C 839 -53.44 -33.29 34.44
N ASP C 840 -54.34 -32.96 35.36
CA ASP C 840 -55.77 -33.07 35.09
C ASP C 840 -56.20 -32.10 34.01
N LYS C 841 -55.70 -30.86 34.04
CA LYS C 841 -56.11 -29.86 33.07
C LYS C 841 -55.53 -30.22 31.71
N ALA C 842 -56.40 -30.34 30.71
CA ALA C 842 -55.97 -30.73 29.38
C ALA C 842 -56.98 -30.26 28.36
N MET C 843 -56.53 -30.14 27.11
CA MET C 843 -57.39 -29.80 25.98
C MET C 843 -57.58 -31.06 25.15
N SER C 844 -58.83 -31.46 24.95
CA SER C 844 -59.14 -32.68 24.23
C SER C 844 -58.72 -32.54 22.78
N ILE C 845 -57.61 -33.19 22.42
CA ILE C 845 -57.08 -33.10 21.06
C ILE C 845 -56.62 -34.48 20.62
N PRO C 846 -56.73 -34.77 19.33
CA PRO C 846 -56.45 -36.12 18.84
C PRO C 846 -55.00 -36.53 19.09
N MET C 847 -54.81 -37.82 19.33
CA MET C 847 -53.47 -38.40 19.47
C MET C 847 -52.95 -38.72 18.07
N TRP C 848 -51.92 -38.01 17.64
CA TRP C 848 -51.46 -38.17 16.26
C TRP C 848 -50.87 -39.55 16.02
N VAL C 849 -49.95 -39.99 16.89
CA VAL C 849 -49.25 -41.26 16.68
C VAL C 849 -49.20 -42.02 18.01
N ASP C 850 -48.92 -43.31 17.89
CA ASP C 850 -48.73 -44.18 19.05
C ASP C 850 -47.70 -45.25 18.69
N ASN C 851 -47.13 -45.86 19.74
CA ASN C 851 -46.16 -46.93 19.58
C ASN C 851 -44.90 -46.45 18.86
N VAL C 852 -44.25 -45.44 19.43
CA VAL C 852 -43.03 -44.91 18.84
C VAL C 852 -41.84 -45.73 19.34
N GLN C 853 -41.05 -46.23 18.40
CA GLN C 853 -39.88 -47.05 18.72
C GLN C 853 -38.65 -46.43 18.10
N CYS C 854 -37.65 -46.12 18.91
CA CYS C 854 -36.51 -45.37 18.41
C CYS C 854 -35.26 -46.25 18.34
N PRO C 855 -34.43 -46.07 17.33
CA PRO C 855 -33.13 -46.74 17.30
C PRO C 855 -32.14 -46.03 18.18
N LYS C 856 -30.87 -46.42 18.12
CA LYS C 856 -29.85 -45.79 18.93
C LYS C 856 -29.34 -44.53 18.24
N GLY C 857 -29.37 -43.42 18.97
CA GLY C 857 -28.85 -42.15 18.50
C GLY C 857 -29.52 -41.48 17.32
N PRO C 858 -30.85 -41.41 17.26
CA PRO C 858 -31.48 -40.50 16.31
C PRO C 858 -31.34 -39.06 16.76
N ASP C 859 -31.10 -38.17 15.79
CA ASP C 859 -31.07 -36.75 16.11
C ASP C 859 -32.43 -36.28 16.60
N THR C 860 -33.50 -36.71 15.95
CA THR C 860 -34.83 -36.22 16.23
C THR C 860 -35.82 -37.37 16.10
N LEU C 861 -37.02 -37.18 16.68
CA LEU C 861 -38.04 -38.22 16.65
C LEU C 861 -38.36 -38.65 15.23
N TRP C 862 -38.26 -37.73 14.27
CA TRP C 862 -38.72 -38.05 12.92
C TRP C 862 -37.88 -39.13 12.28
N GLN C 863 -36.73 -39.47 12.87
CA GLN C 863 -35.95 -40.61 12.41
C GLN C 863 -36.41 -41.93 13.02
N CYS C 864 -37.30 -41.89 14.00
CA CYS C 864 -37.73 -43.12 14.65
C CYS C 864 -38.92 -43.72 13.90
N PRO C 865 -38.81 -44.92 13.35
CA PRO C 865 -39.96 -45.53 12.69
C PRO C 865 -41.07 -45.82 13.68
N SER C 866 -42.30 -45.81 13.18
CA SER C 866 -43.46 -46.00 14.04
C SER C 866 -44.68 -46.29 13.17
N SER C 867 -45.83 -46.34 13.81
CA SER C 867 -47.08 -46.63 13.14
C SER C 867 -47.54 -45.44 12.31
N PRO C 868 -48.44 -45.66 11.34
CA PRO C 868 -48.93 -44.54 10.52
C PRO C 868 -49.71 -43.53 11.34
N TRP C 869 -49.77 -42.31 10.82
CA TRP C 869 -50.50 -41.23 11.50
C TRP C 869 -51.97 -41.60 11.68
N GLU C 870 -52.52 -41.23 12.83
CA GLU C 870 -53.93 -41.47 13.11
C GLU C 870 -54.52 -40.24 13.77
N LYS C 871 -55.76 -39.90 13.38
CA LYS C 871 -56.49 -38.78 13.96
C LYS C 871 -57.51 -39.23 15.00
N ARG C 872 -57.28 -40.39 15.62
CA ARG C 872 -58.25 -40.95 16.54
C ARG C 872 -58.39 -40.07 17.78
N LEU C 873 -59.56 -40.15 18.41
CA LEU C 873 -59.77 -39.45 19.67
C LEU C 873 -58.86 -40.00 20.74
N ALA C 874 -58.40 -39.13 21.62
CA ALA C 874 -57.39 -39.47 22.62
C ALA C 874 -58.05 -39.71 23.97
N SER C 875 -57.82 -40.88 24.54
CA SER C 875 -58.22 -41.14 25.91
C SER C 875 -57.26 -40.42 26.86
N PRO C 876 -57.75 -39.96 28.02
CA PRO C 876 -56.88 -39.22 28.94
C PRO C 876 -55.67 -40.01 29.41
N SER C 877 -55.78 -41.33 29.56
CA SER C 877 -54.66 -42.10 30.07
C SER C 877 -53.55 -42.22 29.03
N GLU C 878 -53.91 -42.35 27.76
CA GLU C 878 -52.90 -42.62 26.73
C GLU C 878 -52.02 -41.42 26.42
N GLU C 879 -52.41 -40.21 26.85
CA GLU C 879 -51.53 -39.06 26.66
C GLU C 879 -50.29 -39.22 27.53
N THR C 880 -49.15 -38.77 27.01
CA THR C 880 -47.86 -38.95 27.65
C THR C 880 -47.36 -37.65 28.24
N TRP C 881 -46.89 -37.71 29.49
CA TRP C 881 -46.17 -36.62 30.11
C TRP C 881 -44.78 -37.11 30.49
N ILE C 882 -43.75 -36.37 30.06
CA ILE C 882 -42.37 -36.72 30.32
C ILE C 882 -41.72 -35.57 31.08
N THR C 883 -40.88 -35.92 32.05
CA THR C 883 -40.17 -34.94 32.86
C THR C 883 -38.68 -35.14 32.62
N CYS C 884 -38.08 -34.24 31.85
CA CYS C 884 -36.65 -34.32 31.63
C CYS C 884 -35.90 -34.03 32.93
N ASP C 885 -34.65 -34.48 32.97
CA ASP C 885 -33.83 -34.27 34.16
C ASP C 885 -33.58 -32.78 34.39
N ASN C 886 -33.11 -32.45 35.58
CA ASN C 886 -32.88 -31.06 35.94
C ASN C 886 -31.76 -30.47 35.09
N LYS C 887 -31.88 -29.17 34.81
CA LYS C 887 -30.86 -28.50 34.01
C LYS C 887 -29.53 -28.42 34.74
N ILE C 888 -29.55 -28.23 36.05
CA ILE C 888 -28.33 -28.11 36.84
C ILE C 888 -28.23 -29.29 37.79
N ARG C 889 -26.99 -29.69 38.08
CA ARG C 889 -26.78 -30.78 39.02
C ARG C 889 -25.50 -30.52 39.79
N LEU C 890 -25.44 -31.09 40.99
CA LEU C 890 -24.29 -30.98 41.88
C LEU C 890 -23.55 -32.31 41.86
N GLN C 891 -22.23 -32.26 41.66
CA GLN C 891 -21.46 -33.48 41.51
C GLN C 891 -20.33 -33.55 42.52
N GLU C 892 -19.88 -34.78 42.77
CA GLU C 892 -18.67 -35.06 43.53
C GLU C 892 -18.72 -34.50 44.94
N GLY C 893 -19.92 -34.36 45.49
CA GLY C 893 -20.06 -33.90 46.84
C GLY C 893 -20.39 -35.02 47.79
N PRO C 894 -19.73 -35.06 48.95
CA PRO C 894 -20.07 -36.11 49.93
C PRO C 894 -21.53 -36.10 50.30
N THR C 895 -22.13 -34.92 50.38
CA THR C 895 -23.58 -34.82 50.45
C THR C 895 -24.13 -34.72 49.03
N SER C 896 -25.26 -35.36 48.79
CA SER C 896 -25.85 -35.35 47.45
C SER C 896 -26.26 -33.94 47.04
N CYS C 897 -26.79 -33.16 47.98
CA CYS C 897 -27.27 -31.81 47.63
C CYS C 897 -26.12 -30.88 47.27
N SER C 898 -24.93 -31.10 47.81
CA SER C 898 -23.80 -30.19 47.62
C SER C 898 -22.79 -30.77 46.64
N GLY C 899 -21.98 -29.89 46.06
CA GLY C 899 -20.92 -30.33 45.19
C GLY C 899 -20.48 -29.23 44.25
N ARG C 900 -19.83 -29.63 43.16
CA ARG C 900 -19.53 -28.69 42.08
C ARG C 900 -20.81 -28.40 41.32
N VAL C 901 -20.88 -27.21 40.73
CA VAL C 901 -22.07 -26.81 39.99
C VAL C 901 -21.91 -27.19 38.53
N GLU C 902 -22.81 -28.04 38.03
CA GLU C 902 -22.76 -28.51 36.65
C GLU C 902 -24.06 -28.13 35.96
N ILE C 903 -23.93 -27.58 34.75
CA ILE C 903 -25.06 -27.10 33.97
C ILE C 903 -25.04 -27.80 32.62
N TRP C 904 -26.20 -28.31 32.20
CA TRP C 904 -26.33 -28.94 30.89
C TRP C 904 -26.60 -27.85 29.86
N HIS C 905 -25.62 -27.58 29.01
CA HIS C 905 -25.74 -26.56 27.97
C HIS C 905 -25.14 -27.09 26.69
N GLY C 906 -25.84 -26.87 25.58
CA GLY C 906 -25.36 -27.35 24.29
C GLY C 906 -25.22 -28.85 24.22
N GLY C 907 -26.01 -29.59 25.00
CA GLY C 907 -25.95 -31.03 25.00
C GLY C 907 -24.89 -31.65 25.88
N SER C 908 -24.07 -30.84 26.55
CA SER C 908 -22.99 -31.33 27.36
C SER C 908 -23.01 -30.63 28.72
N TRP C 909 -22.53 -31.34 29.73
CA TRP C 909 -22.48 -30.79 31.08
C TRP C 909 -21.27 -29.86 31.21
N GLY C 910 -21.49 -28.71 31.83
CA GLY C 910 -20.42 -27.75 32.02
C GLY C 910 -20.45 -27.16 33.41
N THR C 911 -19.36 -26.49 33.76
CA THR C 911 -19.16 -25.94 35.09
C THR C 911 -19.20 -24.43 35.05
N VAL C 912 -18.92 -23.81 36.20
CA VAL C 912 -18.90 -22.37 36.34
C VAL C 912 -17.54 -21.95 36.90
N CYS C 913 -16.96 -20.91 36.30
CA CYS C 913 -15.64 -20.45 36.70
C CYS C 913 -15.67 -19.83 38.10
N ASP C 914 -14.48 -19.60 38.65
CA ASP C 914 -14.35 -19.04 39.99
C ASP C 914 -14.41 -17.52 39.99
N ASP C 915 -14.41 -16.89 38.84
CA ASP C 915 -14.32 -15.43 38.78
C ASP C 915 -15.60 -14.79 39.32
N SER C 916 -15.43 -13.83 40.22
CA SER C 916 -16.54 -13.02 40.74
C SER C 916 -17.63 -13.90 41.33
N TRP C 917 -17.22 -14.95 42.03
CA TRP C 917 -18.16 -15.83 42.71
C TRP C 917 -18.29 -15.40 44.17
N ASP C 918 -19.51 -15.41 44.68
CA ASP C 918 -19.80 -14.94 46.01
C ASP C 918 -20.94 -15.75 46.60
N LEU C 919 -21.19 -15.55 47.89
CA LEU C 919 -22.24 -16.31 48.56
C LEU C 919 -23.61 -16.01 47.96
N ASP C 920 -23.88 -14.74 47.65
CA ASP C 920 -25.17 -14.38 47.08
C ASP C 920 -25.40 -15.07 45.75
N ASP C 921 -24.34 -15.25 44.97
CA ASP C 921 -24.48 -16.02 43.74
C ASP C 921 -24.90 -17.45 44.04
N ALA C 922 -24.36 -18.03 45.11
CA ALA C 922 -24.69 -19.42 45.46
C ALA C 922 -26.12 -19.58 45.93
N GLN C 923 -26.82 -18.49 46.24
CA GLN C 923 -28.21 -18.62 46.65
C GLN C 923 -29.08 -19.10 45.51
N VAL C 924 -28.80 -18.62 44.30
CA VAL C 924 -29.64 -18.96 43.15
C VAL C 924 -29.55 -20.45 42.84
N VAL C 925 -28.35 -21.01 42.87
CA VAL C 925 -28.17 -22.39 42.39
C VAL C 925 -28.93 -23.36 43.26
N CYS C 926 -28.86 -23.19 44.57
CA CYS C 926 -29.58 -24.07 45.49
C CYS C 926 -31.05 -23.68 45.65
N GLN C 927 -31.46 -22.53 45.11
CA GLN C 927 -32.88 -22.25 44.99
C GLN C 927 -33.53 -23.13 43.93
N GLN C 928 -32.77 -23.46 42.88
CA GLN C 928 -33.26 -24.41 41.89
C GLN C 928 -33.47 -25.79 42.50
N LEU C 929 -32.47 -26.29 43.23
CA LEU C 929 -32.55 -27.63 43.78
C LEU C 929 -33.67 -27.75 44.81
N GLY C 930 -34.06 -26.63 45.42
CA GLY C 930 -34.95 -26.65 46.56
C GLY C 930 -34.26 -26.85 47.88
N CYS C 931 -32.94 -27.03 47.88
CA CYS C 931 -32.19 -27.15 49.11
C CYS C 931 -32.25 -25.83 49.89
N GLY C 932 -31.81 -25.89 51.14
CA GLY C 932 -31.77 -24.72 51.99
C GLY C 932 -30.74 -23.72 51.49
N PRO C 933 -30.78 -22.50 52.03
CA PRO C 933 -29.86 -21.47 51.56
C PRO C 933 -28.41 -21.87 51.79
N ALA C 934 -27.54 -21.39 50.90
CA ALA C 934 -26.13 -21.76 50.96
C ALA C 934 -25.50 -21.30 52.25
N LEU C 935 -24.78 -22.20 52.91
CA LEU C 935 -24.09 -21.84 54.15
C LEU C 935 -22.73 -21.21 53.87
N LYS C 936 -22.07 -21.62 52.79
CA LYS C 936 -20.75 -21.10 52.46
C LYS C 936 -20.47 -21.43 50.99
N ALA C 937 -19.60 -20.63 50.39
CA ALA C 937 -19.17 -20.85 49.02
C ALA C 937 -17.67 -21.10 49.01
N PHE C 938 -17.25 -22.06 48.19
CA PHE C 938 -15.86 -22.41 48.04
C PHE C 938 -15.41 -22.14 46.60
N LYS C 939 -14.10 -22.01 46.41
CA LYS C 939 -13.60 -21.54 45.12
C LYS C 939 -12.29 -22.22 44.80
N GLU C 940 -11.85 -22.04 43.55
CA GLU C 940 -10.59 -22.58 43.04
C GLU C 940 -10.57 -24.11 43.08
N ALA C 941 -11.74 -24.71 42.85
CA ALA C 941 -11.86 -26.16 42.61
C ALA C 941 -11.26 -26.98 43.73
N GLU C 942 -11.19 -26.43 44.95
CA GLU C 942 -10.76 -27.20 46.10
C GLU C 942 -11.65 -28.42 46.32
N PHE C 943 -12.91 -28.34 45.90
CA PHE C 943 -13.86 -29.41 46.13
C PHE C 943 -13.58 -30.58 45.18
N GLY C 944 -13.17 -30.28 43.96
CA GLY C 944 -12.81 -31.31 43.02
C GLY C 944 -12.26 -30.70 41.76
N GLN C 945 -11.54 -31.51 41.00
CA GLN C 945 -11.02 -31.06 39.71
C GLN C 945 -12.13 -31.07 38.68
N GLY C 946 -12.10 -30.06 37.80
CA GLY C 946 -13.22 -29.85 36.90
C GLY C 946 -13.32 -30.91 35.82
N THR C 947 -14.45 -30.87 35.11
CA THR C 947 -14.71 -31.76 34.00
C THR C 947 -15.68 -31.08 33.04
N GLY C 948 -15.63 -31.50 31.78
CA GLY C 948 -16.53 -30.97 30.78
C GLY C 948 -16.12 -29.59 30.31
N PRO C 949 -16.71 -29.12 29.22
CA PRO C 949 -16.42 -27.75 28.75
C PRO C 949 -17.10 -26.72 29.63
N ILE C 950 -16.32 -25.76 30.11
CA ILE C 950 -16.82 -24.73 31.01
C ILE C 950 -17.63 -23.72 30.22
N TRP C 951 -18.83 -23.39 30.72
CA TRP C 951 -19.73 -22.49 30.01
C TRP C 951 -19.72 -21.06 30.57
N LEU C 952 -20.08 -20.91 31.85
CA LEU C 952 -20.35 -19.59 32.41
C LEU C 952 -19.11 -19.00 33.07
N ASN C 953 -19.09 -17.67 33.13
CA ASN C 953 -18.03 -16.95 33.83
C ASN C 953 -18.59 -15.62 34.31
N GLU C 954 -17.94 -15.07 35.35
CA GLU C 954 -18.28 -13.76 35.89
C GLU C 954 -19.76 -13.66 36.20
N VAL C 955 -20.29 -14.70 36.85
CA VAL C 955 -21.72 -14.77 37.08
C VAL C 955 -22.14 -13.64 38.03
N LYS C 956 -23.19 -12.93 37.64
CA LYS C 956 -23.68 -11.77 38.38
C LYS C 956 -25.17 -11.99 38.61
N CYS C 957 -25.52 -12.42 39.82
CA CYS C 957 -26.90 -12.68 40.19
C CYS C 957 -27.30 -11.72 41.31
N LYS C 958 -28.47 -11.11 41.17
CA LYS C 958 -28.94 -10.21 42.22
C LYS C 958 -29.28 -10.95 43.50
N GLY C 959 -29.48 -12.26 43.44
CA GLY C 959 -29.88 -13.06 44.57
C GLY C 959 -31.34 -13.44 44.59
N ASN C 960 -32.19 -12.73 43.85
CA ASN C 960 -33.59 -13.09 43.71
C ASN C 960 -33.93 -13.63 42.33
N GLU C 961 -32.94 -13.80 41.46
CA GLU C 961 -33.19 -14.29 40.11
C GLU C 961 -33.52 -15.77 40.12
N SER C 962 -34.43 -16.16 39.21
CA SER C 962 -34.88 -17.54 39.15
C SER C 962 -33.76 -18.49 38.78
N SER C 963 -33.14 -18.28 37.62
CA SER C 963 -32.14 -19.20 37.10
C SER C 963 -30.86 -18.47 36.75
N LEU C 964 -29.76 -19.20 36.82
CA LEU C 964 -28.48 -18.65 36.37
C LEU C 964 -28.52 -18.32 34.89
N TRP C 965 -29.27 -19.10 34.11
CA TRP C 965 -29.43 -18.78 32.69
C TRP C 965 -30.09 -17.42 32.53
N ASP C 966 -31.06 -17.11 33.39
CA ASP C 966 -31.64 -15.77 33.39
C ASP C 966 -30.69 -14.75 34.00
N CYS C 967 -29.75 -15.19 34.83
CA CYS C 967 -28.81 -14.26 35.43
C CYS C 967 -27.88 -13.67 34.37
N PRO C 968 -27.53 -12.39 34.47
CA PRO C 968 -26.57 -11.81 33.54
C PRO C 968 -25.15 -12.29 33.83
N ALA C 969 -24.53 -12.88 32.83
CA ALA C 969 -23.15 -13.32 32.91
C ALA C 969 -22.65 -13.61 31.50
N ARG C 970 -21.33 -13.62 31.34
CA ARG C 970 -20.74 -13.97 30.06
C ARG C 970 -21.16 -15.39 29.69
N ARG C 971 -21.82 -15.52 28.54
CA ARG C 971 -22.46 -16.78 28.18
C ARG C 971 -21.71 -17.45 27.04
N TRP C 972 -22.16 -18.66 26.73
CA TRP C 972 -21.68 -19.44 25.58
C TRP C 972 -20.17 -19.59 25.60
N GLY C 973 -19.64 -20.01 26.74
CA GLY C 973 -18.22 -20.27 26.85
C GLY C 973 -17.40 -19.02 26.67
N HIS C 974 -16.28 -19.16 25.95
CA HIS C 974 -15.32 -18.08 25.75
C HIS C 974 -14.84 -17.50 27.07
N SER C 975 -14.80 -18.34 28.10
CA SER C 975 -14.37 -17.93 29.42
C SER C 975 -12.90 -18.27 29.68
N GLU C 976 -12.38 -19.27 28.97
CA GLU C 976 -10.97 -19.68 29.01
C GLU C 976 -10.43 -19.82 30.43
N CYS C 977 -11.32 -20.10 31.38
CA CYS C 977 -10.87 -20.41 32.74
C CYS C 977 -10.23 -21.79 32.77
N GLY C 978 -9.17 -21.91 33.57
CA GLY C 978 -8.60 -23.22 33.80
C GLY C 978 -9.51 -24.10 34.64
N HIS C 979 -9.40 -25.42 34.41
CA HIS C 979 -10.25 -26.34 35.14
C HIS C 979 -9.98 -26.31 36.65
N LYS C 980 -8.81 -25.85 37.06
CA LYS C 980 -8.56 -25.59 38.47
C LYS C 980 -9.38 -24.45 39.01
N GLU C 981 -10.03 -23.68 38.14
CA GLU C 981 -10.88 -22.57 38.57
C GLU C 981 -12.36 -22.94 38.63
N ASP C 982 -12.70 -24.21 38.47
CA ASP C 982 -14.11 -24.60 38.54
C ASP C 982 -14.63 -24.42 39.97
N ALA C 983 -15.93 -24.13 40.08
CA ALA C 983 -16.52 -23.68 41.33
C ALA C 983 -17.38 -24.76 41.96
N ALA C 984 -17.61 -24.61 43.26
CA ALA C 984 -18.43 -25.55 44.01
C ALA C 984 -18.93 -24.86 45.27
N VAL C 985 -20.11 -25.29 45.73
CA VAL C 985 -20.72 -24.75 46.94
C VAL C 985 -21.45 -25.87 47.67
N ASN C 986 -21.88 -25.56 48.90
CA ASN C 986 -22.70 -26.47 49.69
C ASN C 986 -23.90 -25.72 50.23
N CYS C 987 -24.99 -26.45 50.46
CA CYS C 987 -26.23 -25.84 50.89
C CYS C 987 -26.95 -26.75 51.87
N THR C 988 -27.89 -26.15 52.60
CA THR C 988 -28.64 -26.89 53.61
C THR C 988 -29.57 -27.91 52.96
N ASP C 989 -29.67 -29.08 53.59
CA ASP C 989 -30.53 -30.15 53.09
C ASP C 989 -32.00 -29.88 53.36
N VAL D 2 36.66 3.13 -31.59
CA VAL D 2 37.34 3.49 -30.35
C VAL D 2 36.86 4.86 -29.90
N LEU D 3 36.96 5.12 -28.60
CA LEU D 3 36.53 6.40 -28.07
C LEU D 3 37.54 7.49 -28.42
N SER D 4 37.08 8.52 -29.11
CA SER D 4 37.92 9.67 -29.39
C SER D 4 38.15 10.46 -28.10
N PRO D 5 39.23 11.22 -28.04
CA PRO D 5 39.49 12.01 -26.81
C PRO D 5 38.33 12.92 -26.42
N ALA D 6 37.63 13.49 -27.40
CA ALA D 6 36.49 14.34 -27.08
C ALA D 6 35.41 13.55 -26.37
N ASP D 7 35.19 12.29 -26.78
CA ASP D 7 34.20 11.46 -26.10
C ASP D 7 34.57 11.24 -24.65
N LYS D 8 35.85 11.01 -24.37
CA LYS D 8 36.28 10.82 -22.98
C LYS D 8 36.01 12.08 -22.16
N THR D 9 36.23 13.25 -22.76
CA THR D 9 36.04 14.50 -22.02
C THR D 9 34.61 14.66 -21.56
N ASN D 10 33.65 14.40 -22.45
CA ASN D 10 32.25 14.50 -22.06
C ASN D 10 31.89 13.47 -20.99
N VAL D 11 32.39 12.24 -21.13
CA VAL D 11 32.02 11.18 -20.21
C VAL D 11 32.46 11.54 -18.80
N LYS D 12 33.69 12.03 -18.65
CA LYS D 12 34.15 12.48 -17.34
C LYS D 12 33.27 13.63 -16.83
N ALA D 13 32.91 14.55 -17.71
CA ALA D 13 32.04 15.64 -17.32
C ALA D 13 30.66 15.14 -16.92
N ALA D 14 30.11 14.19 -17.68
CA ALA D 14 28.78 13.69 -17.38
C ALA D 14 28.74 12.97 -16.04
N TRP D 15 29.74 12.13 -15.76
CA TRP D 15 29.75 11.43 -14.49
C TRP D 15 29.99 12.38 -13.33
N GLY D 16 30.74 13.46 -13.57
CA GLY D 16 30.96 14.43 -12.53
C GLY D 16 29.68 15.14 -12.12
N LYS D 17 28.78 15.37 -13.08
CA LYS D 17 27.55 16.09 -12.77
C LYS D 17 26.63 15.28 -11.87
N VAL D 18 26.48 13.98 -12.17
CA VAL D 18 25.62 13.15 -11.34
C VAL D 18 26.24 12.94 -9.96
N GLY D 19 27.55 12.77 -9.90
CA GLY D 19 28.23 12.70 -8.62
C GLY D 19 27.80 11.50 -7.79
N ALA D 20 27.45 11.77 -6.53
CA ALA D 20 27.15 10.69 -5.59
C ALA D 20 25.85 9.97 -5.93
N HIS D 21 25.00 10.54 -6.78
CA HIS D 21 23.76 9.88 -7.16
C HIS D 21 23.97 8.63 -8.00
N ALA D 22 25.22 8.21 -8.22
CA ALA D 22 25.48 7.02 -9.01
C ALA D 22 24.90 5.78 -8.35
N GLY D 23 24.96 5.70 -7.02
CA GLY D 23 24.55 4.49 -6.34
C GLY D 23 23.09 4.13 -6.57
N GLU D 24 22.21 5.13 -6.46
CA GLU D 24 20.79 4.86 -6.69
C GLU D 24 20.48 4.76 -8.17
N TYR D 25 21.23 5.47 -9.03
CA TYR D 25 20.97 5.41 -10.46
C TYR D 25 21.24 4.02 -11.00
N GLY D 26 22.30 3.36 -10.52
CA GLY D 26 22.52 1.98 -10.90
C GLY D 26 21.45 1.05 -10.38
N ALA D 27 20.96 1.31 -9.16
CA ALA D 27 19.93 0.45 -8.58
C ALA D 27 18.62 0.57 -9.35
N GLU D 28 18.20 1.80 -9.66
CA GLU D 28 16.96 1.98 -10.42
C GLU D 28 17.11 1.43 -11.83
N ALA D 29 18.31 1.49 -12.39
CA ALA D 29 18.55 0.89 -13.69
C ALA D 29 18.36 -0.62 -13.64
N LEU D 30 18.88 -1.27 -12.59
CA LEU D 30 18.78 -2.72 -12.49
C LEU D 30 17.34 -3.16 -12.37
N GLU D 31 16.55 -2.46 -11.55
CA GLU D 31 15.17 -2.89 -11.33
C GLU D 31 14.33 -2.72 -12.59
N ARG D 32 14.61 -1.71 -13.40
CA ARG D 32 13.99 -1.62 -14.71
C ARG D 32 14.40 -2.80 -15.58
N MET D 33 15.70 -3.14 -15.55
CA MET D 33 16.20 -4.20 -16.42
C MET D 33 15.58 -5.55 -16.04
N PHE D 34 15.41 -5.80 -14.74
CA PHE D 34 14.70 -7.01 -14.32
C PHE D 34 13.24 -6.97 -14.78
N LEU D 35 12.57 -5.84 -14.60
CA LEU D 35 11.15 -5.75 -14.95
C LEU D 35 10.93 -5.74 -16.46
N SER D 36 11.93 -5.32 -17.24
CA SER D 36 11.74 -5.24 -18.68
C SER D 36 11.76 -6.62 -19.33
N PHE D 37 12.61 -7.52 -18.85
CA PHE D 37 12.84 -8.79 -19.53
C PHE D 37 12.76 -9.95 -18.54
N PRO D 38 11.95 -10.97 -18.82
CA PRO D 38 11.82 -12.07 -17.86
C PRO D 38 13.04 -12.96 -17.80
N THR D 39 13.72 -13.18 -18.92
CA THR D 39 14.83 -14.11 -18.97
C THR D 39 16.01 -13.65 -18.13
N THR D 40 16.02 -12.39 -17.71
CA THR D 40 17.16 -11.87 -16.96
C THR D 40 17.14 -12.33 -15.51
N LYS D 41 15.96 -12.49 -14.92
CA LYS D 41 15.86 -12.87 -13.52
C LYS D 41 16.38 -14.27 -13.25
N THR D 42 16.61 -15.08 -14.29
CA THR D 42 17.01 -16.46 -14.10
C THR D 42 18.47 -16.61 -13.65
N TYR D 43 19.24 -15.53 -13.66
CA TYR D 43 20.66 -15.66 -13.37
C TYR D 43 20.96 -15.73 -11.88
N PHE D 44 20.00 -15.35 -11.03
CA PHE D 44 20.18 -15.48 -9.58
C PHE D 44 18.83 -15.48 -8.88
N PRO D 45 18.52 -16.51 -8.10
CA PRO D 45 17.22 -16.55 -7.42
C PRO D 45 17.22 -15.79 -6.11
N HIS D 46 18.39 -15.65 -5.48
CA HIS D 46 18.46 -15.08 -4.14
C HIS D 46 18.03 -13.62 -4.12
N PHE D 47 18.23 -12.92 -5.22
CA PHE D 47 17.85 -11.51 -5.30
C PHE D 47 16.33 -11.37 -5.25
N ASP D 48 15.87 -10.45 -4.40
CA ASP D 48 14.45 -10.13 -4.36
C ASP D 48 14.11 -9.23 -5.55
N LEU D 49 13.15 -9.67 -6.35
CA LEU D 49 12.81 -8.98 -7.58
C LEU D 49 11.75 -7.90 -7.38
N SER D 50 11.18 -7.79 -6.19
CA SER D 50 10.15 -6.81 -5.92
C SER D 50 10.75 -5.41 -5.85
N HIS D 51 9.89 -4.41 -6.03
CA HIS D 51 10.33 -3.02 -6.01
C HIS D 51 10.81 -2.64 -4.61
N GLY D 52 11.91 -1.90 -4.56
CA GLY D 52 12.46 -1.45 -3.29
C GLY D 52 13.26 -2.48 -2.52
N SER D 53 13.64 -3.59 -3.16
CA SER D 53 14.44 -4.59 -2.47
C SER D 53 15.80 -4.03 -2.08
N ALA D 54 16.12 -4.14 -0.79
CA ALA D 54 17.36 -3.53 -0.29
C ALA D 54 18.60 -4.17 -0.90
N GLN D 55 18.63 -5.49 -1.03
CA GLN D 55 19.84 -6.15 -1.51
C GLN D 55 20.08 -5.84 -2.99
N VAL D 56 19.01 -5.52 -3.72
CA VAL D 56 19.17 -5.02 -5.08
C VAL D 56 19.94 -3.70 -5.07
N LYS D 57 19.58 -2.80 -4.15
CA LYS D 57 20.32 -1.55 -4.03
C LYS D 57 21.79 -1.80 -3.72
N GLY D 58 22.07 -2.85 -2.95
CA GLY D 58 23.45 -3.23 -2.71
C GLY D 58 24.18 -3.60 -3.99
N HIS D 59 23.52 -4.38 -4.85
CA HIS D 59 24.13 -4.72 -6.13
C HIS D 59 24.26 -3.50 -7.02
N GLY D 60 23.20 -2.68 -7.08
CA GLY D 60 23.25 -1.48 -7.90
C GLY D 60 24.34 -0.53 -7.46
N LYS D 61 24.54 -0.40 -6.14
CA LYS D 61 25.60 0.46 -5.63
C LYS D 61 26.97 -0.03 -6.05
N LYS D 62 27.21 -1.34 -5.96
CA LYS D 62 28.54 -1.86 -6.27
C LYS D 62 28.80 -1.88 -7.77
N VAL D 63 27.76 -2.03 -8.58
CA VAL D 63 27.93 -1.93 -10.03
C VAL D 63 28.27 -0.50 -10.43
N ALA D 64 27.53 0.47 -9.89
CA ALA D 64 27.83 1.87 -10.17
C ALA D 64 29.21 2.24 -9.63
N ASP D 65 29.59 1.65 -8.50
CA ASP D 65 30.94 1.86 -7.99
C ASP D 65 31.97 1.38 -8.99
N ALA D 66 31.75 0.21 -9.59
CA ALA D 66 32.70 -0.33 -10.55
C ALA D 66 32.83 0.58 -11.75
N LEU D 67 31.71 1.12 -12.24
CA LEU D 67 31.78 2.05 -13.37
C LEU D 67 32.53 3.32 -13.00
N THR D 68 32.29 3.86 -11.81
CA THR D 68 33.01 5.05 -11.38
C THR D 68 34.51 4.77 -11.32
N ASN D 69 34.88 3.59 -10.84
CA ASN D 69 36.28 3.19 -10.92
C ASN D 69 36.73 3.09 -12.37
N ALA D 70 35.85 2.62 -13.25
CA ALA D 70 36.21 2.53 -14.66
C ALA D 70 36.45 3.91 -15.26
N VAL D 71 35.65 4.90 -14.86
CA VAL D 71 35.82 6.25 -15.38
C VAL D 71 37.19 6.79 -15.03
N ALA D 72 37.60 6.62 -13.77
CA ALA D 72 38.88 7.16 -13.33
C ALA D 72 40.04 6.52 -14.07
N HIS D 73 39.88 5.29 -14.54
CA HIS D 73 40.89 4.61 -15.33
C HIS D 73 40.41 4.38 -16.75
N VAL D 74 39.75 5.40 -17.33
CA VAL D 74 39.17 5.27 -18.65
C VAL D 74 40.23 4.91 -19.68
N ASP D 75 41.45 5.41 -19.51
CA ASP D 75 42.51 5.08 -20.44
C ASP D 75 42.97 3.64 -20.29
N ASP D 76 42.74 3.04 -19.13
CA ASP D 76 43.26 1.69 -18.86
C ASP D 76 42.15 0.78 -18.36
N MET D 77 41.04 0.75 -19.10
CA MET D 77 39.89 -0.05 -18.69
C MET D 77 40.18 -1.53 -18.48
N PRO D 78 40.95 -2.21 -19.34
CA PRO D 78 41.04 -3.69 -19.21
C PRO D 78 41.51 -4.17 -17.85
N ASN D 79 42.71 -3.76 -17.41
CA ASN D 79 43.24 -4.30 -16.16
C ASN D 79 42.38 -3.91 -14.97
N ALA D 80 41.81 -2.70 -14.99
CA ALA D 80 40.97 -2.26 -13.88
C ALA D 80 39.73 -3.14 -13.75
N LEU D 81 39.18 -3.59 -14.87
CA LEU D 81 38.03 -4.48 -14.87
C LEU D 81 38.43 -5.92 -15.19
N SER D 82 39.70 -6.28 -15.00
CA SER D 82 40.13 -7.63 -15.33
C SER D 82 39.42 -8.67 -14.45
N ALA D 83 39.31 -8.39 -13.16
CA ALA D 83 38.67 -9.34 -12.26
C ALA D 83 37.19 -9.51 -12.59
N LEU D 84 36.50 -8.40 -12.85
CA LEU D 84 35.08 -8.50 -13.16
C LEU D 84 34.86 -9.24 -14.48
N SER D 85 35.74 -9.03 -15.45
CA SER D 85 35.63 -9.73 -16.71
C SER D 85 35.77 -11.24 -16.52
N ASP D 86 36.64 -11.65 -15.60
CA ASP D 86 36.80 -13.08 -15.33
C ASP D 86 35.56 -13.64 -14.64
N LEU D 87 34.95 -12.86 -13.75
CA LEU D 87 33.83 -13.38 -12.97
C LEU D 87 32.62 -13.66 -13.83
N HIS D 88 32.18 -12.68 -14.64
CA HIS D 88 30.97 -12.86 -15.42
C HIS D 88 31.17 -13.90 -16.53
N ALA D 89 32.32 -13.89 -17.17
CA ALA D 89 32.54 -14.78 -18.32
C ALA D 89 32.59 -16.24 -17.89
N HIS D 90 33.23 -16.53 -16.76
CA HIS D 90 33.44 -17.91 -16.32
C HIS D 90 32.45 -18.34 -15.26
N LYS D 91 32.41 -17.64 -14.13
CA LYS D 91 31.62 -18.10 -12.99
C LYS D 91 30.12 -17.99 -13.27
N LEU D 92 29.69 -16.93 -13.95
CA LEU D 92 28.28 -16.74 -14.21
C LEU D 92 27.87 -17.18 -15.61
N ARG D 93 28.81 -17.17 -16.56
CA ARG D 93 28.54 -17.62 -17.93
C ARG D 93 27.35 -16.87 -18.55
N VAL D 94 27.40 -15.54 -18.45
CA VAL D 94 26.33 -14.72 -18.99
C VAL D 94 26.47 -14.60 -20.50
N ASP D 95 25.49 -15.11 -21.23
CA ASP D 95 25.48 -14.96 -22.67
C ASP D 95 25.27 -13.48 -22.97
N PRO D 96 26.23 -12.81 -23.62
CA PRO D 96 26.31 -11.35 -23.49
C PRO D 96 25.13 -10.56 -24.04
N VAL D 97 24.06 -11.21 -24.49
CA VAL D 97 22.95 -10.47 -25.08
C VAL D 97 22.31 -9.56 -24.04
N ASN D 98 22.33 -9.95 -22.77
CA ASN D 98 21.67 -9.13 -21.76
C ASN D 98 22.47 -7.89 -21.39
N PHE D 99 23.78 -7.88 -21.67
CA PHE D 99 24.60 -6.73 -21.31
C PHE D 99 24.04 -5.45 -21.92
N LYS D 100 23.79 -5.46 -23.24
CA LYS D 100 23.31 -4.27 -23.92
C LYS D 100 21.95 -3.84 -23.41
N LEU D 101 21.10 -4.79 -23.04
CA LEU D 101 19.83 -4.40 -22.43
C LEU D 101 20.07 -3.67 -21.12
N LEU D 102 21.05 -4.13 -20.33
CA LEU D 102 21.39 -3.40 -19.12
C LEU D 102 21.93 -2.02 -19.44
N SER D 103 22.80 -1.92 -20.45
CA SER D 103 23.37 -0.62 -20.79
C SER D 103 22.29 0.35 -21.24
N HIS D 104 21.33 -0.12 -22.04
CA HIS D 104 20.23 0.75 -22.43
C HIS D 104 19.37 1.11 -21.22
N CYS D 105 19.14 0.16 -20.33
CA CYS D 105 18.35 0.45 -19.13
C CYS D 105 19.04 1.49 -18.27
N LEU D 106 20.35 1.37 -18.10
CA LEU D 106 21.09 2.39 -17.35
C LEU D 106 20.99 3.74 -18.05
N LEU D 107 21.12 3.75 -19.38
CA LEU D 107 21.02 5.01 -20.12
C LEU D 107 19.64 5.60 -20.01
N VAL D 108 18.60 4.77 -20.03
CA VAL D 108 17.23 5.27 -19.90
C VAL D 108 17.05 5.94 -18.55
N THR D 109 17.47 5.26 -17.48
CA THR D 109 17.34 5.83 -16.14
C THR D 109 18.14 7.12 -16.02
N LEU D 110 19.38 7.10 -16.51
CA LEU D 110 20.23 8.28 -16.40
C LEU D 110 19.72 9.43 -17.27
N ALA D 111 18.94 9.12 -18.31
CA ALA D 111 18.42 10.19 -19.16
C ALA D 111 17.23 10.89 -18.52
N ALA D 112 16.30 10.12 -17.96
CA ALA D 112 15.10 10.71 -17.39
C ALA D 112 15.42 11.57 -16.17
N HIS D 113 16.36 11.12 -15.34
CA HIS D 113 16.65 11.82 -14.10
C HIS D 113 17.44 13.11 -14.32
N LEU D 114 18.20 13.20 -15.40
CA LEU D 114 18.98 14.40 -15.73
C LEU D 114 18.70 14.79 -17.17
N PRO D 115 17.48 15.21 -17.48
CA PRO D 115 17.15 15.56 -18.87
C PRO D 115 17.97 16.70 -19.43
N ALA D 116 18.34 17.67 -18.60
CA ALA D 116 19.01 18.86 -19.11
C ALA D 116 20.38 18.53 -19.69
N GLU D 117 21.13 17.64 -19.03
CA GLU D 117 22.52 17.42 -19.41
C GLU D 117 22.67 16.60 -20.68
N PHE D 118 21.59 16.05 -21.21
CA PHE D 118 21.68 15.13 -22.35
C PHE D 118 21.62 15.89 -23.66
N THR D 119 22.73 16.51 -24.02
CA THR D 119 22.91 16.96 -25.38
C THR D 119 23.12 15.73 -26.28
N PRO D 120 22.84 15.85 -27.58
CA PRO D 120 23.11 14.70 -28.46
C PRO D 120 24.55 14.26 -28.45
N ALA D 121 25.50 15.18 -28.30
CA ALA D 121 26.90 14.79 -28.20
C ALA D 121 27.15 13.95 -26.96
N VAL D 122 26.57 14.34 -25.82
CA VAL D 122 26.77 13.60 -24.59
C VAL D 122 26.16 12.21 -24.69
N HIS D 123 24.95 12.11 -25.24
CA HIS D 123 24.28 10.82 -25.35
C HIS D 123 25.09 9.87 -26.22
N ALA D 124 25.71 10.39 -27.28
CA ALA D 124 26.57 9.55 -28.10
C ALA D 124 27.80 9.09 -27.31
N SER D 125 28.48 10.03 -26.65
CA SER D 125 29.71 9.68 -25.94
C SER D 125 29.42 8.76 -24.76
N LEU D 126 28.38 9.05 -23.99
CA LEU D 126 28.06 8.20 -22.85
C LEU D 126 27.73 6.79 -23.30
N ASP D 127 26.96 6.66 -24.38
CA ASP D 127 26.60 5.32 -24.86
C ASP D 127 27.82 4.57 -25.34
N LYS D 128 28.74 5.25 -26.03
CA LYS D 128 29.95 4.58 -26.48
C LYS D 128 30.74 4.05 -25.30
N PHE D 129 30.84 4.84 -24.23
CA PHE D 129 31.58 4.41 -23.05
C PHE D 129 30.94 3.17 -22.43
N LEU D 130 29.62 3.17 -22.28
CA LEU D 130 28.96 1.98 -21.75
C LEU D 130 29.14 0.81 -22.68
N ALA D 131 29.20 1.06 -23.99
CA ALA D 131 29.50 -0.01 -24.92
C ALA D 131 30.90 -0.55 -24.70
N SER D 132 31.86 0.33 -24.44
CA SER D 132 33.23 -0.14 -24.25
C SER D 132 33.39 -0.95 -22.98
N VAL D 133 32.65 -0.58 -21.93
CA VAL D 133 32.70 -1.36 -20.69
C VAL D 133 32.10 -2.74 -20.91
N SER D 134 30.96 -2.82 -21.59
CA SER D 134 30.32 -4.11 -21.83
C SER D 134 31.22 -5.04 -22.63
N THR D 135 31.87 -4.50 -23.66
CA THR D 135 32.70 -5.35 -24.50
C THR D 135 33.85 -5.96 -23.71
N VAL D 136 34.43 -5.20 -22.78
CA VAL D 136 35.56 -5.70 -22.01
C VAL D 136 35.13 -6.84 -21.10
N LEU D 137 33.96 -6.71 -20.46
CA LEU D 137 33.51 -7.76 -19.55
C LEU D 137 33.31 -9.09 -20.27
N THR D 138 32.77 -9.05 -21.48
CA THR D 138 32.46 -10.25 -22.24
C THR D 138 33.51 -10.56 -23.31
N SER D 139 34.73 -10.04 -23.16
CA SER D 139 35.76 -10.31 -24.15
C SER D 139 36.16 -11.79 -24.14
N LYS D 140 36.44 -12.33 -22.95
CA LYS D 140 36.87 -13.71 -22.84
C LYS D 140 35.72 -14.69 -22.98
N TYR D 141 34.49 -14.21 -22.97
CA TYR D 141 33.34 -15.10 -22.85
C TYR D 141 33.24 -16.03 -24.05
N ARG D 142 32.74 -17.23 -23.80
CA ARG D 142 32.56 -18.22 -24.84
C ARG D 142 31.64 -19.33 -24.35
N HIS E 3 -0.95 -10.70 -25.71
CA HIS E 3 -0.18 -9.53 -26.08
C HIS E 3 0.14 -8.66 -24.87
N LEU E 4 -0.73 -7.69 -24.59
CA LEU E 4 -0.52 -6.73 -23.52
C LEU E 4 -1.77 -6.63 -22.67
N THR E 5 -1.56 -6.35 -21.38
CA THR E 5 -2.69 -6.16 -20.47
C THR E 5 -3.43 -4.87 -20.81
N PRO E 6 -4.75 -4.85 -20.63
CA PRO E 6 -5.51 -3.64 -20.97
C PRO E 6 -5.08 -2.39 -20.22
N GLU E 7 -4.74 -2.52 -18.94
CA GLU E 7 -4.37 -1.34 -18.15
C GLU E 7 -3.04 -0.76 -18.63
N GLU E 8 -2.08 -1.62 -18.97
CA GLU E 8 -0.82 -1.14 -19.51
C GLU E 8 -1.02 -0.52 -20.89
N LYS E 9 -1.88 -1.14 -21.72
CA LYS E 9 -2.19 -0.57 -23.03
C LYS E 9 -2.86 0.79 -22.88
N SER E 10 -3.75 0.92 -21.90
CA SER E 10 -4.37 2.21 -21.63
C SER E 10 -3.34 3.26 -21.23
N ALA E 11 -2.38 2.86 -20.40
CA ALA E 11 -1.33 3.79 -19.98
C ALA E 11 -0.48 4.24 -21.16
N VAL E 12 -0.18 3.32 -22.08
CA VAL E 12 0.58 3.69 -23.27
C VAL E 12 -0.16 4.73 -24.08
N THR E 13 -1.46 4.52 -24.28
CA THR E 13 -2.28 5.51 -24.97
C THR E 13 -2.36 6.81 -24.18
N ALA E 14 -2.48 6.70 -22.85
CA ALA E 14 -2.57 7.90 -22.02
C ALA E 14 -1.30 8.73 -22.13
N LEU E 15 -0.14 8.09 -22.01
CA LEU E 15 1.13 8.80 -22.21
C LEU E 15 1.26 9.27 -23.64
N TRP E 16 0.67 8.56 -24.59
CA TRP E 16 0.70 8.98 -25.98
C TRP E 16 -0.10 10.25 -26.21
N GLY E 17 -1.12 10.51 -25.38
CA GLY E 17 -1.89 11.73 -25.52
C GLY E 17 -1.06 12.96 -25.21
N LYS E 18 -0.20 12.87 -24.20
CA LYS E 18 0.62 14.01 -23.81
C LYS E 18 1.62 14.38 -24.91
N VAL E 19 2.21 13.38 -25.55
CA VAL E 19 3.27 13.63 -26.53
C VAL E 19 2.67 14.06 -27.86
N ASN E 20 3.46 14.80 -28.62
CA ASN E 20 3.09 15.24 -29.96
C ASN E 20 4.11 14.70 -30.96
N VAL E 21 3.63 14.42 -32.18
CA VAL E 21 4.42 13.66 -33.13
C VAL E 21 5.60 14.48 -33.65
N ASP E 22 5.36 15.74 -34.01
CA ASP E 22 6.32 16.47 -34.82
C ASP E 22 7.63 16.74 -34.09
N GLU E 23 7.55 17.29 -32.86
CA GLU E 23 8.77 17.68 -32.16
C GLU E 23 9.61 16.47 -31.76
N VAL E 24 9.00 15.48 -31.13
CA VAL E 24 9.79 14.34 -30.64
C VAL E 24 10.07 13.36 -31.77
N GLY E 25 9.25 13.36 -32.82
CA GLY E 25 9.52 12.49 -33.95
C GLY E 25 10.82 12.84 -34.66
N GLY E 26 11.02 14.14 -34.93
CA GLY E 26 12.27 14.56 -35.55
C GLY E 26 13.45 14.36 -34.64
N GLU E 27 13.27 14.63 -33.34
CA GLU E 27 14.37 14.45 -32.39
C GLU E 27 14.77 12.97 -32.29
N ALA E 28 13.79 12.06 -32.36
CA ALA E 28 14.10 10.64 -32.25
C ALA E 28 15.02 10.19 -33.36
N LEU E 29 14.70 10.55 -34.61
CA LEU E 29 15.53 10.16 -35.73
C LEU E 29 16.88 10.87 -35.69
N GLY E 30 16.88 12.13 -35.23
CA GLY E 30 18.13 12.84 -35.07
C GLY E 30 19.06 12.16 -34.07
N ARG E 31 18.51 11.71 -32.95
CA ARG E 31 19.32 10.99 -31.97
C ARG E 31 19.84 9.69 -32.56
N LEU E 32 19.00 8.97 -33.30
CA LEU E 32 19.42 7.72 -33.90
C LEU E 32 20.59 7.93 -34.87
N LEU E 33 20.53 9.02 -35.64
CA LEU E 33 21.58 9.26 -36.62
C LEU E 33 22.93 9.50 -35.94
N VAL E 34 22.94 10.23 -34.83
CA VAL E 34 24.20 10.55 -34.18
C VAL E 34 24.67 9.39 -33.31
N VAL E 35 23.75 8.67 -32.65
CA VAL E 35 24.15 7.59 -31.77
C VAL E 35 24.76 6.44 -32.57
N TYR E 36 24.12 6.04 -33.67
CA TYR E 36 24.61 4.98 -34.54
C TYR E 36 24.81 5.58 -35.92
N PRO E 37 25.95 6.23 -36.14
CA PRO E 37 26.16 6.96 -37.40
C PRO E 37 26.21 6.08 -38.64
N TRP E 38 26.25 4.75 -38.49
CA TRP E 38 26.24 3.91 -39.67
C TRP E 38 24.90 3.95 -40.40
N THR E 39 23.83 4.35 -39.72
CA THR E 39 22.54 4.47 -40.38
C THR E 39 22.52 5.59 -41.41
N GLN E 40 23.53 6.46 -41.41
CA GLN E 40 23.67 7.44 -42.48
C GLN E 40 23.89 6.76 -43.83
N ARG E 41 24.33 5.49 -43.81
CA ARG E 41 24.47 4.74 -45.05
C ARG E 41 23.13 4.62 -45.76
N PHE E 42 22.07 4.33 -45.00
CA PHE E 42 20.74 4.32 -45.59
C PHE E 42 20.23 5.74 -45.84
N PHE E 43 20.85 6.74 -45.20
CA PHE E 43 20.43 8.12 -45.32
C PHE E 43 21.38 8.96 -46.18
N GLU E 44 22.00 8.35 -47.19
CA GLU E 44 23.00 9.06 -47.99
C GLU E 44 22.35 10.10 -48.89
N SER E 45 21.06 9.95 -49.19
CA SER E 45 20.43 10.80 -50.19
C SER E 45 20.19 12.21 -49.69
N PHE E 46 19.94 12.40 -48.40
CA PHE E 46 19.66 13.72 -47.86
C PHE E 46 20.90 14.58 -47.66
N GLY E 47 22.07 14.13 -48.15
CA GLY E 47 23.24 14.99 -48.12
C GLY E 47 24.10 14.79 -46.90
N ASP E 48 24.67 15.88 -46.38
CA ASP E 48 25.58 15.82 -45.25
C ASP E 48 24.80 16.02 -43.95
N LEU E 49 25.09 15.17 -42.97
CA LEU E 49 24.59 15.33 -41.60
C LEU E 49 25.68 14.95 -40.61
N SER E 50 26.94 15.25 -40.94
CA SER E 50 28.05 14.82 -40.09
C SER E 50 28.00 15.49 -38.73
N THR E 51 27.87 16.81 -38.69
CA THR E 51 27.78 17.49 -37.42
C THR E 51 26.43 17.20 -36.76
N PRO E 52 26.39 17.04 -35.45
CA PRO E 52 25.10 16.81 -34.77
C PRO E 52 24.11 17.94 -34.98
N ASP E 53 24.57 19.19 -35.07
CA ASP E 53 23.66 20.31 -35.26
C ASP E 53 22.94 20.20 -36.59
N ALA E 54 23.64 19.74 -37.64
CA ALA E 54 23.01 19.57 -38.94
C ALA E 54 21.88 18.56 -38.88
N VAL E 55 22.03 17.53 -38.06
CA VAL E 55 21.00 16.49 -37.96
C VAL E 55 19.71 17.07 -37.41
N MET E 56 19.80 17.90 -36.37
CA MET E 56 18.61 18.55 -35.85
C MET E 56 18.00 19.52 -36.85
N GLY E 57 18.84 20.20 -37.63
CA GLY E 57 18.35 21.22 -38.53
C GLY E 57 17.82 20.73 -39.87
N ASN E 58 17.91 19.44 -40.15
CA ASN E 58 17.46 18.93 -41.44
C ASN E 58 15.93 18.88 -41.47
N PRO E 59 15.28 19.57 -42.41
CA PRO E 59 13.81 19.53 -42.43
C PRO E 59 13.25 18.16 -42.78
N LYS E 60 13.84 17.48 -43.78
CA LYS E 60 13.36 16.16 -44.16
C LYS E 60 13.49 15.17 -43.02
N VAL E 61 14.53 15.29 -42.20
CA VAL E 61 14.66 14.44 -41.01
C VAL E 61 13.46 14.67 -40.09
N LYS E 62 13.05 15.92 -39.91
CA LYS E 62 11.86 16.21 -39.13
C LYS E 62 10.63 15.56 -39.76
N ALA E 63 10.53 15.61 -41.09
CA ALA E 63 9.38 15.02 -41.77
C ALA E 63 9.34 13.50 -41.59
N HIS E 64 10.49 12.84 -41.74
CA HIS E 64 10.52 11.39 -41.63
C HIS E 64 10.11 10.94 -40.24
N GLY E 65 10.60 11.63 -39.21
CA GLY E 65 10.20 11.29 -37.85
C GLY E 65 8.71 11.42 -37.64
N LYS E 66 8.11 12.43 -38.28
CA LYS E 66 6.65 12.53 -38.26
C LYS E 66 6.02 11.33 -38.94
N LYS E 67 6.55 10.94 -40.10
CA LYS E 67 6.07 9.73 -40.76
C LYS E 67 6.39 8.49 -39.92
N VAL E 68 7.58 8.46 -39.32
CA VAL E 68 7.97 7.33 -38.50
C VAL E 68 7.03 7.18 -37.31
N LEU E 69 6.75 8.29 -36.64
CA LEU E 69 5.98 8.22 -35.41
C LEU E 69 4.49 8.04 -35.67
N GLY E 70 3.99 8.58 -36.78
CA GLY E 70 2.59 8.36 -37.12
C GLY E 70 2.27 6.90 -37.32
N ALA E 71 3.23 6.14 -37.85
CA ALA E 71 3.05 4.69 -37.97
C ALA E 71 2.83 4.06 -36.61
N PHE E 72 3.55 4.53 -35.59
CA PHE E 72 3.31 4.05 -34.24
C PHE E 72 1.91 4.41 -33.77
N SER E 73 1.46 5.64 -34.07
CA SER E 73 0.10 6.03 -33.72
C SER E 73 -0.92 5.18 -34.48
N ASP E 74 -0.61 4.81 -35.73
CA ASP E 74 -1.48 3.89 -36.46
C ASP E 74 -1.53 2.54 -35.76
N GLY E 75 -0.41 2.07 -35.24
CA GLY E 75 -0.41 0.82 -34.49
C GLY E 75 -1.25 0.89 -33.24
N LEU E 76 -1.19 2.02 -32.53
CA LEU E 76 -2.02 2.19 -31.34
C LEU E 76 -3.50 2.22 -31.70
N ALA E 77 -3.86 2.94 -32.76
CA ALA E 77 -5.25 2.98 -33.19
C ALA E 77 -5.70 1.61 -33.71
N HIS E 78 -4.79 0.86 -34.33
CA HIS E 78 -5.08 -0.47 -34.83
C HIS E 78 -4.62 -1.56 -33.89
N LEU E 79 -4.72 -1.33 -32.57
CA LEU E 79 -4.23 -2.31 -31.61
C LEU E 79 -4.96 -3.64 -31.72
N ASP E 80 -6.16 -3.64 -32.31
CA ASP E 80 -6.86 -4.89 -32.55
C ASP E 80 -6.16 -5.71 -33.63
N ASN E 81 -5.77 -5.06 -34.74
CA ASN E 81 -5.13 -5.73 -35.86
C ASN E 81 -4.00 -4.83 -36.36
N LEU E 82 -2.82 -5.02 -35.79
CA LEU E 82 -1.65 -4.25 -36.18
C LEU E 82 -0.91 -4.84 -37.36
N LYS E 83 -1.08 -6.14 -37.63
CA LYS E 83 -0.24 -6.83 -38.60
C LYS E 83 -0.45 -6.28 -40.00
N GLY E 84 -1.69 -5.94 -40.35
CA GLY E 84 -1.96 -5.45 -41.70
C GLY E 84 -1.31 -4.11 -41.99
N THR E 85 -1.38 -3.18 -41.03
CA THR E 85 -0.94 -1.82 -41.30
C THR E 85 0.55 -1.74 -41.57
N PHE E 86 1.37 -2.37 -40.72
CA PHE E 86 2.80 -2.36 -40.95
C PHE E 86 3.23 -3.26 -42.09
N ALA E 87 2.40 -4.23 -42.49
CA ALA E 87 2.73 -5.05 -43.65
C ALA E 87 2.86 -4.20 -44.91
N THR E 88 1.93 -3.27 -45.10
CA THR E 88 2.08 -2.28 -46.17
C THR E 88 3.30 -1.40 -45.92
N LEU E 89 3.51 -1.01 -44.65
CA LEU E 89 4.68 -0.21 -44.31
C LEU E 89 5.96 -0.97 -44.56
N SER E 90 5.98 -2.26 -44.20
CA SER E 90 7.17 -3.07 -44.49
C SER E 90 7.27 -3.42 -45.96
N GLU E 91 6.14 -3.39 -46.68
CA GLU E 91 6.19 -3.52 -48.14
C GLU E 91 6.98 -2.38 -48.76
N LEU E 92 6.65 -1.13 -48.39
CA LEU E 92 7.31 0.02 -49.00
C LEU E 92 8.75 0.15 -48.53
N HIS E 93 9.06 -0.29 -47.32
CA HIS E 93 10.44 -0.24 -46.84
C HIS E 93 11.32 -1.22 -47.61
N CYS E 94 10.87 -2.46 -47.77
CA CYS E 94 11.69 -3.47 -48.45
C CYS E 94 11.80 -3.22 -49.94
N ASP E 95 10.84 -2.51 -50.54
CA ASP E 95 10.86 -2.27 -51.98
C ASP E 95 12.08 -1.46 -52.38
N LYS E 96 12.40 -0.42 -51.61
CA LYS E 96 13.47 0.50 -51.96
C LYS E 96 14.51 0.67 -50.87
N LEU E 97 14.11 0.63 -49.61
CA LEU E 97 15.03 0.92 -48.51
C LEU E 97 15.82 -0.31 -48.09
N HIS E 98 15.16 -1.48 -48.04
CA HIS E 98 15.80 -2.73 -47.65
C HIS E 98 16.42 -2.65 -46.26
N VAL E 99 15.72 -1.99 -45.33
CA VAL E 99 16.21 -1.86 -43.96
C VAL E 99 15.96 -3.17 -43.22
N ASP E 100 16.99 -3.64 -42.52
CA ASP E 100 16.88 -4.86 -41.74
C ASP E 100 15.95 -4.67 -40.55
N PRO E 101 15.24 -5.72 -40.15
CA PRO E 101 14.39 -5.62 -38.95
C PRO E 101 15.15 -5.24 -37.70
N GLU E 102 16.42 -5.63 -37.59
CA GLU E 102 17.22 -5.25 -36.43
C GLU E 102 17.36 -3.74 -36.32
N ASN E 103 17.52 -3.05 -37.45
CA ASN E 103 17.48 -1.59 -37.41
C ASN E 103 16.11 -1.09 -36.99
N PHE E 104 15.04 -1.77 -37.45
CA PHE E 104 13.69 -1.38 -37.06
C PHE E 104 13.52 -1.47 -35.55
N ARG E 105 13.99 -2.56 -34.94
CA ARG E 105 13.94 -2.65 -33.49
C ARG E 105 14.91 -1.66 -32.86
N LEU E 106 16.00 -1.34 -33.55
CA LEU E 106 16.94 -0.36 -33.01
C LEU E 106 16.31 1.02 -32.92
N LEU E 107 15.56 1.41 -33.94
CA LEU E 107 14.88 2.71 -33.88
C LEU E 107 13.84 2.74 -32.77
N GLY E 108 13.20 1.60 -32.52
CA GLY E 108 12.29 1.53 -31.38
C GLY E 108 13.00 1.81 -30.07
N ASN E 109 14.20 1.27 -29.91
CA ASN E 109 14.95 1.49 -28.67
C ASN E 109 15.32 2.96 -28.52
N VAL E 110 15.74 3.61 -29.60
CA VAL E 110 16.09 5.02 -29.53
C VAL E 110 14.86 5.85 -29.15
N LEU E 111 13.69 5.45 -29.64
CA LEU E 111 12.47 6.17 -29.32
C LEU E 111 12.18 6.12 -27.83
N VAL E 112 12.46 4.98 -27.18
CA VAL E 112 12.25 4.89 -25.75
C VAL E 112 13.16 5.87 -25.02
N CYS E 113 14.41 5.97 -25.47
CA CYS E 113 15.37 6.86 -24.81
C CYS E 113 14.96 8.32 -24.95
N VAL E 114 14.55 8.74 -26.15
CA VAL E 114 14.17 10.14 -26.34
C VAL E 114 12.88 10.45 -25.60
N LEU E 115 11.94 9.50 -25.58
CA LEU E 115 10.73 9.70 -24.80
C LEU E 115 11.03 9.81 -23.31
N ALA E 116 11.93 8.96 -22.82
CA ALA E 116 12.36 9.08 -21.43
C ALA E 116 13.07 10.41 -21.19
N HIS E 117 13.87 10.86 -22.16
CA HIS E 117 14.58 12.12 -22.01
C HIS E 117 13.61 13.29 -21.91
N HIS E 118 12.56 13.28 -22.72
CA HIS E 118 11.58 14.37 -22.67
C HIS E 118 10.75 14.32 -21.40
N PHE E 119 10.33 13.12 -20.99
CA PHE E 119 9.40 13.01 -19.87
C PHE E 119 10.10 13.20 -18.53
N GLY E 120 11.01 12.30 -18.19
CA GLY E 120 11.68 12.36 -16.90
C GLY E 120 11.03 11.42 -15.90
N LYS E 121 10.44 11.99 -14.84
CA LYS E 121 9.95 11.16 -13.73
C LYS E 121 8.76 10.32 -14.13
N GLU E 122 7.79 10.92 -14.85
CA GLU E 122 6.57 10.19 -15.17
C GLU E 122 6.81 9.04 -16.13
N PHE E 123 7.98 8.96 -16.76
CA PHE E 123 8.33 7.80 -17.59
C PHE E 123 8.70 6.66 -16.65
N THR E 124 7.68 6.10 -16.02
CA THR E 124 7.86 5.11 -14.98
C THR E 124 8.38 3.79 -15.56
N PRO E 125 9.02 2.96 -14.74
CA PRO E 125 9.53 1.67 -15.22
C PRO E 125 8.43 0.80 -15.83
N PRO E 126 7.22 0.75 -15.26
CA PRO E 126 6.18 -0.07 -15.91
C PRO E 126 5.83 0.39 -17.32
N VAL E 127 5.61 1.69 -17.53
CA VAL E 127 5.22 2.14 -18.85
C VAL E 127 6.35 1.93 -19.84
N GLN E 128 7.60 1.93 -19.38
CA GLN E 128 8.72 1.62 -20.25
C GLN E 128 8.66 0.17 -20.71
N ALA E 129 8.30 -0.74 -19.80
CA ALA E 129 8.09 -2.13 -20.20
C ALA E 129 6.91 -2.24 -21.16
N ALA E 130 5.83 -1.52 -20.88
CA ALA E 130 4.68 -1.54 -21.79
C ALA E 130 5.05 -0.96 -23.15
N TYR E 131 5.80 0.14 -23.17
CA TYR E 131 6.24 0.71 -24.44
C TYR E 131 7.16 -0.25 -25.17
N GLN E 132 8.04 -0.94 -24.44
CA GLN E 132 8.95 -1.88 -25.09
C GLN E 132 8.18 -3.06 -25.67
N LYS E 133 7.10 -3.47 -24.99
CA LYS E 133 6.25 -4.52 -25.56
C LYS E 133 5.64 -4.07 -26.88
N VAL E 134 5.16 -2.82 -26.95
CA VAL E 134 4.49 -2.35 -28.16
C VAL E 134 5.46 -2.30 -29.32
N VAL E 135 6.65 -1.70 -29.10
CA VAL E 135 7.62 -1.63 -30.18
C VAL E 135 8.13 -3.01 -30.53
N ALA E 136 8.14 -3.94 -29.57
CA ALA E 136 8.51 -5.32 -29.89
C ALA E 136 7.53 -5.93 -30.88
N GLY E 137 6.23 -5.72 -30.66
CA GLY E 137 5.25 -6.19 -31.62
C GLY E 137 5.37 -5.51 -32.96
N VAL E 138 5.70 -4.20 -32.95
CA VAL E 138 5.89 -3.47 -34.20
C VAL E 138 7.02 -4.08 -35.01
N ALA E 139 8.13 -4.41 -34.34
CA ALA E 139 9.26 -5.04 -35.04
C ALA E 139 8.87 -6.38 -35.61
N ASN E 140 8.11 -7.19 -34.84
CA ASN E 140 7.66 -8.48 -35.35
C ASN E 140 6.76 -8.31 -36.57
N ALA E 141 5.88 -7.30 -36.53
CA ALA E 141 5.03 -7.04 -37.69
C ALA E 141 5.85 -6.64 -38.90
N LEU E 142 6.85 -5.77 -38.70
CA LEU E 142 7.69 -5.35 -39.81
C LEU E 142 8.50 -6.53 -40.37
N ALA E 143 9.01 -7.39 -39.48
CA ALA E 143 9.76 -8.55 -39.93
C ALA E 143 8.87 -9.63 -40.52
N HIS E 144 7.55 -9.58 -40.25
CA HIS E 144 6.65 -10.56 -40.83
C HIS E 144 6.63 -10.47 -42.35
N LYS E 145 6.71 -9.27 -42.89
CA LYS E 145 6.76 -9.09 -44.34
C LYS E 145 8.00 -9.74 -44.95
N TYR E 146 9.15 -9.60 -44.30
CA TYR E 146 10.39 -10.11 -44.85
C TYR E 146 10.45 -11.63 -44.72
N VAL F 8 33.43 -21.65 -61.95
CA VAL F 8 32.64 -22.39 -60.97
C VAL F 8 32.66 -21.66 -59.64
N CYS F 9 33.67 -20.82 -59.44
CA CYS F 9 33.78 -20.00 -58.25
C CYS F 9 33.95 -18.54 -58.66
N GLY F 10 33.65 -17.64 -57.72
CA GLY F 10 33.82 -16.22 -57.97
C GLY F 10 32.90 -15.63 -59.00
N LYS F 11 31.88 -16.38 -59.45
CA LYS F 11 30.92 -15.93 -60.43
C LYS F 11 29.52 -16.10 -59.85
N PRO F 12 29.12 -15.20 -58.94
CA PRO F 12 27.83 -15.37 -58.27
C PRO F 12 26.68 -15.25 -59.25
N LYS F 13 25.56 -15.91 -58.92
CA LYS F 13 24.38 -15.84 -59.78
C LYS F 13 23.96 -14.39 -59.98
N ASN F 14 24.00 -13.60 -58.92
CA ASN F 14 23.90 -12.16 -59.04
C ASN F 14 25.11 -11.51 -58.39
N PRO F 15 25.75 -10.53 -59.06
CA PRO F 15 26.86 -9.81 -58.40
C PRO F 15 26.34 -9.02 -57.22
N ALA F 16 27.23 -8.80 -56.24
CA ALA F 16 26.85 -8.04 -55.05
C ALA F 16 26.37 -6.65 -55.47
N ASN F 17 25.08 -6.39 -55.31
CA ASN F 17 24.44 -5.19 -55.85
C ASN F 17 23.57 -4.53 -54.80
N PRO F 18 24.18 -3.84 -53.83
CA PRO F 18 23.40 -2.95 -52.96
C PRO F 18 22.95 -1.72 -53.74
N VAL F 19 21.97 -1.02 -53.18
CA VAL F 19 21.50 0.22 -53.80
C VAL F 19 22.64 1.22 -53.87
N GLN F 20 23.48 1.27 -52.84
CA GLN F 20 24.66 2.12 -52.82
C GLN F 20 25.88 1.31 -52.40
N ARG F 21 27.01 1.55 -53.08
CA ARG F 21 28.24 0.82 -52.80
C ARG F 21 29.13 1.69 -51.91
N ILE F 22 28.76 1.76 -50.64
CA ILE F 22 29.52 2.49 -49.63
C ILE F 22 29.86 1.53 -48.49
N LEU F 23 31.08 1.61 -48.00
CA LEU F 23 31.57 0.68 -46.99
C LEU F 23 30.77 0.78 -45.71
N GLY F 24 30.70 -0.33 -44.98
CA GLY F 24 29.98 -0.40 -43.73
C GLY F 24 29.09 -1.63 -43.68
N GLY F 25 28.57 -1.89 -42.48
CA GLY F 25 27.68 -3.02 -42.29
C GLY F 25 26.37 -2.84 -43.03
N HIS F 26 26.03 -3.81 -43.87
CA HIS F 26 24.87 -3.70 -44.74
C HIS F 26 24.14 -5.03 -44.78
N LEU F 27 22.83 -4.94 -45.01
CA LEU F 27 22.00 -6.13 -45.13
C LEU F 27 22.09 -6.72 -46.52
N ASP F 28 22.24 -8.04 -46.60
CA ASP F 28 22.29 -8.74 -47.87
C ASP F 28 20.89 -9.24 -48.24
N ALA F 29 20.00 -8.27 -48.48
CA ALA F 29 18.68 -8.60 -49.00
C ALA F 29 18.78 -9.27 -50.36
N LYS F 30 19.85 -8.99 -51.10
CA LYS F 30 20.11 -9.70 -52.35
C LYS F 30 20.52 -11.14 -52.11
N GLY F 31 21.19 -11.41 -50.99
CA GLY F 31 21.75 -12.73 -50.76
C GLY F 31 22.86 -13.06 -51.72
N SER F 32 23.73 -12.10 -52.03
CA SER F 32 24.71 -12.28 -53.09
C SER F 32 25.96 -13.02 -52.61
N PHE F 33 26.12 -13.21 -51.30
CA PHE F 33 27.29 -13.90 -50.78
C PHE F 33 26.96 -15.34 -50.45
N PRO F 34 27.28 -16.29 -51.34
CA PRO F 34 26.84 -17.67 -51.12
C PRO F 34 27.75 -18.53 -50.25
N TRP F 35 29.07 -18.30 -50.28
CA TRP F 35 29.97 -19.27 -49.66
C TRP F 35 29.95 -19.19 -48.14
N GLN F 36 29.51 -18.08 -47.58
CA GLN F 36 29.45 -17.94 -46.14
C GLN F 36 28.41 -18.90 -45.55
N ALA F 37 28.69 -19.37 -44.33
CA ALA F 37 27.86 -20.40 -43.72
C ALA F 37 27.83 -20.22 -42.21
N LYS F 38 26.77 -20.76 -41.60
CA LYS F 38 26.59 -20.76 -40.15
C LYS F 38 26.99 -22.12 -39.57
N MET F 39 27.78 -22.09 -38.51
CA MET F 39 28.15 -23.29 -37.77
C MET F 39 27.70 -23.14 -36.31
N VAL F 40 26.97 -24.13 -35.82
CA VAL F 40 26.46 -24.12 -34.45
C VAL F 40 27.10 -25.26 -33.69
N SER F 41 27.79 -24.93 -32.59
CA SER F 41 28.50 -25.94 -31.81
C SER F 41 27.56 -26.53 -30.77
N HIS F 42 28.10 -27.40 -29.91
CA HIS F 42 27.31 -28.03 -28.87
C HIS F 42 26.72 -26.99 -27.92
N HIS F 43 27.49 -25.95 -27.58
CA HIS F 43 27.00 -24.86 -26.76
C HIS F 43 25.95 -24.02 -27.47
N ASN F 44 25.75 -24.23 -28.77
CA ASN F 44 24.76 -23.52 -29.58
C ASN F 44 25.11 -22.06 -29.78
N LEU F 45 26.40 -21.73 -29.84
CA LEU F 45 26.83 -20.36 -30.14
C LEU F 45 27.06 -20.22 -31.64
N THR F 46 26.34 -19.27 -32.24
CA THR F 46 26.48 -19.05 -33.68
C THR F 46 27.88 -18.58 -34.01
N THR F 47 28.45 -19.16 -35.06
CA THR F 47 29.82 -18.86 -35.45
C THR F 47 29.94 -19.01 -36.96
N GLY F 48 30.67 -18.09 -37.57
CA GLY F 48 30.79 -18.08 -39.01
C GLY F 48 31.51 -19.30 -39.55
N ALA F 49 31.16 -19.66 -40.77
CA ALA F 49 31.78 -20.77 -41.48
C ALA F 49 31.89 -20.42 -42.95
N THR F 50 33.02 -20.77 -43.56
CA THR F 50 33.29 -20.44 -44.95
C THR F 50 33.61 -21.71 -45.71
N LEU F 51 32.97 -21.88 -46.87
CA LEU F 51 33.23 -23.02 -47.76
C LEU F 51 34.15 -22.52 -48.88
N ILE F 52 35.28 -23.19 -49.04
CA ILE F 52 36.26 -22.74 -50.03
C ILE F 52 35.90 -23.27 -51.42
N ASN F 53 35.77 -24.58 -51.55
CA ASN F 53 35.32 -25.19 -52.79
C ASN F 53 34.15 -26.11 -52.50
N GLU F 54 33.70 -26.82 -53.52
CA GLU F 54 32.56 -27.71 -53.36
C GLU F 54 32.92 -28.96 -52.56
N GLN F 55 34.20 -29.18 -52.26
CA GLN F 55 34.62 -30.35 -51.52
C GLN F 55 35.09 -30.04 -50.10
N TRP F 56 35.49 -28.80 -49.82
CA TRP F 56 36.11 -28.47 -48.55
C TRP F 56 35.47 -27.23 -47.92
N LEU F 57 35.60 -27.14 -46.60
CA LEU F 57 35.14 -26.01 -45.80
C LEU F 57 36.34 -25.39 -45.09
N LEU F 58 36.19 -24.12 -44.69
CA LEU F 58 37.25 -23.39 -44.03
C LEU F 58 36.69 -22.55 -42.89
N THR F 59 37.35 -22.64 -41.74
CA THR F 59 36.96 -21.84 -40.57
C THR F 59 38.16 -21.80 -39.63
N THR F 60 38.11 -20.88 -38.68
CA THR F 60 39.22 -20.70 -37.75
C THR F 60 39.35 -21.90 -36.84
N ALA F 61 40.58 -22.21 -36.45
CA ALA F 61 40.83 -23.36 -35.60
C ALA F 61 40.26 -23.15 -34.20
N LYS F 62 40.15 -21.90 -33.75
CA LYS F 62 39.63 -21.65 -32.41
C LYS F 62 38.17 -22.08 -32.29
N ASN F 63 37.39 -21.87 -33.35
CA ASN F 63 35.98 -22.26 -33.30
C ASN F 63 35.81 -23.77 -33.15
N LEU F 64 36.61 -24.54 -33.88
CA LEU F 64 36.56 -26.00 -33.74
C LEU F 64 37.02 -26.43 -32.36
N PHE F 65 38.09 -25.81 -31.86
CA PHE F 65 38.54 -26.08 -30.50
C PHE F 65 37.56 -25.56 -29.46
N LEU F 66 36.76 -24.56 -29.82
CA LEU F 66 35.86 -23.91 -28.87
C LEU F 66 34.86 -24.92 -28.31
N ASN F 67 34.53 -24.74 -27.03
CA ASN F 67 33.54 -25.54 -26.33
C ASN F 67 34.06 -26.96 -26.08
N HIS F 68 35.29 -27.23 -26.50
CA HIS F 68 35.87 -28.55 -26.37
C HIS F 68 37.27 -28.45 -25.79
N SER F 69 37.57 -29.34 -24.85
CA SER F 69 38.88 -29.34 -24.21
C SER F 69 39.94 -29.85 -25.18
N GLU F 70 41.20 -29.48 -24.89
CA GLU F 70 42.30 -29.85 -25.76
C GLU F 70 42.55 -31.36 -25.76
N ASN F 71 42.19 -32.06 -24.67
CA ASN F 71 42.34 -33.50 -24.65
C ASN F 71 41.41 -34.18 -25.66
N ALA F 72 40.20 -33.65 -25.82
CA ALA F 72 39.25 -34.24 -26.77
C ALA F 72 39.82 -34.21 -28.17
N THR F 73 39.75 -35.35 -28.85
CA THR F 73 40.33 -35.48 -30.18
C THR F 73 39.48 -34.77 -31.23
N ALA F 74 40.12 -34.44 -32.35
CA ALA F 74 39.44 -33.74 -33.43
C ALA F 74 38.32 -34.58 -34.02
N LYS F 75 38.48 -35.91 -34.04
CA LYS F 75 37.48 -36.78 -34.66
C LYS F 75 36.18 -36.82 -33.85
N ASP F 76 36.26 -36.58 -32.54
CA ASP F 76 35.06 -36.56 -31.70
C ASP F 76 34.29 -35.25 -31.81
N ILE F 77 34.97 -34.14 -32.10
CA ILE F 77 34.27 -32.86 -32.22
C ILE F 77 33.39 -32.82 -33.47
N ALA F 78 33.86 -33.44 -34.56
CA ALA F 78 33.16 -33.32 -35.84
C ALA F 78 31.70 -33.79 -35.78
N PRO F 79 31.35 -34.91 -35.14
CA PRO F 79 29.93 -35.21 -34.95
C PRO F 79 29.18 -34.16 -34.14
N THR F 80 29.82 -33.62 -33.11
CA THR F 80 29.14 -32.64 -32.25
C THR F 80 28.83 -31.36 -33.00
N LEU F 81 29.66 -31.01 -33.99
CA LEU F 81 29.45 -29.81 -34.78
C LEU F 81 28.23 -29.96 -35.68
N THR F 82 27.53 -28.86 -35.91
CA THR F 82 26.45 -28.79 -36.88
C THR F 82 26.71 -27.61 -37.81
N LEU F 83 26.63 -27.87 -39.12
CA LEU F 83 26.96 -26.87 -40.12
C LEU F 83 25.78 -26.66 -41.06
N TYR F 84 25.48 -25.40 -41.35
CA TYR F 84 24.38 -25.03 -42.23
C TYR F 84 24.90 -24.11 -43.32
N VAL F 85 24.59 -24.42 -44.57
CA VAL F 85 24.97 -23.58 -45.70
C VAL F 85 23.72 -23.27 -46.51
N GLY F 86 23.77 -22.18 -47.25
CA GLY F 86 22.61 -21.77 -48.03
C GLY F 86 21.44 -21.47 -47.12
N LYS F 87 20.28 -22.03 -47.45
CA LYS F 87 19.05 -21.80 -46.69
C LYS F 87 18.82 -22.95 -45.72
N LYS F 88 19.63 -22.97 -44.66
CA LYS F 88 19.43 -23.83 -43.51
C LYS F 88 19.33 -25.31 -43.90
N GLN F 89 20.21 -25.75 -44.80
CA GLN F 89 20.27 -27.15 -45.17
C GLN F 89 21.59 -27.75 -44.65
N LEU F 90 21.48 -28.84 -43.91
CA LEU F 90 22.63 -29.37 -43.19
C LEU F 90 23.45 -30.27 -44.09
N VAL F 91 24.78 -30.17 -43.95
CA VAL F 91 25.72 -31.10 -44.57
C VAL F 91 26.65 -31.63 -43.49
N GLU F 92 26.73 -32.95 -43.38
CA GLU F 92 27.54 -33.56 -42.34
C GLU F 92 28.98 -33.71 -42.81
N ILE F 93 29.91 -33.72 -41.85
CA ILE F 93 31.33 -33.70 -42.11
C ILE F 93 31.94 -35.00 -41.60
N GLU F 94 32.78 -35.62 -42.42
CA GLU F 94 33.38 -36.89 -42.04
C GLU F 94 34.68 -36.71 -41.24
N LYS F 95 35.39 -35.59 -41.43
CA LYS F 95 36.66 -35.39 -40.77
C LYS F 95 37.00 -33.92 -40.72
N VAL F 96 37.82 -33.55 -39.74
CA VAL F 96 38.33 -32.19 -39.58
C VAL F 96 39.84 -32.25 -39.44
N VAL F 97 40.53 -31.34 -40.12
CA VAL F 97 41.99 -31.31 -40.13
C VAL F 97 42.47 -29.95 -39.64
N LEU F 98 43.43 -29.97 -38.72
CA LEU F 98 44.01 -28.78 -38.12
C LEU F 98 45.27 -28.37 -38.87
N HIS F 99 45.61 -27.09 -38.76
CA HIS F 99 46.86 -26.60 -39.31
C HIS F 99 48.03 -27.29 -38.60
N PRO F 100 49.14 -27.52 -39.32
CA PRO F 100 50.28 -28.21 -38.69
C PRO F 100 50.79 -27.52 -37.43
N ASN F 101 50.80 -26.20 -37.39
CA ASN F 101 51.23 -25.44 -36.23
C ASN F 101 50.03 -24.68 -35.68
N TYR F 102 49.49 -25.15 -34.55
CA TYR F 102 48.28 -24.55 -34.00
C TYR F 102 48.53 -23.13 -33.53
N SER F 103 49.56 -22.93 -32.70
CA SER F 103 49.74 -21.63 -32.05
C SER F 103 49.99 -20.52 -33.07
N GLN F 104 50.71 -20.83 -34.15
CA GLN F 104 51.10 -19.80 -35.11
C GLN F 104 49.89 -19.30 -35.89
N VAL F 105 49.06 -20.20 -36.39
CA VAL F 105 47.91 -19.85 -37.21
C VAL F 105 46.66 -20.51 -36.64
N ASP F 106 45.59 -19.72 -36.48
CA ASP F 106 44.32 -20.22 -35.96
C ASP F 106 43.37 -20.44 -37.14
N ILE F 107 43.60 -21.51 -37.88
CA ILE F 107 42.74 -21.89 -39.01
C ILE F 107 42.52 -23.39 -38.97
N GLY F 108 41.33 -23.81 -39.36
CA GLY F 108 41.02 -25.23 -39.44
C GLY F 108 40.33 -25.61 -40.72
N LEU F 109 40.95 -26.47 -41.52
CA LEU F 109 40.38 -26.94 -42.77
C LEU F 109 39.41 -28.07 -42.51
N ILE F 110 38.38 -28.14 -43.35
CA ILE F 110 37.34 -29.14 -43.24
C ILE F 110 37.03 -29.67 -44.64
N LYS F 111 36.98 -30.99 -44.78
CA LYS F 111 36.66 -31.63 -46.05
C LYS F 111 35.22 -32.15 -46.01
N LEU F 112 34.43 -31.77 -47.01
CA LEU F 112 33.07 -32.29 -47.13
C LEU F 112 33.07 -33.58 -47.93
N LYS F 113 32.29 -34.56 -47.44
CA LYS F 113 32.28 -35.88 -48.07
C LYS F 113 31.67 -35.84 -49.47
N GLN F 114 30.71 -34.95 -49.71
CA GLN F 114 30.03 -34.86 -50.99
C GLN F 114 30.28 -33.51 -51.63
N LYS F 115 30.50 -33.52 -52.94
CA LYS F 115 30.68 -32.28 -53.68
C LYS F 115 29.38 -31.48 -53.70
N VAL F 116 29.48 -30.18 -53.40
CA VAL F 116 28.29 -29.35 -53.29
C VAL F 116 27.71 -29.08 -54.67
N SER F 117 26.38 -29.15 -54.77
CA SER F 117 25.71 -28.79 -56.02
C SER F 117 25.78 -27.28 -56.22
N VAL F 118 26.58 -26.86 -57.19
CA VAL F 118 26.74 -25.44 -57.48
C VAL F 118 25.43 -24.90 -58.06
N ASN F 119 24.87 -23.90 -57.40
CA ASN F 119 23.65 -23.26 -57.86
C ASN F 119 23.66 -21.82 -57.38
N GLU F 120 22.48 -21.18 -57.44
CA GLU F 120 22.40 -19.77 -57.11
C GLU F 120 22.62 -19.50 -55.63
N ARG F 121 22.14 -20.39 -54.76
CA ARG F 121 22.16 -20.09 -53.33
C ARG F 121 23.50 -20.38 -52.70
N VAL F 122 24.15 -21.48 -53.06
CA VAL F 122 25.45 -21.85 -52.51
C VAL F 122 26.45 -21.94 -53.64
N MET F 123 27.62 -21.32 -53.47
CA MET F 123 28.59 -21.24 -54.55
C MET F 123 29.97 -21.02 -53.97
N PRO F 124 30.98 -21.76 -54.42
CA PRO F 124 32.32 -21.65 -53.81
C PRO F 124 33.02 -20.34 -54.18
N ILE F 125 34.06 -20.04 -53.43
CA ILE F 125 34.85 -18.83 -53.60
C ILE F 125 36.27 -19.22 -54.00
N CYS F 126 36.78 -18.57 -55.04
CA CYS F 126 38.10 -18.92 -55.56
C CYS F 126 39.18 -18.55 -54.55
N LEU F 127 40.13 -19.45 -54.37
CA LEU F 127 41.29 -19.17 -53.52
C LEU F 127 42.30 -18.33 -54.31
N PRO F 128 42.71 -17.17 -53.82
CA PRO F 128 43.61 -16.32 -54.60
C PRO F 128 45.07 -16.74 -54.51
N SER F 129 45.67 -17.10 -55.65
CA SER F 129 47.11 -17.30 -55.69
C SER F 129 47.83 -15.96 -55.53
N LYS F 130 47.39 -14.96 -56.27
CA LYS F 130 47.97 -13.62 -56.14
C LYS F 130 47.41 -12.92 -54.92
N ASP F 131 48.29 -12.29 -54.16
CA ASP F 131 47.92 -11.67 -52.89
C ASP F 131 47.26 -10.32 -53.12
N TYR F 132 46.19 -10.05 -52.37
CA TYR F 132 45.48 -8.78 -52.42
C TYR F 132 45.74 -7.94 -51.19
N ALA F 133 46.65 -8.36 -50.32
CA ALA F 133 46.90 -7.66 -49.06
C ALA F 133 47.76 -6.44 -49.34
N GLU F 134 47.13 -5.27 -49.33
CA GLU F 134 47.84 -4.01 -49.51
C GLU F 134 47.05 -2.93 -48.77
N VAL F 135 47.78 -2.05 -48.07
CA VAL F 135 47.11 -1.01 -47.30
C VAL F 135 46.30 -0.14 -48.23
N GLY F 136 45.06 0.15 -47.83
CA GLY F 136 44.16 0.92 -48.67
C GLY F 136 43.30 0.10 -49.60
N ARG F 137 43.48 -1.22 -49.64
CA ARG F 137 42.65 -2.07 -50.49
C ARG F 137 41.37 -2.42 -49.76
N VAL F 138 40.24 -2.14 -50.39
CA VAL F 138 38.94 -2.32 -49.77
C VAL F 138 38.46 -3.75 -50.02
N GLY F 139 37.99 -4.41 -48.96
CA GLY F 139 37.39 -5.72 -49.09
C GLY F 139 36.11 -5.81 -48.29
N TYR F 140 35.33 -6.84 -48.58
CA TYR F 140 34.02 -7.04 -47.96
C TYR F 140 34.08 -8.27 -47.06
N VAL F 141 33.23 -8.27 -46.03
CA VAL F 141 33.12 -9.41 -45.13
C VAL F 141 31.66 -9.56 -44.70
N SER F 142 31.19 -10.80 -44.63
CA SER F 142 29.81 -11.11 -44.28
C SER F 142 29.76 -12.29 -43.33
N GLY F 143 28.92 -12.18 -42.30
CA GLY F 143 28.80 -13.27 -41.35
C GLY F 143 27.63 -13.10 -40.42
N TRP F 144 27.35 -14.16 -39.67
CA TRP F 144 26.28 -14.20 -38.68
C TRP F 144 26.68 -13.64 -37.32
N GLY F 145 27.68 -12.78 -37.26
CA GLY F 145 28.12 -12.23 -36.00
C GLY F 145 27.05 -11.36 -35.35
N ARG F 146 27.25 -11.12 -34.07
CA ARG F 146 26.28 -10.36 -33.29
C ARG F 146 26.17 -8.93 -33.79
N ASN F 147 24.98 -8.35 -33.64
CA ASN F 147 24.70 -6.98 -34.01
C ASN F 147 24.89 -6.07 -32.79
N ALA F 148 24.43 -4.83 -32.90
CA ALA F 148 24.59 -3.88 -31.81
C ALA F 148 23.90 -4.36 -30.54
N ASN F 149 22.70 -4.93 -30.67
CA ASN F 149 22.02 -5.51 -29.52
C ASN F 149 22.61 -6.85 -29.11
N PHE F 150 23.62 -7.35 -29.83
CA PHE F 150 24.32 -8.60 -29.57
C PHE F 150 23.46 -9.83 -29.81
N LYS F 151 22.28 -9.68 -30.41
CA LYS F 151 21.49 -10.84 -30.78
C LYS F 151 22.03 -11.44 -32.06
N PHE F 152 22.07 -12.77 -32.12
CA PHE F 152 22.52 -13.44 -33.32
C PHE F 152 21.59 -13.11 -34.47
N THR F 153 22.17 -12.83 -35.64
CA THR F 153 21.42 -12.35 -36.78
C THR F 153 21.08 -13.51 -37.71
N ASP F 154 19.78 -13.73 -37.92
CA ASP F 154 19.35 -14.67 -38.95
C ASP F 154 19.43 -14.05 -40.33
N HIS F 155 19.23 -12.73 -40.42
CA HIS F 155 19.40 -12.05 -41.69
C HIS F 155 20.88 -11.76 -41.92
N LEU F 156 21.34 -12.00 -43.13
CA LEU F 156 22.76 -11.87 -43.42
C LEU F 156 23.15 -10.40 -43.47
N LYS F 157 24.10 -10.01 -42.62
CA LYS F 157 24.67 -8.67 -42.62
C LYS F 157 26.11 -8.74 -43.10
N TYR F 158 26.51 -7.78 -43.92
CA TYR F 158 27.86 -7.75 -44.47
C TYR F 158 28.46 -6.37 -44.28
N VAL F 159 29.74 -6.33 -43.95
CA VAL F 159 30.47 -5.08 -43.75
C VAL F 159 31.58 -5.01 -44.78
N MET F 160 32.06 -3.80 -45.04
CA MET F 160 33.09 -3.54 -46.03
C MET F 160 34.20 -2.74 -45.39
N LEU F 161 35.42 -3.27 -45.41
CA LEU F 161 36.55 -2.67 -44.70
C LEU F 161 37.78 -2.61 -45.60
N PRO F 162 38.60 -1.56 -45.47
CA PRO F 162 39.90 -1.56 -46.14
C PRO F 162 41.03 -2.05 -45.23
N VAL F 163 42.05 -2.66 -45.84
CA VAL F 163 43.20 -3.13 -45.10
C VAL F 163 43.97 -1.95 -44.52
N ALA F 164 44.55 -2.14 -43.34
CA ALA F 164 45.36 -1.13 -42.69
C ALA F 164 46.76 -1.67 -42.47
N ASP F 165 47.68 -0.75 -42.15
CA ASP F 165 49.08 -1.12 -41.99
C ASP F 165 49.28 -2.01 -40.77
N GLN F 166 50.16 -3.00 -40.93
CA GLN F 166 50.43 -3.95 -39.85
C GLN F 166 51.05 -3.26 -38.64
N ASP F 167 51.98 -2.32 -38.89
CA ASP F 167 52.74 -1.74 -37.80
C ASP F 167 51.83 -0.98 -36.83
N GLN F 168 50.84 -0.27 -37.36
CA GLN F 168 49.91 0.43 -36.49
C GLN F 168 49.13 -0.54 -35.62
N CYS F 169 48.87 -1.75 -36.12
CA CYS F 169 48.16 -2.75 -35.33
C CYS F 169 48.97 -3.19 -34.12
N ILE F 170 50.22 -3.61 -34.35
CA ILE F 170 51.01 -4.17 -33.25
C ILE F 170 51.21 -3.13 -32.16
N ARG F 171 51.48 -1.88 -32.57
CA ARG F 171 51.63 -0.80 -31.60
C ARG F 171 50.35 -0.60 -30.80
N HIS F 172 49.20 -0.61 -31.48
CA HIS F 172 47.94 -0.46 -30.78
C HIS F 172 47.68 -1.63 -29.85
N TYR F 173 47.99 -2.84 -30.30
CA TYR F 173 47.65 -4.02 -29.52
C TYR F 173 48.74 -4.42 -28.53
N GLU F 174 50.01 -4.18 -28.86
CA GLU F 174 51.10 -4.63 -28.03
C GLU F 174 52.04 -3.52 -27.58
N GLY F 175 51.73 -2.27 -27.86
CA GLY F 175 52.58 -1.17 -27.44
C GLY F 175 53.76 -0.97 -28.37
N SER F 176 54.67 -1.93 -28.40
CA SER F 176 55.87 -1.85 -29.21
C SER F 176 56.04 -3.14 -30.00
N THR F 177 56.68 -3.02 -31.16
CA THR F 177 56.97 -4.19 -31.97
C THR F 177 58.11 -5.02 -31.39
N VAL F 178 58.95 -4.43 -30.56
CA VAL F 178 60.10 -5.16 -30.00
C VAL F 178 59.60 -6.18 -28.99
N PRO F 179 60.00 -7.44 -29.09
CA PRO F 179 59.43 -8.47 -28.19
C PRO F 179 59.65 -8.19 -26.71
N GLU F 180 60.80 -7.64 -26.33
CA GLU F 180 61.02 -7.33 -24.92
C GLU F 180 60.28 -6.08 -24.50
N LYS F 181 60.13 -5.11 -25.40
CA LYS F 181 59.48 -3.85 -25.06
C LYS F 181 57.96 -3.98 -24.98
N LYS F 182 57.37 -4.92 -25.71
CA LYS F 182 55.93 -4.99 -25.81
C LYS F 182 55.30 -5.46 -24.50
N THR F 183 54.13 -4.91 -24.20
CA THR F 183 53.32 -5.28 -23.06
C THR F 183 51.87 -5.37 -23.52
N PRO F 184 51.03 -6.11 -22.80
CA PRO F 184 49.62 -6.22 -23.21
C PRO F 184 48.92 -4.87 -23.22
N LYS F 185 48.51 -4.43 -24.42
CA LYS F 185 47.81 -3.17 -24.61
C LYS F 185 46.45 -3.37 -25.26
N SER F 186 45.89 -4.57 -25.20
CA SER F 186 44.62 -4.83 -25.86
C SER F 186 43.49 -4.12 -25.13
N PRO F 187 42.82 -3.16 -25.75
CA PRO F 187 41.72 -2.47 -25.05
C PRO F 187 40.56 -3.39 -24.76
N VAL F 188 40.30 -4.37 -25.62
CA VAL F 188 39.16 -5.25 -25.43
C VAL F 188 39.37 -6.18 -24.24
N GLY F 189 40.62 -6.55 -23.96
CA GLY F 189 40.94 -7.39 -22.82
C GLY F 189 41.65 -8.69 -23.16
N VAL F 190 41.77 -9.05 -24.44
CA VAL F 190 42.46 -10.26 -24.84
C VAL F 190 43.43 -9.93 -25.96
N GLN F 191 44.64 -10.46 -25.85
CA GLN F 191 45.65 -10.21 -26.87
C GLN F 191 45.43 -11.12 -28.06
N PRO F 192 45.19 -10.59 -29.25
CA PRO F 192 45.13 -11.43 -30.44
C PRO F 192 46.50 -11.98 -30.79
N ILE F 193 46.50 -13.11 -31.48
CA ILE F 193 47.74 -13.71 -31.97
C ILE F 193 48.21 -12.91 -33.17
N LEU F 194 49.47 -12.49 -33.15
CA LEU F 194 50.03 -11.62 -34.18
C LEU F 194 51.34 -12.18 -34.69
N ASN F 195 51.51 -12.16 -36.00
CA ASN F 195 52.75 -12.55 -36.65
C ASN F 195 52.75 -11.96 -38.06
N GLU F 196 53.70 -12.40 -38.88
CA GLU F 196 53.70 -11.98 -40.27
C GLU F 196 52.57 -12.59 -41.07
N HIS F 197 51.86 -13.57 -40.50
CA HIS F 197 50.68 -14.15 -41.14
C HIS F 197 49.41 -13.38 -40.84
N THR F 198 49.45 -12.38 -39.96
CA THR F 198 48.26 -11.69 -39.49
C THR F 198 48.28 -10.23 -39.94
N PHE F 199 47.12 -9.73 -40.33
CA PHE F 199 46.96 -8.33 -40.73
C PHE F 199 45.57 -7.86 -40.36
N CYS F 200 45.44 -6.57 -40.07
CA CYS F 200 44.24 -6.04 -39.45
C CYS F 200 43.56 -5.01 -40.34
N ALA F 201 42.42 -4.52 -39.88
CA ALA F 201 41.65 -3.53 -40.62
C ALA F 201 40.67 -2.80 -39.71
N GLY F 202 40.37 -1.55 -40.07
CA GLY F 202 39.33 -0.74 -39.46
C GLY F 202 38.93 0.33 -40.46
N MET F 203 37.64 0.50 -40.72
CA MET F 203 37.25 1.17 -41.96
C MET F 203 37.09 2.67 -41.75
N SER F 204 37.38 3.43 -42.81
CA SER F 204 37.49 4.90 -42.75
C SER F 204 36.13 5.56 -42.87
N LYS F 205 35.29 5.29 -41.86
CA LYS F 205 33.96 5.83 -41.68
C LYS F 205 33.50 5.30 -40.34
N TYR F 206 32.31 5.71 -39.90
CA TYR F 206 31.79 5.11 -38.70
C TYR F 206 31.58 3.63 -38.95
N GLN F 207 32.07 2.80 -38.04
CA GLN F 207 32.43 1.42 -38.36
C GLN F 207 31.54 0.45 -37.59
N GLU F 208 30.87 -0.43 -38.32
CA GLU F 208 30.38 -1.66 -37.73
C GLU F 208 31.49 -2.69 -37.86
N ASP F 209 32.05 -3.11 -36.73
CA ASP F 209 33.17 -4.02 -36.79
C ASP F 209 32.69 -5.43 -36.54
N THR F 210 33.43 -6.38 -37.08
CA THR F 210 33.19 -7.78 -36.80
C THR F 210 33.21 -8.02 -35.30
N CYS F 211 32.11 -8.54 -34.78
CA CYS F 211 31.94 -8.75 -33.36
C CYS F 211 31.82 -10.24 -33.08
N TYR F 212 31.44 -10.58 -31.85
CA TYR F 212 31.31 -11.97 -31.46
C TYR F 212 30.45 -12.72 -32.46
N GLY F 213 30.96 -13.86 -32.94
CA GLY F 213 30.26 -14.68 -33.88
C GLY F 213 30.70 -14.50 -35.32
N ASP F 214 31.35 -13.39 -35.64
CA ASP F 214 31.89 -13.24 -36.99
C ASP F 214 33.16 -14.03 -37.20
N ALA F 215 33.71 -14.62 -36.15
CA ALA F 215 34.84 -15.52 -36.31
C ALA F 215 34.42 -16.67 -37.22
N GLY F 216 35.29 -17.03 -38.16
CA GLY F 216 34.95 -18.01 -39.15
C GLY F 216 34.27 -17.48 -40.39
N SER F 217 34.17 -16.16 -40.54
CA SER F 217 33.59 -15.55 -41.73
C SER F 217 34.69 -15.12 -42.67
N ALA F 218 34.39 -15.13 -43.97
CA ALA F 218 35.39 -14.85 -44.98
C ALA F 218 35.47 -13.35 -45.26
N PHE F 219 36.70 -12.83 -45.29
CA PHE F 219 36.96 -11.47 -45.73
C PHE F 219 37.43 -11.53 -47.18
N ALA F 220 36.71 -10.84 -48.06
CA ALA F 220 36.87 -11.02 -49.50
C ALA F 220 37.23 -9.71 -50.17
N VAL F 221 38.26 -9.74 -51.00
CA VAL F 221 38.68 -8.60 -51.82
C VAL F 221 38.41 -8.93 -53.28
N HIS F 222 37.77 -8.01 -53.98
CA HIS F 222 37.36 -8.23 -55.37
C HIS F 222 38.01 -7.20 -56.28
N ASP F 223 38.50 -7.66 -57.42
CA ASP F 223 38.97 -6.79 -58.49
C ASP F 223 37.91 -6.75 -59.58
N LEU F 224 37.49 -5.54 -59.96
CA LEU F 224 36.33 -5.38 -60.83
C LEU F 224 36.58 -6.00 -62.21
N GLU F 225 37.79 -5.85 -62.75
CA GLU F 225 38.07 -6.37 -64.08
C GLU F 225 37.92 -7.89 -64.14
N GLU F 226 38.38 -8.58 -63.09
CA GLU F 226 38.24 -10.03 -63.07
C GLU F 226 36.80 -10.47 -62.81
N ASP F 227 36.00 -9.61 -62.18
CA ASP F 227 34.63 -9.93 -61.76
C ASP F 227 34.58 -11.17 -60.87
N THR F 228 35.68 -11.49 -60.20
CA THR F 228 35.82 -12.74 -59.47
C THR F 228 36.08 -12.45 -58.00
N TRP F 229 35.36 -13.17 -57.13
CA TRP F 229 35.50 -13.04 -55.69
C TRP F 229 36.65 -13.90 -55.20
N TYR F 230 37.50 -13.34 -54.35
CA TYR F 230 38.55 -14.10 -53.70
C TYR F 230 38.54 -13.80 -52.21
N ALA F 231 38.83 -14.82 -51.40
CA ALA F 231 38.88 -14.65 -49.96
C ALA F 231 40.24 -14.07 -49.56
N THR F 232 40.22 -12.94 -48.86
CA THR F 232 41.47 -12.33 -48.41
C THR F 232 42.05 -13.05 -47.22
N GLY F 233 41.20 -13.54 -46.33
CA GLY F 233 41.65 -14.31 -45.19
C GLY F 233 40.47 -14.74 -44.37
N ILE F 234 40.74 -15.57 -43.37
CA ILE F 234 39.72 -16.03 -42.43
C ILE F 234 39.89 -15.25 -41.15
N LEU F 235 38.79 -14.75 -40.61
CA LEU F 235 38.85 -13.75 -39.53
C LEU F 235 38.99 -14.46 -38.19
N SER F 236 40.11 -14.23 -37.51
CA SER F 236 40.40 -14.97 -36.28
C SER F 236 40.05 -14.16 -35.03
N PHE F 237 40.29 -12.86 -35.04
CA PHE F 237 40.03 -12.02 -33.87
C PHE F 237 38.74 -11.24 -34.10
N ASP F 238 37.62 -11.90 -33.83
CA ASP F 238 36.34 -11.22 -33.78
C ASP F 238 36.09 -10.53 -32.46
N LYS F 239 37.11 -10.47 -31.60
CA LYS F 239 36.92 -9.94 -30.25
C LYS F 239 36.77 -8.43 -30.23
N SER F 240 37.35 -7.73 -31.20
CA SER F 240 37.47 -6.27 -31.09
C SER F 240 36.10 -5.62 -30.92
N CYS F 241 35.16 -5.93 -31.79
CA CYS F 241 33.79 -5.45 -31.69
C CYS F 241 33.73 -3.93 -31.55
N ALA F 242 34.45 -3.24 -32.42
CA ALA F 242 34.40 -1.80 -32.61
C ALA F 242 34.87 -1.00 -31.41
N VAL F 243 35.47 -1.62 -30.39
CA VAL F 243 36.09 -0.86 -29.31
C VAL F 243 37.58 -0.78 -29.59
N ALA F 244 38.17 -1.90 -29.97
CA ALA F 244 39.53 -1.91 -30.48
C ALA F 244 39.51 -1.45 -31.93
N GLU F 245 40.41 -0.53 -32.27
CA GLU F 245 40.33 0.12 -33.56
C GLU F 245 40.75 -0.80 -34.70
N TYR F 246 41.32 -1.96 -34.41
CA TYR F 246 41.71 -2.92 -35.43
C TYR F 246 41.13 -4.29 -35.15
N GLY F 247 40.82 -5.02 -36.23
CA GLY F 247 40.38 -6.40 -36.14
C GLY F 247 41.29 -7.29 -36.97
N VAL F 248 41.71 -8.41 -36.37
CA VAL F 248 42.83 -9.18 -36.88
C VAL F 248 42.33 -10.43 -37.60
N TYR F 249 43.05 -10.84 -38.63
CA TYR F 249 42.84 -12.14 -39.27
C TYR F 249 44.13 -12.56 -39.96
N VAL F 250 44.11 -13.80 -40.50
CA VAL F 250 45.29 -14.41 -41.10
C VAL F 250 45.22 -14.29 -42.62
N LYS F 251 46.38 -14.31 -43.26
CA LYS F 251 46.44 -14.26 -44.72
C LYS F 251 45.84 -15.53 -45.33
N VAL F 252 45.79 -15.52 -46.66
CA VAL F 252 45.42 -16.72 -47.42
C VAL F 252 46.62 -17.35 -48.11
N THR F 253 47.58 -16.53 -48.57
CA THR F 253 48.75 -17.09 -49.26
C THR F 253 49.56 -18.00 -48.34
N SER F 254 49.67 -17.62 -47.06
CA SER F 254 50.41 -18.45 -46.12
C SER F 254 49.76 -19.82 -45.93
N ILE F 255 48.44 -19.87 -45.88
CA ILE F 255 47.74 -21.13 -45.69
C ILE F 255 47.47 -21.85 -47.02
N GLN F 256 47.52 -21.14 -48.15
CA GLN F 256 47.12 -21.74 -49.42
C GLN F 256 47.99 -22.93 -49.77
N ASP F 257 49.29 -22.82 -49.56
CA ASP F 257 50.19 -23.93 -49.90
C ASP F 257 49.81 -25.19 -49.13
N TRP F 258 49.46 -25.03 -47.86
CA TRP F 258 49.00 -26.18 -47.08
C TRP F 258 47.61 -26.63 -47.52
N VAL F 259 46.81 -25.73 -48.10
CA VAL F 259 45.47 -26.10 -48.52
C VAL F 259 45.52 -27.10 -49.67
N GLN F 260 46.28 -26.80 -50.71
CA GLN F 260 46.41 -27.75 -51.81
C GLN F 260 47.18 -28.99 -51.37
N LYS F 261 48.04 -28.85 -50.36
CA LYS F 261 48.63 -30.02 -49.73
C LYS F 261 47.57 -30.82 -48.96
N THR F 262 46.66 -30.11 -48.28
CA THR F 262 45.65 -30.80 -47.48
C THR F 262 44.62 -31.50 -48.36
N ILE F 263 44.29 -30.93 -49.52
CA ILE F 263 43.37 -31.61 -50.41
C ILE F 263 44.06 -32.79 -51.09
N ALA F 264 45.39 -32.89 -50.97
CA ALA F 264 46.13 -33.89 -51.72
C ALA F 264 45.94 -35.29 -51.14
N GLU F 265 46.27 -35.50 -49.88
CA GLU F 265 46.20 -36.83 -49.30
C GLU F 265 44.77 -37.26 -48.98
N ASN F 266 43.81 -36.36 -49.04
CA ASN F 266 42.40 -36.74 -48.89
C ASN F 266 41.65 -36.62 -50.20
CA CA G . 67.68 2.03 -25.32
CA CA H . 62.05 4.37 -23.49
CA CA I . 38.18 16.85 -12.39
CA CA J . 49.10 18.19 -5.82
CA CA K . -5.92 -18.50 42.32
CA CA L . 3.72 -22.14 49.18
CA CA M . -1.41 -23.74 38.81
CA CA N . -14.48 34.19 24.57
CA CA O . -21.01 28.27 34.27
CA CA P . -5.45 -9.04 -43.42
CA CA Q . -4.22 -0.25 -51.92
CA CA R . -12.53 37.45 21.12
CA CA S . -12.52 47.90 14.41
CA CA T . -5.70 38.29 19.77
CA CA U . -44.56 -2.57 2.21
CA CA V . -47.13 2.49 13.00
CA CA W . -46.52 -6.68 -1.90
CA CA X . -51.71 -15.79 -7.99
CA CA Y . -45.61 -5.43 -8.89
CA CA Z . -9.43 -16.85 40.72
CA CA AA . -21.24 -12.28 41.40
CHA HEM BA . 28.57 -9.44 -10.04
CHB HEM BA . 29.88 -5.49 -12.52
CHC HEM BA . 26.67 -6.59 -15.97
CHD HEM BA . 25.15 -10.36 -13.33
C1A HEM BA . 29.13 -8.22 -10.36
C2A HEM BA . 29.93 -7.39 -9.50
C3A HEM BA . 30.28 -6.30 -10.18
C4A HEM BA . 29.73 -6.42 -11.51
CMA HEM BA . 31.13 -5.13 -9.65
CAA HEM BA . 30.30 -7.69 -8.03
CBA HEM BA . 31.24 -8.90 -7.99
CGA HEM BA . 31.32 -9.42 -6.58
O1A HEM BA . 30.58 -8.89 -5.70
O2A HEM BA . 32.10 -10.37 -6.34
C1B HEM BA . 29.09 -5.41 -13.65
C2B HEM BA . 29.08 -4.33 -14.60
C3B HEM BA . 28.20 -4.63 -15.57
C4B HEM BA . 27.63 -5.91 -15.24
CMB HEM BA . 29.98 -3.07 -14.46
CAB HEM BA . 27.78 -3.82 -16.82
CBB HEM BA . 28.19 -2.58 -17.10
C1C HEM BA . 25.93 -7.65 -15.50
C2C HEM BA . 24.71 -8.14 -16.09
C3C HEM BA . 24.30 -9.20 -15.37
C4C HEM BA . 25.24 -9.38 -14.30
CMC HEM BA . 24.05 -7.54 -17.35
CAC HEM BA . 23.04 -10.09 -15.54
CBC HEM BA . 21.97 -9.76 -16.27
C1D HEM BA . 25.95 -10.45 -12.22
C2D HEM BA . 25.85 -11.46 -11.18
C3D HEM BA . 26.79 -11.20 -10.28
C4D HEM BA . 27.52 -10.03 -10.71
CMD HEM BA . 24.84 -12.62 -11.15
CAD HEM BA . 27.04 -12.03 -9.00
CBD HEM BA . 26.28 -11.39 -7.85
CGD HEM BA . 26.36 -12.26 -6.63
O1D HEM BA . 27.04 -13.32 -6.69
O2D HEM BA . 25.76 -11.89 -5.59
NA HEM BA . 29.04 -7.60 -11.60
NB HEM BA . 28.20 -6.37 -14.06
NC HEM BA . 26.23 -8.43 -14.41
ND HEM BA . 26.97 -9.59 -11.90
FE HEM BA . 27.62 -7.98 -12.98
O1 OXY CA . 25.38 -6.90 -12.01
O2 OXY CA . 24.60 -6.05 -12.38
CHA HEM DA . 11.51 6.75 -45.18
CHB HEM DA . 8.98 4.86 -41.48
CHC HEM DA . 12.98 2.65 -39.88
CHD HEM DA . 15.42 4.27 -43.73
C1A HEM DA . 10.47 6.35 -44.37
C2A HEM DA . 9.06 6.53 -44.64
C3A HEM DA . 8.37 6.01 -43.63
C4A HEM DA . 9.31 5.48 -42.67
CMA HEM DA . 6.83 5.97 -43.49
CAA HEM DA . 8.46 7.21 -45.89
CBA HEM DA . 8.05 6.12 -46.88
CGA HEM DA . 7.17 6.71 -47.95
O1A HEM DA . 7.02 7.95 -47.98
O2A HEM DA . 6.62 5.93 -48.77
C1B HEM DA . 9.84 4.09 -40.73
C2B HEM DA . 9.48 3.34 -39.54
C3B HEM DA . 10.59 2.73 -39.09
C4B HEM DA . 11.67 3.08 -39.99
CMB HEM DA . 8.05 3.33 -38.96
CAB HEM DA . 10.79 1.81 -37.86
CBB HEM DA . 9.81 1.38 -37.05
C1C HEM DA . 14.01 2.99 -40.73
C2C HEM DA . 15.42 2.81 -40.47
C3C HEM DA . 16.10 3.26 -41.54
C4C HEM DA . 15.13 3.73 -42.50
CMC HEM DA . 15.97 2.20 -39.15
CAC HEM DA . 17.63 3.32 -41.80
CBC HEM DA . 18.58 2.92 -40.95
C1D HEM DA . 14.56 5.05 -44.48
C2D HEM DA . 14.85 5.60 -45.79
C3D HEM DA . 13.79 6.30 -46.20
C4D HEM DA . 12.77 6.19 -45.16
CMD HEM DA . 16.17 5.44 -46.57
CAD HEM DA . 13.70 7.04 -47.55
CBD HEM DA . 13.37 8.51 -47.39
CGD HEM DA . 13.54 9.19 -48.72
O1D HEM DA . 13.14 10.37 -48.85
O2D HEM DA . 14.08 8.55 -49.66
NA HEM DA . 10.58 5.70 -43.16
NB HEM DA . 11.18 3.90 -40.98
NC HEM DA . 13.86 3.55 -41.98
ND HEM DA . 13.28 5.43 -44.14
FE HEM DA . 12.22 4.64 -42.57
O1 OXY EA . 10.86 6.56 -42.22
O2 OXY EA . 11.95 7.02 -42.02
#